data_3QGA
#
_entry.id   3QGA
#
_cell.length_a   166.980
_cell.length_b   223.940
_cell.length_c   395.870
_cell.angle_alpha   90.000
_cell.angle_beta   90.000
_cell.angle_gamma   90.000
#
_symmetry.space_group_name_H-M   'I 2 2 2'
#
loop_
_entity.id
_entity.type
_entity.pdbx_description
1 polymer 'Fusion of urease beta and gamma subunits'
2 polymer 'Urease subunit beta 2'
3 non-polymer 'FE (III) ION'
4 water water
#
loop_
_entity_poly.entity_id
_entity_poly.type
_entity_poly.pdbx_seq_one_letter_code
_entity_poly.pdbx_strand_id
1 'polypeptide(L)'
;(FME)KLTPKEQEKFLLYYAGEVARKRKEEGLKLNQPEAIAYISAHIMDEARRGKKTVAQLMEECVHFLKKDEVMPGVGN
MVPDLGVEANFPDGTKLVTVNWPIEPDDFKAGEIKFASDKDIELNAGKEITELKVTNKGPKSLHVGSHFHFFEANRALEF
DREKAYGKRLDIPSGNTLRIGAGETKTVHLIPIGGSKKIIGMNGLLNGIADDLHKQKALEKAKHHGFIK
;
A,D,G,J,M,P
2 'polypeptide(L)'
;MKMKRQEYVNTYGPTTGDKVRLGDTDLWAEVEHDYTVYGEELKFGAGKTIREGMGQSNSPDENTLDLVITNALIIDYTGI
YKADIGIKNGKIHGIGKAGNKDMQDGVTPHMVVGVGTEALAGEGMIITAGGIDSHTHFLSPQQFPTALANGVTTMFGGGT
GPVDGTNATTITPGVWNLHRMLRAAEEYGMNVGLLGKGNSSSRAQLVEQVKAGAIGF(KCX)LHEDWGTTPSAIDHCLSV
ADEYDVQVCIHTDTVNEAGYVDDTLRAMNGRAIHAYHIEGAGGGHSPDVITMAGEVNILPSSTTPTIPYTINTVAEHLDM
LMTCHHLDKRIREDLQFSQSRIRPGSIAAEDTLHDMGVIAMTSSDSQAMGRAGEVIPRTWQTADKNKKEFGRLTEEKGDN
DNFRIKRYISKYTINPAITHGVSEYIGSVEEGKIADLVVWNPAFFGVKPKIIIKGGMVVFSEMGDSNASVPTPQPVYYRE
MFGHHGKAKFDTSITFVSKVAYENGIKEKLGLERKVLPVKNCRNVTKKDFKFNNTTAKITVNPETFEVFVNGKLCTSKPA
TEVALASRYTFF
;
C,F,I,L,O,R
#
loop_
_chem_comp.id
_chem_comp.type
_chem_comp.name
_chem_comp.formula
FE non-polymer 'FE (III) ION' 'Fe 3'
#
# COMPACT_ATOMS: atom_id res chain seq x y z
N FME A 1 1.02 -51.17 12.72
CN FME A 1 2.00 -51.57 11.90
O1 FME A 1 3.13 -51.08 11.93
CA FME A 1 -0.34 -51.72 12.68
CB FME A 1 -1.23 -51.06 13.74
CG FME A 1 -0.96 -51.52 15.16
SD FME A 1 -2.15 -50.82 16.35
CE FME A 1 -3.46 -51.97 16.20
C FME A 1 -1.00 -51.54 11.30
O FME A 1 -1.71 -52.44 10.85
N LYS A 2 -0.79 -50.33 10.67
CA LYS A 2 -1.34 -49.90 9.37
C LYS A 2 -2.88 -49.94 9.41
N LEU A 3 -3.48 -49.24 10.41
CA LEU A 3 -4.93 -49.21 10.59
C LEU A 3 -5.68 -48.43 9.52
N THR A 4 -6.51 -49.17 8.79
CA THR A 4 -7.33 -48.64 7.70
C THR A 4 -8.50 -47.84 8.30
N PRO A 5 -9.08 -46.83 7.60
CA PRO A 5 -10.22 -46.07 8.18
C PRO A 5 -11.40 -46.94 8.63
N LYS A 6 -11.61 -48.11 7.96
CA LYS A 6 -12.67 -49.06 8.30
C LYS A 6 -12.35 -49.78 9.64
N GLU A 7 -11.04 -50.06 9.93
CA GLU A 7 -10.62 -50.68 11.19
C GLU A 7 -10.86 -49.71 12.36
N GLN A 8 -10.62 -48.39 12.14
CA GLN A 8 -10.83 -47.32 13.12
C GLN A 8 -12.32 -47.23 13.53
N GLU A 9 -13.23 -47.45 12.55
CA GLU A 9 -14.70 -47.44 12.74
C GLU A 9 -15.08 -48.59 13.65
N LYS A 10 -14.57 -49.81 13.33
CA LYS A 10 -14.85 -51.06 14.05
C LYS A 10 -14.44 -51.00 15.52
N PHE A 11 -13.37 -50.26 15.86
CA PHE A 11 -12.95 -50.08 17.26
C PHE A 11 -14.04 -49.37 18.07
N LEU A 12 -14.63 -48.30 17.49
CA LEU A 12 -15.70 -47.54 18.12
C LEU A 12 -16.92 -48.44 18.32
N LEU A 13 -17.32 -49.18 17.25
CA LEU A 13 -18.42 -50.13 17.31
C LEU A 13 -18.18 -51.15 18.41
N TYR A 14 -16.96 -51.73 18.44
CA TYR A 14 -16.62 -52.73 19.44
C TYR A 14 -16.63 -52.17 20.85
N TYR A 15 -16.11 -50.92 21.04
CA TYR A 15 -16.12 -50.30 22.36
C TYR A 15 -17.54 -50.04 22.82
N ALA A 16 -18.43 -49.58 21.91
CA ALA A 16 -19.85 -49.35 22.19
C ALA A 16 -20.52 -50.65 22.66
N GLY A 17 -20.15 -51.75 22.02
CA GLY A 17 -20.62 -53.08 22.40
C GLY A 17 -20.19 -53.46 23.81
N GLU A 18 -18.93 -53.14 24.16
CA GLU A 18 -18.36 -53.40 25.47
C GLU A 18 -19.07 -52.57 26.56
N VAL A 19 -19.37 -51.27 26.27
CA VAL A 19 -20.12 -50.40 27.20
C VAL A 19 -21.53 -50.98 27.42
N ALA A 20 -22.20 -51.40 26.33
CA ALA A 20 -23.54 -52.00 26.38
C ALA A 20 -23.55 -53.27 27.24
N ARG A 21 -22.50 -54.12 27.08
CA ARG A 21 -22.35 -55.35 27.86
C ARG A 21 -22.31 -55.04 29.35
N LYS A 22 -21.54 -54.01 29.73
CA LYS A 22 -21.36 -53.54 31.10
C LYS A 22 -22.71 -53.10 31.69
N ARG A 23 -23.49 -52.31 30.94
CA ARG A 23 -24.80 -51.81 31.33
C ARG A 23 -25.84 -52.92 31.51
N LYS A 24 -25.79 -53.95 30.66
CA LYS A 24 -26.67 -55.13 30.76
C LYS A 24 -26.31 -55.89 32.04
N GLU A 25 -25.00 -56.03 32.35
CA GLU A 25 -24.49 -56.69 33.55
C GLU A 25 -24.97 -55.95 34.82
N GLU A 26 -25.11 -54.59 34.73
CA GLU A 26 -25.63 -53.71 35.80
C GLU A 26 -27.14 -53.91 35.95
N GLY A 27 -27.75 -54.63 35.00
CA GLY A 27 -29.18 -54.89 35.02
C GLY A 27 -30.04 -53.82 34.39
N LEU A 28 -29.44 -53.04 33.48
CA LEU A 28 -30.19 -51.99 32.80
C LEU A 28 -30.77 -52.52 31.50
N LYS A 29 -31.99 -52.08 31.16
CA LYS A 29 -32.64 -52.42 29.92
C LYS A 29 -31.98 -51.54 28.84
N LEU A 30 -31.38 -52.20 27.82
CA LEU A 30 -30.64 -51.53 26.75
C LEU A 30 -31.55 -50.74 25.81
N ASN A 31 -31.05 -49.58 25.31
CA ASN A 31 -31.79 -48.73 24.37
C ASN A 31 -31.44 -49.14 22.92
N GLN A 32 -31.97 -48.41 21.90
CA GLN A 32 -31.70 -48.71 20.50
C GLN A 32 -30.17 -48.84 20.17
N PRO A 33 -29.31 -47.79 20.32
CA PRO A 33 -27.89 -47.96 19.97
C PRO A 33 -27.14 -49.00 20.81
N GLU A 34 -27.48 -49.14 22.10
CA GLU A 34 -26.82 -50.09 23.00
C GLU A 34 -27.09 -51.52 22.52
N ALA A 35 -28.37 -51.82 22.19
CA ALA A 35 -28.79 -53.14 21.69
C ALA A 35 -28.08 -53.54 20.40
N ILE A 36 -27.98 -52.60 19.44
CA ILE A 36 -27.30 -52.80 18.16
C ILE A 36 -25.79 -53.09 18.39
N ALA A 37 -25.13 -52.31 19.25
CA ALA A 37 -23.71 -52.47 19.55
C ALA A 37 -23.44 -53.78 20.31
N TYR A 38 -24.36 -54.17 21.22
CA TYR A 38 -24.23 -55.42 21.98
C TYR A 38 -24.22 -56.64 21.05
N ILE A 39 -25.16 -56.67 20.08
CA ILE A 39 -25.26 -57.77 19.12
C ILE A 39 -24.08 -57.71 18.13
N SER A 40 -23.70 -56.50 17.66
CA SER A 40 -22.57 -56.31 16.75
C SER A 40 -21.26 -56.86 17.31
N ALA A 41 -20.96 -56.53 18.58
CA ALA A 41 -19.76 -57.01 19.26
C ALA A 41 -19.76 -58.55 19.36
N HIS A 42 -20.94 -59.18 19.62
CA HIS A 42 -21.03 -60.64 19.67
C HIS A 42 -20.61 -61.24 18.33
N ILE A 43 -21.16 -60.69 17.23
CA ILE A 43 -20.88 -61.13 15.87
C ILE A 43 -19.39 -61.00 15.55
N MET A 44 -18.80 -59.86 15.92
CA MET A 44 -17.37 -59.57 15.73
C MET A 44 -16.47 -60.55 16.51
N ASP A 45 -16.93 -60.99 17.70
CA ASP A 45 -16.20 -61.93 18.55
C ASP A 45 -16.19 -63.31 17.96
N GLU A 46 -17.37 -63.80 17.54
CA GLU A 46 -17.54 -65.13 16.96
C GLU A 46 -16.80 -65.30 15.64
N ALA A 47 -16.72 -64.21 14.84
CA ALA A 47 -16.00 -64.16 13.57
C ALA A 47 -14.51 -64.30 13.78
N ARG A 48 -13.97 -63.69 14.86
CA ARG A 48 -12.54 -63.76 15.17
C ARG A 48 -12.15 -65.17 15.62
N ARG A 49 -13.05 -65.82 16.37
CA ARG A 49 -12.87 -67.18 16.85
C ARG A 49 -12.85 -68.16 15.67
N GLY A 50 -13.46 -67.74 14.53
CA GLY A 50 -13.51 -68.45 13.26
C GLY A 50 -13.92 -69.90 13.33
N LYS A 51 -14.94 -70.18 14.16
CA LYS A 51 -15.45 -71.53 14.35
C LYS A 51 -16.89 -71.63 13.86
N LYS A 52 -17.57 -70.47 13.71
CA LYS A 52 -18.95 -70.44 13.21
C LYS A 52 -19.04 -69.87 11.80
N THR A 53 -20.01 -70.39 11.02
CA THR A 53 -20.26 -69.91 9.65
C THR A 53 -21.19 -68.70 9.71
N VAL A 54 -21.24 -67.95 8.60
CA VAL A 54 -22.15 -66.81 8.48
C VAL A 54 -23.58 -67.34 8.69
N ALA A 55 -23.93 -68.46 8.02
CA ALA A 55 -25.23 -69.11 8.14
C ALA A 55 -25.61 -69.40 9.60
N GLN A 56 -24.66 -69.94 10.40
CA GLN A 56 -24.83 -70.25 11.82
C GLN A 56 -25.17 -69.01 12.61
N LEU A 57 -24.38 -67.93 12.43
CA LEU A 57 -24.54 -66.66 13.13
C LEU A 57 -25.84 -65.96 12.84
N MET A 58 -26.28 -65.97 11.56
CA MET A 58 -27.53 -65.32 11.14
C MET A 58 -28.71 -65.93 11.88
N GLU A 59 -28.65 -67.26 12.10
CA GLU A 59 -29.65 -68.03 12.82
C GLU A 59 -29.54 -67.79 14.35
N GLU A 60 -28.32 -67.86 14.90
CA GLU A 60 -28.02 -67.70 16.32
C GLU A 60 -28.42 -66.35 16.89
N CYS A 61 -28.32 -65.29 16.08
CA CYS A 61 -28.61 -63.94 16.54
C CYS A 61 -30.08 -63.50 16.48
N VAL A 62 -31.00 -64.36 15.99
CA VAL A 62 -32.43 -63.99 16.00
C VAL A 62 -32.90 -64.03 17.46
N HIS A 63 -33.47 -62.89 17.93
CA HIS A 63 -33.89 -62.68 19.32
C HIS A 63 -32.69 -62.88 20.26
N PHE A 64 -31.49 -62.39 19.86
CA PHE A 64 -30.28 -62.48 20.69
C PHE A 64 -30.53 -61.71 21.99
N LEU A 65 -31.25 -60.58 21.88
CA LEU A 65 -31.71 -59.80 23.03
C LEU A 65 -33.21 -60.02 23.14
N LYS A 66 -33.69 -60.33 24.35
CA LYS A 66 -35.11 -60.58 24.59
C LYS A 66 -35.85 -59.31 24.97
N LYS A 67 -37.17 -59.27 24.76
CA LYS A 67 -37.98 -58.07 25.01
C LYS A 67 -37.78 -57.39 26.36
N ASP A 68 -37.53 -58.19 27.40
CA ASP A 68 -37.32 -57.68 28.74
C ASP A 68 -35.88 -57.27 29.04
N GLU A 69 -34.96 -57.54 28.09
CA GLU A 69 -33.54 -57.23 28.20
C GLU A 69 -33.27 -55.82 27.59
N VAL A 70 -34.26 -55.29 26.87
CA VAL A 70 -34.22 -53.99 26.20
C VAL A 70 -35.42 -53.13 26.62
N MET A 71 -35.34 -51.83 26.35
CA MET A 71 -36.40 -50.87 26.64
C MET A 71 -37.62 -51.14 25.72
N PRO A 72 -38.85 -50.65 26.03
CA PRO A 72 -39.99 -50.87 25.11
C PRO A 72 -39.81 -50.19 23.77
N GLY A 73 -40.26 -50.89 22.73
CA GLY A 73 -40.20 -50.44 21.34
C GLY A 73 -38.89 -50.64 20.61
N VAL A 74 -37.82 -51.04 21.34
CA VAL A 74 -36.46 -51.26 20.80
C VAL A 74 -36.42 -52.33 19.69
N GLY A 75 -37.08 -53.46 19.91
CA GLY A 75 -37.16 -54.55 18.95
C GLY A 75 -37.77 -54.17 17.62
N ASN A 76 -38.90 -53.44 17.65
CA ASN A 76 -39.63 -52.97 16.47
C ASN A 76 -38.83 -51.90 15.69
N MET A 77 -38.05 -51.09 16.42
CA MET A 77 -37.17 -50.05 15.90
C MET A 77 -35.99 -50.64 15.11
N VAL A 78 -35.58 -51.89 15.45
CA VAL A 78 -34.46 -52.61 14.84
C VAL A 78 -34.97 -53.95 14.26
N PRO A 79 -35.61 -53.91 13.06
CA PRO A 79 -36.15 -55.15 12.48
C PRO A 79 -35.10 -56.04 11.84
N ASP A 80 -33.94 -55.44 11.55
CA ASP A 80 -32.77 -56.10 10.94
C ASP A 80 -31.49 -55.34 11.29
N LEU A 81 -30.37 -56.07 11.33
CA LEU A 81 -29.05 -55.59 11.70
C LEU A 81 -28.01 -56.21 10.76
N GLY A 82 -27.04 -55.41 10.35
CA GLY A 82 -25.99 -55.84 9.45
C GLY A 82 -24.63 -55.48 10.00
N VAL A 83 -23.71 -56.46 10.02
CA VAL A 83 -22.35 -56.25 10.51
C VAL A 83 -21.34 -57.06 9.70
N GLU A 84 -20.37 -56.35 9.11
CA GLU A 84 -19.27 -56.93 8.33
C GLU A 84 -18.16 -57.29 9.29
N ALA A 85 -17.66 -58.52 9.20
CA ALA A 85 -16.58 -58.96 10.08
C ALA A 85 -15.62 -59.85 9.33
N ASN A 86 -14.34 -59.85 9.74
CA ASN A 86 -13.34 -60.70 9.10
C ASN A 86 -13.40 -62.11 9.72
N PHE A 87 -13.62 -63.08 8.82
CA PHE A 87 -13.66 -64.51 9.08
C PHE A 87 -12.36 -65.11 8.52
N PRO A 88 -12.02 -66.40 8.77
CA PRO A 88 -10.76 -66.94 8.20
C PRO A 88 -10.69 -66.90 6.67
N ASP A 89 -11.87 -66.89 6.03
CA ASP A 89 -12.07 -66.82 4.59
C ASP A 89 -12.31 -65.37 4.08
N GLY A 90 -12.04 -64.37 4.93
CA GLY A 90 -12.19 -62.96 4.59
C GLY A 90 -13.39 -62.24 5.22
N THR A 91 -13.57 -60.94 4.85
CA THR A 91 -14.67 -60.14 5.39
C THR A 91 -15.97 -60.58 4.77
N LYS A 92 -16.96 -60.87 5.63
CA LYS A 92 -18.28 -61.32 5.20
C LYS A 92 -19.36 -60.52 5.92
N LEU A 93 -20.50 -60.27 5.24
CA LEU A 93 -21.61 -59.55 5.87
C LEU A 93 -22.55 -60.48 6.64
N VAL A 94 -22.73 -60.21 7.94
CA VAL A 94 -23.63 -61.01 8.78
C VAL A 94 -24.96 -60.25 8.89
N THR A 95 -26.03 -60.79 8.29
CA THR A 95 -27.35 -60.15 8.27
C THR A 95 -28.29 -60.88 9.19
N VAL A 96 -28.76 -60.17 10.25
CA VAL A 96 -29.68 -60.71 11.23
C VAL A 96 -31.07 -60.09 11.09
N ASN A 97 -32.09 -60.93 10.90
CA ASN A 97 -33.48 -60.49 10.78
C ASN A 97 -34.14 -60.77 12.13
N TRP A 98 -34.63 -59.70 12.79
CA TRP A 98 -35.21 -59.70 14.15
C TRP A 98 -34.17 -60.01 15.22
N PRO A 99 -33.08 -59.18 15.30
CA PRO A 99 -32.04 -59.45 16.31
C PRO A 99 -32.53 -59.24 17.74
N ILE A 100 -33.46 -58.30 17.92
CA ILE A 100 -34.07 -57.98 19.20
C ILE A 100 -35.55 -58.35 19.13
N GLU A 101 -36.01 -59.13 20.12
CA GLU A 101 -37.39 -59.59 20.27
C GLU A 101 -38.32 -58.38 20.47
N PRO A 102 -39.38 -58.24 19.64
CA PRO A 102 -40.28 -57.08 19.80
C PRO A 102 -41.32 -57.22 20.92
N ASP A 103 -41.95 -56.07 21.28
CA ASP A 103 -42.99 -55.96 22.30
C ASP A 103 -44.20 -55.19 21.75
N ASP A 104 -45.20 -54.89 22.58
CA ASP A 104 -46.42 -54.16 22.20
C ASP A 104 -46.23 -52.69 21.84
N PHE A 105 -45.12 -52.05 22.26
CA PHE A 105 -44.86 -50.65 21.95
C PHE A 105 -44.18 -50.48 20.59
N LYS A 106 -44.67 -49.52 19.79
CA LYS A 106 -44.09 -49.21 18.48
C LYS A 106 -43.92 -47.71 18.26
N ALA A 107 -42.65 -47.25 18.20
CA ALA A 107 -42.37 -45.85 17.89
C ALA A 107 -42.57 -45.72 16.36
N GLY A 108 -43.18 -44.63 15.93
CA GLY A 108 -43.48 -44.43 14.51
C GLY A 108 -44.59 -45.29 13.96
N GLU A 109 -45.45 -45.77 14.87
CA GLU A 109 -46.60 -46.61 14.61
C GLU A 109 -47.60 -45.93 13.65
N ILE A 110 -48.10 -46.69 12.67
CA ILE A 110 -49.12 -46.20 11.74
C ILE A 110 -50.45 -46.88 12.09
N LYS A 111 -51.49 -46.08 12.35
CA LYS A 111 -52.84 -46.55 12.65
C LYS A 111 -53.70 -46.27 11.42
N PHE A 112 -54.23 -47.32 10.78
CA PHE A 112 -55.02 -47.19 9.55
C PHE A 112 -56.35 -46.49 9.74
N ALA A 113 -56.83 -45.81 8.68
CA ALA A 113 -58.12 -45.11 8.66
C ALA A 113 -59.25 -46.13 8.69
N SER A 114 -59.03 -47.26 8.00
CA SER A 114 -59.96 -48.37 7.80
C SER A 114 -59.14 -49.60 7.45
N ASP A 115 -59.67 -50.81 7.72
CA ASP A 115 -58.99 -52.05 7.36
C ASP A 115 -59.35 -52.48 5.94
N LYS A 116 -60.33 -51.77 5.32
CA LYS A 116 -60.80 -51.99 3.96
C LYS A 116 -59.67 -51.90 2.92
N ASP A 117 -59.71 -52.83 1.95
CA ASP A 117 -58.77 -52.91 0.82
C ASP A 117 -58.79 -51.65 -0.04
N ILE A 118 -57.66 -51.38 -0.74
CA ILE A 118 -57.54 -50.23 -1.63
C ILE A 118 -57.77 -50.69 -3.06
N GLU A 119 -58.78 -50.09 -3.73
CA GLU A 119 -59.11 -50.43 -5.12
C GLU A 119 -58.14 -49.67 -6.03
N LEU A 120 -57.12 -50.39 -6.53
CA LEU A 120 -56.11 -49.86 -7.44
C LEU A 120 -56.66 -49.92 -8.85
N ASN A 121 -56.26 -48.96 -9.70
CA ASN A 121 -56.65 -48.88 -11.11
C ASN A 121 -58.18 -48.99 -11.27
N ALA A 122 -58.89 -48.24 -10.39
CA ALA A 122 -60.35 -48.17 -10.31
C ALA A 122 -60.99 -47.73 -11.62
N GLY A 123 -62.02 -48.46 -12.05
CA GLY A 123 -62.76 -48.16 -13.27
C GLY A 123 -62.11 -48.57 -14.59
N LYS A 124 -60.91 -49.15 -14.56
CA LYS A 124 -60.26 -49.59 -15.79
C LYS A 124 -60.84 -50.98 -16.17
N GLU A 125 -61.07 -51.21 -17.47
CA GLU A 125 -61.62 -52.44 -18.01
C GLU A 125 -60.59 -53.57 -18.02
N ILE A 126 -60.87 -54.63 -17.22
CA ILE A 126 -60.01 -55.81 -17.11
C ILE A 126 -60.20 -56.76 -18.29
N THR A 127 -59.07 -57.25 -18.84
CA THR A 127 -58.98 -58.20 -19.96
C THR A 127 -58.29 -59.47 -19.44
N GLU A 128 -59.01 -60.61 -19.37
CA GLU A 128 -58.40 -61.86 -18.92
C GLU A 128 -57.67 -62.51 -20.07
N LEU A 129 -56.44 -62.96 -19.83
CA LEU A 129 -55.62 -63.53 -20.90
C LEU A 129 -54.77 -64.71 -20.42
N LYS A 130 -54.82 -65.83 -21.16
CA LYS A 130 -54.03 -67.02 -20.84
C LYS A 130 -52.64 -66.83 -21.45
N VAL A 131 -51.60 -66.95 -20.60
CA VAL A 131 -50.19 -66.83 -21.02
C VAL A 131 -49.41 -68.08 -20.63
N THR A 132 -48.50 -68.52 -21.50
CA THR A 132 -47.67 -69.70 -21.27
C THR A 132 -46.20 -69.35 -21.54
N ASN A 133 -45.32 -69.62 -20.57
CA ASN A 133 -43.90 -69.39 -20.78
C ASN A 133 -43.32 -70.67 -21.42
N LYS A 134 -43.27 -70.67 -22.76
CA LYS A 134 -42.76 -71.75 -23.58
C LYS A 134 -41.20 -71.81 -23.59
N GLY A 135 -40.58 -70.84 -22.92
CA GLY A 135 -39.13 -70.74 -22.82
C GLY A 135 -38.52 -71.65 -21.78
N PRO A 136 -37.18 -71.84 -21.81
CA PRO A 136 -36.54 -72.75 -20.83
C PRO A 136 -36.24 -72.12 -19.47
N LYS A 137 -36.38 -70.78 -19.36
CA LYS A 137 -36.06 -70.02 -18.16
C LYS A 137 -37.26 -69.23 -17.72
N SER A 138 -37.44 -69.09 -16.40
CA SER A 138 -38.55 -68.32 -15.85
C SER A 138 -38.34 -66.83 -16.10
N LEU A 139 -39.43 -66.06 -16.11
CA LEU A 139 -39.38 -64.62 -16.33
C LEU A 139 -40.45 -63.88 -15.54
N HIS A 140 -40.24 -62.58 -15.29
CA HIS A 140 -41.18 -61.69 -14.61
C HIS A 140 -41.52 -60.52 -15.53
N VAL A 141 -42.71 -59.93 -15.37
CA VAL A 141 -43.14 -58.76 -16.16
C VAL A 141 -43.69 -57.72 -15.15
N GLY A 142 -43.16 -56.50 -15.21
CA GLY A 142 -43.56 -55.42 -14.32
C GLY A 142 -44.91 -54.82 -14.60
N SER A 143 -45.47 -54.11 -13.58
CA SER A 143 -46.78 -53.45 -13.60
C SER A 143 -47.01 -52.49 -14.77
N HIS A 144 -45.97 -51.74 -15.19
CA HIS A 144 -46.09 -50.73 -16.25
C HIS A 144 -45.44 -51.04 -17.59
N PHE A 145 -44.95 -52.28 -17.76
CA PHE A 145 -44.35 -52.74 -19.01
C PHE A 145 -45.50 -52.97 -20.02
N HIS A 146 -45.31 -52.59 -21.30
CA HIS A 146 -46.32 -52.79 -22.35
C HIS A 146 -46.35 -54.28 -22.63
N PHE A 147 -47.38 -54.97 -22.06
CA PHE A 147 -47.51 -56.43 -22.11
C PHE A 147 -47.29 -57.06 -23.47
N PHE A 148 -47.78 -56.37 -24.50
CA PHE A 148 -47.65 -56.73 -25.90
C PHE A 148 -46.18 -56.99 -26.31
N GLU A 149 -45.23 -56.24 -25.69
CA GLU A 149 -43.79 -56.30 -25.99
C GLU A 149 -42.98 -57.29 -25.10
N ALA A 150 -43.66 -58.10 -24.24
CA ALA A 150 -43.01 -59.08 -23.35
C ALA A 150 -42.20 -60.15 -24.13
N ASN A 151 -41.16 -60.73 -23.47
CA ASN A 151 -40.25 -61.76 -24.00
C ASN A 151 -40.97 -62.68 -24.97
N ARG A 152 -40.40 -62.91 -26.18
CA ARG A 152 -41.05 -63.78 -27.19
C ARG A 152 -41.26 -65.23 -26.72
N ALA A 153 -40.67 -65.61 -25.55
CA ALA A 153 -40.82 -66.91 -24.88
C ALA A 153 -42.27 -67.08 -24.41
N LEU A 154 -42.96 -65.97 -24.08
CA LEU A 154 -44.36 -65.93 -23.64
C LEU A 154 -45.30 -66.13 -24.80
N GLU A 155 -46.20 -67.12 -24.66
CA GLU A 155 -47.19 -67.42 -25.68
C GLU A 155 -48.57 -66.97 -25.22
N PHE A 156 -49.17 -66.01 -25.96
CA PHE A 156 -50.50 -65.44 -25.71
C PHE A 156 -51.03 -64.70 -26.94
N ASP A 157 -52.34 -64.36 -26.94
CA ASP A 157 -52.96 -63.61 -28.03
C ASP A 157 -52.51 -62.16 -27.89
N ARG A 158 -51.35 -61.85 -28.52
CA ARG A 158 -50.70 -60.53 -28.46
C ARG A 158 -51.62 -59.36 -28.85
N GLU A 159 -52.50 -59.56 -29.85
CA GLU A 159 -53.48 -58.59 -30.32
C GLU A 159 -54.31 -58.06 -29.11
N LYS A 160 -54.71 -58.98 -28.21
CA LYS A 160 -55.50 -58.67 -27.01
C LYS A 160 -54.72 -57.92 -25.92
N ALA A 161 -53.37 -57.94 -25.99
CA ALA A 161 -52.50 -57.27 -25.02
C ALA A 161 -52.00 -55.90 -25.53
N TYR A 162 -52.33 -55.54 -26.79
CA TYR A 162 -51.95 -54.28 -27.42
C TYR A 162 -52.51 -53.07 -26.65
N GLY A 163 -51.61 -52.21 -26.20
CA GLY A 163 -51.91 -51.00 -25.45
C GLY A 163 -52.36 -51.23 -24.02
N LYS A 164 -51.96 -52.39 -23.44
CA LYS A 164 -52.33 -52.78 -22.08
C LYS A 164 -51.14 -53.13 -21.20
N ARG A 165 -51.37 -53.11 -19.88
CA ARG A 165 -50.41 -53.44 -18.83
C ARG A 165 -51.09 -54.29 -17.74
N LEU A 166 -50.30 -54.94 -16.87
CA LEU A 166 -50.82 -55.78 -15.80
C LEU A 166 -51.57 -54.99 -14.71
N ASP A 167 -52.76 -55.49 -14.31
CA ASP A 167 -53.55 -54.89 -13.24
C ASP A 167 -53.03 -55.48 -11.93
N ILE A 168 -51.83 -55.04 -11.54
CA ILE A 168 -51.11 -55.47 -10.33
C ILE A 168 -50.57 -54.21 -9.62
N PRO A 169 -50.25 -54.25 -8.28
CA PRO A 169 -49.73 -53.04 -7.62
C PRO A 169 -48.52 -52.44 -8.33
N SER A 170 -48.46 -51.10 -8.40
CA SER A 170 -47.37 -50.39 -9.05
C SER A 170 -46.03 -50.80 -8.43
N GLY A 171 -45.10 -51.22 -9.29
CA GLY A 171 -43.80 -51.68 -8.85
C GLY A 171 -43.68 -53.18 -8.67
N ASN A 172 -44.81 -53.91 -8.60
CA ASN A 172 -44.79 -55.37 -8.49
C ASN A 172 -44.55 -56.00 -9.85
N THR A 173 -44.18 -57.28 -9.87
CA THR A 173 -43.94 -58.05 -11.09
C THR A 173 -44.74 -59.33 -11.01
N LEU A 174 -45.11 -59.90 -12.17
CA LEU A 174 -45.79 -61.18 -12.24
C LEU A 174 -44.79 -62.21 -12.76
N ARG A 175 -44.63 -63.32 -12.04
CA ARG A 175 -43.71 -64.39 -12.44
C ARG A 175 -44.42 -65.44 -13.29
N ILE A 176 -43.80 -65.87 -14.40
CA ILE A 176 -44.32 -66.97 -15.23
C ILE A 176 -43.11 -67.89 -15.37
N GLY A 177 -43.13 -68.99 -14.62
CA GLY A 177 -42.06 -69.98 -14.60
C GLY A 177 -41.90 -70.71 -15.91
N ALA A 178 -40.73 -71.33 -16.13
CA ALA A 178 -40.48 -72.08 -17.37
C ALA A 178 -41.52 -73.21 -17.47
N GLY A 179 -42.33 -73.16 -18.54
CA GLY A 179 -43.39 -74.12 -18.81
C GLY A 179 -44.74 -73.83 -18.16
N GLU A 180 -44.78 -72.87 -17.21
CA GLU A 180 -45.98 -72.49 -16.46
C GLU A 180 -47.03 -71.75 -17.31
N THR A 181 -48.33 -72.02 -17.04
CA THR A 181 -49.47 -71.36 -17.66
C THR A 181 -50.23 -70.59 -16.57
N LYS A 182 -50.60 -69.33 -16.86
CA LYS A 182 -51.28 -68.42 -15.94
C LYS A 182 -52.34 -67.58 -16.63
N THR A 183 -53.37 -67.15 -15.87
CA THR A 183 -54.38 -66.24 -16.37
C THR A 183 -54.02 -64.86 -15.84
N VAL A 184 -53.65 -63.95 -16.73
CA VAL A 184 -53.27 -62.59 -16.35
C VAL A 184 -54.45 -61.64 -16.51
N HIS A 185 -54.45 -60.55 -15.72
CA HIS A 185 -55.48 -59.52 -15.80
C HIS A 185 -54.82 -58.24 -16.31
N LEU A 186 -55.22 -57.82 -17.52
CA LEU A 186 -54.67 -56.65 -18.18
C LEU A 186 -55.66 -55.48 -18.19
N ILE A 187 -55.13 -54.28 -18.03
CA ILE A 187 -55.91 -53.04 -18.04
C ILE A 187 -55.27 -52.07 -19.05
N PRO A 188 -56.04 -51.17 -19.69
CA PRO A 188 -55.41 -50.27 -20.67
C PRO A 188 -54.45 -49.28 -19.98
N ILE A 189 -53.30 -49.02 -20.64
CA ILE A 189 -52.28 -48.09 -20.15
C ILE A 189 -52.90 -46.70 -19.94
N GLY A 190 -52.48 -46.04 -18.85
CA GLY A 190 -52.94 -44.68 -18.53
C GLY A 190 -52.37 -43.61 -19.43
N GLY A 191 -52.65 -42.35 -19.12
CA GLY A 191 -52.18 -41.22 -19.90
C GLY A 191 -52.58 -41.28 -21.35
N SER A 192 -51.72 -40.77 -22.23
CA SER A 192 -51.94 -40.75 -23.68
C SER A 192 -51.73 -42.09 -24.40
N LYS A 193 -51.14 -43.09 -23.71
CA LYS A 193 -50.77 -44.41 -24.26
C LYS A 193 -49.68 -44.21 -25.31
N LYS A 194 -48.73 -43.26 -25.06
CA LYS A 194 -47.60 -43.00 -25.95
C LYS A 194 -46.50 -43.96 -25.52
N ILE A 195 -46.49 -45.14 -26.17
CA ILE A 195 -45.55 -46.21 -25.83
C ILE A 195 -44.22 -46.06 -26.60
N ILE A 196 -43.18 -45.52 -25.94
CA ILE A 196 -41.86 -45.35 -26.55
C ILE A 196 -40.81 -46.25 -25.87
N GLY A 197 -40.16 -47.10 -26.66
CA GLY A 197 -39.11 -47.98 -26.17
C GLY A 197 -39.44 -49.44 -26.09
N MET A 198 -38.94 -50.09 -25.00
CA MET A 198 -39.03 -51.52 -24.64
C MET A 198 -38.48 -52.40 -25.77
N ASN A 199 -39.36 -52.95 -26.64
CA ASN A 199 -38.91 -53.78 -27.75
C ASN A 199 -39.08 -53.09 -29.10
N GLY A 200 -39.53 -51.83 -29.05
CA GLY A 200 -39.75 -50.94 -30.19
C GLY A 200 -40.76 -51.44 -31.19
N LEU A 201 -41.73 -52.25 -30.72
CA LEU A 201 -42.78 -52.80 -31.58
C LEU A 201 -43.83 -51.73 -31.91
N LEU A 202 -43.96 -50.72 -31.03
CA LEU A 202 -44.95 -49.65 -31.20
C LEU A 202 -44.34 -48.27 -31.41
N ASN A 203 -43.61 -47.71 -30.42
CA ASN A 203 -42.98 -46.39 -30.53
C ASN A 203 -43.92 -45.29 -31.06
N GLY A 204 -45.01 -45.07 -30.32
CA GLY A 204 -46.03 -44.10 -30.65
C GLY A 204 -47.29 -44.35 -29.84
N ILE A 205 -48.42 -43.67 -30.20
CA ILE A 205 -49.70 -43.87 -29.50
C ILE A 205 -50.28 -45.24 -29.85
N ALA A 206 -50.77 -45.97 -28.84
CA ALA A 206 -51.39 -47.28 -29.03
C ALA A 206 -52.87 -47.11 -29.44
N ASP A 207 -53.11 -46.58 -30.67
CA ASP A 207 -54.46 -46.39 -31.21
C ASP A 207 -54.78 -47.49 -32.22
N ASP A 208 -55.98 -47.47 -32.82
CA ASP A 208 -56.34 -48.49 -33.79
C ASP A 208 -55.53 -48.32 -35.08
N LEU A 209 -55.22 -47.08 -35.43
CA LEU A 209 -54.44 -46.73 -36.61
C LEU A 209 -53.03 -47.35 -36.64
N HIS A 210 -52.33 -47.41 -35.49
CA HIS A 210 -50.99 -47.96 -35.34
C HIS A 210 -50.97 -49.48 -35.20
N LYS A 211 -52.12 -50.10 -34.80
CA LYS A 211 -52.26 -51.52 -34.51
C LYS A 211 -51.75 -52.50 -35.57
N GLN A 212 -52.19 -52.40 -36.84
CA GLN A 212 -51.73 -53.34 -37.89
C GLN A 212 -50.23 -53.33 -38.08
N LYS A 213 -49.63 -52.12 -38.14
CA LYS A 213 -48.20 -51.86 -38.26
C LYS A 213 -47.46 -52.58 -37.09
N ALA A 214 -47.96 -52.40 -35.82
CA ALA A 214 -47.42 -52.97 -34.59
C ALA A 214 -47.49 -54.50 -34.61
N LEU A 215 -48.61 -55.07 -35.08
CA LEU A 215 -48.79 -56.52 -35.19
C LEU A 215 -47.84 -57.09 -36.22
N GLU A 216 -47.61 -56.37 -37.33
CA GLU A 216 -46.67 -56.78 -38.38
C GLU A 216 -45.23 -56.78 -37.87
N LYS A 217 -44.84 -55.76 -37.09
CA LYS A 217 -43.50 -55.63 -36.50
C LYS A 217 -43.29 -56.76 -35.48
N ALA A 218 -44.34 -57.06 -34.66
CA ALA A 218 -44.31 -58.13 -33.65
C ALA A 218 -44.09 -59.48 -34.31
N LYS A 219 -44.78 -59.74 -35.44
CA LYS A 219 -44.68 -60.99 -36.21
C LYS A 219 -43.29 -61.10 -36.81
N HIS A 220 -42.82 -60.01 -37.45
CA HIS A 220 -41.52 -59.92 -38.09
C HIS A 220 -40.37 -60.16 -37.10
N HIS A 221 -40.48 -59.61 -35.88
CA HIS A 221 -39.48 -59.78 -34.84
C HIS A 221 -39.61 -61.06 -34.01
N GLY A 222 -40.62 -61.87 -34.29
CA GLY A 222 -40.80 -63.17 -33.64
C GLY A 222 -41.62 -63.22 -32.39
N PHE A 223 -42.28 -62.11 -32.02
CA PHE A 223 -43.15 -62.05 -30.83
C PHE A 223 -44.46 -62.79 -31.10
N ILE A 224 -45.01 -62.59 -32.31
CA ILE A 224 -46.19 -63.27 -32.82
C ILE A 224 -45.64 -64.37 -33.75
N LYS A 225 -46.02 -65.62 -33.46
CA LYS A 225 -45.57 -66.78 -34.23
C LYS A 225 -46.52 -67.05 -35.40
N MET B 1 -57.57 -53.72 -9.33
CA MET B 1 -57.36 -54.83 -8.38
C MET B 1 -57.36 -54.41 -6.92
N LYS B 2 -57.90 -55.27 -6.04
CA LYS B 2 -58.01 -54.99 -4.61
C LYS B 2 -56.77 -55.39 -3.84
N MET B 3 -56.09 -54.40 -3.24
CA MET B 3 -54.84 -54.55 -2.47
C MET B 3 -55.15 -54.43 -0.98
N LYS B 4 -54.66 -55.41 -0.18
CA LYS B 4 -54.85 -55.42 1.26
C LYS B 4 -54.22 -54.14 1.86
N ARG B 5 -54.97 -53.42 2.71
CA ARG B 5 -54.55 -52.16 3.36
C ARG B 5 -53.14 -52.20 3.95
N GLN B 6 -52.80 -53.29 4.65
CA GLN B 6 -51.49 -53.48 5.25
C GLN B 6 -50.42 -53.53 4.16
N GLU B 7 -50.68 -54.29 3.07
CA GLU B 7 -49.76 -54.41 1.93
C GLU B 7 -49.54 -53.08 1.22
N TYR B 8 -50.63 -52.27 1.03
CA TYR B 8 -50.53 -50.96 0.43
C TYR B 8 -49.57 -50.11 1.26
N VAL B 9 -49.87 -49.97 2.57
CA VAL B 9 -49.06 -49.16 3.49
C VAL B 9 -47.59 -49.61 3.54
N ASN B 10 -47.32 -50.93 3.51
CA ASN B 10 -45.92 -51.40 3.48
C ASN B 10 -45.19 -50.95 2.23
N THR B 11 -45.87 -51.04 1.08
CA THR B 11 -45.31 -50.70 -0.23
C THR B 11 -45.16 -49.19 -0.48
N TYR B 12 -46.20 -48.40 -0.14
CA TYR B 12 -46.21 -46.97 -0.48
C TYR B 12 -46.26 -45.99 0.69
N GLY B 13 -46.39 -46.47 1.90
CA GLY B 13 -46.49 -45.59 3.06
C GLY B 13 -47.94 -45.29 3.36
N PRO B 14 -48.24 -44.45 4.38
CA PRO B 14 -49.65 -44.21 4.74
C PRO B 14 -50.44 -43.37 3.73
N THR B 15 -51.75 -43.59 3.65
CA THR B 15 -52.64 -42.82 2.79
C THR B 15 -53.66 -42.01 3.59
N THR B 16 -54.59 -41.29 2.91
CA THR B 16 -55.60 -40.43 3.53
C THR B 16 -56.33 -41.07 4.71
N GLY B 17 -56.28 -40.39 5.84
CA GLY B 17 -56.94 -40.83 7.06
C GLY B 17 -56.09 -41.62 8.03
N ASP B 18 -54.91 -42.12 7.56
CA ASP B 18 -53.99 -42.88 8.44
C ASP B 18 -53.29 -41.93 9.41
N LYS B 19 -53.00 -42.44 10.60
CA LYS B 19 -52.36 -41.67 11.68
C LYS B 19 -50.96 -42.21 11.96
N VAL B 20 -49.98 -41.31 12.01
CA VAL B 20 -48.59 -41.67 12.26
C VAL B 20 -48.13 -41.11 13.62
N ARG B 21 -47.59 -42.00 14.48
CA ARG B 21 -47.04 -41.59 15.76
C ARG B 21 -45.68 -40.92 15.48
N LEU B 22 -45.49 -39.70 15.99
CA LEU B 22 -44.22 -39.00 15.81
C LEU B 22 -43.22 -39.51 16.85
N GLY B 23 -42.24 -40.31 16.42
CA GLY B 23 -41.23 -40.91 17.30
C GLY B 23 -41.89 -41.76 18.38
N ASP B 24 -41.44 -41.57 19.63
CA ASP B 24 -42.00 -42.27 20.80
C ASP B 24 -42.89 -41.30 21.62
N THR B 25 -43.33 -40.18 20.99
CA THR B 25 -44.21 -39.18 21.62
C THR B 25 -45.66 -39.67 21.52
N ASP B 26 -46.60 -38.90 22.10
CA ASP B 26 -48.01 -39.26 21.99
C ASP B 26 -48.72 -38.37 20.97
N LEU B 27 -47.94 -37.84 19.99
CA LEU B 27 -48.43 -36.98 18.93
C LEU B 27 -48.71 -37.77 17.68
N TRP B 28 -49.93 -37.63 17.16
CA TRP B 28 -50.40 -38.35 15.98
C TRP B 28 -50.71 -37.43 14.79
N ALA B 29 -49.95 -37.62 13.70
CA ALA B 29 -50.09 -36.88 12.45
C ALA B 29 -51.04 -37.66 11.54
N GLU B 30 -52.16 -37.04 11.12
CA GLU B 30 -53.13 -37.67 10.23
C GLU B 30 -52.91 -37.20 8.79
N VAL B 31 -52.84 -38.15 7.83
CA VAL B 31 -52.69 -37.81 6.39
C VAL B 31 -54.00 -37.10 5.96
N GLU B 32 -53.88 -35.80 5.67
CA GLU B 32 -55.04 -34.98 5.31
C GLU B 32 -55.55 -35.25 3.90
N HIS B 33 -54.62 -35.56 2.97
CA HIS B 33 -54.92 -35.79 1.56
C HIS B 33 -53.77 -36.58 0.94
N ASP B 34 -54.07 -37.32 -0.14
CA ASP B 34 -53.07 -38.07 -0.91
C ASP B 34 -53.23 -37.62 -2.35
N TYR B 35 -52.14 -37.11 -2.94
CA TYR B 35 -52.13 -36.60 -4.31
C TYR B 35 -51.94 -37.64 -5.39
N THR B 36 -51.90 -38.93 -5.00
CA THR B 36 -51.72 -40.01 -5.97
C THR B 36 -53.00 -40.47 -6.62
N VAL B 37 -52.83 -41.33 -7.63
CA VAL B 37 -53.88 -42.06 -8.33
C VAL B 37 -53.52 -43.53 -7.99
N TYR B 38 -54.38 -44.20 -7.22
CA TYR B 38 -54.14 -45.58 -6.82
C TYR B 38 -53.94 -46.51 -8.01
N GLY B 39 -52.73 -47.09 -8.07
CA GLY B 39 -52.27 -47.98 -9.12
C GLY B 39 -51.16 -47.39 -9.95
N GLU B 40 -50.99 -46.04 -9.87
CA GLU B 40 -50.01 -45.25 -10.61
C GLU B 40 -48.86 -44.75 -9.73
N GLU B 41 -48.78 -45.18 -8.44
CA GLU B 41 -47.72 -44.77 -7.49
C GLU B 41 -46.31 -45.07 -8.01
N LEU B 42 -45.34 -44.16 -7.83
CA LEU B 42 -43.99 -44.46 -8.30
C LEU B 42 -43.19 -45.29 -7.30
N LYS B 43 -42.56 -46.37 -7.78
CA LYS B 43 -41.67 -47.24 -7.00
C LYS B 43 -40.38 -47.44 -7.80
N PHE B 44 -39.21 -47.28 -7.14
CA PHE B 44 -37.92 -47.46 -7.79
C PHE B 44 -37.32 -48.81 -7.45
N GLY B 45 -36.78 -49.48 -8.47
CA GLY B 45 -36.17 -50.78 -8.32
C GLY B 45 -36.32 -51.62 -9.57
N ALA B 46 -35.72 -52.82 -9.54
CA ALA B 46 -35.73 -53.82 -10.59
C ALA B 46 -37.16 -54.27 -10.84
N GLY B 47 -37.63 -54.09 -12.08
CA GLY B 47 -38.99 -54.47 -12.47
C GLY B 47 -40.07 -53.55 -11.92
N LYS B 48 -39.65 -52.43 -11.31
CA LYS B 48 -40.56 -51.47 -10.70
C LYS B 48 -41.13 -50.41 -11.66
N THR B 49 -41.63 -49.26 -11.14
CA THR B 49 -42.30 -48.22 -11.96
C THR B 49 -41.36 -47.34 -12.75
N ILE B 50 -40.41 -46.69 -12.07
CA ILE B 50 -39.47 -45.73 -12.66
C ILE B 50 -38.47 -46.42 -13.59
N ARG B 51 -38.92 -46.76 -14.82
CA ARG B 51 -38.14 -47.43 -15.86
C ARG B 51 -38.46 -46.85 -17.25
N GLU B 52 -37.45 -46.88 -18.14
CA GLU B 52 -37.47 -46.34 -19.51
C GLU B 52 -38.78 -46.63 -20.25
N GLY B 53 -39.49 -45.56 -20.60
CA GLY B 53 -40.75 -45.63 -21.34
C GLY B 53 -41.97 -46.07 -20.56
N MET B 54 -41.80 -46.26 -19.23
CA MET B 54 -42.86 -46.68 -18.32
C MET B 54 -43.15 -45.53 -17.35
N GLY B 55 -42.65 -45.59 -16.11
CA GLY B 55 -42.80 -44.53 -15.12
C GLY B 55 -41.87 -43.38 -15.42
N GLN B 56 -40.74 -43.68 -16.08
CA GLN B 56 -39.71 -42.72 -16.53
C GLN B 56 -40.03 -42.42 -17.99
N SER B 57 -40.20 -41.13 -18.33
CA SER B 57 -40.54 -40.70 -19.69
C SER B 57 -39.40 -40.82 -20.69
N ASN B 58 -39.77 -41.07 -21.96
CA ASN B 58 -38.84 -41.11 -23.08
C ASN B 58 -39.03 -39.85 -23.92
N SER B 59 -40.07 -39.09 -23.57
CA SER B 59 -40.43 -37.84 -24.21
C SER B 59 -39.71 -36.70 -23.49
N PRO B 60 -38.85 -35.91 -24.18
CA PRO B 60 -38.16 -34.80 -23.52
C PRO B 60 -39.15 -33.77 -22.97
N ASP B 61 -38.84 -33.19 -21.80
CA ASP B 61 -39.71 -32.17 -21.20
C ASP B 61 -38.87 -31.12 -20.52
N GLU B 62 -39.31 -29.87 -20.62
CA GLU B 62 -38.67 -28.71 -20.01
C GLU B 62 -38.68 -28.80 -18.49
N ASN B 63 -39.63 -29.57 -17.93
CA ASN B 63 -39.78 -29.81 -16.51
C ASN B 63 -39.26 -31.19 -16.06
N THR B 64 -38.23 -31.76 -16.74
CA THR B 64 -37.68 -33.04 -16.29
C THR B 64 -36.97 -32.78 -14.97
N LEU B 65 -37.46 -33.40 -13.91
CA LEU B 65 -36.94 -33.25 -12.55
C LEU B 65 -35.52 -33.76 -12.42
N ASP B 66 -34.73 -33.13 -11.53
CA ASP B 66 -33.36 -33.56 -11.26
C ASP B 66 -33.39 -34.68 -10.20
N LEU B 67 -34.42 -34.62 -9.32
CA LEU B 67 -34.66 -35.57 -8.24
C LEU B 67 -36.16 -35.70 -7.98
N VAL B 68 -36.58 -36.93 -7.69
CA VAL B 68 -37.95 -37.24 -7.29
C VAL B 68 -37.93 -37.95 -5.92
N ILE B 69 -38.67 -37.40 -4.95
CA ILE B 69 -38.84 -38.02 -3.63
C ILE B 69 -40.23 -38.65 -3.70
N THR B 70 -40.28 -39.95 -3.97
CA THR B 70 -41.52 -40.69 -4.17
C THR B 70 -42.26 -41.00 -2.89
N ASN B 71 -43.59 -40.82 -2.87
CA ASN B 71 -44.51 -41.17 -1.76
C ASN B 71 -44.12 -40.62 -0.38
N ALA B 72 -43.76 -39.33 -0.34
CA ALA B 72 -43.38 -38.64 0.89
C ALA B 72 -44.57 -38.24 1.74
N LEU B 73 -44.42 -38.25 3.07
CA LEU B 73 -45.46 -37.71 3.97
C LEU B 73 -44.92 -36.38 4.45
N ILE B 74 -45.41 -35.28 3.84
CA ILE B 74 -45.01 -33.93 4.18
C ILE B 74 -45.65 -33.52 5.50
N ILE B 75 -44.84 -32.98 6.41
CA ILE B 75 -45.27 -32.38 7.66
C ILE B 75 -44.71 -30.96 7.61
N ASP B 76 -45.62 -29.99 7.44
CA ASP B 76 -45.30 -28.57 7.27
C ASP B 76 -46.48 -27.72 7.72
N TYR B 77 -46.27 -26.40 7.98
CA TYR B 77 -47.36 -25.50 8.37
C TYR B 77 -48.43 -25.49 7.27
N THR B 78 -48.01 -25.73 6.00
CA THR B 78 -48.88 -25.78 4.82
C THR B 78 -49.82 -26.98 4.80
N GLY B 79 -49.51 -28.01 5.60
CA GLY B 79 -50.33 -29.22 5.72
C GLY B 79 -49.55 -30.49 5.98
N ILE B 80 -50.28 -31.54 6.43
CA ILE B 80 -49.78 -32.90 6.68
C ILE B 80 -50.46 -33.80 5.64
N TYR B 81 -49.80 -33.98 4.49
CA TYR B 81 -50.35 -34.71 3.37
C TYR B 81 -49.32 -35.65 2.72
N LYS B 82 -49.79 -36.53 1.83
CA LYS B 82 -49.01 -37.50 1.08
C LYS B 82 -48.86 -37.04 -0.38
N ALA B 83 -47.61 -36.91 -0.86
CA ALA B 83 -47.30 -36.46 -2.22
C ALA B 83 -45.88 -36.84 -2.66
N ASP B 84 -45.63 -36.77 -3.98
CA ASP B 84 -44.31 -36.96 -4.57
C ASP B 84 -43.73 -35.52 -4.58
N ILE B 85 -42.43 -35.38 -4.25
CA ILE B 85 -41.78 -34.07 -4.26
C ILE B 85 -40.77 -34.07 -5.40
N GLY B 86 -40.83 -33.03 -6.24
CA GLY B 86 -39.94 -32.87 -7.38
C GLY B 86 -38.96 -31.74 -7.23
N ILE B 87 -37.66 -32.06 -7.29
CA ILE B 87 -36.58 -31.07 -7.20
C ILE B 87 -36.01 -30.85 -8.61
N LYS B 88 -35.72 -29.59 -8.95
CA LYS B 88 -35.08 -29.14 -10.19
C LYS B 88 -34.37 -27.83 -9.94
N ASN B 89 -33.11 -27.74 -10.36
CA ASN B 89 -32.23 -26.58 -10.20
C ASN B 89 -32.05 -26.17 -8.74
N GLY B 90 -32.01 -27.19 -7.85
CA GLY B 90 -31.85 -27.01 -6.42
C GLY B 90 -33.00 -26.30 -5.72
N LYS B 91 -34.19 -26.40 -6.33
CA LYS B 91 -35.42 -25.79 -5.81
C LYS B 91 -36.55 -26.81 -5.86
N ILE B 92 -37.58 -26.63 -5.01
CA ILE B 92 -38.77 -27.49 -5.00
C ILE B 92 -39.58 -27.09 -6.26
N HIS B 93 -39.42 -27.88 -7.35
CA HIS B 93 -40.06 -27.62 -8.65
C HIS B 93 -41.56 -27.86 -8.61
N GLY B 94 -41.97 -28.92 -7.93
CA GLY B 94 -43.37 -29.27 -7.79
C GLY B 94 -43.63 -30.26 -6.68
N ILE B 95 -44.87 -30.27 -6.17
CA ILE B 95 -45.39 -31.18 -5.16
C ILE B 95 -46.73 -31.70 -5.71
N GLY B 96 -46.86 -33.01 -5.79
CA GLY B 96 -48.08 -33.63 -6.30
C GLY B 96 -47.88 -35.07 -6.72
N LYS B 97 -48.12 -35.35 -8.02
CA LYS B 97 -47.99 -36.69 -8.58
C LYS B 97 -46.95 -36.65 -9.70
N ALA B 98 -45.79 -37.27 -9.50
CA ALA B 98 -44.74 -37.30 -10.49
C ALA B 98 -44.86 -38.55 -11.36
N GLY B 99 -44.22 -38.52 -12.52
CA GLY B 99 -44.22 -39.66 -13.45
C GLY B 99 -44.21 -39.32 -14.93
N ASN B 100 -44.86 -40.19 -15.72
CA ASN B 100 -44.90 -40.13 -17.17
C ASN B 100 -46.35 -40.05 -17.71
N LYS B 101 -46.77 -38.85 -18.16
CA LYS B 101 -48.10 -38.61 -18.75
C LYS B 101 -48.35 -39.47 -20.00
N ASP B 102 -47.28 -40.04 -20.58
CA ASP B 102 -47.38 -40.89 -21.77
C ASP B 102 -48.00 -42.24 -21.39
N MET B 103 -47.75 -42.72 -20.15
CA MET B 103 -48.19 -44.04 -19.66
C MET B 103 -49.02 -44.01 -18.37
N GLN B 104 -49.16 -42.84 -17.75
CA GLN B 104 -49.84 -42.74 -16.46
C GLN B 104 -50.92 -41.68 -16.40
N ASP B 105 -51.91 -41.92 -15.54
CA ASP B 105 -52.99 -40.98 -15.31
C ASP B 105 -52.69 -40.06 -14.13
N GLY B 106 -53.22 -38.85 -14.20
CA GLY B 106 -53.13 -37.85 -13.14
C GLY B 106 -51.78 -37.32 -12.75
N VAL B 107 -50.82 -37.27 -13.71
CA VAL B 107 -49.47 -36.74 -13.48
C VAL B 107 -49.54 -35.21 -13.45
N THR B 108 -48.93 -34.57 -12.40
CA THR B 108 -48.84 -33.12 -12.25
C THR B 108 -47.96 -32.64 -13.42
N PRO B 109 -48.48 -31.73 -14.27
CA PRO B 109 -47.75 -31.34 -15.50
C PRO B 109 -46.27 -30.98 -15.43
N HIS B 110 -45.83 -30.32 -14.37
CA HIS B 110 -44.44 -29.88 -14.20
C HIS B 110 -43.65 -30.84 -13.30
N MET B 111 -44.10 -32.12 -13.22
CA MET B 111 -43.44 -33.13 -12.40
C MET B 111 -43.08 -34.37 -13.24
N VAL B 112 -42.29 -34.12 -14.29
CA VAL B 112 -41.84 -35.13 -15.23
C VAL B 112 -40.63 -35.89 -14.70
N VAL B 113 -40.78 -37.22 -14.61
CA VAL B 113 -39.70 -38.13 -14.22
C VAL B 113 -39.12 -38.58 -15.58
N GLY B 114 -37.87 -38.25 -15.81
CA GLY B 114 -37.22 -38.56 -17.08
C GLY B 114 -35.82 -39.12 -16.96
N VAL B 115 -35.09 -39.13 -18.09
CA VAL B 115 -33.73 -39.69 -18.15
C VAL B 115 -32.80 -39.02 -17.13
N GLY B 116 -32.91 -37.72 -16.99
CA GLY B 116 -32.08 -36.99 -16.04
C GLY B 116 -32.53 -36.96 -14.60
N THR B 117 -33.56 -37.76 -14.23
CA THR B 117 -34.11 -37.79 -12.87
C THR B 117 -33.47 -38.83 -11.97
N GLU B 118 -33.06 -38.41 -10.77
CA GLU B 118 -32.56 -39.30 -9.72
C GLU B 118 -33.75 -39.69 -8.82
N ALA B 119 -33.72 -40.89 -8.25
CA ALA B 119 -34.80 -41.35 -7.39
C ALA B 119 -34.38 -41.48 -5.92
N LEU B 120 -35.27 -41.02 -5.04
CA LEU B 120 -35.15 -41.12 -3.59
C LEU B 120 -36.50 -41.61 -3.09
N ALA B 121 -36.49 -42.78 -2.47
CA ALA B 121 -37.72 -43.40 -1.96
C ALA B 121 -38.13 -42.81 -0.64
N GLY B 122 -39.22 -42.07 -0.67
CA GLY B 122 -39.78 -41.44 0.52
C GLY B 122 -40.96 -42.20 1.10
N GLU B 123 -41.34 -43.33 0.48
CA GLU B 123 -42.44 -44.17 0.95
C GLU B 123 -42.23 -44.61 2.39
N GLY B 124 -43.10 -44.15 3.27
CA GLY B 124 -43.02 -44.49 4.68
C GLY B 124 -42.15 -43.57 5.51
N MET B 125 -41.65 -42.48 4.89
CA MET B 125 -40.80 -41.46 5.53
C MET B 125 -41.56 -40.15 5.71
N ILE B 126 -41.11 -39.33 6.66
CA ILE B 126 -41.66 -38.01 6.89
C ILE B 126 -40.64 -37.01 6.28
N ILE B 127 -41.12 -36.09 5.43
CA ILE B 127 -40.28 -35.04 4.83
C ILE B 127 -40.71 -33.71 5.45
N THR B 128 -39.74 -32.97 6.01
CA THR B 128 -39.98 -31.66 6.60
C THR B 128 -38.94 -30.69 6.04
N ALA B 129 -39.19 -29.39 6.20
CA ALA B 129 -38.23 -28.36 5.80
C ALA B 129 -37.04 -28.41 6.76
N GLY B 130 -35.88 -27.94 6.32
CA GLY B 130 -34.70 -27.88 7.18
C GLY B 130 -34.92 -26.80 8.23
N GLY B 131 -34.55 -27.10 9.46
CA GLY B 131 -34.70 -26.16 10.56
C GLY B 131 -33.78 -24.96 10.47
N ILE B 132 -34.24 -23.83 11.03
CA ILE B 132 -33.53 -22.56 11.11
C ILE B 132 -33.28 -22.21 12.59
N ASP B 133 -32.00 -22.18 12.98
CA ASP B 133 -31.61 -21.83 14.35
C ASP B 133 -31.12 -20.38 14.35
N SER B 134 -32.02 -19.49 14.79
CA SER B 134 -31.85 -18.03 14.84
C SER B 134 -31.10 -17.49 16.09
N HIS B 135 -30.47 -18.38 16.89
CA HIS B 135 -29.73 -17.98 18.09
C HIS B 135 -28.44 -18.77 18.20
N THR B 136 -27.54 -18.53 17.26
CA THR B 136 -26.27 -19.22 17.21
C THR B 136 -25.17 -18.34 17.71
N HIS B 137 -24.33 -18.90 18.58
CA HIS B 137 -23.14 -18.19 19.02
C HIS B 137 -22.04 -18.85 18.18
N PHE B 138 -21.46 -18.16 17.17
CA PHE B 138 -20.39 -18.73 16.32
C PHE B 138 -19.10 -18.83 17.14
N LEU B 139 -19.08 -19.88 17.96
CA LEU B 139 -18.06 -20.19 18.96
C LEU B 139 -17.12 -21.22 18.45
N SER B 140 -17.71 -22.29 17.92
CA SER B 140 -16.95 -23.42 17.47
C SER B 140 -17.47 -23.91 16.12
N PRO B 141 -16.59 -24.16 15.12
CA PRO B 141 -17.07 -24.71 13.84
C PRO B 141 -17.62 -26.14 13.96
N GLN B 142 -17.39 -26.78 15.13
CA GLN B 142 -17.84 -28.14 15.41
C GLN B 142 -19.33 -28.18 15.74
N GLN B 143 -19.99 -26.99 15.85
CA GLN B 143 -21.41 -26.88 16.14
C GLN B 143 -22.16 -27.30 14.89
N PHE B 144 -21.61 -26.97 13.69
CA PHE B 144 -22.21 -27.26 12.39
C PHE B 144 -22.58 -28.75 12.15
N PRO B 145 -21.65 -29.76 12.28
CA PRO B 145 -22.06 -31.16 12.11
C PRO B 145 -23.16 -31.58 13.11
N THR B 146 -23.06 -31.12 14.38
CA THR B 146 -24.02 -31.37 15.48
C THR B 146 -25.39 -30.85 15.08
N ALA B 147 -25.43 -29.64 14.49
CA ALA B 147 -26.65 -28.97 14.04
C ALA B 147 -27.30 -29.74 12.89
N LEU B 148 -26.51 -30.06 11.83
CA LEU B 148 -26.99 -30.82 10.67
C LEU B 148 -27.55 -32.18 11.08
N ALA B 149 -26.84 -32.88 12.04
CA ALA B 149 -27.23 -34.18 12.57
C ALA B 149 -28.54 -34.13 13.33
N ASN B 150 -29.07 -32.90 13.54
CA ASN B 150 -30.34 -32.66 14.24
C ASN B 150 -31.38 -31.93 13.40
N GLY B 151 -31.18 -31.94 12.08
CA GLY B 151 -32.09 -31.39 11.08
C GLY B 151 -32.07 -29.89 10.86
N VAL B 152 -31.02 -29.21 11.33
CA VAL B 152 -30.87 -27.75 11.20
C VAL B 152 -29.95 -27.45 10.02
N THR B 153 -30.46 -26.68 9.04
CA THR B 153 -29.75 -26.32 7.80
C THR B 153 -29.33 -24.84 7.69
N THR B 154 -29.93 -23.95 8.50
CA THR B 154 -29.63 -22.52 8.52
C THR B 154 -29.36 -22.04 9.95
N MET B 155 -28.32 -21.21 10.12
CA MET B 155 -27.96 -20.68 11.43
C MET B 155 -27.69 -19.20 11.40
N PHE B 156 -28.50 -18.42 12.15
CA PHE B 156 -28.34 -16.99 12.31
C PHE B 156 -27.81 -16.74 13.73
N GLY B 157 -26.99 -15.70 13.87
CA GLY B 157 -26.35 -15.30 15.12
C GLY B 157 -25.04 -14.57 14.86
N GLY B 158 -24.09 -14.73 15.77
CA GLY B 158 -22.81 -14.07 15.62
C GLY B 158 -21.70 -14.64 16.47
N GLY B 159 -20.51 -14.13 16.22
CA GLY B 159 -19.32 -14.56 16.91
C GLY B 159 -18.07 -14.38 16.09
N THR B 160 -16.93 -14.58 16.75
CA THR B 160 -15.55 -14.50 16.28
C THR B 160 -14.89 -15.86 16.59
N GLY B 161 -15.40 -16.53 17.61
CA GLY B 161 -14.89 -17.79 18.08
C GLY B 161 -14.89 -17.89 19.60
N PRO B 162 -13.93 -18.65 20.19
CA PRO B 162 -13.95 -18.85 21.66
C PRO B 162 -13.45 -17.68 22.51
N VAL B 163 -14.01 -16.50 22.25
CA VAL B 163 -13.65 -15.29 22.99
C VAL B 163 -14.83 -14.86 23.83
N ASP B 164 -14.53 -14.17 24.92
CA ASP B 164 -15.51 -13.72 25.90
C ASP B 164 -16.76 -13.05 25.35
N GLY B 165 -16.58 -12.13 24.41
CA GLY B 165 -17.70 -11.45 23.75
C GLY B 165 -18.68 -12.43 23.11
N THR B 166 -18.17 -13.38 22.29
CA THR B 166 -18.94 -14.41 21.61
C THR B 166 -19.52 -15.39 22.62
N ASN B 167 -18.68 -15.84 23.58
CA ASN B 167 -19.06 -16.77 24.64
C ASN B 167 -20.36 -16.31 25.27
N ALA B 168 -20.53 -14.97 25.39
CA ALA B 168 -21.68 -14.30 25.99
C ALA B 168 -22.79 -13.92 25.03
N THR B 169 -22.44 -13.21 23.95
CA THR B 169 -23.32 -12.57 22.96
C THR B 169 -23.18 -13.11 21.50
N THR B 170 -24.28 -13.08 20.69
CA THR B 170 -24.31 -13.48 19.26
C THR B 170 -23.90 -12.24 18.43
N ILE B 171 -22.64 -11.79 18.58
CA ILE B 171 -22.19 -10.56 17.94
C ILE B 171 -20.83 -10.71 17.26
N THR B 172 -20.76 -10.38 15.92
CA THR B 172 -19.56 -10.34 15.08
C THR B 172 -19.35 -8.83 14.91
N PRO B 173 -18.59 -8.16 15.83
CA PRO B 173 -18.56 -6.69 15.80
C PRO B 173 -17.60 -6.01 14.84
N GLY B 174 -18.11 -4.97 14.18
CA GLY B 174 -17.33 -4.17 13.25
C GLY B 174 -17.09 -4.78 11.90
N VAL B 175 -16.63 -3.93 10.96
CA VAL B 175 -16.37 -4.28 9.57
C VAL B 175 -15.36 -5.44 9.40
N TRP B 176 -14.15 -5.32 9.98
CA TRP B 176 -13.11 -6.32 9.85
C TRP B 176 -13.51 -7.71 10.29
N ASN B 177 -14.13 -7.82 11.48
CA ASN B 177 -14.58 -9.12 11.99
C ASN B 177 -15.68 -9.71 11.15
N LEU B 178 -16.62 -8.87 10.66
CA LEU B 178 -17.71 -9.33 9.79
C LEU B 178 -17.16 -9.90 8.48
N HIS B 179 -16.21 -9.20 7.84
CA HIS B 179 -15.54 -9.63 6.62
C HIS B 179 -14.83 -10.96 6.81
N ARG B 180 -14.07 -11.09 7.91
CA ARG B 180 -13.33 -12.28 8.27
C ARG B 180 -14.25 -13.50 8.42
N MET B 181 -15.38 -13.33 9.16
CA MET B 181 -16.34 -14.41 9.41
C MET B 181 -17.10 -14.84 8.16
N LEU B 182 -17.51 -13.87 7.31
CA LEU B 182 -18.20 -14.15 6.06
C LEU B 182 -17.31 -14.98 5.12
N ARG B 183 -15.99 -14.74 5.16
CA ARG B 183 -14.96 -15.47 4.41
C ARG B 183 -14.69 -16.85 5.06
N ALA B 184 -14.78 -16.94 6.40
CA ALA B 184 -14.60 -18.20 7.13
C ALA B 184 -15.76 -19.14 6.80
N ALA B 185 -16.98 -18.56 6.62
CA ALA B 185 -18.23 -19.25 6.34
C ALA B 185 -18.14 -20.14 5.10
N GLU B 186 -17.26 -19.80 4.14
CA GLU B 186 -17.05 -20.53 2.87
C GLU B 186 -16.83 -22.03 3.09
N GLU B 187 -16.17 -22.37 4.21
CA GLU B 187 -15.80 -23.72 4.62
C GLU B 187 -16.98 -24.68 4.75
N TYR B 188 -18.08 -24.19 5.32
CA TYR B 188 -19.22 -24.96 5.77
C TYR B 188 -20.33 -25.29 4.79
N GLY B 189 -21.17 -26.24 5.22
CA GLY B 189 -22.35 -26.68 4.49
C GLY B 189 -23.60 -25.92 4.94
N MET B 190 -23.53 -25.38 6.18
CA MET B 190 -24.58 -24.63 6.87
C MET B 190 -24.84 -23.26 6.23
N ASN B 191 -26.12 -22.85 6.13
CA ASN B 191 -26.46 -21.52 5.65
C ASN B 191 -26.22 -20.58 6.82
N VAL B 192 -25.56 -19.43 6.59
CA VAL B 192 -25.26 -18.48 7.68
C VAL B 192 -25.76 -17.07 7.42
N GLY B 193 -25.88 -16.32 8.50
CA GLY B 193 -26.26 -14.91 8.53
C GLY B 193 -25.68 -14.34 9.80
N LEU B 194 -24.92 -13.25 9.70
CA LEU B 194 -24.26 -12.68 10.89
C LEU B 194 -24.88 -11.39 11.42
N LEU B 195 -24.95 -11.25 12.77
CA LEU B 195 -25.44 -10.05 13.44
C LEU B 195 -24.26 -9.28 14.02
N GLY B 196 -24.31 -7.97 13.89
CA GLY B 196 -23.29 -7.08 14.43
C GLY B 196 -23.67 -6.55 15.80
N LYS B 197 -22.85 -5.66 16.37
CA LYS B 197 -23.11 -5.05 17.68
C LYS B 197 -24.10 -3.92 17.54
N GLY B 198 -25.29 -4.13 18.11
CA GLY B 198 -26.38 -3.15 18.12
C GLY B 198 -26.29 -2.15 19.26
N ASN B 199 -25.49 -2.47 20.31
CA ASN B 199 -25.26 -1.67 21.51
C ASN B 199 -24.44 -0.42 21.23
N SER B 200 -25.06 0.57 20.58
CA SER B 200 -24.44 1.84 20.20
C SER B 200 -25.43 2.99 20.28
N SER B 201 -24.95 4.16 20.73
CA SER B 201 -25.75 5.35 20.77
C SER B 201 -25.27 6.32 19.68
N SER B 202 -24.58 5.77 18.63
CA SER B 202 -24.02 6.48 17.47
C SER B 202 -24.34 5.75 16.18
N ARG B 203 -24.89 6.47 15.18
CA ARG B 203 -25.33 5.94 13.87
C ARG B 203 -24.23 5.29 13.03
N ALA B 204 -23.15 6.03 12.76
CA ALA B 204 -22.02 5.63 11.93
C ALA B 204 -21.54 4.20 12.16
N GLN B 205 -21.26 3.85 13.42
CA GLN B 205 -20.79 2.52 13.82
C GLN B 205 -21.76 1.40 13.53
N LEU B 206 -23.07 1.71 13.51
CA LEU B 206 -24.11 0.73 13.23
C LEU B 206 -24.21 0.53 11.71
N VAL B 207 -24.24 1.65 10.96
CA VAL B 207 -24.31 1.67 9.49
C VAL B 207 -23.16 0.86 8.85
N GLU B 208 -21.90 1.11 9.29
CA GLU B 208 -20.66 0.43 8.86
C GLU B 208 -20.87 -1.08 8.82
N GLN B 209 -21.54 -1.63 9.88
CA GLN B 209 -21.77 -3.04 10.08
C GLN B 209 -22.75 -3.63 9.09
N VAL B 210 -23.86 -2.91 8.79
CA VAL B 210 -24.86 -3.36 7.80
C VAL B 210 -24.21 -3.38 6.42
N LYS B 211 -23.41 -2.34 6.12
CA LYS B 211 -22.69 -2.21 4.85
C LYS B 211 -21.59 -3.28 4.70
N ALA B 212 -21.11 -3.83 5.85
CA ALA B 212 -20.09 -4.88 5.91
C ALA B 212 -20.70 -6.29 5.73
N GLY B 213 -22.03 -6.36 5.62
CA GLY B 213 -22.72 -7.61 5.37
C GLY B 213 -23.63 -8.17 6.44
N ALA B 214 -23.73 -7.53 7.60
CA ALA B 214 -24.58 -8.01 8.68
C ALA B 214 -26.06 -8.13 8.28
N ILE B 215 -26.74 -9.22 8.72
CA ILE B 215 -28.17 -9.44 8.43
C ILE B 215 -29.03 -8.74 9.47
N GLY B 216 -28.36 -8.07 10.40
CA GLY B 216 -29.01 -7.35 11.48
C GLY B 216 -28.11 -7.02 12.63
N PHE B 217 -28.71 -6.87 13.82
CA PHE B 217 -28.00 -6.49 15.04
C PHE B 217 -28.47 -7.23 16.25
N KCX B 218 -27.56 -7.43 17.19
CA KCX B 218 -27.86 -8.01 18.47
CB KCX B 218 -27.04 -9.29 18.70
CG KCX B 218 -27.10 -9.84 20.12
CD KCX B 218 -28.52 -10.19 20.53
CE KCX B 218 -28.57 -10.90 21.85
NZ KCX B 218 -27.81 -12.15 21.84
C KCX B 218 -27.56 -6.96 19.53
O KCX B 218 -26.44 -6.41 19.59
CX KCX B 218 -27.82 -13.04 22.83
OQ1 KCX B 218 -28.53 -12.81 23.84
OQ2 KCX B 218 -27.12 -14.07 22.70
N LEU B 219 -28.58 -6.62 20.31
CA LEU B 219 -28.50 -5.71 21.44
C LEU B 219 -28.40 -6.67 22.60
N HIS B 220 -27.27 -6.64 23.32
CA HIS B 220 -26.98 -7.51 24.47
C HIS B 220 -26.47 -6.67 25.63
N GLU B 221 -26.98 -6.96 26.84
CA GLU B 221 -26.70 -6.25 28.07
C GLU B 221 -25.23 -6.20 28.48
N ASP B 222 -24.41 -7.13 27.96
CA ASP B 222 -22.96 -7.18 28.24
C ASP B 222 -22.23 -5.95 27.65
N TRP B 223 -22.85 -5.37 26.62
CA TRP B 223 -22.41 -4.14 25.95
C TRP B 223 -23.40 -3.00 26.30
N GLY B 224 -24.23 -3.24 27.32
CA GLY B 224 -25.20 -2.29 27.84
C GLY B 224 -26.39 -2.09 26.95
N THR B 225 -27.56 -2.71 27.31
CA THR B 225 -28.83 -2.60 26.59
C THR B 225 -29.66 -1.50 27.24
N THR B 226 -29.24 -0.27 27.00
CA THR B 226 -29.88 0.91 27.54
C THR B 226 -30.98 1.39 26.58
N PRO B 227 -31.98 2.21 27.05
CA PRO B 227 -32.98 2.74 26.12
C PRO B 227 -32.39 3.52 24.95
N SER B 228 -31.24 4.25 25.15
CA SER B 228 -30.58 5.00 24.09
C SER B 228 -30.09 4.06 22.99
N ALA B 229 -29.44 2.94 23.40
CA ALA B 229 -28.95 1.91 22.51
C ALA B 229 -30.12 1.30 21.73
N ILE B 230 -31.22 0.89 22.44
CA ILE B 230 -32.43 0.28 21.85
C ILE B 230 -33.00 1.15 20.70
N ASP B 231 -33.13 2.48 20.94
CA ASP B 231 -33.66 3.43 19.96
C ASP B 231 -32.72 3.58 18.77
N HIS B 232 -31.41 3.87 19.01
CA HIS B 232 -30.43 4.06 17.94
C HIS B 232 -30.33 2.86 17.04
N CYS B 233 -30.28 1.63 17.62
CA CYS B 233 -30.18 0.39 16.89
C CYS B 233 -31.38 0.17 15.99
N LEU B 234 -32.61 0.28 16.54
CA LEU B 234 -33.83 0.08 15.75
C LEU B 234 -33.97 1.10 14.64
N SER B 235 -33.53 2.36 14.88
CA SER B 235 -33.59 3.43 13.88
C SER B 235 -32.82 3.05 12.61
N VAL B 236 -31.58 2.49 12.78
CA VAL B 236 -30.69 2.06 11.69
C VAL B 236 -31.28 0.80 11.01
N ALA B 237 -31.76 -0.18 11.81
CA ALA B 237 -32.39 -1.40 11.29
C ALA B 237 -33.57 -1.08 10.39
N ASP B 238 -34.39 -0.07 10.79
CA ASP B 238 -35.56 0.40 10.05
C ASP B 238 -35.14 0.98 8.71
N GLU B 239 -34.03 1.74 8.68
CA GLU B 239 -33.46 2.36 7.47
C GLU B 239 -32.93 1.28 6.50
N TYR B 240 -32.27 0.24 7.03
CA TYR B 240 -31.60 -0.79 6.23
C TYR B 240 -32.30 -2.15 6.08
N ASP B 241 -33.58 -2.26 6.51
CA ASP B 241 -34.37 -3.50 6.45
C ASP B 241 -33.62 -4.72 6.98
N VAL B 242 -33.19 -4.63 8.24
CA VAL B 242 -32.48 -5.73 8.90
C VAL B 242 -33.14 -6.03 10.23
N GLN B 243 -32.92 -7.23 10.80
CA GLN B 243 -33.58 -7.59 12.05
C GLN B 243 -32.76 -7.22 13.29
N VAL B 244 -33.45 -6.98 14.40
CA VAL B 244 -32.80 -6.69 15.68
C VAL B 244 -33.20 -7.80 16.66
N CYS B 245 -32.21 -8.36 17.35
CA CYS B 245 -32.39 -9.38 18.37
C CYS B 245 -31.97 -8.77 19.69
N ILE B 246 -32.66 -9.16 20.79
CA ILE B 246 -32.38 -8.55 22.08
C ILE B 246 -32.30 -9.48 23.32
N HIS B 247 -31.26 -9.24 24.15
CA HIS B 247 -31.09 -9.77 25.51
C HIS B 247 -31.16 -8.51 26.39
N THR B 248 -32.31 -8.31 27.06
CA THR B 248 -32.62 -7.11 27.85
C THR B 248 -31.81 -6.92 29.13
N ASP B 249 -31.92 -5.70 29.74
CA ASP B 249 -31.22 -5.29 30.96
C ASP B 249 -31.71 -6.05 32.21
N THR B 250 -31.08 -7.21 32.49
CA THR B 250 -31.40 -8.12 33.61
C THR B 250 -31.49 -7.43 34.95
N VAL B 251 -30.54 -6.53 35.25
CA VAL B 251 -30.44 -5.83 36.52
C VAL B 251 -31.22 -4.54 36.59
N ASN B 252 -32.08 -4.26 35.58
CA ASN B 252 -32.96 -3.06 35.51
C ASN B 252 -32.22 -1.77 35.91
N GLU B 253 -30.95 -1.64 35.47
CA GLU B 253 -30.07 -0.49 35.72
C GLU B 253 -30.59 0.83 35.16
N ALA B 254 -30.93 0.85 33.85
CA ALA B 254 -31.41 2.03 33.13
C ALA B 254 -32.93 2.14 33.08
N GLY B 255 -33.61 1.08 33.53
CA GLY B 255 -35.07 1.03 33.57
C GLY B 255 -35.64 -0.35 33.73
N TYR B 256 -36.98 -0.44 33.90
CA TYR B 256 -37.68 -1.71 34.02
C TYR B 256 -38.16 -2.20 32.63
N VAL B 257 -38.77 -3.40 32.53
CA VAL B 257 -39.25 -3.95 31.25
C VAL B 257 -40.08 -2.97 30.38
N ASP B 258 -41.02 -2.25 31.02
CA ASP B 258 -41.90 -1.26 30.39
C ASP B 258 -41.10 -0.11 29.75
N ASP B 259 -39.95 0.25 30.35
CA ASP B 259 -39.03 1.29 29.86
C ASP B 259 -38.30 0.85 28.58
N THR B 260 -38.00 -0.44 28.49
CA THR B 260 -37.41 -1.10 27.32
C THR B 260 -38.44 -1.17 26.20
N LEU B 261 -39.66 -1.61 26.54
CA LEU B 261 -40.76 -1.72 25.59
C LEU B 261 -41.09 -0.35 24.97
N ARG B 262 -41.05 0.70 25.82
CA ARG B 262 -41.27 2.08 25.43
C ARG B 262 -40.21 2.54 24.44
N ALA B 263 -38.93 2.19 24.70
CA ALA B 263 -37.79 2.55 23.85
C ALA B 263 -37.93 1.95 22.47
N MET B 264 -38.43 0.70 22.38
CA MET B 264 -38.66 -0.04 21.13
C MET B 264 -39.64 0.70 20.24
N ASN B 265 -40.67 1.29 20.85
CA ASN B 265 -41.71 2.06 20.19
C ASN B 265 -42.53 1.31 19.09
N GLY B 266 -42.94 0.09 19.40
CA GLY B 266 -43.73 -0.72 18.49
C GLY B 266 -43.00 -1.22 17.25
N ARG B 267 -41.66 -1.07 17.24
CA ARG B 267 -40.83 -1.52 16.13
C ARG B 267 -40.54 -3.02 16.24
N ALA B 268 -40.40 -3.70 15.08
CA ALA B 268 -40.13 -5.13 15.05
C ALA B 268 -38.80 -5.47 15.70
N ILE B 269 -38.81 -6.45 16.62
CA ILE B 269 -37.64 -6.91 17.37
C ILE B 269 -37.80 -8.38 17.76
N HIS B 270 -36.71 -9.15 17.70
CA HIS B 270 -36.68 -10.57 18.05
C HIS B 270 -36.16 -10.69 19.47
N ALA B 271 -37.05 -11.07 20.39
CA ALA B 271 -36.71 -11.21 21.78
C ALA B 271 -36.27 -12.63 22.07
N TYR B 272 -34.95 -12.81 22.31
CA TYR B 272 -34.33 -14.10 22.64
C TYR B 272 -34.70 -14.47 24.08
N HIS B 273 -34.63 -15.80 24.44
CA HIS B 273 -34.92 -16.37 25.77
C HIS B 273 -35.93 -15.51 26.54
N ILE B 274 -37.15 -15.43 25.97
CA ILE B 274 -38.28 -14.64 26.48
C ILE B 274 -38.66 -14.99 27.92
N GLU B 275 -38.35 -16.22 28.34
CA GLU B 275 -38.62 -16.68 29.70
C GLU B 275 -37.73 -15.95 30.73
N GLY B 276 -36.49 -15.65 30.36
CA GLY B 276 -35.57 -14.88 31.20
C GLY B 276 -34.44 -15.58 31.95
N ALA B 277 -34.37 -16.92 31.90
CA ALA B 277 -33.29 -17.65 32.57
C ALA B 277 -32.01 -17.43 31.74
N GLY B 278 -32.19 -17.42 30.41
CA GLY B 278 -31.12 -17.11 29.47
C GLY B 278 -30.66 -15.67 29.54
N GLY B 279 -31.43 -14.82 30.25
CA GLY B 279 -31.19 -13.40 30.48
C GLY B 279 -32.37 -12.48 30.21
N GLY B 280 -32.34 -11.32 30.84
CA GLY B 280 -33.40 -10.32 30.68
C GLY B 280 -34.01 -9.87 31.99
N HIS B 281 -34.54 -8.62 32.01
CA HIS B 281 -35.19 -7.96 33.16
C HIS B 281 -35.79 -8.95 34.15
N SER B 282 -35.29 -8.95 35.38
CA SER B 282 -35.81 -9.84 36.40
C SER B 282 -36.84 -9.08 37.25
N PRO B 283 -38.06 -9.65 37.48
CA PRO B 283 -38.55 -10.98 37.09
C PRO B 283 -39.59 -10.96 35.96
N ASP B 284 -39.79 -9.80 35.30
CA ASP B 284 -40.84 -9.59 34.34
C ASP B 284 -40.55 -9.55 32.84
N VAL B 285 -39.39 -10.03 32.38
CA VAL B 285 -39.10 -10.00 30.93
C VAL B 285 -40.11 -10.79 30.09
N ILE B 286 -40.64 -11.90 30.64
CA ILE B 286 -41.64 -12.73 29.97
C ILE B 286 -42.89 -11.94 29.55
N THR B 287 -43.20 -10.85 30.29
CA THR B 287 -44.35 -9.98 30.02
C THR B 287 -44.34 -9.37 28.61
N MET B 288 -43.17 -9.32 27.97
CA MET B 288 -42.97 -8.81 26.61
C MET B 288 -43.66 -9.64 25.55
N ALA B 289 -43.75 -10.97 25.77
CA ALA B 289 -44.34 -11.94 24.85
C ALA B 289 -45.81 -11.64 24.44
N GLY B 290 -46.53 -10.88 25.27
CA GLY B 290 -47.91 -10.52 24.98
C GLY B 290 -48.07 -9.48 23.88
N GLU B 291 -47.04 -8.63 23.69
CA GLU B 291 -46.98 -7.52 22.73
C GLU B 291 -46.90 -7.97 21.29
N VAL B 292 -47.66 -7.26 20.42
CA VAL B 292 -47.78 -7.56 18.99
C VAL B 292 -46.47 -7.37 18.18
N ASN B 293 -45.68 -6.35 18.51
CA ASN B 293 -44.44 -6.03 17.81
C ASN B 293 -43.30 -6.97 18.16
N ILE B 294 -43.37 -7.58 19.37
CA ILE B 294 -42.37 -8.50 19.91
C ILE B 294 -42.51 -9.86 19.24
N LEU B 295 -41.44 -10.29 18.58
CA LEU B 295 -41.32 -11.59 17.92
C LEU B 295 -40.51 -12.48 18.92
N PRO B 296 -41.18 -13.27 19.81
CA PRO B 296 -40.41 -14.01 20.82
C PRO B 296 -40.01 -15.44 20.49
N SER B 297 -38.82 -15.81 20.99
CA SER B 297 -38.25 -17.14 20.90
C SER B 297 -37.86 -17.68 22.31
N SER B 298 -37.63 -18.99 22.39
CA SER B 298 -37.17 -19.70 23.57
C SER B 298 -35.86 -20.36 23.26
N THR B 299 -35.01 -20.56 24.29
CA THR B 299 -33.75 -21.28 24.17
C THR B 299 -33.99 -22.66 24.76
N THR B 300 -33.32 -23.66 24.19
CA THR B 300 -33.43 -25.06 24.58
C THR B 300 -33.32 -25.44 26.06
N PRO B 301 -32.44 -24.86 26.93
CA PRO B 301 -32.31 -25.40 28.29
C PRO B 301 -33.55 -25.39 29.21
N THR B 302 -34.49 -24.47 28.98
CA THR B 302 -35.72 -24.35 29.78
C THR B 302 -36.92 -25.10 29.20
N ILE B 303 -36.84 -25.54 27.94
CA ILE B 303 -37.89 -26.31 27.28
C ILE B 303 -37.47 -27.77 26.98
N PRO B 304 -38.23 -28.79 27.44
CA PRO B 304 -39.42 -28.73 28.29
C PRO B 304 -39.04 -28.53 29.77
N TYR B 305 -40.00 -28.17 30.61
CA TYR B 305 -39.76 -27.97 32.03
C TYR B 305 -39.67 -29.34 32.69
N THR B 306 -38.48 -29.66 33.23
CA THR B 306 -38.24 -30.94 33.91
C THR B 306 -37.84 -30.76 35.38
N ILE B 307 -37.83 -31.89 36.10
CA ILE B 307 -37.46 -31.96 37.52
C ILE B 307 -36.00 -31.57 37.81
N ASN B 308 -35.16 -31.49 36.76
CA ASN B 308 -33.77 -31.09 36.86
C ASN B 308 -33.47 -29.70 36.22
N THR B 309 -34.48 -29.03 35.59
CA THR B 309 -34.31 -27.73 34.93
C THR B 309 -33.77 -26.65 35.86
N VAL B 310 -34.41 -26.44 37.01
CA VAL B 310 -34.01 -25.40 37.97
C VAL B 310 -32.62 -25.65 38.57
N ALA B 311 -32.36 -26.90 39.03
CA ALA B 311 -31.09 -27.30 39.64
C ALA B 311 -29.91 -27.09 38.72
N GLU B 312 -30.06 -27.48 37.43
CA GLU B 312 -29.05 -27.35 36.37
C GLU B 312 -28.71 -25.88 36.11
N HIS B 313 -29.72 -25.00 36.13
CA HIS B 313 -29.59 -23.56 35.88
C HIS B 313 -28.92 -22.77 36.97
N LEU B 314 -29.18 -23.10 38.22
CA LEU B 314 -28.63 -22.41 39.39
C LEU B 314 -27.11 -22.62 39.53
N ASP B 315 -26.44 -23.17 38.47
CA ASP B 315 -25.00 -23.45 38.38
C ASP B 315 -24.48 -23.20 36.97
N MET B 316 -25.29 -23.52 35.93
CA MET B 316 -25.03 -23.32 34.49
C MET B 316 -24.90 -21.81 34.20
N LEU B 317 -25.61 -20.98 35.00
CA LEU B 317 -25.56 -19.51 34.95
C LEU B 317 -24.18 -19.03 35.48
N MET B 318 -23.65 -19.72 36.53
CA MET B 318 -22.37 -19.41 37.14
C MET B 318 -21.11 -19.74 36.30
N THR B 319 -21.18 -20.73 35.37
CA THR B 319 -20.09 -21.15 34.46
C THR B 319 -20.04 -20.25 33.23
N CYS B 320 -21.23 -19.86 32.70
CA CYS B 320 -21.39 -19.01 31.52
C CYS B 320 -21.02 -17.56 31.79
N HIS B 321 -21.58 -16.97 32.88
CA HIS B 321 -21.37 -15.57 33.28
C HIS B 321 -20.12 -15.36 34.16
N HIS B 322 -19.47 -16.47 34.61
CA HIS B 322 -18.29 -16.50 35.49
C HIS B 322 -18.53 -15.72 36.79
N LEU B 323 -19.41 -16.27 37.65
CA LEU B 323 -19.82 -15.64 38.91
C LEU B 323 -19.10 -16.24 40.13
N ASP B 324 -18.93 -15.41 41.17
CA ASP B 324 -18.30 -15.76 42.44
C ASP B 324 -19.04 -16.90 43.12
N LYS B 325 -18.29 -17.76 43.80
CA LYS B 325 -18.87 -18.89 44.56
C LYS B 325 -19.54 -18.39 45.86
N ARG B 326 -19.35 -17.10 46.22
CA ARG B 326 -19.97 -16.43 47.37
C ARG B 326 -21.49 -16.28 47.14
N ILE B 327 -21.89 -16.16 45.84
CA ILE B 327 -23.26 -16.07 45.35
C ILE B 327 -23.86 -17.50 45.44
N ARG B 328 -24.89 -17.69 46.32
CA ARG B 328 -25.56 -18.96 46.62
C ARG B 328 -25.99 -19.75 45.37
N PHE B 333 -32.16 -18.78 47.22
CA PHE B 333 -31.67 -17.86 46.19
C PHE B 333 -32.82 -17.11 45.49
N SER B 334 -32.48 -16.05 44.71
CA SER B 334 -33.44 -15.25 43.93
C SER B 334 -33.99 -16.09 42.76
N GLN B 335 -33.08 -16.72 41.96
CA GLN B 335 -33.41 -17.58 40.81
C GLN B 335 -34.22 -18.83 41.20
N SER B 336 -34.09 -19.28 42.46
CA SER B 336 -34.81 -20.43 43.01
C SER B 336 -36.33 -20.16 43.22
N ARG B 337 -36.72 -18.87 43.38
CA ARG B 337 -38.11 -18.42 43.57
C ARG B 337 -38.70 -17.87 42.24
N ILE B 338 -37.90 -17.04 41.49
CA ILE B 338 -38.25 -16.42 40.20
C ILE B 338 -38.40 -17.48 39.08
N ARG B 339 -37.37 -18.31 38.90
CA ARG B 339 -37.30 -19.29 37.84
C ARG B 339 -38.43 -20.32 37.72
N PRO B 340 -38.92 -21.05 38.78
CA PRO B 340 -39.98 -22.04 38.54
C PRO B 340 -41.23 -21.49 37.86
N GLY B 341 -41.68 -20.31 38.29
CA GLY B 341 -42.85 -19.64 37.76
C GLY B 341 -42.83 -19.35 36.28
N SER B 342 -41.70 -18.79 35.80
CA SER B 342 -41.50 -18.44 34.40
C SER B 342 -41.19 -19.64 33.50
N ILE B 343 -40.40 -20.64 33.99
CA ILE B 343 -40.06 -21.86 33.24
C ILE B 343 -41.32 -22.68 33.00
N ALA B 344 -42.19 -22.81 34.05
CA ALA B 344 -43.45 -23.54 33.94
C ALA B 344 -44.37 -22.88 32.92
N ALA B 345 -44.55 -21.55 33.04
CA ALA B 345 -45.39 -20.76 32.15
C ALA B 345 -44.95 -20.87 30.70
N GLU B 346 -43.64 -20.82 30.44
CA GLU B 346 -42.99 -20.90 29.13
C GLU B 346 -43.54 -22.06 28.28
N ASP B 347 -43.66 -23.26 28.87
CA ASP B 347 -44.19 -24.45 28.19
C ASP B 347 -45.62 -24.24 27.74
N THR B 348 -46.46 -23.74 28.64
CA THR B 348 -47.86 -23.45 28.33
C THR B 348 -48.02 -22.38 27.26
N LEU B 349 -47.19 -21.31 27.35
CA LEU B 349 -47.16 -20.22 26.39
C LEU B 349 -46.82 -20.70 24.99
N HIS B 350 -45.98 -21.74 24.88
CA HIS B 350 -45.63 -22.36 23.61
C HIS B 350 -46.86 -23.06 23.03
N ASP B 351 -47.58 -23.83 23.88
CA ASP B 351 -48.79 -24.58 23.53
C ASP B 351 -49.91 -23.68 23.11
N MET B 352 -49.98 -22.48 23.72
CA MET B 352 -50.96 -21.43 23.44
C MET B 352 -50.65 -20.61 22.18
N GLY B 353 -49.45 -20.78 21.63
CA GLY B 353 -48.99 -20.05 20.45
C GLY B 353 -48.55 -18.64 20.77
N VAL B 354 -48.19 -18.37 22.05
CA VAL B 354 -47.72 -17.05 22.52
C VAL B 354 -46.23 -16.90 22.16
N ILE B 355 -45.40 -17.95 22.40
CA ILE B 355 -43.98 -17.96 22.01
C ILE B 355 -43.92 -18.61 20.62
N ALA B 356 -43.46 -17.87 19.63
CA ALA B 356 -43.46 -18.28 18.23
C ALA B 356 -42.28 -19.07 17.70
N MET B 357 -41.10 -19.00 18.33
CA MET B 357 -39.93 -19.69 17.82
C MET B 357 -39.17 -20.41 18.88
N THR B 358 -38.42 -21.45 18.52
CA THR B 358 -37.52 -22.15 19.44
C THR B 358 -36.13 -22.03 18.84
N SER B 359 -35.14 -21.70 19.67
CA SER B 359 -33.75 -21.52 19.28
C SER B 359 -32.81 -22.30 20.24
N SER B 360 -31.50 -22.31 19.95
CA SER B 360 -30.53 -23.05 20.73
C SER B 360 -29.77 -22.32 21.84
N ASP B 361 -29.24 -21.10 21.58
CA ASP B 361 -28.31 -20.36 22.49
C ASP B 361 -26.95 -21.14 22.62
N SER B 362 -26.63 -21.93 21.58
CA SER B 362 -25.48 -22.83 21.40
C SER B 362 -24.16 -22.50 22.14
N GLN B 363 -23.79 -23.35 23.13
CA GLN B 363 -22.60 -23.26 23.98
C GLN B 363 -22.52 -21.92 24.76
N ALA B 364 -23.67 -21.25 24.91
CA ALA B 364 -23.75 -19.98 25.61
C ALA B 364 -25.08 -19.86 26.40
N MET B 365 -25.42 -20.97 27.13
CA MET B 365 -26.63 -21.29 27.93
C MET B 365 -27.70 -21.97 27.04
N GLY B 366 -27.27 -23.02 26.33
CA GLY B 366 -28.10 -23.76 25.41
C GLY B 366 -27.39 -24.73 24.47
N ARG B 367 -28.11 -25.77 24.02
CA ARG B 367 -27.57 -26.85 23.18
C ARG B 367 -27.83 -26.78 21.66
N ALA B 368 -26.72 -26.83 20.86
CA ALA B 368 -26.67 -26.79 19.38
C ALA B 368 -27.55 -27.83 18.65
N GLY B 369 -27.41 -29.10 19.03
CA GLY B 369 -28.19 -30.19 18.46
C GLY B 369 -29.35 -30.62 19.33
N GLU B 370 -30.16 -29.64 19.83
CA GLU B 370 -31.31 -29.90 20.70
C GLU B 370 -32.57 -29.11 20.35
N VAL B 371 -32.51 -28.15 19.40
CA VAL B 371 -33.66 -27.33 19.00
C VAL B 371 -34.86 -28.20 18.64
N ILE B 372 -34.66 -29.10 17.64
CA ILE B 372 -35.71 -29.99 17.15
C ILE B 372 -36.22 -30.98 18.21
N PRO B 373 -35.36 -31.83 18.87
CA PRO B 373 -35.87 -32.75 19.90
C PRO B 373 -36.67 -32.05 21.01
N ARG B 374 -36.09 -30.99 21.59
CA ARG B 374 -36.72 -30.23 22.67
C ARG B 374 -38.04 -29.57 22.32
N THR B 375 -38.23 -29.18 21.04
CA THR B 375 -39.51 -28.62 20.59
C THR B 375 -40.58 -29.72 20.68
N TRP B 376 -40.28 -30.91 20.13
CA TRP B 376 -41.20 -32.05 20.17
C TRP B 376 -41.41 -32.64 21.56
N GLN B 377 -40.38 -32.54 22.43
CA GLN B 377 -40.48 -33.00 23.82
C GLN B 377 -41.51 -32.14 24.56
N THR B 378 -41.50 -30.81 24.30
CA THR B 378 -42.43 -29.82 24.86
C THR B 378 -43.85 -30.06 24.33
N ALA B 379 -43.97 -30.30 22.99
CA ALA B 379 -45.25 -30.58 22.33
C ALA B 379 -45.89 -31.79 23.00
N ASP B 380 -45.09 -32.86 23.17
CA ASP B 380 -45.48 -34.12 23.79
C ASP B 380 -45.87 -33.95 25.26
N LYS B 381 -45.04 -33.21 26.04
CA LYS B 381 -45.25 -32.91 27.46
C LYS B 381 -46.61 -32.28 27.68
N ASN B 382 -46.91 -31.21 26.91
CA ASN B 382 -48.16 -30.46 26.97
C ASN B 382 -49.34 -31.30 26.63
N LYS B 383 -49.27 -32.05 25.50
CA LYS B 383 -50.31 -33.01 25.09
C LYS B 383 -50.60 -33.95 26.26
N LYS B 384 -49.54 -34.51 26.89
CA LYS B 384 -49.66 -35.42 28.02
C LYS B 384 -50.29 -34.77 29.26
N GLU B 385 -50.03 -33.46 29.49
CA GLU B 385 -50.55 -32.74 30.66
C GLU B 385 -51.93 -32.10 30.46
N PHE B 386 -52.10 -31.35 29.36
CA PHE B 386 -53.30 -30.59 28.99
C PHE B 386 -54.24 -31.30 28.04
N GLY B 387 -53.80 -32.43 27.52
CA GLY B 387 -54.59 -33.21 26.57
C GLY B 387 -54.55 -32.63 25.18
N ARG B 388 -55.28 -33.28 24.26
CA ARG B 388 -55.42 -32.89 22.86
C ARG B 388 -55.96 -31.44 22.76
N LEU B 389 -55.42 -30.63 21.83
CA LEU B 389 -55.89 -29.25 21.68
C LEU B 389 -57.35 -29.22 21.27
N THR B 390 -58.10 -28.25 21.79
CA THR B 390 -59.51 -28.05 21.44
C THR B 390 -59.65 -27.68 19.95
N GLU B 391 -58.59 -27.08 19.38
CA GLU B 391 -58.43 -26.63 18.01
C GLU B 391 -58.41 -27.80 17.02
N GLU B 392 -58.07 -29.03 17.50
CA GLU B 392 -57.99 -30.24 16.67
C GLU B 392 -59.33 -30.62 16.08
N LYS B 393 -59.30 -31.15 14.84
CA LYS B 393 -60.46 -31.63 14.08
C LYS B 393 -60.14 -33.08 13.73
N GLY B 394 -60.74 -34.01 14.46
CA GLY B 394 -60.51 -35.44 14.25
C GLY B 394 -59.61 -36.07 15.28
N ASP B 395 -59.41 -37.40 15.19
CA ASP B 395 -58.55 -38.14 16.11
C ASP B 395 -57.07 -37.96 15.69
N ASN B 396 -56.56 -36.72 15.85
CA ASN B 396 -55.21 -36.34 15.48
C ASN B 396 -54.77 -35.09 16.20
N ASP B 397 -53.44 -34.84 16.16
CA ASP B 397 -52.78 -33.70 16.76
C ASP B 397 -52.22 -32.76 15.66
N ASN B 398 -52.82 -32.80 14.48
CA ASN B 398 -52.35 -32.02 13.34
C ASN B 398 -52.11 -30.53 13.59
N PHE B 399 -53.06 -29.84 14.27
CA PHE B 399 -52.95 -28.42 14.59
C PHE B 399 -51.76 -28.14 15.53
N ARG B 400 -51.61 -28.96 16.62
CA ARG B 400 -50.50 -28.83 17.57
C ARG B 400 -49.19 -29.05 16.84
N ILE B 401 -49.12 -30.08 15.96
CA ILE B 401 -47.94 -30.41 15.17
C ILE B 401 -47.50 -29.20 14.31
N LYS B 402 -48.46 -28.63 13.56
CA LYS B 402 -48.27 -27.46 12.70
C LYS B 402 -47.79 -26.26 13.53
N ARG B 403 -48.36 -26.07 14.75
CA ARG B 403 -47.97 -25.01 15.67
C ARG B 403 -46.50 -25.16 16.09
N TYR B 404 -46.10 -26.40 16.46
CA TYR B 404 -44.73 -26.69 16.88
C TYR B 404 -43.70 -26.69 15.76
N ILE B 405 -44.01 -27.28 14.58
CA ILE B 405 -43.05 -27.31 13.48
C ILE B 405 -42.68 -25.88 13.01
N SER B 406 -43.67 -24.97 13.02
CA SER B 406 -43.52 -23.57 12.62
C SER B 406 -42.47 -22.85 13.49
N LYS B 407 -42.29 -23.29 14.75
CA LYS B 407 -41.36 -22.68 15.72
C LYS B 407 -39.91 -22.70 15.28
N TYR B 408 -39.48 -23.74 14.55
CA TYR B 408 -38.07 -23.88 14.11
C TYR B 408 -37.88 -23.90 12.58
N THR B 409 -38.98 -23.75 11.82
CA THR B 409 -38.94 -23.73 10.35
C THR B 409 -39.36 -22.37 9.80
N ILE B 410 -40.67 -22.14 9.61
CA ILE B 410 -41.21 -20.92 9.01
C ILE B 410 -41.10 -19.63 9.83
N ASN B 411 -41.49 -19.64 11.12
CA ASN B 411 -41.43 -18.46 11.97
C ASN B 411 -40.02 -17.85 12.10
N PRO B 412 -38.90 -18.61 12.31
CA PRO B 412 -37.56 -17.96 12.28
C PRO B 412 -37.27 -17.33 10.90
N ALA B 413 -37.71 -17.99 9.79
CA ALA B 413 -37.51 -17.50 8.41
C ALA B 413 -38.20 -16.17 8.20
N ILE B 414 -39.45 -16.04 8.72
CA ILE B 414 -40.25 -14.80 8.61
C ILE B 414 -39.54 -13.67 9.37
N THR B 415 -39.10 -13.97 10.62
CA THR B 415 -38.41 -13.04 11.51
C THR B 415 -37.16 -12.46 10.85
N HIS B 416 -36.34 -13.31 10.22
CA HIS B 416 -35.07 -12.89 9.66
C HIS B 416 -35.04 -12.44 8.20
N GLY B 417 -36.21 -12.44 7.57
CA GLY B 417 -36.37 -11.97 6.19
C GLY B 417 -35.84 -12.88 5.11
N VAL B 418 -35.96 -14.21 5.32
CA VAL B 418 -35.52 -15.24 4.37
C VAL B 418 -36.67 -16.22 4.01
N SER B 419 -37.92 -15.89 4.40
CA SER B 419 -39.13 -16.70 4.17
C SER B 419 -39.44 -16.96 2.70
N GLU B 420 -38.90 -16.14 1.77
CA GLU B 420 -39.09 -16.30 0.33
C GLU B 420 -38.18 -17.39 -0.27
N TYR B 421 -37.07 -17.71 0.42
CA TYR B 421 -36.08 -18.66 -0.04
C TYR B 421 -36.21 -20.02 0.63
N ILE B 422 -36.32 -20.00 1.98
CA ILE B 422 -36.33 -21.19 2.84
C ILE B 422 -37.45 -21.13 3.91
N GLY B 423 -37.47 -22.13 4.80
CA GLY B 423 -38.43 -22.18 5.91
C GLY B 423 -39.59 -23.15 5.79
N SER B 424 -40.01 -23.52 4.57
CA SER B 424 -41.14 -24.45 4.39
C SER B 424 -41.06 -25.30 3.13
N VAL B 425 -41.85 -26.40 3.10
CA VAL B 425 -41.92 -27.31 1.94
C VAL B 425 -42.92 -26.72 0.93
N GLU B 426 -42.47 -25.76 0.11
CA GLU B 426 -43.34 -25.09 -0.86
C GLU B 426 -42.67 -24.93 -2.22
N GLU B 427 -43.48 -25.02 -3.31
CA GLU B 427 -42.99 -24.87 -4.69
C GLU B 427 -42.32 -23.53 -4.85
N GLY B 428 -41.16 -23.52 -5.49
CA GLY B 428 -40.39 -22.30 -5.74
C GLY B 428 -39.29 -22.01 -4.75
N LYS B 429 -39.38 -22.63 -3.55
CA LYS B 429 -38.38 -22.44 -2.49
C LYS B 429 -37.15 -23.31 -2.74
N ILE B 430 -36.03 -22.95 -2.09
CA ILE B 430 -34.79 -23.73 -2.14
C ILE B 430 -35.06 -25.08 -1.47
N ALA B 431 -34.52 -26.15 -2.06
CA ALA B 431 -34.69 -27.52 -1.58
C ALA B 431 -33.74 -27.86 -0.42
N ASP B 432 -34.03 -27.26 0.75
CA ASP B 432 -33.39 -27.51 2.04
C ASP B 432 -34.46 -28.36 2.80
N LEU B 433 -34.35 -29.69 2.70
CA LEU B 433 -35.30 -30.65 3.29
C LEU B 433 -34.62 -31.71 4.13
N VAL B 434 -35.37 -32.31 5.07
CA VAL B 434 -34.89 -33.38 5.96
C VAL B 434 -35.82 -34.59 5.82
N VAL B 435 -35.23 -35.79 5.60
CA VAL B 435 -36.00 -37.04 5.49
C VAL B 435 -35.91 -37.75 6.86
N TRP B 436 -37.06 -38.11 7.46
CA TRP B 436 -37.11 -38.77 8.75
C TRP B 436 -37.81 -40.09 8.68
N ASN B 437 -37.32 -41.08 9.46
CA ASN B 437 -38.03 -42.35 9.63
C ASN B 437 -39.00 -42.08 10.81
N PRO B 438 -40.32 -42.28 10.66
CA PRO B 438 -41.26 -41.96 11.76
C PRO B 438 -40.89 -42.41 13.18
N ALA B 439 -40.24 -43.60 13.33
CA ALA B 439 -39.79 -44.11 14.64
C ALA B 439 -38.73 -43.21 15.28
N PHE B 440 -38.05 -42.38 14.47
CA PHE B 440 -36.96 -41.49 14.88
C PHE B 440 -37.28 -40.02 14.63
N PHE B 441 -38.55 -39.71 14.29
CA PHE B 441 -38.96 -38.33 14.01
C PHE B 441 -38.65 -37.43 15.19
N GLY B 442 -38.01 -36.31 14.89
CA GLY B 442 -37.64 -35.28 15.84
C GLY B 442 -36.40 -35.57 16.65
N VAL B 443 -35.85 -36.78 16.57
CA VAL B 443 -34.65 -37.14 17.34
C VAL B 443 -33.40 -37.49 16.47
N LYS B 444 -33.59 -38.33 15.43
CA LYS B 444 -32.53 -38.76 14.54
C LYS B 444 -32.95 -38.74 13.06
N PRO B 445 -32.49 -37.71 12.27
CA PRO B 445 -32.84 -37.66 10.83
C PRO B 445 -32.10 -38.70 10.00
N LYS B 446 -32.62 -39.02 8.79
CA LYS B 446 -32.01 -39.99 7.89
C LYS B 446 -31.09 -39.29 6.87
N ILE B 447 -31.66 -38.32 6.11
CA ILE B 447 -30.99 -37.58 5.05
C ILE B 447 -31.25 -36.09 5.19
N ILE B 448 -30.20 -35.29 4.93
CA ILE B 448 -30.26 -33.83 4.92
C ILE B 448 -29.95 -33.43 3.48
N ILE B 449 -30.95 -32.82 2.80
CA ILE B 449 -30.87 -32.25 1.44
C ILE B 449 -30.75 -30.73 1.58
N LYS B 450 -29.74 -30.13 0.93
CA LYS B 450 -29.53 -28.69 0.88
C LYS B 450 -29.27 -28.29 -0.56
N GLY B 451 -30.10 -27.40 -1.08
CA GLY B 451 -29.98 -26.93 -2.46
C GLY B 451 -30.11 -28.05 -3.47
N GLY B 452 -31.00 -29.00 -3.19
CA GLY B 452 -31.28 -30.14 -4.05
C GLY B 452 -30.29 -31.29 -4.04
N MET B 453 -29.26 -31.22 -3.21
CA MET B 453 -28.24 -32.25 -3.08
C MET B 453 -28.19 -32.80 -1.67
N VAL B 454 -27.81 -34.06 -1.50
CA VAL B 454 -27.64 -34.62 -0.16
C VAL B 454 -26.30 -34.06 0.36
N VAL B 455 -26.34 -33.36 1.51
CA VAL B 455 -25.15 -32.76 2.13
C VAL B 455 -24.65 -33.51 3.36
N PHE B 456 -25.55 -34.21 4.06
CA PHE B 456 -25.25 -34.92 5.31
C PHE B 456 -26.27 -36.04 5.47
N SER B 457 -25.84 -37.19 5.98
CA SER B 457 -26.74 -38.33 6.19
C SER B 457 -26.16 -39.37 7.16
N GLU B 458 -27.02 -40.27 7.67
CA GLU B 458 -26.60 -41.38 8.51
C GLU B 458 -26.05 -42.42 7.53
N MET B 459 -24.80 -42.84 7.75
CA MET B 459 -24.08 -43.75 6.88
C MET B 459 -23.34 -44.84 7.68
N GLY B 460 -23.40 -46.08 7.17
CA GLY B 460 -22.72 -47.22 7.74
C GLY B 460 -21.31 -47.40 7.20
N ASP B 461 -20.65 -48.53 7.57
CA ASP B 461 -19.28 -48.93 7.17
C ASP B 461 -18.91 -48.55 5.72
N SER B 462 -17.81 -47.74 5.54
CA SER B 462 -17.31 -47.23 4.26
C SER B 462 -16.79 -48.33 3.33
N ASN B 463 -16.29 -49.43 3.94
CA ASN B 463 -15.80 -50.60 3.22
C ASN B 463 -16.98 -51.47 2.81
N ALA B 464 -17.96 -51.70 3.73
CA ALA B 464 -19.17 -52.52 3.61
C ALA B 464 -19.80 -52.73 2.24
N SER B 465 -20.35 -53.95 2.03
CA SER B 465 -21.01 -54.37 0.79
C SER B 465 -22.33 -53.65 0.49
N VAL B 466 -22.94 -53.00 1.50
CA VAL B 466 -24.17 -52.21 1.40
C VAL B 466 -24.03 -50.93 2.32
N PRO B 467 -24.94 -49.91 2.29
CA PRO B 467 -24.74 -48.74 3.18
C PRO B 467 -25.28 -48.87 4.63
N THR B 468 -25.90 -50.03 4.97
CA THR B 468 -26.52 -50.38 6.26
C THR B 468 -25.59 -50.97 7.39
N PRO B 469 -24.46 -51.70 7.12
CA PRO B 469 -23.66 -52.28 8.21
C PRO B 469 -23.12 -51.32 9.24
N GLN B 470 -22.98 -51.81 10.46
CA GLN B 470 -22.51 -51.04 11.60
C GLN B 470 -21.01 -50.73 11.54
N PRO B 471 -20.52 -49.59 12.10
CA PRO B 471 -21.27 -48.55 12.83
C PRO B 471 -21.92 -47.51 11.93
N VAL B 472 -23.23 -47.30 12.12
CA VAL B 472 -23.99 -46.29 11.38
C VAL B 472 -23.88 -45.00 12.16
N TYR B 473 -23.24 -43.98 11.55
CA TYR B 473 -23.11 -42.66 12.14
C TYR B 473 -23.22 -41.54 11.10
N TYR B 474 -23.44 -40.29 11.54
CA TYR B 474 -23.60 -39.15 10.64
C TYR B 474 -22.31 -38.73 9.98
N ARG B 475 -22.36 -38.58 8.64
CA ARG B 475 -21.20 -38.21 7.80
C ARG B 475 -21.55 -37.17 6.75
N GLU B 476 -20.56 -36.37 6.33
CA GLU B 476 -20.73 -35.36 5.28
C GLU B 476 -20.84 -36.03 3.91
N MET B 477 -21.79 -35.57 3.10
CA MET B 477 -22.02 -36.10 1.76
C MET B 477 -21.48 -35.19 0.68
N PHE B 478 -21.56 -35.60 -0.61
CA PHE B 478 -21.03 -34.83 -1.74
C PHE B 478 -21.42 -33.33 -1.85
N GLY B 479 -22.65 -33.01 -1.44
CA GLY B 479 -23.17 -31.66 -1.46
C GLY B 479 -22.48 -30.69 -0.54
N HIS B 480 -21.78 -31.24 0.48
CA HIS B 480 -21.01 -30.54 1.51
C HIS B 480 -19.54 -30.33 1.09
N HIS B 481 -19.14 -30.92 -0.05
CA HIS B 481 -17.75 -30.91 -0.48
C HIS B 481 -17.44 -30.16 -1.75
N GLY B 482 -16.14 -30.00 -2.00
CA GLY B 482 -15.55 -29.35 -3.16
C GLY B 482 -16.14 -28.00 -3.47
N LYS B 483 -16.54 -27.81 -4.71
CA LYS B 483 -17.15 -26.59 -5.17
C LYS B 483 -18.69 -26.74 -5.17
N ALA B 484 -19.18 -27.98 -4.89
CA ALA B 484 -20.61 -28.27 -4.78
C ALA B 484 -21.20 -27.61 -3.55
N LYS B 485 -20.38 -27.37 -2.50
CA LYS B 485 -20.84 -26.70 -1.27
C LYS B 485 -21.17 -25.25 -1.54
N PHE B 486 -20.48 -24.64 -2.54
CA PHE B 486 -20.77 -23.26 -2.95
C PHE B 486 -22.10 -23.18 -3.67
N ASP B 487 -22.51 -24.30 -4.29
CA ASP B 487 -23.75 -24.41 -5.01
C ASP B 487 -24.92 -24.72 -4.06
N THR B 488 -24.68 -25.44 -2.95
CA THR B 488 -25.73 -25.83 -2.02
C THR B 488 -25.90 -24.94 -0.77
N SER B 489 -24.93 -24.03 -0.49
CA SER B 489 -24.95 -23.19 0.71
C SER B 489 -25.13 -21.70 0.44
N ILE B 490 -25.83 -21.00 1.35
CA ILE B 490 -26.14 -19.58 1.25
C ILE B 490 -25.56 -18.79 2.43
N THR B 491 -24.97 -17.65 2.11
CA THR B 491 -24.48 -16.70 3.09
C THR B 491 -25.44 -15.52 2.92
N PHE B 492 -26.31 -15.29 3.91
CA PHE B 492 -27.24 -14.19 3.84
C PHE B 492 -26.56 -12.92 4.30
N VAL B 493 -26.88 -11.79 3.64
CA VAL B 493 -26.33 -10.46 3.90
C VAL B 493 -27.48 -9.44 3.87
N SER B 494 -27.18 -8.15 4.17
CA SER B 494 -28.16 -7.08 4.08
C SER B 494 -28.35 -6.73 2.60
N LYS B 495 -29.44 -6.01 2.26
CA LYS B 495 -29.68 -5.58 0.89
C LYS B 495 -28.58 -4.62 0.44
N VAL B 496 -28.23 -3.63 1.28
CA VAL B 496 -27.17 -2.65 1.01
C VAL B 496 -25.87 -3.35 0.62
N ALA B 497 -25.40 -4.35 1.42
CA ALA B 497 -24.18 -5.12 1.15
C ALA B 497 -24.33 -5.89 -0.18
N TYR B 498 -25.42 -6.66 -0.33
CA TYR B 498 -25.74 -7.45 -1.53
C TYR B 498 -25.66 -6.61 -2.79
N GLU B 499 -26.43 -5.51 -2.82
CA GLU B 499 -26.53 -4.54 -3.91
C GLU B 499 -25.20 -3.84 -4.19
N ASN B 500 -24.30 -3.75 -3.18
CA ASN B 500 -22.98 -3.16 -3.38
C ASN B 500 -21.86 -4.18 -3.66
N GLY B 501 -22.25 -5.36 -4.12
CA GLY B 501 -21.34 -6.43 -4.53
C GLY B 501 -20.43 -7.02 -3.48
N ILE B 502 -20.95 -7.26 -2.27
CA ILE B 502 -20.19 -7.88 -1.17
C ILE B 502 -19.59 -9.22 -1.60
N LYS B 503 -20.35 -10.02 -2.39
CA LYS B 503 -19.95 -11.33 -2.92
C LYS B 503 -18.62 -11.24 -3.66
N GLU B 504 -18.54 -10.34 -4.63
CA GLU B 504 -17.39 -10.10 -5.49
C GLU B 504 -16.24 -9.50 -4.70
N LYS B 505 -16.55 -8.43 -3.94
CA LYS B 505 -15.62 -7.68 -3.11
C LYS B 505 -14.90 -8.52 -2.05
N LEU B 506 -15.60 -9.53 -1.46
CA LEU B 506 -15.00 -10.44 -0.46
C LEU B 506 -14.59 -11.77 -1.10
N GLY B 507 -14.84 -11.92 -2.40
CA GLY B 507 -14.51 -13.11 -3.15
C GLY B 507 -15.18 -14.35 -2.65
N LEU B 508 -16.45 -14.20 -2.21
CA LEU B 508 -17.28 -15.30 -1.71
C LEU B 508 -17.81 -16.07 -2.92
N GLU B 509 -17.61 -17.40 -2.88
CA GLU B 509 -17.99 -18.33 -3.96
C GLU B 509 -19.37 -18.93 -3.68
N ARG B 510 -19.81 -18.86 -2.41
CA ARG B 510 -21.11 -19.33 -1.91
C ARG B 510 -22.23 -18.51 -2.52
N LYS B 511 -23.48 -19.00 -2.41
CA LYS B 511 -24.64 -18.26 -2.91
C LYS B 511 -24.88 -17.11 -1.93
N VAL B 512 -24.88 -15.88 -2.42
CA VAL B 512 -25.10 -14.70 -1.55
C VAL B 512 -26.49 -14.14 -1.83
N LEU B 513 -27.33 -14.09 -0.79
CA LEU B 513 -28.72 -13.62 -0.93
C LEU B 513 -29.06 -12.59 0.13
N PRO B 514 -29.86 -11.56 -0.23
CA PRO B 514 -30.20 -10.55 0.79
C PRO B 514 -31.40 -10.90 1.66
N VAL B 515 -31.36 -10.45 2.92
CA VAL B 515 -32.49 -10.55 3.83
C VAL B 515 -33.40 -9.36 3.50
N LYS B 516 -34.71 -9.60 3.43
CA LYS B 516 -35.66 -8.55 3.07
C LYS B 516 -36.98 -8.77 3.80
N ASN B 517 -37.67 -7.66 4.14
CA ASN B 517 -38.96 -7.64 4.83
C ASN B 517 -38.88 -8.12 6.29
N CYS B 518 -38.02 -7.43 7.08
CA CYS B 518 -37.75 -7.66 8.51
C CYS B 518 -38.51 -6.69 9.37
N ARG B 519 -38.67 -5.46 8.88
CA ARG B 519 -39.23 -4.36 9.65
C ARG B 519 -40.71 -4.38 9.87
N ASN B 520 -41.48 -4.96 8.94
CA ASN B 520 -42.94 -5.02 9.09
C ASN B 520 -43.47 -6.40 9.42
N VAL B 521 -42.68 -7.20 10.14
CA VAL B 521 -43.17 -8.48 10.62
C VAL B 521 -43.59 -8.31 12.09
N THR B 522 -44.87 -8.57 12.35
CA THR B 522 -45.45 -8.52 13.70
C THR B 522 -45.87 -9.94 14.04
N LYS B 523 -46.52 -10.10 15.20
CA LYS B 523 -47.03 -11.39 15.63
C LYS B 523 -48.06 -11.97 14.62
N LYS B 524 -48.85 -11.09 13.99
CA LYS B 524 -49.88 -11.43 13.02
C LYS B 524 -49.33 -12.18 11.79
N ASP B 525 -48.05 -11.92 11.46
CA ASP B 525 -47.36 -12.49 10.32
C ASP B 525 -46.93 -13.95 10.47
N PHE B 526 -46.84 -14.45 11.72
CA PHE B 526 -46.41 -15.82 12.02
C PHE B 526 -47.39 -16.89 11.58
N LYS B 527 -46.95 -18.14 11.60
CA LYS B 527 -47.80 -19.26 11.23
C LYS B 527 -48.09 -20.08 12.50
N PHE B 528 -49.40 -20.19 12.85
CA PHE B 528 -49.91 -20.94 14.01
C PHE B 528 -49.47 -20.46 15.40
N ASN B 529 -48.75 -19.32 15.49
CA ASN B 529 -48.29 -18.75 16.76
C ASN B 529 -48.44 -17.23 16.71
N ASN B 530 -49.69 -16.77 16.53
CA ASN B 530 -50.05 -15.34 16.40
C ASN B 530 -50.70 -14.77 17.67
N THR B 531 -50.69 -15.55 18.76
CA THR B 531 -51.34 -15.23 20.02
C THR B 531 -50.75 -14.04 20.78
N THR B 532 -51.60 -13.06 21.09
CA THR B 532 -51.24 -11.88 21.88
C THR B 532 -52.12 -11.87 23.11
N ALA B 533 -51.56 -11.46 24.25
CA ALA B 533 -52.30 -11.45 25.50
C ALA B 533 -51.71 -10.43 26.48
N LYS B 534 -52.38 -10.24 27.65
CA LYS B 534 -51.85 -9.37 28.68
C LYS B 534 -51.13 -10.28 29.68
N ILE B 535 -49.79 -10.38 29.50
CA ILE B 535 -48.90 -11.19 30.33
C ILE B 535 -48.38 -10.34 31.49
N THR B 536 -48.61 -10.83 32.71
CA THR B 536 -48.25 -10.16 33.96
C THR B 536 -47.51 -11.17 34.85
N VAL B 537 -46.62 -10.65 35.69
CA VAL B 537 -45.88 -11.46 36.67
C VAL B 537 -46.11 -10.85 38.06
N ASN B 538 -46.53 -11.70 39.03
CA ASN B 538 -46.71 -11.28 40.44
C ASN B 538 -45.29 -10.99 40.98
N PRO B 539 -44.97 -9.77 41.49
CA PRO B 539 -43.58 -9.51 41.90
C PRO B 539 -43.16 -10.17 43.23
N GLU B 540 -44.15 -10.80 43.91
CA GLU B 540 -43.94 -11.49 45.17
C GLU B 540 -43.88 -13.01 45.01
N THR B 541 -44.84 -13.60 44.27
CA THR B 541 -44.90 -15.06 44.03
C THR B 541 -44.14 -15.51 42.79
N PHE B 542 -43.90 -14.58 41.83
CA PHE B 542 -43.23 -14.80 40.53
C PHE B 542 -44.04 -15.64 39.56
N GLU B 543 -45.33 -15.83 39.87
CA GLU B 543 -46.31 -16.56 39.07
C GLU B 543 -46.66 -15.74 37.85
N VAL B 544 -46.85 -16.44 36.73
CA VAL B 544 -47.16 -15.78 35.47
C VAL B 544 -48.64 -15.87 35.16
N PHE B 545 -49.20 -14.75 34.69
CA PHE B 545 -50.62 -14.62 34.37
C PHE B 545 -50.90 -14.25 32.94
N VAL B 546 -51.81 -14.99 32.29
CA VAL B 546 -52.22 -14.66 30.93
C VAL B 546 -53.65 -14.18 31.02
N ASN B 547 -53.85 -12.86 30.85
CA ASN B 547 -55.15 -12.19 30.95
C ASN B 547 -55.81 -12.45 32.31
N GLY B 548 -54.99 -12.45 33.36
CA GLY B 548 -55.48 -12.64 34.72
C GLY B 548 -55.58 -14.07 35.20
N LYS B 549 -55.41 -15.05 34.31
CA LYS B 549 -55.47 -16.47 34.67
C LYS B 549 -54.02 -17.02 34.81
N LEU B 550 -53.74 -17.72 35.92
CA LEU B 550 -52.44 -18.31 36.19
C LEU B 550 -52.03 -19.22 35.07
N CYS B 551 -50.86 -18.92 34.51
CA CYS B 551 -50.26 -19.68 33.44
C CYS B 551 -49.15 -20.51 34.03
N THR B 552 -49.31 -21.83 33.99
CA THR B 552 -48.33 -22.75 34.55
C THR B 552 -48.30 -24.13 33.84
N SER B 553 -47.41 -25.03 34.31
CA SER B 553 -47.23 -26.41 33.88
C SER B 553 -46.45 -27.18 34.96
N LYS B 554 -46.61 -28.51 35.00
CA LYS B 554 -45.93 -29.36 35.98
C LYS B 554 -44.59 -29.81 35.40
N PRO B 555 -43.51 -29.97 36.20
CA PRO B 555 -42.23 -30.43 35.61
C PRO B 555 -42.24 -31.90 35.22
N ALA B 556 -41.66 -32.23 34.07
CA ALA B 556 -41.59 -33.61 33.58
C ALA B 556 -40.57 -34.45 34.37
N THR B 557 -40.89 -35.71 34.63
CA THR B 557 -39.96 -36.61 35.33
C THR B 557 -39.14 -37.40 34.30
N GLU B 558 -39.72 -37.54 33.09
CA GLU B 558 -39.13 -38.16 31.90
C GLU B 558 -39.65 -37.54 30.62
N VAL B 559 -38.80 -37.47 29.60
CA VAL B 559 -39.17 -36.88 28.31
C VAL B 559 -39.09 -37.92 27.18
N ALA B 560 -39.85 -37.68 26.08
CA ALA B 560 -39.83 -38.49 24.87
C ALA B 560 -38.58 -38.13 24.09
N LEU B 561 -38.26 -38.88 23.02
CA LEU B 561 -37.11 -38.62 22.14
C LEU B 561 -35.80 -38.36 22.93
N ALA B 562 -35.46 -39.29 23.85
CA ALA B 562 -34.29 -39.14 24.69
C ALA B 562 -33.62 -40.47 24.98
N SER B 563 -33.94 -41.06 26.14
CA SER B 563 -33.40 -42.30 26.69
C SER B 563 -33.36 -43.51 25.75
N ARG B 564 -34.35 -43.65 24.86
CA ARG B 564 -34.46 -44.77 23.92
C ARG B 564 -33.47 -44.69 22.75
N TYR B 565 -33.04 -43.48 22.41
CA TYR B 565 -32.25 -43.15 21.22
C TYR B 565 -30.76 -42.86 21.42
N THR B 566 -30.37 -42.40 22.61
CA THR B 566 -28.99 -42.00 22.87
C THR B 566 -28.18 -42.92 23.77
N PHE B 567 -26.86 -43.03 23.48
CA PHE B 567 -25.95 -43.86 24.27
C PHE B 567 -25.53 -43.14 25.56
N PHE B 568 -25.17 -41.85 25.47
CA PHE B 568 -24.72 -41.00 26.58
C PHE B 568 -25.54 -39.71 26.81
N FME C 1 -27.08 -47.43 14.47
CN FME C 1 -28.27 -47.48 13.88
O1 FME C 1 -28.49 -48.06 12.81
CA FME C 1 -26.84 -46.70 15.73
CB FME C 1 -25.37 -46.86 16.15
CG FME C 1 -25.02 -48.20 16.70
SD FME C 1 -23.33 -48.23 17.34
CE FME C 1 -23.62 -47.61 19.00
C FME C 1 -27.15 -45.21 15.61
O FME C 1 -27.66 -44.62 16.57
N LYS C 2 -26.81 -44.60 14.43
CA LYS C 2 -26.96 -43.19 14.07
C LYS C 2 -26.19 -42.29 15.07
N LEU C 3 -24.88 -42.58 15.26
CA LEU C 3 -24.04 -41.84 16.20
C LEU C 3 -23.70 -40.44 15.77
N THR C 4 -24.19 -39.48 16.57
CA THR C 4 -23.98 -38.04 16.36
C THR C 4 -22.52 -37.68 16.71
N PRO C 5 -21.90 -36.62 16.11
CA PRO C 5 -20.51 -36.27 16.47
C PRO C 5 -20.29 -36.05 17.98
N LYS C 6 -21.34 -35.60 18.72
CA LYS C 6 -21.28 -35.38 20.17
C LYS C 6 -21.23 -36.75 20.92
N GLU C 7 -21.91 -37.80 20.39
CA GLU C 7 -21.89 -39.15 20.99
C GLU C 7 -20.48 -39.77 20.81
N GLN C 8 -19.83 -39.50 19.65
CA GLN C 8 -18.46 -39.96 19.34
C GLN C 8 -17.44 -39.37 20.32
N GLU C 9 -17.64 -38.09 20.74
CA GLU C 9 -16.81 -37.37 21.72
C GLU C 9 -16.93 -38.05 23.07
N LYS C 10 -18.19 -38.30 23.51
CA LYS C 10 -18.50 -38.94 24.80
C LYS C 10 -17.88 -40.33 24.96
N PHE C 11 -17.72 -41.12 23.86
CA PHE C 11 -17.06 -42.43 23.90
C PHE C 11 -15.61 -42.27 24.33
N LEU C 12 -14.90 -41.26 23.76
CA LEU C 12 -13.51 -40.96 24.09
C LEU C 12 -13.40 -40.56 25.55
N LEU C 13 -14.27 -39.62 26.01
CA LEU C 13 -14.32 -39.20 27.41
C LEU C 13 -14.55 -40.40 28.32
N TYR C 14 -15.54 -41.26 27.98
CA TYR C 14 -15.86 -42.43 28.77
C TYR C 14 -14.72 -43.43 28.78
N TYR C 15 -14.04 -43.64 27.63
CA TYR C 15 -12.90 -44.58 27.61
C TYR C 15 -11.76 -44.07 28.47
N ALA C 16 -11.48 -42.74 28.41
CA ALA C 16 -10.47 -42.05 29.22
C ALA C 16 -10.79 -42.27 30.73
N GLY C 17 -12.08 -42.21 31.09
CA GLY C 17 -12.56 -42.47 32.43
C GLY C 17 -12.27 -43.90 32.86
N GLU C 18 -12.49 -44.87 31.94
CA GLU C 18 -12.23 -46.29 32.16
C GLU C 18 -10.73 -46.56 32.37
N VAL C 19 -9.85 -45.92 31.56
CA VAL C 19 -8.40 -46.06 31.71
C VAL C 19 -7.96 -45.50 33.07
N ALA C 20 -8.50 -44.31 33.45
CA ALA C 20 -8.23 -43.66 34.74
C ALA C 20 -8.63 -44.57 35.90
N ARG C 21 -9.80 -45.23 35.81
CA ARG C 21 -10.30 -46.16 36.83
C ARG C 21 -9.31 -47.30 37.03
N LYS C 22 -8.79 -47.86 35.93
CA LYS C 22 -7.82 -48.95 35.92
C LYS C 22 -6.54 -48.54 36.65
N ARG C 23 -6.02 -47.34 36.32
CA ARG C 23 -4.81 -46.77 36.91
C ARG C 23 -4.95 -46.49 38.40
N LYS C 24 -6.14 -46.04 38.85
CA LYS C 24 -6.47 -45.80 40.26
C LYS C 24 -6.46 -47.13 41.00
N GLU C 25 -7.02 -48.19 40.38
CA GLU C 25 -7.08 -49.55 40.92
C GLU C 25 -5.67 -50.10 41.08
N GLU C 26 -4.72 -49.72 40.18
CA GLU C 26 -3.29 -50.09 40.21
C GLU C 26 -2.59 -49.33 41.35
N GLY C 27 -3.27 -48.35 41.93
CA GLY C 27 -2.74 -47.55 43.01
C GLY C 27 -1.91 -46.38 42.55
N LEU C 28 -2.14 -45.91 41.33
CA LEU C 28 -1.42 -44.76 40.80
C LEU C 28 -2.16 -43.49 41.13
N LYS C 29 -1.41 -42.42 41.46
CA LYS C 29 -1.99 -41.13 41.76
C LYS C 29 -2.33 -40.51 40.41
N LEU C 30 -3.63 -40.21 40.20
CA LEU C 30 -4.14 -39.67 38.94
C LEU C 30 -3.64 -38.25 38.65
N ASN C 31 -3.41 -37.95 37.37
CA ASN C 31 -2.95 -36.61 36.94
C ASN C 31 -4.16 -35.76 36.55
N GLN C 32 -3.95 -34.51 36.05
CA GLN C 32 -5.05 -33.63 35.65
C GLN C 32 -6.07 -34.27 34.69
N PRO C 33 -5.70 -34.72 33.46
CA PRO C 33 -6.72 -35.31 32.57
C PRO C 33 -7.36 -36.61 33.07
N GLU C 34 -6.59 -37.45 33.78
CA GLU C 34 -7.09 -38.71 34.34
C GLU C 34 -8.18 -38.42 35.38
N ALA C 35 -7.91 -37.46 36.30
CA ALA C 35 -8.85 -37.06 37.35
C ALA C 35 -10.16 -36.53 36.80
N ILE C 36 -10.09 -35.68 35.77
CA ILE C 36 -11.28 -35.11 35.10
C ILE C 36 -12.12 -36.24 34.45
N ALA C 37 -11.47 -37.16 33.71
CA ALA C 37 -12.13 -38.27 33.04
C ALA C 37 -12.74 -39.26 34.06
N TYR C 38 -12.06 -39.51 35.18
CA TYR C 38 -12.55 -40.42 36.22
C TYR C 38 -13.88 -39.91 36.80
N ILE C 39 -13.95 -38.60 37.12
CA ILE C 39 -15.16 -37.99 37.67
C ILE C 39 -16.26 -37.92 36.60
N SER C 40 -15.88 -37.56 35.36
CA SER C 40 -16.80 -37.47 34.23
C SER C 40 -17.53 -38.80 33.97
N ALA C 41 -16.78 -39.91 33.96
CA ALA C 41 -17.33 -41.23 33.74
C ALA C 41 -18.32 -41.61 34.85
N HIS C 42 -18.03 -41.23 36.12
CA HIS C 42 -18.93 -41.49 37.23
C HIS C 42 -20.26 -40.80 36.99
N ILE C 43 -20.22 -39.50 36.60
CA ILE C 43 -21.39 -38.69 36.33
C ILE C 43 -22.21 -39.31 35.20
N MET C 44 -21.55 -39.73 34.12
CA MET C 44 -22.15 -40.38 32.95
C MET C 44 -22.84 -41.70 33.31
N ASP C 45 -22.25 -42.44 34.28
CA ASP C 45 -22.79 -43.72 34.76
C ASP C 45 -24.06 -43.52 35.57
N GLU C 46 -24.02 -42.59 36.55
CA GLU C 46 -25.15 -42.27 37.42
C GLU C 46 -26.36 -41.72 36.67
N ALA C 47 -26.11 -40.95 35.61
CA ALA C 47 -27.11 -40.37 34.73
C ALA C 47 -27.86 -41.47 33.96
N ARG C 48 -27.13 -42.53 33.54
CA ARG C 48 -27.72 -43.62 32.77
C ARG C 48 -28.59 -44.48 33.67
N ARG C 49 -28.18 -44.61 34.93
CA ARG C 49 -28.94 -45.37 35.94
C ARG C 49 -30.26 -44.66 36.25
N GLY C 50 -30.28 -43.35 35.98
CA GLY C 50 -31.42 -42.44 36.12
C GLY C 50 -32.16 -42.53 37.43
N LYS C 51 -31.39 -42.61 38.54
CA LYS C 51 -31.95 -42.67 39.88
C LYS C 51 -31.57 -41.43 40.69
N LYS C 52 -30.54 -40.70 40.25
CA LYS C 52 -30.07 -39.50 40.94
C LYS C 52 -30.41 -38.22 40.16
N THR C 53 -30.68 -37.14 40.91
CA THR C 53 -30.99 -35.83 40.32
C THR C 53 -29.69 -35.09 40.06
N VAL C 54 -29.75 -34.04 39.23
CA VAL C 54 -28.59 -33.21 38.94
C VAL C 54 -28.13 -32.62 40.27
N ALA C 55 -29.08 -32.11 41.09
CA ALA C 55 -28.81 -31.54 42.42
C ALA C 55 -28.01 -32.51 43.31
N GLN C 56 -28.41 -33.81 43.33
CA GLN C 56 -27.77 -34.88 44.10
C GLN C 56 -26.32 -35.06 43.66
N LEU C 57 -26.09 -35.18 42.34
CA LEU C 57 -24.77 -35.40 41.76
C LEU C 57 -23.81 -34.25 42.00
N MET C 58 -24.29 -33.00 41.89
CA MET C 58 -23.46 -31.80 42.10
C MET C 58 -22.88 -31.80 43.51
N GLU C 59 -23.68 -32.26 44.47
CA GLU C 59 -23.31 -32.37 45.88
C GLU C 59 -22.37 -33.57 46.10
N GLU C 60 -22.75 -34.76 45.56
CA GLU C 60 -22.00 -36.02 45.66
C GLU C 60 -20.58 -35.97 45.14
N CYS C 61 -20.37 -35.21 44.07
CA CYS C 61 -19.07 -35.12 43.43
C CYS C 61 -18.06 -34.13 44.01
N VAL C 62 -18.43 -33.37 45.08
CA VAL C 62 -17.46 -32.45 45.71
C VAL C 62 -16.46 -33.32 46.46
N HIS C 63 -15.15 -33.14 46.16
CA HIS C 63 -14.05 -33.94 46.68
C HIS C 63 -14.27 -35.43 46.36
N PHE C 64 -14.76 -35.73 45.12
CA PHE C 64 -14.99 -37.11 44.68
C PHE C 64 -13.65 -37.86 44.69
N LEU C 65 -12.58 -37.14 44.28
CA LEU C 65 -11.21 -37.63 44.37
C LEU C 65 -10.53 -36.86 45.52
N LYS C 66 -9.86 -37.60 46.39
CA LYS C 66 -9.17 -37.01 47.54
C LYS C 66 -7.74 -36.63 47.19
N LYS C 67 -7.15 -35.68 47.92
CA LYS C 67 -5.80 -35.17 47.66
C LYS C 67 -4.73 -36.24 47.49
N ASP C 68 -4.85 -37.36 48.21
CA ASP C 68 -3.89 -38.45 48.14
C ASP C 68 -4.18 -39.46 47.03
N GLU C 69 -5.32 -39.30 46.35
CA GLU C 69 -5.77 -40.16 45.24
C GLU C 69 -5.25 -39.60 43.91
N VAL C 70 -4.78 -38.34 43.94
CA VAL C 70 -4.27 -37.58 42.78
C VAL C 70 -2.85 -37.07 43.05
N MET C 71 -2.16 -36.66 41.99
CA MET C 71 -0.83 -36.07 42.06
C MET C 71 -0.91 -34.67 42.76
N PRO C 72 0.18 -34.10 43.34
CA PRO C 72 0.07 -32.77 43.92
C PRO C 72 -0.25 -31.66 42.89
N GLY C 73 -1.05 -30.69 43.33
CA GLY C 73 -1.48 -29.55 42.52
C GLY C 73 -2.67 -29.80 41.62
N VAL C 74 -3.08 -31.09 41.45
CA VAL C 74 -4.21 -31.51 40.58
C VAL C 74 -5.55 -30.86 40.97
N GLY C 75 -5.87 -30.86 42.26
CA GLY C 75 -7.10 -30.28 42.77
C GLY C 75 -7.25 -28.80 42.49
N ASN C 76 -6.13 -28.06 42.64
CA ASN C 76 -5.99 -26.62 42.44
C ASN C 76 -6.16 -26.24 40.99
N MET C 77 -5.68 -27.12 40.10
CA MET C 77 -5.70 -27.06 38.64
C MET C 77 -7.13 -27.26 38.07
N VAL C 78 -7.98 -27.98 38.83
CA VAL C 78 -9.37 -28.30 38.47
C VAL C 78 -10.34 -27.77 39.56
N PRO C 79 -10.63 -26.44 39.55
CA PRO C 79 -11.50 -25.87 40.59
C PRO C 79 -12.98 -26.16 40.39
N ASP C 80 -13.33 -26.50 39.16
CA ASP C 80 -14.70 -26.84 38.72
C ASP C 80 -14.64 -27.73 37.48
N LEU C 81 -15.69 -28.55 37.32
CA LEU C 81 -15.86 -29.54 36.26
C LEU C 81 -17.30 -29.51 35.77
N GLY C 82 -17.47 -29.65 34.47
CA GLY C 82 -18.79 -29.67 33.84
C GLY C 82 -18.94 -30.82 32.91
N VAL C 83 -20.03 -31.57 33.04
CA VAL C 83 -20.29 -32.72 32.17
C VAL C 83 -21.76 -32.86 31.88
N GLU C 84 -22.09 -32.84 30.57
CA GLU C 84 -23.45 -32.98 30.05
C GLU C 84 -23.71 -34.47 29.91
N ALA C 85 -24.85 -34.92 30.41
CA ALA C 85 -25.21 -36.34 30.31
C ALA C 85 -26.70 -36.49 30.11
N ASN C 86 -27.13 -37.57 29.42
CA ASN C 86 -28.54 -37.85 29.22
C ASN C 86 -29.13 -38.54 30.46
N PHE C 87 -30.16 -37.90 31.01
CA PHE C 87 -30.96 -38.34 32.15
C PHE C 87 -32.32 -38.80 31.58
N PRO C 88 -33.23 -39.46 32.36
CA PRO C 88 -34.53 -39.86 31.78
C PRO C 88 -35.36 -38.70 31.26
N ASP C 89 -35.12 -37.49 31.81
CA ASP C 89 -35.75 -36.22 31.45
C ASP C 89 -34.94 -35.42 30.40
N GLY C 90 -33.92 -36.03 29.80
CA GLY C 90 -33.10 -35.40 28.77
C GLY C 90 -31.68 -35.06 29.16
N THR C 91 -30.91 -34.42 28.24
CA THR C 91 -29.52 -34.04 28.52
C THR C 91 -29.49 -32.86 29.46
N LYS C 92 -28.74 -32.98 30.55
CA LYS C 92 -28.61 -31.96 31.58
C LYS C 92 -27.13 -31.73 31.92
N LEU C 93 -26.77 -30.48 32.25
CA LEU C 93 -25.40 -30.16 32.64
C LEU C 93 -25.14 -30.37 34.13
N VAL C 94 -24.17 -31.21 34.46
CA VAL C 94 -23.78 -31.47 35.85
C VAL C 94 -22.56 -30.62 36.17
N THR C 95 -22.72 -29.63 37.05
CA THR C 95 -21.66 -28.69 37.42
C THR C 95 -21.15 -28.99 38.81
N VAL C 96 -19.87 -29.39 38.91
CA VAL C 96 -19.23 -29.72 40.18
C VAL C 96 -18.19 -28.68 40.56
N ASN C 97 -18.32 -28.07 41.75
CA ASN C 97 -17.37 -27.08 42.26
C ASN C 97 -16.50 -27.81 43.28
N TRP C 98 -15.17 -27.84 43.02
CA TRP C 98 -14.14 -28.55 43.79
C TRP C 98 -14.31 -30.07 43.69
N PRO C 99 -14.27 -30.63 42.45
CA PRO C 99 -14.44 -32.09 42.29
C PRO C 99 -13.27 -32.90 42.88
N ILE C 100 -12.06 -32.30 42.85
CA ILE C 100 -10.84 -32.90 43.38
C ILE C 100 -10.38 -32.04 44.54
N GLU C 101 -10.13 -32.70 45.70
CA GLU C 101 -9.67 -32.08 46.93
C GLU C 101 -8.27 -31.47 46.70
N PRO C 102 -8.10 -30.16 47.00
CA PRO C 102 -6.77 -29.55 46.79
C PRO C 102 -5.77 -29.84 47.90
N ASP C 103 -4.51 -29.72 47.51
CA ASP C 103 -3.35 -29.86 48.36
C ASP C 103 -2.62 -28.49 48.26
N ASP C 104 -1.69 -28.22 49.17
CA ASP C 104 -1.00 -26.94 49.28
C ASP C 104 -0.04 -26.60 48.12
N PHE C 105 0.14 -27.52 47.16
CA PHE C 105 0.91 -27.27 45.93
C PHE C 105 0.01 -26.59 44.89
N LYS C 106 0.53 -25.50 44.29
CA LYS C 106 -0.20 -24.74 43.29
C LYS C 106 0.66 -24.39 42.08
N ALA C 107 0.34 -25.05 40.93
CA ALA C 107 0.99 -24.77 39.68
C ALA C 107 0.35 -23.44 39.19
N GLY C 108 1.18 -22.53 38.68
CA GLY C 108 0.71 -21.22 38.22
C GLY C 108 0.25 -20.26 39.30
N GLU C 109 0.74 -20.44 40.51
CA GLU C 109 0.42 -19.64 41.67
C GLU C 109 0.88 -18.22 41.50
N ILE C 110 0.05 -17.27 41.93
CA ILE C 110 0.41 -15.84 41.96
C ILE C 110 0.76 -15.50 43.41
N LYS C 111 1.97 -14.99 43.63
CA LYS C 111 2.43 -14.56 44.96
C LYS C 111 2.44 -13.04 44.95
N PHE C 112 1.68 -12.41 45.86
CA PHE C 112 1.54 -10.94 45.92
C PHE C 112 2.81 -10.22 46.34
N ALA C 113 3.01 -9.01 45.80
CA ALA C 113 4.16 -8.15 46.10
C ALA C 113 4.08 -7.65 47.55
N SER C 114 2.82 -7.41 48.03
CA SER C 114 2.44 -6.85 49.32
C SER C 114 1.03 -7.37 49.67
N ASP C 115 0.64 -7.34 50.96
CA ASP C 115 -0.72 -7.74 51.34
C ASP C 115 -1.66 -6.52 51.49
N LYS C 116 -1.06 -5.31 51.48
CA LYS C 116 -1.75 -4.02 51.55
C LYS C 116 -2.72 -3.83 50.39
N ASP C 117 -3.89 -3.29 50.72
CA ASP C 117 -4.98 -2.97 49.79
C ASP C 117 -4.55 -2.05 48.64
N ILE C 118 -5.26 -2.15 47.50
CA ILE C 118 -5.04 -1.32 46.32
C ILE C 118 -6.03 -0.18 46.34
N GLU C 119 -5.52 1.06 46.35
CA GLU C 119 -6.35 2.25 46.39
C GLU C 119 -6.81 2.55 44.97
N LEU C 120 -8.07 2.19 44.68
CA LEU C 120 -8.73 2.40 43.39
C LEU C 120 -9.26 3.81 43.36
N ASN C 121 -9.27 4.43 42.16
CA ASN C 121 -9.78 5.78 41.91
C ASN C 121 -9.16 6.79 42.89
N ALA C 122 -7.84 6.67 43.11
CA ALA C 122 -7.06 7.49 44.02
C ALA C 122 -7.14 8.95 43.68
N GLY C 123 -7.32 9.77 44.72
CA GLY C 123 -7.40 11.22 44.59
C GLY C 123 -8.70 11.81 44.05
N LYS C 124 -9.69 10.97 43.75
CA LYS C 124 -11.00 11.44 43.29
C LYS C 124 -11.84 11.83 44.52
N GLU C 125 -12.57 12.95 44.42
CA GLU C 125 -13.41 13.48 45.48
C GLU C 125 -14.71 12.67 45.64
N ILE C 126 -14.87 12.05 46.83
CA ILE C 126 -16.05 11.23 47.16
C ILE C 126 -17.24 12.09 47.56
N THR C 127 -18.43 11.77 47.04
CA THR C 127 -19.72 12.42 47.29
C THR C 127 -20.65 11.36 47.92
N GLU C 128 -21.03 11.53 49.21
CA GLU C 128 -21.94 10.58 49.86
C GLU C 128 -23.36 10.95 49.52
N LEU C 129 -24.16 9.97 49.09
CA LEU C 129 -25.53 10.21 48.66
C LEU C 129 -26.50 9.14 49.12
N LYS C 130 -27.64 9.54 49.72
CA LYS C 130 -28.68 8.61 50.17
C LYS C 130 -29.58 8.28 48.98
N VAL C 131 -29.71 6.97 48.66
CA VAL C 131 -30.54 6.48 47.54
C VAL C 131 -31.57 5.47 48.07
N THR C 132 -32.80 5.54 47.54
CA THR C 132 -33.89 4.65 47.92
C THR C 132 -34.54 4.07 46.68
N ASN C 133 -34.64 2.73 46.60
CA ASN C 133 -35.29 2.10 45.48
C ASN C 133 -36.79 2.03 45.83
N LYS C 134 -37.53 3.05 45.37
CA LYS C 134 -38.99 3.19 45.56
C LYS C 134 -39.79 2.27 44.62
N GLY C 135 -39.09 1.55 43.74
CA GLY C 135 -39.69 0.64 42.79
C GLY C 135 -40.07 -0.71 43.39
N PRO C 136 -40.88 -1.53 42.66
CA PRO C 136 -41.29 -2.84 43.19
C PRO C 136 -40.27 -3.96 42.97
N LYS C 137 -39.25 -3.71 42.16
CA LYS C 137 -38.24 -4.70 41.79
C LYS C 137 -36.86 -4.18 42.12
N SER C 138 -35.97 -5.10 42.54
CA SER C 138 -34.59 -4.74 42.86
C SER C 138 -33.81 -4.40 41.60
N LEU C 139 -32.76 -3.59 41.73
CA LEU C 139 -31.92 -3.19 40.60
C LEU C 139 -30.45 -3.06 40.99
N HIS C 140 -29.55 -3.15 40.01
CA HIS C 140 -28.11 -2.96 40.19
C HIS C 140 -27.63 -1.84 39.29
N VAL C 141 -26.54 -1.14 39.66
CA VAL C 141 -25.95 -0.05 38.87
C VAL C 141 -24.44 -0.31 38.80
N GLY C 142 -23.90 -0.37 37.59
CA GLY C 142 -22.48 -0.63 37.33
C GLY C 142 -21.55 0.51 37.69
N SER C 143 -20.25 0.17 37.88
CA SER C 143 -19.15 1.07 38.22
C SER C 143 -19.01 2.30 37.32
N HIS C 144 -19.24 2.15 35.98
CA HIS C 144 -19.08 3.25 35.02
C HIS C 144 -20.34 3.83 34.41
N PHE C 145 -21.51 3.45 34.92
CA PHE C 145 -22.79 4.00 34.47
C PHE C 145 -22.92 5.41 35.04
N HIS C 146 -23.46 6.38 34.25
CA HIS C 146 -23.64 7.76 34.72
C HIS C 146 -24.78 7.74 35.73
N PHE C 147 -24.44 7.78 37.03
CA PHE C 147 -25.38 7.63 38.14
C PHE C 147 -26.64 8.45 38.02
N PHE C 148 -26.49 9.67 37.53
CA PHE C 148 -27.56 10.62 37.26
C PHE C 148 -28.68 10.01 36.38
N GLU C 149 -28.32 9.11 35.44
CA GLU C 149 -29.24 8.46 34.48
C GLU C 149 -29.84 7.12 34.95
N ALA C 150 -29.59 6.70 36.22
CA ALA C 150 -30.12 5.44 36.79
C ALA C 150 -31.65 5.38 36.80
N ASN C 151 -32.22 4.16 36.73
CA ASN C 151 -33.67 3.84 36.74
C ASN C 151 -34.46 4.87 37.57
N ARG C 152 -35.54 5.45 36.99
CA ARG C 152 -36.35 6.45 37.69
C ARG C 152 -36.96 5.96 39.01
N ALA C 153 -36.89 4.64 39.28
CA ALA C 153 -37.35 3.98 40.51
C ALA C 153 -36.49 4.43 41.69
N LEU C 154 -35.20 4.77 41.43
CA LEU C 154 -34.25 5.24 42.43
C LEU C 154 -34.52 6.67 42.80
N GLU C 155 -34.66 6.92 44.12
CA GLU C 155 -34.93 8.26 44.65
C GLU C 155 -33.69 8.80 45.33
N PHE C 156 -33.15 9.91 44.79
CA PHE C 156 -31.96 10.60 45.29
C PHE C 156 -31.83 12.00 44.71
N ASP C 157 -30.94 12.84 45.30
CA ASP C 157 -30.71 14.21 44.81
C ASP C 157 -29.88 14.09 43.55
N ARG C 158 -30.57 13.95 42.41
CA ARG C 158 -29.98 13.75 41.09
C ARG C 158 -28.92 14.82 40.72
N GLU C 159 -29.16 16.09 41.11
CA GLU C 159 -28.23 17.22 40.88
C GLU C 159 -26.82 16.85 41.42
N LYS C 160 -26.78 16.21 42.60
CA LYS C 160 -25.54 15.79 43.25
C LYS C 160 -24.84 14.63 42.57
N ALA C 161 -25.55 13.87 41.70
CA ALA C 161 -25.01 12.72 40.98
C ALA C 161 -24.62 13.07 39.53
N TYR C 162 -24.89 14.32 39.08
CA TYR C 162 -24.56 14.82 37.75
C TYR C 162 -23.05 14.77 37.48
N GLY C 163 -22.67 14.02 36.46
CA GLY C 163 -21.29 13.85 36.03
C GLY C 163 -20.46 12.95 36.92
N LYS C 164 -21.13 12.05 37.67
CA LYS C 164 -20.49 11.13 38.60
C LYS C 164 -20.85 9.66 38.37
N ARG C 165 -20.02 8.76 38.91
CA ARG C 165 -20.15 7.31 38.87
C ARG C 165 -19.80 6.72 40.22
N LEU C 166 -20.17 5.46 40.47
CA LEU C 166 -19.91 4.77 41.75
C LEU C 166 -18.41 4.50 41.99
N ASP C 167 -17.95 4.81 43.22
CA ASP C 167 -16.57 4.54 43.64
C ASP C 167 -16.52 3.10 44.15
N ILE C 168 -16.62 2.16 43.20
CA ILE C 168 -16.60 0.71 43.41
C ILE C 168 -15.63 0.07 42.39
N PRO C 169 -15.10 -1.16 42.63
CA PRO C 169 -14.19 -1.78 41.65
C PRO C 169 -14.78 -1.83 40.25
N SER C 170 -13.94 -1.58 39.24
CA SER C 170 -14.35 -1.60 37.83
C SER C 170 -14.97 -2.96 37.48
N GLY C 171 -16.17 -2.93 36.93
CA GLY C 171 -16.87 -4.16 36.59
C GLY C 171 -17.88 -4.62 37.64
N ASN C 172 -17.76 -4.14 38.89
CA ASN C 172 -18.71 -4.46 39.96
C ASN C 172 -19.98 -3.64 39.81
N THR C 173 -21.06 -4.09 40.47
CA THR C 173 -22.36 -3.40 40.46
C THR C 173 -22.79 -3.23 41.90
N LEU C 174 -23.61 -2.21 42.18
CA LEU C 174 -24.18 -2.00 43.49
C LEU C 174 -25.65 -2.37 43.41
N ARG C 175 -26.13 -3.24 44.33
CA ARG C 175 -27.52 -3.65 44.37
C ARG C 175 -28.32 -2.75 45.31
N ILE C 176 -29.52 -2.32 44.88
CA ILE C 176 -30.45 -1.57 45.73
C ILE C 176 -31.77 -2.35 45.59
N GLY C 177 -32.10 -3.12 46.61
CA GLY C 177 -33.29 -3.95 46.65
C GLY C 177 -34.57 -3.15 46.66
N ALA C 178 -35.69 -3.78 46.29
CA ALA C 178 -36.99 -3.10 46.28
C ALA C 178 -37.29 -2.60 47.70
N GLY C 179 -37.42 -1.28 47.84
CA GLY C 179 -37.69 -0.63 49.13
C GLY C 179 -36.47 -0.28 49.96
N GLU C 180 -35.29 -0.83 49.60
CA GLU C 180 -34.02 -0.64 50.32
C GLU C 180 -33.45 0.78 50.19
N THR C 181 -32.84 1.28 51.28
CA THR C 181 -32.15 2.57 51.34
C THR C 181 -30.66 2.31 51.60
N LYS C 182 -29.79 2.99 50.84
CA LYS C 182 -28.34 2.84 50.93
C LYS C 182 -27.62 4.19 50.81
N THR C 183 -26.42 4.28 51.38
CA THR C 183 -25.57 5.44 51.22
C THR C 183 -24.54 5.06 50.20
N VAL C 184 -24.58 5.70 49.03
CA VAL C 184 -23.65 5.42 47.95
C VAL C 184 -22.48 6.40 47.96
N HIS C 185 -21.33 5.98 47.43
CA HIS C 185 -20.16 6.84 47.32
C HIS C 185 -19.90 7.09 45.83
N LEU C 186 -20.07 8.35 45.42
CA LEU C 186 -19.86 8.75 44.03
C LEU C 186 -18.58 9.55 43.84
N ILE C 187 -17.92 9.32 42.69
CA ILE C 187 -16.69 10.00 42.29
C ILE C 187 -16.89 10.60 40.90
N PRO C 188 -16.23 11.73 40.54
CA PRO C 188 -16.46 12.29 39.21
C PRO C 188 -15.91 11.37 38.10
N ILE C 189 -16.67 11.26 36.99
CA ILE C 189 -16.30 10.45 35.83
C ILE C 189 -14.92 10.90 35.28
N GLY C 190 -14.11 9.93 34.87
CA GLY C 190 -12.78 10.17 34.31
C GLY C 190 -12.81 10.82 32.94
N GLY C 191 -11.61 11.01 32.36
CA GLY C 191 -11.41 11.60 31.04
C GLY C 191 -12.10 12.94 30.88
N SER C 192 -12.68 13.17 29.69
CA SER C 192 -13.36 14.42 29.35
C SER C 192 -14.76 14.58 29.93
N LYS C 193 -15.35 13.50 30.49
CA LYS C 193 -16.73 13.48 31.01
C LYS C 193 -17.72 13.67 29.85
N LYS C 194 -17.40 13.08 28.68
CA LYS C 194 -18.27 13.14 27.50
C LYS C 194 -19.24 11.98 27.63
N ILE C 195 -20.40 12.26 28.24
CA ILE C 195 -21.41 11.24 28.50
C ILE C 195 -22.40 11.13 27.33
N ILE C 196 -22.23 10.09 26.50
CA ILE C 196 -23.08 9.84 25.33
C ILE C 196 -23.83 8.50 25.52
N GLY C 197 -25.16 8.55 25.45
CA GLY C 197 -26.02 7.39 25.55
C GLY C 197 -26.79 7.24 26.84
N MET C 198 -26.89 5.97 27.33
CA MET C 198 -27.65 5.48 28.50
C MET C 198 -29.13 5.90 28.44
N ASN C 199 -29.50 6.98 29.14
CA ASN C 199 -30.89 7.44 29.08
C ASN C 199 -31.06 8.73 28.27
N GLY C 200 -29.96 9.19 27.68
CA GLY C 200 -29.86 10.37 26.83
C GLY C 200 -30.21 11.66 27.51
N LEU C 201 -30.01 11.72 28.85
CA LEU C 201 -30.32 12.89 29.65
C LEU C 201 -29.26 13.97 29.47
N LEU C 202 -28.04 13.56 29.09
CA LEU C 202 -26.94 14.49 28.90
C LEU C 202 -26.43 14.56 27.45
N ASN C 203 -25.89 13.45 26.89
CA ASN C 203 -25.37 13.40 25.52
C ASN C 203 -24.41 14.57 25.16
N GLY C 204 -23.34 14.67 25.95
CA GLY C 204 -22.33 15.71 25.81
C GLY C 204 -21.45 15.77 27.05
N ILE C 205 -20.63 16.84 27.16
CA ILE C 205 -19.74 17.02 28.33
C ILE C 205 -20.58 17.37 29.56
N ALA C 206 -20.28 16.75 30.70
CA ALA C 206 -20.96 17.03 31.96
C ALA C 206 -20.33 18.27 32.64
N ASP C 207 -20.49 19.46 32.03
CA ASP C 207 -19.97 20.73 32.56
C ASP C 207 -21.10 21.51 33.22
N ASP C 208 -20.79 22.68 33.77
CA ASP C 208 -21.81 23.51 34.41
C ASP C 208 -22.81 24.04 33.38
N LEU C 209 -22.31 24.36 32.19
CA LEU C 209 -23.09 24.88 31.08
C LEU C 209 -24.23 23.95 30.63
N HIS C 210 -24.00 22.64 30.60
CA HIS C 210 -24.98 21.61 30.20
C HIS C 210 -25.95 21.22 31.32
N LYS C 211 -25.57 21.47 32.60
CA LYS C 211 -26.32 21.07 33.79
C LYS C 211 -27.81 21.42 33.83
N GLN C 212 -28.20 22.69 33.64
CA GLN C 212 -29.62 23.07 33.70
C GLN C 212 -30.49 22.34 32.69
N LYS C 213 -30.00 22.23 31.44
CA LYS C 213 -30.61 21.51 30.32
C LYS C 213 -30.83 20.04 30.73
N ALA C 214 -29.78 19.39 31.32
CA ALA C 214 -29.78 17.99 31.77
C ALA C 214 -30.79 17.76 32.88
N LEU C 215 -30.85 18.69 33.85
CA LEU C 215 -31.79 18.60 34.97
C LEU C 215 -33.24 18.73 34.46
N GLU C 216 -33.46 19.61 33.45
CA GLU C 216 -34.76 19.81 32.84
C GLU C 216 -35.21 18.56 32.08
N LYS C 217 -34.29 17.91 31.32
CA LYS C 217 -34.56 16.68 30.58
C LYS C 217 -34.89 15.54 31.57
N ALA C 218 -34.13 15.44 32.69
CA ALA C 218 -34.33 14.44 33.73
C ALA C 218 -35.70 14.58 34.35
N LYS C 219 -36.15 15.83 34.64
CA LYS C 219 -37.47 16.15 35.22
C LYS C 219 -38.57 15.78 34.22
N HIS C 220 -38.39 16.23 32.95
CA HIS C 220 -39.32 15.98 31.86
C HIS C 220 -39.51 14.47 31.59
N HIS C 221 -38.44 13.69 31.67
CA HIS C 221 -38.50 12.24 31.45
C HIS C 221 -38.87 11.42 32.69
N GLY C 222 -39.07 12.08 33.82
CA GLY C 222 -39.51 11.44 35.06
C GLY C 222 -38.45 10.93 36.00
N PHE C 223 -37.18 11.23 35.76
CA PHE C 223 -36.08 10.82 36.63
C PHE C 223 -36.07 11.67 37.90
N ILE C 224 -36.32 13.00 37.74
CA ILE C 224 -36.46 13.95 38.84
C ILE C 224 -37.96 14.14 38.97
N LYS C 225 -38.47 13.91 40.18
CA LYS C 225 -39.91 14.01 40.50
C LYS C 225 -40.28 15.43 40.92
N MET D 1 -11.54 4.24 46.56
CA MET D 1 -11.85 3.19 47.53
C MET D 1 -10.79 2.09 47.61
N LYS D 2 -10.57 1.54 48.82
CA LYS D 2 -9.57 0.50 49.07
C LYS D 2 -10.11 -0.91 48.78
N MET D 3 -9.46 -1.60 47.81
CA MET D 3 -9.77 -2.97 47.41
C MET D 3 -8.73 -3.93 47.97
N LYS D 4 -9.19 -5.01 48.64
CA LYS D 4 -8.31 -6.02 49.22
C LYS D 4 -7.45 -6.65 48.11
N ARG D 5 -6.13 -6.76 48.34
CA ARG D 5 -5.14 -7.28 47.37
C ARG D 5 -5.55 -8.60 46.69
N GLN D 6 -6.10 -9.55 47.48
CA GLN D 6 -6.56 -10.84 46.96
C GLN D 6 -7.71 -10.63 46.00
N GLU D 7 -8.68 -9.76 46.38
CA GLU D 7 -9.83 -9.43 45.54
C GLU D 7 -9.43 -8.76 44.21
N TYR D 8 -8.43 -7.83 44.27
CA TYR D 8 -7.92 -7.17 43.08
C TYR D 8 -7.37 -8.24 42.13
N VAL D 9 -6.43 -9.06 42.61
CA VAL D 9 -5.79 -10.13 41.83
C VAL D 9 -6.80 -11.12 41.21
N ASN D 10 -7.85 -11.50 41.97
CA ASN D 10 -8.88 -12.40 41.44
C ASN D 10 -9.60 -11.76 40.26
N THR D 11 -9.96 -10.46 40.41
CA THR D 11 -10.71 -9.71 39.40
C THR D 11 -9.90 -9.32 38.17
N TYR D 12 -8.67 -8.82 38.35
CA TYR D 12 -7.88 -8.31 37.24
C TYR D 12 -6.57 -9.00 36.92
N GLY D 13 -6.17 -9.97 37.72
CA GLY D 13 -4.90 -10.64 37.51
C GLY D 13 -3.80 -9.96 38.31
N PRO D 14 -2.54 -10.41 38.19
CA PRO D 14 -1.48 -9.81 39.02
C PRO D 14 -1.06 -8.41 38.61
N THR D 15 -0.59 -7.61 39.57
CA THR D 15 -0.09 -6.26 39.31
C THR D 15 1.41 -6.15 39.62
N THR D 16 1.99 -4.94 39.49
CA THR D 16 3.42 -4.67 39.70
C THR D 16 3.99 -5.30 40.99
N GLY D 17 5.04 -6.08 40.84
CA GLY D 17 5.70 -6.74 41.95
C GLY D 17 5.25 -8.16 42.26
N ASP D 18 4.08 -8.58 41.73
CA ASP D 18 3.58 -9.93 41.95
C ASP D 18 4.39 -10.93 41.14
N LYS D 19 4.56 -12.14 41.66
CA LYS D 19 5.34 -13.20 41.03
C LYS D 19 4.42 -14.35 40.59
N VAL D 20 4.59 -14.82 39.36
CA VAL D 20 3.78 -15.91 38.82
C VAL D 20 4.66 -17.12 38.56
N ARG D 21 4.26 -18.28 39.10
CA ARG D 21 4.98 -19.54 38.87
C ARG D 21 4.62 -20.01 37.46
N LEU D 22 5.62 -20.28 36.62
CA LEU D 22 5.37 -20.77 35.27
C LEU D 22 5.08 -22.28 35.31
N GLY D 23 3.81 -22.66 35.14
CA GLY D 23 3.38 -24.05 35.21
C GLY D 23 3.72 -24.68 36.55
N ASP D 24 4.29 -25.89 36.52
CA ASP D 24 4.73 -26.59 37.73
C ASP D 24 6.27 -26.52 37.86
N THR D 25 6.91 -25.57 37.12
CA THR D 25 8.37 -25.35 37.17
C THR D 25 8.71 -24.51 38.40
N ASP D 26 10.00 -24.28 38.64
CA ASP D 26 10.40 -23.45 39.77
C ASP D 26 10.79 -22.04 39.30
N LEU D 27 10.26 -21.63 38.13
CA LEU D 27 10.52 -20.34 37.49
C LEU D 27 9.45 -19.35 37.84
N TRP D 28 9.86 -18.18 38.36
CA TRP D 28 8.96 -17.11 38.79
C TRP D 28 9.09 -15.83 37.96
N ALA D 29 7.99 -15.47 37.26
CA ALA D 29 7.89 -14.26 36.46
C ALA D 29 7.35 -13.12 37.33
N GLU D 30 8.11 -12.01 37.47
CA GLU D 30 7.66 -10.86 38.26
C GLU D 30 7.11 -9.77 37.35
N VAL D 31 5.91 -9.22 37.68
CA VAL D 31 5.28 -8.14 36.90
C VAL D 31 6.17 -6.92 37.08
N GLU D 32 6.83 -6.51 36.00
CA GLU D 32 7.77 -5.38 36.02
C GLU D 32 7.10 -4.01 36.08
N HIS D 33 5.93 -3.89 35.44
CA HIS D 33 5.14 -2.65 35.37
C HIS D 33 3.69 -3.00 35.03
N ASP D 34 2.75 -2.11 35.42
CA ASP D 34 1.35 -2.24 35.09
C ASP D 34 0.94 -0.94 34.42
N TYR D 35 0.41 -1.05 33.19
CA TYR D 35 0.03 0.13 32.40
C TYR D 35 -1.36 0.68 32.69
N THR D 36 -2.06 0.09 33.68
CA THR D 36 -3.40 0.54 34.07
C THR D 36 -3.42 1.73 35.02
N VAL D 37 -4.63 2.26 35.22
CA VAL D 37 -5.01 3.28 36.19
C VAL D 37 -5.99 2.53 37.09
N TYR D 38 -5.61 2.33 38.36
CA TYR D 38 -6.43 1.60 39.33
C TYR D 38 -7.79 2.23 39.48
N GLY D 39 -8.81 1.45 39.10
CA GLY D 39 -10.21 1.83 39.14
C GLY D 39 -10.84 1.94 37.77
N GLU D 40 -9.96 2.01 36.73
CA GLU D 40 -10.32 2.16 35.32
C GLU D 40 -10.10 0.86 34.51
N GLU D 41 -9.74 -0.26 35.16
CA GLU D 41 -9.47 -1.55 34.49
C GLU D 41 -10.65 -2.05 33.66
N LEU D 42 -10.41 -2.60 32.46
CA LEU D 42 -11.54 -3.08 31.67
C LEU D 42 -11.96 -4.48 32.05
N LYS D 43 -13.27 -4.67 32.28
CA LYS D 43 -13.87 -5.98 32.58
C LYS D 43 -15.08 -6.15 31.68
N PHE D 44 -15.20 -7.31 31.03
CA PHE D 44 -16.35 -7.63 30.14
C PHE D 44 -17.38 -8.50 30.87
N GLY D 45 -18.63 -8.15 30.69
CA GLY D 45 -19.73 -8.88 31.28
C GLY D 45 -20.91 -7.97 31.53
N ALA D 46 -22.01 -8.58 32.02
CA ALA D 46 -23.26 -7.92 32.39
C ALA D 46 -22.99 -6.96 33.54
N GLY D 47 -23.31 -5.69 33.33
CA GLY D 47 -23.09 -4.66 34.34
C GLY D 47 -21.64 -4.28 34.54
N LYS D 48 -20.75 -4.78 33.65
CA LYS D 48 -19.32 -4.52 33.76
C LYS D 48 -18.83 -3.23 33.08
N THR D 49 -17.53 -3.12 32.73
CA THR D 49 -16.95 -1.89 32.18
C THR D 49 -17.24 -1.68 30.70
N ILE D 50 -16.91 -2.68 29.84
CA ILE D 50 -17.05 -2.59 28.38
C ILE D 50 -18.51 -2.58 27.94
N ARG D 51 -19.17 -1.40 28.09
CA ARG D 51 -20.59 -1.16 27.76
C ARG D 51 -20.76 0.22 27.12
N GLU D 52 -21.77 0.33 26.23
CA GLU D 52 -22.13 1.50 25.44
C GLU D 52 -22.07 2.80 26.25
N GLY D 53 -21.19 3.70 25.82
CA GLY D 53 -20.99 5.01 26.45
C GLY D 53 -20.25 5.01 27.75
N MET D 54 -19.77 3.84 28.20
CA MET D 54 -19.03 3.67 29.45
C MET D 54 -17.56 3.31 29.11
N GLY D 55 -17.20 2.04 29.25
CA GLY D 55 -15.86 1.55 28.89
C GLY D 55 -15.71 1.45 27.37
N GLN D 56 -16.85 1.22 26.66
CA GLN D 56 -16.93 1.14 25.21
C GLN D 56 -17.37 2.53 24.75
N SER D 57 -16.59 3.15 23.83
CA SER D 57 -16.85 4.49 23.33
C SER D 57 -18.03 4.57 22.37
N ASN D 58 -18.72 5.74 22.41
CA ASN D 58 -19.80 6.04 21.47
C ASN D 58 -19.30 7.06 20.44
N SER D 59 -18.05 7.55 20.66
CA SER D 59 -17.39 8.50 19.79
C SER D 59 -16.59 7.72 18.76
N PRO D 60 -16.84 7.93 17.44
CA PRO D 60 -16.07 7.19 16.42
C PRO D 60 -14.59 7.55 16.47
N ASP D 61 -13.72 6.59 16.21
CA ASP D 61 -12.26 6.83 16.23
C ASP D 61 -11.59 5.98 15.15
N GLU D 62 -10.56 6.55 14.54
CA GLU D 62 -9.78 5.91 13.48
C GLU D 62 -9.04 4.66 14.02
N ASN D 63 -8.80 4.66 15.34
CA ASN D 63 -8.12 3.59 16.06
C ASN D 63 -9.07 2.68 16.85
N THR D 64 -10.35 2.51 16.40
CA THR D 64 -11.25 1.60 17.10
C THR D 64 -10.72 0.17 16.87
N LEU D 65 -10.33 -0.50 17.96
CA LEU D 65 -9.76 -1.83 17.93
C LEU D 65 -10.74 -2.87 17.45
N ASP D 66 -10.23 -3.93 16.79
CA ASP D 66 -11.06 -5.02 16.31
C ASP D 66 -11.22 -6.05 17.43
N LEU D 67 -10.20 -6.14 18.30
CA LEU D 67 -10.15 -7.01 19.46
C LEU D 67 -9.35 -6.35 20.58
N VAL D 68 -9.81 -6.55 21.83
CA VAL D 68 -9.13 -6.09 23.02
C VAL D 68 -8.87 -7.31 23.93
N ILE D 69 -7.59 -7.52 24.31
CA ILE D 69 -7.22 -8.56 25.25
C ILE D 69 -6.98 -7.79 26.54
N THR D 70 -8.00 -7.78 27.43
CA THR D 70 -7.99 -7.02 28.68
C THR D 70 -7.12 -7.67 29.76
N ASN D 71 -6.33 -6.85 30.49
CA ASN D 71 -5.50 -7.24 31.64
C ASN D 71 -4.56 -8.46 31.43
N ALA D 72 -3.84 -8.46 30.30
CA ALA D 72 -2.91 -9.52 29.94
C ALA D 72 -1.57 -9.39 30.66
N LEU D 73 -0.92 -10.51 31.00
CA LEU D 73 0.43 -10.51 31.55
C LEU D 73 1.32 -10.94 30.40
N ILE D 74 1.97 -9.97 29.75
CA ILE D 74 2.87 -10.23 28.63
C ILE D 74 4.19 -10.79 29.14
N ILE D 75 4.64 -11.89 28.52
CA ILE D 75 5.94 -12.51 28.76
C ILE D 75 6.60 -12.52 27.38
N ASP D 76 7.61 -11.68 27.21
CA ASP D 76 8.32 -11.48 25.95
C ASP D 76 9.75 -10.97 26.22
N TYR D 77 10.66 -11.05 25.23
CA TYR D 77 12.02 -10.53 25.40
C TYR D 77 11.97 -9.03 25.74
N THR D 78 10.91 -8.33 25.26
CA THR D 78 10.65 -6.91 25.48
C THR D 78 10.31 -6.57 26.92
N GLY D 79 9.91 -7.57 27.70
CA GLY D 79 9.56 -7.41 29.11
C GLY D 79 8.44 -8.31 29.61
N ILE D 80 8.33 -8.41 30.94
CA ILE D 80 7.29 -9.16 31.66
C ILE D 80 6.48 -8.11 32.40
N TYR D 81 5.41 -7.65 31.78
CA TYR D 81 4.56 -6.57 32.31
C TYR D 81 3.07 -6.84 32.13
N LYS D 82 2.24 -6.02 32.78
CA LYS D 82 0.78 -6.10 32.74
C LYS D 82 0.22 -4.97 31.85
N ALA D 83 -0.57 -5.33 30.84
CA ALA D 83 -1.16 -4.36 29.90
C ALA D 83 -2.38 -4.92 29.14
N ASP D 84 -3.17 -4.02 28.53
CA ASP D 84 -4.27 -4.38 27.65
C ASP D 84 -3.60 -4.44 26.25
N ILE D 85 -3.96 -5.44 25.44
CA ILE D 85 -3.41 -5.61 24.09
C ILE D 85 -4.53 -5.31 23.11
N GLY D 86 -4.26 -4.43 22.16
CA GLY D 86 -5.22 -4.04 21.13
C GLY D 86 -4.85 -4.53 19.75
N ILE D 87 -5.74 -5.33 19.13
CA ILE D 87 -5.56 -5.85 17.79
C ILE D 87 -6.46 -5.03 16.84
N LYS D 88 -5.93 -4.71 15.65
CA LYS D 88 -6.63 -4.03 14.57
C LYS D 88 -5.96 -4.40 13.25
N ASN D 89 -6.76 -4.82 12.27
CA ASN D 89 -6.32 -5.23 10.94
C ASN D 89 -5.30 -6.35 10.97
N GLY D 90 -5.52 -7.28 11.91
CA GLY D 90 -4.70 -8.47 12.11
C GLY D 90 -3.29 -8.19 12.57
N LYS D 91 -3.09 -7.04 13.22
CA LYS D 91 -1.79 -6.60 13.72
C LYS D 91 -1.96 -6.09 15.14
N ILE D 92 -0.86 -6.10 15.92
CA ILE D 92 -0.85 -5.58 17.29
C ILE D 92 -0.87 -4.04 17.14
N HIS D 93 -2.06 -3.44 17.26
CA HIS D 93 -2.26 -2.00 17.09
C HIS D 93 -1.65 -1.18 18.21
N GLY D 94 -1.78 -1.67 19.44
CA GLY D 94 -1.26 -1.00 20.61
C GLY D 94 -1.22 -1.90 21.81
N ILE D 95 -0.34 -1.54 22.76
CA ILE D 95 -0.13 -2.21 24.04
C ILE D 95 -0.11 -1.08 25.09
N GLY D 96 -0.98 -1.19 26.10
CA GLY D 96 -1.07 -0.19 27.15
C GLY D 96 -2.37 -0.24 27.92
N LYS D 97 -3.14 0.87 27.87
CA LYS D 97 -4.42 0.96 28.56
C LYS D 97 -5.51 1.25 27.54
N ALA D 98 -6.41 0.28 27.33
CA ALA D 98 -7.51 0.43 26.37
C ALA D 98 -8.76 0.95 27.08
N GLY D 99 -9.68 1.49 26.30
CA GLY D 99 -10.95 1.99 26.83
C GLY D 99 -11.53 3.20 26.12
N ASN D 100 -12.23 4.04 26.89
CA ASN D 100 -12.93 5.22 26.43
C ASN D 100 -12.45 6.50 27.12
N LYS D 101 -11.67 7.34 26.40
CA LYS D 101 -11.16 8.64 26.88
C LYS D 101 -12.29 9.61 27.27
N ASP D 102 -13.54 9.34 26.82
CA ASP D 102 -14.72 10.14 27.13
C ASP D 102 -15.10 9.95 28.59
N MET D 103 -14.87 8.76 29.15
CA MET D 103 -15.28 8.40 30.52
C MET D 103 -14.14 7.90 31.42
N GLN D 104 -12.94 7.70 30.85
CA GLN D 104 -11.85 7.10 31.61
C GLN D 104 -10.56 7.88 31.55
N ASP D 105 -9.75 7.73 32.60
CA ASP D 105 -8.46 8.37 32.70
C ASP D 105 -7.37 7.44 32.24
N GLY D 106 -6.31 8.05 31.70
CA GLY D 106 -5.09 7.37 31.26
C GLY D 106 -5.21 6.35 30.15
N VAL D 107 -6.16 6.55 29.22
CA VAL D 107 -6.35 5.68 28.05
C VAL D 107 -5.25 5.99 27.02
N THR D 108 -4.55 4.95 26.51
CA THR D 108 -3.54 5.04 25.45
C THR D 108 -4.29 5.52 24.19
N PRO D 109 -3.87 6.66 23.59
CA PRO D 109 -4.64 7.26 22.48
C PRO D 109 -5.11 6.39 21.31
N HIS D 110 -4.28 5.43 20.90
CA HIS D 110 -4.60 4.55 19.76
C HIS D 110 -5.17 3.20 20.23
N MET D 111 -5.77 3.18 21.42
CA MET D 111 -6.35 1.96 22.01
C MET D 111 -7.81 2.16 22.40
N VAL D 112 -8.61 2.55 21.40
CA VAL D 112 -10.03 2.83 21.54
C VAL D 112 -10.87 1.56 21.48
N VAL D 113 -11.64 1.31 22.55
CA VAL D 113 -12.58 0.21 22.64
C VAL D 113 -13.91 0.84 22.19
N GLY D 114 -14.45 0.34 21.08
CA GLY D 114 -15.65 0.89 20.51
C GLY D 114 -16.67 -0.14 20.06
N VAL D 115 -17.64 0.30 19.26
CA VAL D 115 -18.73 -0.55 18.77
C VAL D 115 -18.20 -1.77 18.01
N GLY D 116 -17.18 -1.56 17.19
CA GLY D 116 -16.56 -2.63 16.43
C GLY D 116 -15.56 -3.50 17.16
N THR D 117 -15.41 -3.34 18.50
CA THR D 117 -14.43 -4.11 19.28
C THR D 117 -14.99 -5.40 19.88
N GLU D 118 -14.23 -6.50 19.73
CA GLU D 118 -14.53 -7.79 20.34
C GLU D 118 -13.71 -7.88 21.63
N ALA D 119 -14.24 -8.56 22.66
CA ALA D 119 -13.56 -8.68 23.94
C ALA D 119 -13.04 -10.09 24.23
N LEU D 120 -11.79 -10.16 24.70
CA LEU D 120 -11.15 -11.38 25.14
C LEU D 120 -10.53 -11.05 26.51
N ALA D 121 -10.99 -11.75 27.55
CA ALA D 121 -10.53 -11.53 28.92
C ALA D 121 -9.19 -12.20 29.13
N GLY D 122 -8.15 -11.39 29.28
CA GLY D 122 -6.80 -11.88 29.52
C GLY D 122 -6.40 -11.79 30.99
N GLU D 123 -7.32 -11.30 31.86
CA GLU D 123 -7.08 -11.15 33.30
C GLU D 123 -6.68 -12.49 33.91
N GLY D 124 -5.47 -12.57 34.41
CA GLY D 124 -4.98 -13.79 35.01
C GLY D 124 -4.33 -14.79 34.07
N MET D 125 -4.21 -14.41 32.78
CA MET D 125 -3.60 -15.21 31.71
C MET D 125 -2.24 -14.65 31.32
N ILE D 126 -1.40 -15.51 30.75
CA ILE D 126 -0.09 -15.11 30.22
C ILE D 126 -0.24 -15.04 28.70
N ILE D 127 0.16 -13.91 28.09
CA ILE D 127 0.13 -13.76 26.65
C ILE D 127 1.59 -13.74 26.15
N THR D 128 1.91 -14.61 25.19
CA THR D 128 3.25 -14.70 24.57
C THR D 128 3.06 -14.69 23.06
N ALA D 129 4.16 -14.41 22.33
CA ALA D 129 4.16 -14.47 20.88
C ALA D 129 4.06 -15.95 20.46
N GLY D 130 3.58 -16.21 19.26
CA GLY D 130 3.51 -17.57 18.75
C GLY D 130 4.92 -18.06 18.44
N GLY D 131 5.22 -19.30 18.82
CA GLY D 131 6.52 -19.90 18.58
C GLY D 131 6.82 -20.16 17.12
N ILE D 132 8.12 -20.11 16.77
CA ILE D 132 8.67 -20.35 15.43
C ILE D 132 9.61 -21.56 15.47
N ASP D 133 9.19 -22.65 14.82
CA ASP D 133 9.97 -23.87 14.76
C ASP D 133 10.76 -23.77 13.47
N SER D 134 12.08 -23.53 13.58
CA SER D 134 12.93 -23.37 12.42
C SER D 134 13.59 -24.65 11.93
N HIS D 135 13.17 -25.81 12.45
CA HIS D 135 13.72 -27.11 12.02
C HIS D 135 12.60 -28.13 11.77
N THR D 136 11.77 -27.84 10.76
CA THR D 136 10.65 -28.70 10.41
C THR D 136 10.94 -29.58 9.22
N HIS D 137 10.64 -30.87 9.39
CA HIS D 137 10.66 -31.81 8.28
C HIS D 137 9.19 -31.87 7.80
N PHE D 138 8.92 -31.43 6.57
CA PHE D 138 7.55 -31.48 6.06
C PHE D 138 7.33 -32.92 5.54
N LEU D 139 7.15 -33.81 6.51
CA LEU D 139 6.97 -35.25 6.40
C LEU D 139 5.47 -35.63 6.45
N SER D 140 4.71 -35.01 7.36
CA SER D 140 3.30 -35.33 7.55
C SER D 140 2.48 -34.06 7.81
N PRO D 141 1.32 -33.84 7.12
CA PRO D 141 0.51 -32.65 7.43
C PRO D 141 -0.12 -32.70 8.83
N GLN D 142 -0.02 -33.88 9.51
CA GLN D 142 -0.57 -34.10 10.84
C GLN D 142 0.31 -33.47 11.92
N GLN D 143 1.49 -32.96 11.52
CA GLN D 143 2.42 -32.30 12.44
C GLN D 143 1.83 -30.95 12.84
N PHE D 144 1.13 -30.28 11.88
CA PHE D 144 0.54 -28.97 12.07
C PHE D 144 -0.42 -28.83 13.26
N PRO D 145 -1.49 -29.66 13.42
CA PRO D 145 -2.35 -29.53 14.63
C PRO D 145 -1.57 -29.76 15.93
N THR D 146 -0.61 -30.74 15.94
CA THR D 146 0.28 -31.07 17.07
C THR D 146 1.10 -29.85 17.45
N ALA D 147 1.65 -29.14 16.43
CA ALA D 147 2.46 -27.94 16.60
C ALA D 147 1.63 -26.80 17.20
N LEU D 148 0.44 -26.49 16.59
CA LEU D 148 -0.45 -25.44 17.08
C LEU D 148 -0.88 -25.70 18.52
N ALA D 149 -1.20 -26.98 18.84
CA ALA D 149 -1.61 -27.43 20.18
C ALA D 149 -0.49 -27.23 21.21
N ASN D 150 0.71 -26.85 20.75
CA ASN D 150 1.87 -26.60 21.61
C ASN D 150 2.44 -25.18 21.47
N GLY D 151 1.62 -24.26 20.94
CA GLY D 151 1.92 -22.84 20.81
C GLY D 151 2.84 -22.40 19.69
N VAL D 152 3.02 -23.28 18.66
CA VAL D 152 3.87 -22.99 17.49
C VAL D 152 2.98 -22.56 16.34
N THR D 153 3.23 -21.35 15.80
CA THR D 153 2.44 -20.74 14.72
C THR D 153 3.17 -20.62 13.38
N THR D 154 4.52 -20.72 13.37
CA THR D 154 5.36 -20.62 12.16
C THR D 154 6.32 -21.81 12.08
N MET D 155 6.47 -22.38 10.88
CA MET D 155 7.34 -23.54 10.64
C MET D 155 8.24 -23.38 9.44
N PHE D 156 9.57 -23.38 9.68
CA PHE D 156 10.56 -23.32 8.62
C PHE D 156 11.25 -24.65 8.52
N GLY D 157 11.48 -25.07 7.30
CA GLY D 157 12.12 -26.33 7.00
C GLY D 157 11.90 -26.74 5.57
N GLY D 158 11.73 -28.02 5.37
CA GLY D 158 11.57 -28.57 4.04
C GLY D 158 11.16 -30.02 4.07
N GLY D 159 10.74 -30.49 2.91
CA GLY D 159 10.26 -31.83 2.73
C GLY D 159 9.32 -31.90 1.57
N THR D 160 8.96 -33.13 1.19
CA THR D 160 8.12 -33.52 0.05
C THR D 160 7.04 -34.52 0.51
N GLY D 161 7.13 -34.91 1.77
CA GLY D 161 6.25 -35.91 2.34
C GLY D 161 7.07 -37.05 2.89
N PRO D 162 6.47 -38.24 3.14
CA PRO D 162 7.24 -39.32 3.77
C PRO D 162 8.16 -40.15 2.86
N VAL D 163 8.99 -39.48 2.06
CA VAL D 163 10.00 -40.15 1.24
C VAL D 163 11.33 -40.08 2.02
N ASP D 164 12.27 -41.00 1.73
CA ASP D 164 13.56 -41.09 2.43
C ASP D 164 14.38 -39.81 2.60
N GLY D 165 14.32 -38.92 1.61
CA GLY D 165 15.04 -37.65 1.63
C GLY D 165 14.53 -36.70 2.69
N THR D 166 13.22 -36.67 2.87
CA THR D 166 12.55 -35.82 3.86
C THR D 166 12.64 -36.45 5.23
N ASN D 167 12.61 -37.79 5.27
CA ASN D 167 12.75 -38.56 6.49
C ASN D 167 14.10 -38.19 7.12
N ALA D 168 15.16 -37.93 6.30
CA ALA D 168 16.49 -37.51 6.73
C ALA D 168 16.74 -36.00 6.83
N THR D 169 16.45 -35.26 5.73
CA THR D 169 16.76 -33.83 5.49
C THR D 169 15.52 -32.89 5.39
N THR D 170 15.65 -31.60 5.85
CA THR D 170 14.63 -30.53 5.79
C THR D 170 14.78 -29.82 4.43
N ILE D 171 14.61 -30.60 3.36
CA ILE D 171 14.84 -30.16 1.99
C ILE D 171 13.66 -30.49 1.08
N THR D 172 13.21 -29.45 0.34
CA THR D 172 12.22 -29.47 -0.73
C THR D 172 13.09 -29.16 -1.96
N PRO D 173 13.60 -30.20 -2.67
CA PRO D 173 14.53 -29.94 -3.76
C PRO D 173 13.95 -29.60 -5.12
N GLY D 174 14.56 -28.60 -5.76
CA GLY D 174 14.22 -28.21 -7.13
C GLY D 174 12.96 -27.41 -7.29
N VAL D 175 12.81 -26.79 -8.47
CA VAL D 175 11.69 -25.93 -8.83
C VAL D 175 10.31 -26.60 -8.69
N TRP D 176 10.10 -27.75 -9.36
CA TRP D 176 8.82 -28.46 -9.35
C TRP D 176 8.33 -28.81 -7.95
N ASN D 177 9.20 -29.38 -7.10
CA ASN D 177 8.82 -29.77 -5.74
C ASN D 177 8.52 -28.56 -4.89
N LEU D 178 9.27 -27.46 -5.08
CA LEU D 178 9.05 -26.22 -4.33
C LEU D 178 7.66 -25.63 -4.65
N HIS D 179 7.32 -25.59 -5.95
CA HIS D 179 6.03 -25.12 -6.45
C HIS D 179 4.89 -25.94 -5.89
N ARG D 180 5.03 -27.27 -5.93
CA ARG D 180 4.05 -28.22 -5.42
C ARG D 180 3.76 -28.03 -3.93
N MET D 181 4.83 -27.89 -3.12
CA MET D 181 4.71 -27.70 -1.67
C MET D 181 4.12 -26.36 -1.29
N LEU D 182 4.50 -25.27 -1.98
CA LEU D 182 3.98 -23.93 -1.74
C LEU D 182 2.46 -23.88 -2.02
N ARG D 183 2.01 -24.67 -2.99
CA ARG D 183 0.60 -24.79 -3.35
C ARG D 183 -0.11 -25.71 -2.33
N ALA D 184 0.59 -26.74 -1.78
CA ALA D 184 0.04 -27.65 -0.77
C ALA D 184 -0.20 -26.87 0.52
N ALA D 185 0.70 -25.92 0.82
CA ALA D 185 0.68 -25.06 2.00
C ALA D 185 -0.63 -24.31 2.18
N GLU D 186 -1.36 -24.01 1.08
CA GLU D 186 -2.65 -23.28 1.09
C GLU D 186 -3.66 -23.88 2.06
N GLU D 187 -3.61 -25.21 2.25
CA GLU D 187 -4.49 -25.99 3.11
C GLU D 187 -4.47 -25.59 4.58
N TYR D 188 -3.28 -25.28 5.09
CA TYR D 188 -3.00 -25.11 6.49
C TYR D 188 -3.20 -23.73 7.12
N GLY D 189 -3.19 -23.75 8.46
CA GLY D 189 -3.30 -22.56 9.29
C GLY D 189 -1.92 -22.04 9.65
N MET D 190 -0.92 -22.94 9.63
CA MET D 190 0.50 -22.72 9.97
C MET D 190 1.22 -21.83 8.97
N ASN D 191 2.06 -20.90 9.45
CA ASN D 191 2.89 -20.08 8.57
C ASN D 191 4.04 -20.97 8.10
N VAL D 192 4.36 -20.96 6.79
CA VAL D 192 5.45 -21.82 6.30
C VAL D 192 6.52 -21.04 5.51
N GLY D 193 7.68 -21.67 5.39
CA GLY D 193 8.83 -21.21 4.62
C GLY D 193 9.61 -22.45 4.26
N LEU D 194 9.95 -22.63 2.98
CA LEU D 194 10.66 -23.83 2.52
C LEU D 194 12.12 -23.63 2.17
N LEU D 195 12.96 -24.62 2.54
CA LEU D 195 14.40 -24.66 2.27
C LEU D 195 14.68 -25.63 1.11
N GLY D 196 15.52 -25.20 0.16
CA GLY D 196 15.91 -26.04 -0.98
C GLY D 196 17.19 -26.80 -0.68
N LYS D 197 17.58 -27.70 -1.59
CA LYS D 197 18.82 -28.45 -1.44
C LYS D 197 20.04 -27.52 -1.67
N GLY D 198 20.85 -27.32 -0.63
CA GLY D 198 22.04 -26.48 -0.67
C GLY D 198 23.29 -27.19 -1.15
N ASN D 199 23.32 -28.54 -0.99
CA ASN D 199 24.40 -29.43 -1.37
C ASN D 199 24.66 -29.48 -2.88
N SER D 200 25.28 -28.41 -3.39
CA SER D 200 25.63 -28.23 -4.81
C SER D 200 26.95 -27.52 -4.95
N SER D 201 27.73 -27.91 -5.95
CA SER D 201 28.98 -27.25 -6.27
C SER D 201 28.81 -26.49 -7.59
N SER D 202 27.52 -26.20 -7.97
CA SER D 202 27.12 -25.49 -9.19
C SER D 202 26.06 -24.43 -8.87
N ARG D 203 26.29 -23.19 -9.35
CA ARG D 203 25.43 -22.02 -9.11
C ARG D 203 23.99 -22.14 -9.59
N ALA D 204 23.81 -22.45 -10.89
CA ALA D 204 22.52 -22.55 -11.58
C ALA D 204 21.45 -23.27 -10.78
N GLN D 205 21.74 -24.50 -10.31
CA GLN D 205 20.80 -25.33 -9.56
C GLN D 205 20.38 -24.74 -8.22
N LEU D 206 21.23 -23.88 -7.63
CA LEU D 206 20.94 -23.21 -6.36
C LEU D 206 20.03 -22.01 -6.63
N VAL D 207 20.38 -21.20 -7.62
CA VAL D 207 19.64 -20.01 -8.03
C VAL D 207 18.18 -20.34 -8.41
N GLU D 208 17.96 -21.38 -9.25
CA GLU D 208 16.66 -21.92 -9.68
C GLU D 208 15.70 -22.04 -8.49
N GLN D 209 16.22 -22.58 -7.37
CA GLN D 209 15.49 -22.87 -6.15
C GLN D 209 15.05 -21.62 -5.42
N VAL D 210 15.92 -20.60 -5.30
CA VAL D 210 15.58 -19.31 -4.67
C VAL D 210 14.50 -18.62 -5.49
N LYS D 211 14.65 -18.64 -6.82
CA LYS D 211 13.68 -18.06 -7.76
C LYS D 211 12.34 -18.81 -7.74
N ALA D 212 12.34 -20.10 -7.30
CA ALA D 212 11.15 -20.94 -7.19
C ALA D 212 10.40 -20.70 -5.85
N GLY D 213 10.95 -19.84 -5.00
CA GLY D 213 10.31 -19.47 -3.75
C GLY D 213 10.97 -19.86 -2.45
N ALA D 214 12.10 -20.60 -2.48
CA ALA D 214 12.80 -21.04 -1.27
C ALA D 214 13.22 -19.86 -0.39
N ILE D 215 13.05 -20.01 0.95
CA ILE D 215 13.46 -18.98 1.92
C ILE D 215 14.91 -19.13 2.30
N GLY D 216 15.53 -20.19 1.79
CA GLY D 216 16.91 -20.53 2.06
C GLY D 216 17.32 -21.90 1.59
N PHE D 217 18.43 -22.40 2.15
CA PHE D 217 19.00 -23.68 1.75
C PHE D 217 19.38 -24.53 2.92
N KCX D 218 19.19 -25.84 2.80
CA KCX D 218 19.64 -26.73 3.85
CB KCX D 218 18.52 -27.64 4.37
CG KCX D 218 19.02 -28.84 5.18
CD KCX D 218 19.37 -28.44 6.60
CE KCX D 218 19.75 -29.64 7.45
NZ KCX D 218 18.57 -30.40 7.89
C KCX D 218 20.77 -27.54 3.24
O KCX D 218 20.63 -28.03 2.12
CX KCX D 218 18.57 -31.27 8.91
OQ1 KCX D 218 19.63 -31.47 9.56
OQ2 KCX D 218 17.49 -31.85 9.18
N LEU D 219 21.91 -27.59 3.96
CA LEU D 219 23.10 -28.37 3.62
C LEU D 219 23.03 -29.56 4.60
N HIS D 220 22.93 -30.77 4.05
CA HIS D 220 22.83 -31.96 4.89
C HIS D 220 23.76 -33.02 4.39
N GLU D 221 24.56 -33.59 5.31
CA GLU D 221 25.56 -34.63 5.02
C GLU D 221 25.08 -35.82 4.14
N ASP D 222 23.76 -36.11 4.14
CA ASP D 222 23.17 -37.19 3.35
C ASP D 222 23.20 -36.92 1.86
N TRP D 223 23.38 -35.62 1.48
CA TRP D 223 23.56 -35.14 0.10
C TRP D 223 24.99 -34.60 -0.13
N GLY D 224 25.88 -34.82 0.85
CA GLY D 224 27.29 -34.45 0.82
C GLY D 224 27.60 -33.03 1.27
N THR D 225 27.91 -32.82 2.61
CA THR D 225 28.27 -31.48 3.16
C THR D 225 29.77 -31.24 3.10
N THR D 226 30.29 -31.19 1.86
CA THR D 226 31.70 -30.98 1.58
C THR D 226 32.06 -29.50 1.62
N PRO D 227 33.35 -29.13 1.81
CA PRO D 227 33.72 -27.69 1.79
C PRO D 227 33.32 -26.97 0.50
N SER D 228 33.36 -27.67 -0.67
CA SER D 228 32.94 -27.10 -1.96
C SER D 228 31.46 -26.69 -1.94
N ALA D 229 30.59 -27.59 -1.45
CA ALA D 229 29.15 -27.42 -1.30
C ALA D 229 28.82 -26.28 -0.30
N ILE D 230 29.59 -26.22 0.84
CA ILE D 230 29.46 -25.19 1.87
C ILE D 230 29.69 -23.80 1.28
N ASP D 231 30.78 -23.62 0.51
CA ASP D 231 31.14 -22.36 -0.14
C ASP D 231 30.13 -21.93 -1.21
N HIS D 232 29.82 -22.85 -2.16
CA HIS D 232 28.87 -22.55 -3.24
C HIS D 232 27.51 -22.13 -2.74
N CYS D 233 26.99 -22.86 -1.74
CA CYS D 233 25.68 -22.59 -1.14
C CYS D 233 25.63 -21.20 -0.50
N LEU D 234 26.62 -20.88 0.38
CA LEU D 234 26.67 -19.59 1.04
C LEU D 234 26.83 -18.45 0.06
N SER D 235 27.59 -18.66 -1.04
CA SER D 235 27.81 -17.63 -2.07
C SER D 235 26.48 -17.17 -2.68
N VAL D 236 25.59 -18.13 -3.02
CA VAL D 236 24.25 -17.87 -3.59
C VAL D 236 23.34 -17.22 -2.53
N ALA D 237 23.40 -17.74 -1.28
CA ALA D 237 22.65 -17.21 -0.13
C ALA D 237 22.95 -15.71 0.13
N ASP D 238 24.22 -15.35 -0.04
CA ASP D 238 24.71 -14.00 0.13
C ASP D 238 24.16 -13.09 -0.94
N GLU D 239 24.09 -13.58 -2.19
CA GLU D 239 23.57 -12.85 -3.35
C GLU D 239 22.08 -12.61 -3.24
N TYR D 240 21.32 -13.63 -2.75
CA TYR D 240 19.86 -13.58 -2.70
C TYR D 240 19.20 -13.30 -1.35
N ASP D 241 19.99 -12.91 -0.33
CA ASP D 241 19.51 -12.61 1.02
C ASP D 241 18.60 -13.70 1.59
N VAL D 242 19.11 -14.93 1.65
CA VAL D 242 18.37 -16.08 2.18
C VAL D 242 19.21 -16.79 3.23
N GLN D 243 18.57 -17.59 4.10
CA GLN D 243 19.33 -18.26 5.15
C GLN D 243 19.84 -19.64 4.77
N VAL D 244 20.96 -20.06 5.39
CA VAL D 244 21.53 -21.41 5.20
C VAL D 244 21.51 -22.16 6.52
N CYS D 245 21.08 -23.42 6.48
CA CYS D 245 21.03 -24.35 7.60
C CYS D 245 22.01 -25.50 7.37
N ILE D 246 22.67 -25.96 8.44
CA ILE D 246 23.70 -26.97 8.27
C ILE D 246 23.69 -28.13 9.30
N HIS D 247 23.74 -29.35 8.73
CA HIS D 247 23.97 -30.63 9.38
C HIS D 247 25.32 -31.10 8.74
N THR D 248 26.44 -30.84 9.47
CA THR D 248 27.85 -31.06 9.11
C THR D 248 28.26 -32.51 8.81
N ASP D 249 29.50 -32.72 8.25
CA ASP D 249 30.09 -34.03 7.89
C ASP D 249 30.48 -34.87 9.11
N THR D 250 29.51 -35.66 9.65
CA THR D 250 29.69 -36.52 10.85
C THR D 250 30.93 -37.39 10.86
N VAL D 251 31.17 -38.08 9.75
CA VAL D 251 32.26 -39.03 9.60
C VAL D 251 33.58 -38.39 9.16
N ASN D 252 33.70 -37.05 9.26
CA ASN D 252 34.87 -36.22 8.88
C ASN D 252 35.56 -36.71 7.58
N GLU D 253 34.76 -36.97 6.53
CA GLU D 253 35.26 -37.49 5.25
C GLU D 253 36.13 -36.51 4.48
N ALA D 254 35.61 -35.29 4.21
CA ALA D 254 36.29 -34.25 3.45
C ALA D 254 37.11 -33.28 4.33
N GLY D 255 36.98 -33.41 5.64
CA GLY D 255 37.71 -32.57 6.60
C GLY D 255 37.13 -32.60 7.99
N TYR D 256 37.81 -31.93 8.95
CA TYR D 256 37.37 -31.84 10.35
C TYR D 256 36.52 -30.58 10.57
N VAL D 257 35.96 -30.37 11.78
CA VAL D 257 35.11 -29.21 12.08
C VAL D 257 35.71 -27.85 11.64
N ASP D 258 37.00 -27.65 11.92
CA ASP D 258 37.74 -26.44 11.58
C ASP D 258 37.78 -26.17 10.05
N ASP D 259 37.79 -27.26 9.24
CA ASP D 259 37.79 -27.21 7.77
C ASP D 259 36.44 -26.74 7.24
N THR D 260 35.34 -27.14 7.92
CA THR D 260 33.97 -26.73 7.65
C THR D 260 33.82 -25.26 8.01
N LEU D 261 34.28 -24.86 9.23
CA LEU D 261 34.24 -23.48 9.72
C LEU D 261 34.99 -22.55 8.77
N ARG D 262 36.15 -23.01 8.27
CA ARG D 262 36.98 -22.28 7.31
C ARG D 262 36.25 -22.07 5.99
N ALA D 263 35.52 -23.12 5.51
CA ALA D 263 34.73 -23.07 4.26
C ALA D 263 33.61 -22.03 4.36
N MET D 264 33.00 -21.90 5.56
CA MET D 264 31.93 -20.93 5.84
C MET D 264 32.43 -19.51 5.66
N ASN D 265 33.67 -19.26 6.09
CA ASN D 265 34.37 -17.97 5.98
C ASN D 265 33.68 -16.77 6.69
N GLY D 266 33.22 -17.00 7.92
CA GLY D 266 32.58 -15.97 8.73
C GLY D 266 31.21 -15.54 8.23
N ARG D 267 30.63 -16.30 7.28
CA ARG D 267 29.31 -16.01 6.72
C ARG D 267 28.21 -16.54 7.63
N ALA D 268 27.04 -15.87 7.65
CA ALA D 268 25.90 -16.25 8.49
C ALA D 268 25.38 -17.61 8.08
N ILE D 269 25.23 -18.51 9.06
CA ILE D 269 24.74 -19.87 8.88
C ILE D 269 24.04 -20.35 10.16
N HIS D 270 22.93 -21.05 9.98
CA HIS D 270 22.13 -21.59 11.08
C HIS D 270 22.55 -23.04 11.28
N ALA D 271 23.35 -23.28 12.35
CA ALA D 271 23.85 -24.61 12.68
C ALA D 271 22.83 -25.37 13.51
N TYR D 272 22.11 -26.30 12.84
CA TYR D 272 21.06 -27.18 13.40
C TYR D 272 21.71 -28.14 14.36
N HIS D 273 20.96 -28.67 15.33
CA HIS D 273 21.45 -29.67 16.31
C HIS D 273 22.92 -29.57 16.71
N ILE D 274 23.33 -28.38 17.22
CA ILE D 274 24.70 -28.03 17.58
C ILE D 274 25.42 -29.02 18.49
N GLU D 275 24.67 -29.70 19.38
CA GLU D 275 25.23 -30.69 20.30
C GLU D 275 25.90 -31.87 19.55
N GLY D 276 25.25 -32.36 18.48
CA GLY D 276 25.82 -33.40 17.63
C GLY D 276 25.23 -34.79 17.53
N ALA D 277 24.15 -35.11 18.31
CA ALA D 277 23.51 -36.44 18.26
C ALA D 277 22.69 -36.61 16.96
N GLY D 278 21.92 -35.58 16.60
CA GLY D 278 21.14 -35.51 15.38
C GLY D 278 21.99 -35.57 14.12
N GLY D 279 23.29 -35.32 14.32
CA GLY D 279 24.32 -35.33 13.30
C GLY D 279 25.31 -34.17 13.39
N GLY D 280 26.45 -34.41 12.78
CA GLY D 280 27.53 -33.44 12.71
C GLY D 280 28.84 -34.02 13.22
N HIS D 281 29.96 -33.51 12.64
CA HIS D 281 31.35 -33.82 12.95
C HIS D 281 31.51 -34.48 14.31
N SER D 282 31.93 -35.75 14.35
CA SER D 282 32.13 -36.44 15.62
C SER D 282 33.59 -36.38 16.05
N PRO D 283 33.91 -35.91 17.29
CA PRO D 283 33.02 -35.55 18.40
C PRO D 283 32.92 -34.03 18.68
N ASP D 284 33.48 -33.20 17.78
CA ASP D 284 33.64 -31.77 17.99
C ASP D 284 32.72 -30.78 17.33
N VAL D 285 31.56 -31.20 16.81
CA VAL D 285 30.61 -30.25 16.17
C VAL D 285 30.18 -29.13 17.11
N ILE D 286 29.97 -29.45 18.42
CA ILE D 286 29.56 -28.51 19.47
C ILE D 286 30.50 -27.28 19.58
N THR D 287 31.79 -27.44 19.19
CA THR D 287 32.82 -26.38 19.22
C THR D 287 32.48 -25.15 18.34
N MET D 288 31.59 -25.34 17.35
CA MET D 288 31.10 -24.30 16.46
C MET D 288 30.30 -23.22 17.17
N ALA D 289 29.55 -23.60 18.24
CA ALA D 289 28.69 -22.70 19.04
C ALA D 289 29.40 -21.45 19.60
N GLY D 290 30.72 -21.53 19.77
CA GLY D 290 31.50 -20.41 20.30
C GLY D 290 31.68 -19.26 19.32
N GLU D 291 31.66 -19.57 18.01
CA GLU D 291 31.87 -18.64 16.90
C GLU D 291 30.74 -17.63 16.72
N VAL D 292 31.11 -16.37 16.43
CA VAL D 292 30.20 -15.24 16.26
C VAL D 292 29.25 -15.35 15.07
N ASN D 293 29.73 -15.89 13.93
CA ASN D 293 28.94 -16.02 12.71
C ASN D 293 27.93 -17.14 12.76
N ILE D 294 28.21 -18.16 13.61
CA ILE D 294 27.38 -19.35 13.80
C ILE D 294 26.18 -18.99 14.65
N LEU D 295 24.98 -19.18 14.08
CA LEU D 295 23.69 -18.98 14.73
C LEU D 295 23.23 -20.39 15.16
N PRO D 296 23.41 -20.80 16.44
CA PRO D 296 23.12 -22.19 16.83
C PRO D 296 21.77 -22.53 17.45
N SER D 297 21.14 -23.60 16.93
CA SER D 297 19.89 -24.13 17.48
C SER D 297 20.12 -25.53 18.10
N SER D 298 19.16 -25.99 18.91
CA SER D 298 19.17 -27.30 19.54
C SER D 298 17.88 -27.99 19.20
N THR D 299 17.92 -29.29 18.94
CA THR D 299 16.70 -30.04 18.66
C THR D 299 16.27 -30.78 19.92
N THR D 300 14.96 -30.78 20.17
CA THR D 300 14.24 -31.39 21.31
C THR D 300 14.74 -32.71 21.96
N PRO D 301 15.11 -33.81 21.25
CA PRO D 301 15.42 -35.05 21.98
C PRO D 301 16.52 -35.04 23.04
N THR D 302 17.50 -34.12 22.90
CA THR D 302 18.62 -34.00 23.84
C THR D 302 18.39 -32.97 24.97
N ILE D 303 17.36 -32.12 24.84
CA ILE D 303 17.03 -31.11 25.84
C ILE D 303 15.68 -31.40 26.51
N PRO D 304 15.59 -31.52 27.87
CA PRO D 304 16.70 -31.45 28.84
C PRO D 304 17.43 -32.80 28.91
N TYR D 305 18.62 -32.83 29.52
CA TYR D 305 19.41 -34.05 29.65
C TYR D 305 18.78 -34.86 30.77
N THR D 306 18.28 -36.05 30.44
CA THR D 306 17.63 -36.95 31.41
C THR D 306 18.34 -38.30 31.49
N ILE D 307 17.95 -39.09 32.51
CA ILE D 307 18.47 -40.42 32.78
C ILE D 307 18.18 -41.45 31.66
N ASN D 308 17.23 -41.11 30.75
CA ASN D 308 16.86 -41.94 29.61
C ASN D 308 17.34 -41.37 28.24
N THR D 309 17.97 -40.16 28.20
CA THR D 309 18.41 -39.51 26.96
C THR D 309 19.36 -40.34 26.14
N VAL D 310 20.44 -40.83 26.75
CA VAL D 310 21.46 -41.61 26.03
C VAL D 310 20.93 -42.96 25.54
N ALA D 311 20.20 -43.73 26.41
CA ALA D 311 19.62 -45.02 26.09
C ALA D 311 18.65 -44.95 24.90
N GLU D 312 17.78 -43.92 24.87
CA GLU D 312 16.79 -43.67 23.83
C GLU D 312 17.48 -43.40 22.49
N HIS D 313 18.58 -42.64 22.50
CA HIS D 313 19.37 -42.27 21.31
C HIS D 313 20.14 -43.37 20.65
N LEU D 314 20.74 -44.26 21.44
CA LEU D 314 21.54 -45.39 20.96
C LEU D 314 20.71 -46.42 20.19
N ASP D 315 19.44 -46.07 19.83
CA ASP D 315 18.47 -46.90 19.10
C ASP D 315 17.62 -46.06 18.16
N MET D 316 17.25 -44.82 18.58
CA MET D 316 16.49 -43.81 17.82
C MET D 316 17.28 -43.40 16.57
N LEU D 317 18.63 -43.44 16.67
CA LEU D 317 19.57 -43.15 15.59
C LEU D 317 19.51 -44.30 14.56
N MET D 318 19.36 -45.56 15.03
CA MET D 318 19.25 -46.76 14.19
C MET D 318 17.97 -46.90 13.36
N THR D 319 16.83 -46.34 13.83
CA THR D 319 15.52 -46.37 13.15
C THR D 319 15.43 -45.27 12.08
N CYS D 320 15.98 -44.07 12.40
CA CYS D 320 15.98 -42.90 11.53
C CYS D 320 16.95 -43.04 10.35
N HIS D 321 18.21 -43.44 10.63
CA HIS D 321 19.26 -43.61 9.63
C HIS D 321 19.30 -45.00 8.97
N HIS D 322 18.48 -45.95 9.48
CA HIS D 322 18.36 -47.35 9.02
C HIS D 322 19.72 -48.07 9.04
N LEU D 323 20.24 -48.31 10.25
CA LEU D 323 21.55 -48.94 10.46
C LEU D 323 21.44 -50.41 10.81
N ASP D 324 22.46 -51.19 10.44
CA ASP D 324 22.55 -52.63 10.71
C ASP D 324 22.51 -52.92 12.20
N LYS D 325 21.89 -54.05 12.57
CA LYS D 325 21.81 -54.50 13.96
C LYS D 325 23.18 -55.01 14.45
N ARG D 326 24.16 -55.21 13.51
CA ARG D 326 25.54 -55.64 13.79
C ARG D 326 26.29 -54.54 14.56
N ILE D 327 25.89 -53.26 14.31
CA ILE D 327 26.40 -52.05 14.96
C ILE D 327 25.77 -51.99 16.38
N ARG D 328 26.61 -52.12 17.43
CA ARG D 328 26.24 -52.17 18.87
C ARG D 328 25.25 -51.08 19.29
N PHE D 333 30.10 -48.75 23.03
CA PHE D 333 29.89 -48.06 21.77
C PHE D 333 30.59 -46.69 21.75
N SER D 334 30.72 -46.08 20.54
CA SER D 334 31.31 -44.76 20.34
C SER D 334 30.37 -43.67 20.91
N GLN D 335 29.07 -43.71 20.53
CA GLN D 335 28.02 -42.78 20.98
C GLN D 335 27.78 -42.82 22.50
N SER D 336 28.09 -43.98 23.15
CA SER D 336 27.96 -44.19 24.59
C SER D 336 29.02 -43.41 25.43
N ARG D 337 30.18 -43.06 24.80
CA ARG D 337 31.27 -42.29 25.41
C ARG D 337 31.23 -40.79 24.98
N ILE D 338 30.97 -40.54 23.65
CA ILE D 338 30.87 -39.20 23.03
C ILE D 338 29.64 -38.43 23.53
N ARG D 339 28.46 -39.06 23.41
CA ARG D 339 27.18 -38.45 23.75
C ARG D 339 26.98 -37.87 25.15
N PRO D 340 27.29 -38.54 26.29
CA PRO D 340 27.04 -37.91 27.60
C PRO D 340 27.67 -36.51 27.76
N GLY D 341 28.93 -36.36 27.32
CA GLY D 341 29.71 -35.13 27.41
C GLY D 341 29.09 -33.92 26.76
N SER D 342 28.64 -34.08 25.51
CA SER D 342 28.01 -33.01 24.72
C SER D 342 26.56 -32.74 25.13
N ILE D 343 25.75 -33.81 25.43
CA ILE D 343 24.34 -33.68 25.88
C ILE D 343 24.29 -32.89 27.18
N ALA D 344 25.19 -33.21 28.12
CA ALA D 344 25.27 -32.51 29.41
C ALA D 344 25.64 -31.05 29.19
N ALA D 345 26.69 -30.78 28.38
CA ALA D 345 27.17 -29.43 28.10
C ALA D 345 26.10 -28.56 27.47
N GLU D 346 25.34 -29.14 26.50
CA GLU D 346 24.24 -28.50 25.76
C GLU D 346 23.27 -27.74 26.68
N ASP D 347 22.82 -28.37 27.78
CA ASP D 347 21.93 -27.74 28.75
C ASP D 347 22.55 -26.49 29.40
N THR D 348 23.81 -26.61 29.82
CA THR D 348 24.56 -25.54 30.45
C THR D 348 24.76 -24.38 29.46
N LEU D 349 25.11 -24.70 28.19
CA LEU D 349 25.31 -23.74 27.09
C LEU D 349 24.04 -22.94 26.79
N HIS D 350 22.87 -23.56 26.98
CA HIS D 350 21.58 -22.91 26.81
C HIS D 350 21.41 -21.85 27.88
N ASP D 351 21.72 -22.23 29.14
CA ASP D 351 21.60 -21.36 30.32
C ASP D 351 22.55 -20.19 30.27
N MET D 352 23.72 -20.40 29.63
CA MET D 352 24.79 -19.41 29.44
C MET D 352 24.49 -18.45 28.28
N GLY D 353 23.48 -18.77 27.47
CA GLY D 353 23.12 -17.97 26.30
C GLY D 353 24.03 -18.21 25.12
N VAL D 354 24.71 -19.37 25.09
CA VAL D 354 25.62 -19.78 24.00
C VAL D 354 24.78 -20.36 22.84
N ILE D 355 23.80 -21.22 23.13
CA ILE D 355 22.88 -21.78 22.12
C ILE D 355 21.66 -20.87 22.13
N ALA D 356 21.39 -20.21 21.00
CA ALA D 356 20.36 -19.20 20.88
C ALA D 356 18.95 -19.66 20.52
N MET D 357 18.81 -20.87 19.98
CA MET D 357 17.49 -21.36 19.55
C MET D 357 17.21 -22.79 19.96
N THR D 358 15.91 -23.12 20.06
CA THR D 358 15.35 -24.44 20.28
C THR D 358 14.46 -24.73 19.04
N SER D 359 14.44 -25.99 18.58
CA SER D 359 13.72 -26.45 17.39
C SER D 359 13.29 -27.89 17.57
N SER D 360 12.55 -28.46 16.59
CA SER D 360 12.07 -29.82 16.75
C SER D 360 12.83 -30.96 16.10
N ASP D 361 13.07 -30.92 14.78
CA ASP D 361 13.67 -32.03 13.97
C ASP D 361 12.54 -33.07 13.78
N SER D 362 11.30 -32.55 13.71
CA SER D 362 10.00 -33.22 13.61
C SER D 362 9.94 -34.55 12.81
N GLN D 363 9.77 -35.69 13.51
CA GLN D 363 9.71 -37.05 12.95
C GLN D 363 11.00 -37.46 12.19
N ALA D 364 12.12 -36.78 12.49
CA ALA D 364 13.41 -37.05 11.89
C ALA D 364 14.51 -36.90 12.97
N MET D 365 14.27 -37.54 14.16
CA MET D 365 15.05 -37.54 15.41
C MET D 365 14.69 -36.31 16.27
N GLY D 366 13.40 -36.13 16.51
CA GLY D 366 12.84 -35.01 17.26
C GLY D 366 11.32 -34.87 17.21
N ARG D 367 10.75 -34.29 18.27
CA ARG D 367 9.29 -34.14 18.44
C ARG D 367 8.65 -32.79 18.08
N ALA D 368 7.62 -32.83 17.18
CA ALA D 368 6.83 -31.70 16.65
C ALA D 368 6.17 -30.78 17.72
N GLY D 369 5.45 -31.40 18.67
CA GLY D 369 4.78 -30.66 19.74
C GLY D 369 5.54 -30.72 21.04
N GLU D 370 6.86 -30.47 21.00
CA GLU D 370 7.72 -30.52 22.19
C GLU D 370 8.69 -29.35 22.33
N VAL D 371 8.84 -28.47 21.29
CA VAL D 371 9.75 -27.33 21.32
C VAL D 371 9.54 -26.49 22.58
N ILE D 372 8.29 -26.01 22.79
CA ILE D 372 7.94 -25.16 23.94
C ILE D 372 8.09 -25.88 25.30
N PRO D 373 7.47 -27.06 25.55
CA PRO D 373 7.66 -27.73 26.85
C PRO D 373 9.12 -28.00 27.20
N ARG D 374 9.89 -28.58 26.25
CA ARG D 374 11.29 -28.92 26.43
C ARG D 374 12.20 -27.74 26.68
N THR D 375 11.87 -26.55 26.12
CA THR D 375 12.63 -25.32 26.41
C THR D 375 12.48 -24.97 27.90
N TRP D 376 11.23 -24.95 28.41
CA TRP D 376 10.94 -24.66 29.80
C TRP D 376 11.40 -25.73 30.77
N GLN D 377 11.43 -26.99 30.31
CA GLN D 377 11.91 -28.11 31.13
C GLN D 377 13.40 -27.92 31.41
N THR D 378 14.17 -27.46 30.37
CA THR D 378 15.61 -27.16 30.42
C THR D 378 15.86 -25.94 31.31
N ALA D 379 15.04 -24.88 31.15
CA ALA D 379 15.13 -23.66 31.97
C ALA D 379 15.00 -24.02 33.44
N ASP D 380 13.95 -24.84 33.75
CA ASP D 380 13.63 -25.33 35.08
C ASP D 380 14.76 -26.20 35.65
N LYS D 381 15.28 -27.15 34.83
CA LYS D 381 16.35 -28.08 35.18
C LYS D 381 17.59 -27.30 35.61
N ASN D 382 18.03 -26.33 34.78
CA ASN D 382 19.20 -25.50 35.06
C ASN D 382 19.04 -24.57 36.27
N LYS D 383 17.82 -24.06 36.51
CA LYS D 383 17.50 -23.22 37.67
C LYS D 383 17.61 -24.11 38.93
N LYS D 384 17.13 -25.36 38.82
CA LYS D 384 17.21 -26.31 39.92
C LYS D 384 18.68 -26.69 40.16
N GLU D 385 19.49 -26.86 39.07
CA GLU D 385 20.92 -27.24 39.14
C GLU D 385 21.90 -26.12 39.42
N PHE D 386 21.84 -25.01 38.66
CA PHE D 386 22.78 -23.91 38.78
C PHE D 386 22.25 -22.67 39.54
N GLY D 387 21.07 -22.81 40.15
CA GLY D 387 20.41 -21.75 40.91
C GLY D 387 19.85 -20.60 40.09
N ARG D 388 19.34 -19.57 40.80
CA ARG D 388 18.78 -18.35 40.20
C ARG D 388 19.96 -17.60 39.60
N LEU D 389 19.84 -17.17 38.32
CA LEU D 389 20.93 -16.50 37.60
C LEU D 389 21.45 -15.29 38.36
N THR D 390 22.77 -15.06 38.32
CA THR D 390 23.42 -13.92 38.94
C THR D 390 22.93 -12.60 38.31
N GLU D 391 22.48 -12.70 37.03
CA GLU D 391 21.96 -11.65 36.18
C GLU D 391 20.63 -11.09 36.69
N GLU D 392 19.87 -11.88 37.49
CA GLU D 392 18.58 -11.48 38.07
C GLU D 392 18.69 -10.27 39.00
N LYS D 393 17.68 -9.42 38.97
CA LYS D 393 17.54 -8.22 39.77
C LYS D 393 16.22 -8.39 40.51
N GLY D 394 16.28 -8.92 41.72
CA GLY D 394 15.09 -9.20 42.52
C GLY D 394 14.84 -10.67 42.76
N ASP D 395 13.68 -10.96 43.41
CA ASP D 395 13.25 -12.31 43.77
C ASP D 395 12.38 -12.86 42.62
N ASN D 396 13.00 -13.02 41.43
CA ASN D 396 12.32 -13.49 40.22
C ASN D 396 13.36 -14.07 39.28
N ASP D 397 12.90 -14.76 38.21
CA ASP D 397 13.72 -15.40 37.18
C ASP D 397 13.58 -14.71 35.81
N ASN D 398 13.07 -13.46 35.80
CA ASN D 398 12.80 -12.68 34.60
C ASN D 398 13.86 -12.75 33.54
N PHE D 399 15.14 -12.57 33.91
CA PHE D 399 16.23 -12.63 32.93
C PHE D 399 16.33 -14.01 32.27
N ARG D 400 16.34 -15.10 33.06
CA ARG D 400 16.37 -16.47 32.54
C ARG D 400 15.14 -16.71 31.66
N ILE D 401 13.93 -16.28 32.12
CA ILE D 401 12.68 -16.42 31.36
C ILE D 401 12.82 -15.80 29.95
N LYS D 402 13.27 -14.52 29.92
CA LYS D 402 13.51 -13.76 28.70
C LYS D 402 14.55 -14.47 27.81
N ARG D 403 15.62 -15.06 28.42
CA ARG D 403 16.66 -15.80 27.70
C ARG D 403 16.04 -17.03 27.01
N TYR D 404 15.19 -17.78 27.74
CA TYR D 404 14.55 -18.98 27.22
C TYR D 404 13.42 -18.73 26.22
N ILE D 405 12.54 -17.74 26.48
CA ILE D 405 11.44 -17.44 25.55
C ILE D 405 11.98 -17.02 24.16
N SER D 406 13.09 -16.25 24.14
CA SER D 406 13.76 -15.77 22.92
C SER D 406 14.20 -16.94 22.00
N LYS D 407 14.50 -18.11 22.58
CA LYS D 407 14.97 -19.30 21.87
C LYS D 407 13.98 -19.83 20.82
N TYR D 408 12.66 -19.72 21.08
CA TYR D 408 11.65 -20.23 20.15
C TYR D 408 10.72 -19.14 19.58
N THR D 409 10.94 -17.87 19.94
CA THR D 409 10.12 -16.74 19.45
C THR D 409 10.96 -15.80 18.58
N ILE D 410 11.65 -14.83 19.19
CA ILE D 410 12.43 -13.81 18.48
C ILE D 410 13.70 -14.27 17.74
N ASN D 411 14.59 -15.05 18.39
CA ASN D 411 15.83 -15.54 17.78
C ASN D 411 15.61 -16.34 16.50
N PRO D 412 14.65 -17.32 16.40
CA PRO D 412 14.43 -17.96 15.08
C PRO D 412 13.95 -16.94 14.03
N ALA D 413 13.13 -15.95 14.42
CA ALA D 413 12.62 -14.92 13.52
C ALA D 413 13.76 -14.07 12.96
N ILE D 414 14.76 -13.71 13.80
CA ILE D 414 15.94 -12.93 13.40
C ILE D 414 16.76 -13.73 12.40
N THR D 415 17.02 -15.03 12.72
CA THR D 415 17.77 -15.97 11.90
C THR D 415 17.19 -16.09 10.50
N HIS D 416 15.86 -16.23 10.39
CA HIS D 416 15.20 -16.46 9.11
C HIS D 416 14.69 -15.25 8.34
N GLY D 417 14.95 -14.06 8.87
CA GLY D 417 14.61 -12.80 8.22
C GLY D 417 13.14 -12.44 8.20
N VAL D 418 12.40 -12.79 9.28
CA VAL D 418 10.98 -12.51 9.44
C VAL D 418 10.67 -11.73 10.76
N SER D 419 11.72 -11.24 11.43
CA SER D 419 11.66 -10.49 12.69
C SER D 419 10.85 -9.20 12.61
N GLU D 420 10.66 -8.65 11.40
CA GLU D 420 9.87 -7.44 11.18
C GLU D 420 8.35 -7.70 11.19
N TYR D 421 7.95 -8.96 10.94
CA TYR D 421 6.56 -9.37 10.85
C TYR D 421 6.05 -10.07 12.08
N ILE D 422 6.83 -11.05 12.56
CA ILE D 422 6.50 -11.94 13.68
C ILE D 422 7.67 -12.10 14.69
N GLY D 423 7.50 -12.97 15.67
CA GLY D 423 8.52 -13.27 16.66
C GLY D 423 8.36 -12.67 18.05
N SER D 424 7.65 -11.54 18.20
CA SER D 424 7.50 -10.90 19.50
C SER D 424 6.18 -10.11 19.66
N VAL D 425 5.81 -9.81 20.93
CA VAL D 425 4.60 -9.06 21.26
C VAL D 425 4.96 -7.55 21.18
N GLU D 426 4.98 -7.01 19.95
CA GLU D 426 5.33 -5.60 19.71
C GLU D 426 4.34 -4.91 18.77
N GLU D 427 4.06 -3.63 19.01
CA GLU D 427 3.17 -2.81 18.17
C GLU D 427 3.66 -2.81 16.72
N GLY D 428 2.74 -3.02 15.80
CA GLY D 428 3.02 -3.05 14.38
C GLY D 428 3.25 -4.43 13.79
N LYS D 429 3.54 -5.42 14.65
CA LYS D 429 3.77 -6.79 14.19
C LYS D 429 2.44 -7.50 13.97
N ILE D 430 2.47 -8.61 13.20
CA ILE D 430 1.30 -9.45 12.96
C ILE D 430 0.89 -10.07 14.29
N ALA D 431 -0.43 -10.14 14.55
CA ALA D 431 -1.00 -10.66 15.77
C ALA D 431 -1.07 -12.18 15.78
N ASP D 432 0.12 -12.82 15.90
CA ASP D 432 0.32 -14.26 16.08
C ASP D 432 0.69 -14.39 17.59
N LEU D 433 -0.33 -14.65 18.45
CA LEU D 433 -0.21 -14.70 19.90
C LEU D 433 -0.81 -15.94 20.49
N VAL D 434 -0.33 -16.36 21.67
CA VAL D 434 -0.82 -17.54 22.38
C VAL D 434 -1.25 -17.11 23.80
N VAL D 435 -2.47 -17.49 24.22
CA VAL D 435 -3.01 -17.20 25.55
C VAL D 435 -2.81 -18.45 26.42
N TRP D 436 -2.15 -18.30 27.58
CA TRP D 436 -1.86 -19.42 28.47
C TRP D 436 -2.44 -19.20 29.86
N ASN D 437 -2.93 -20.29 30.47
CA ASN D 437 -3.35 -20.25 31.86
C ASN D 437 -2.06 -20.53 32.63
N PRO D 438 -1.64 -19.69 33.59
CA PRO D 438 -0.34 -19.93 34.29
C PRO D 438 -0.05 -21.34 34.80
N ALA D 439 -1.10 -22.07 35.26
CA ALA D 439 -0.97 -23.44 35.76
C ALA D 439 -0.55 -24.41 34.66
N PHE D 440 -0.76 -24.03 33.39
CA PHE D 440 -0.48 -24.81 32.19
C PHE D 440 0.55 -24.16 31.26
N PHE D 441 1.21 -23.07 31.74
CA PHE D 441 2.19 -22.35 30.93
C PHE D 441 3.27 -23.29 30.45
N GLY D 442 3.56 -23.22 29.16
CA GLY D 442 4.60 -24.00 28.51
C GLY D 442 4.23 -25.41 28.17
N VAL D 443 3.08 -25.91 28.65
CA VAL D 443 2.65 -27.28 28.39
C VAL D 443 1.35 -27.41 27.59
N LYS D 444 0.30 -26.65 27.98
CA LYS D 444 -1.02 -26.66 27.35
C LYS D 444 -1.61 -25.25 27.14
N PRO D 445 -1.55 -24.71 25.90
CA PRO D 445 -2.13 -23.37 25.64
C PRO D 445 -3.66 -23.35 25.64
N LYS D 446 -4.27 -22.17 25.81
CA LYS D 446 -5.73 -22.01 25.84
C LYS D 446 -6.24 -21.63 24.46
N ILE D 447 -5.71 -20.51 23.92
CA ILE D 447 -6.12 -19.95 22.64
C ILE D 447 -4.88 -19.62 21.80
N ILE D 448 -4.98 -19.90 20.49
CA ILE D 448 -3.98 -19.57 19.49
C ILE D 448 -4.63 -18.54 18.55
N ILE D 449 -4.10 -17.31 18.54
CA ILE D 449 -4.50 -16.19 17.67
C ILE D 449 -3.44 -16.06 16.55
N LYS D 450 -3.89 -16.03 15.29
CA LYS D 450 -3.02 -15.86 14.12
C LYS D 450 -3.67 -14.81 13.24
N GLY D 451 -2.93 -13.75 12.95
CA GLY D 451 -3.44 -12.65 12.14
C GLY D 451 -4.69 -12.00 12.70
N GLY D 452 -4.73 -11.85 14.02
CA GLY D 452 -5.82 -11.23 14.76
C GLY D 452 -7.10 -12.04 14.97
N MET D 453 -7.12 -13.30 14.49
CA MET D 453 -8.25 -14.21 14.62
C MET D 453 -7.87 -15.44 15.41
N VAL D 454 -8.84 -16.04 16.11
CA VAL D 454 -8.56 -17.29 16.82
C VAL D 454 -8.58 -18.39 15.76
N VAL D 455 -7.47 -19.14 15.63
CA VAL D 455 -7.32 -20.22 14.64
C VAL D 455 -7.41 -21.62 15.24
N PHE D 456 -7.06 -21.75 16.52
CA PHE D 456 -7.03 -23.04 17.22
C PHE D 456 -7.20 -22.77 18.70
N SER D 457 -7.94 -23.64 19.40
CA SER D 457 -8.15 -23.51 20.85
C SER D 457 -8.60 -24.80 21.52
N GLU D 458 -8.51 -24.85 22.86
CA GLU D 458 -9.03 -25.97 23.64
C GLU D 458 -10.55 -25.71 23.75
N MET D 459 -11.34 -26.70 23.32
CA MET D 459 -12.78 -26.59 23.25
C MET D 459 -13.49 -27.85 23.78
N GLY D 460 -14.58 -27.65 24.53
CA GLY D 460 -15.40 -28.72 25.08
C GLY D 460 -16.52 -29.15 24.13
N ASP D 461 -17.44 -30.03 24.63
CA ASP D 461 -18.62 -30.59 23.92
C ASP D 461 -19.33 -29.59 22.97
N SER D 462 -19.41 -29.95 21.66
CA SER D 462 -20.03 -29.14 20.58
C SER D 462 -21.56 -28.95 20.76
N ASN D 463 -22.22 -29.93 21.41
CA ASN D 463 -23.64 -29.90 21.71
C ASN D 463 -23.89 -29.06 22.97
N ALA D 464 -23.05 -29.23 24.01
CA ALA D 464 -23.07 -28.57 25.34
C ALA D 464 -23.66 -27.16 25.47
N SER D 465 -24.28 -26.88 26.64
CA SER D 465 -24.90 -25.59 26.99
C SER D 465 -23.90 -24.44 27.19
N VAL D 466 -22.60 -24.77 27.41
CA VAL D 466 -21.50 -23.80 27.56
C VAL D 466 -20.22 -24.37 26.84
N PRO D 467 -19.08 -23.62 26.66
CA PRO D 467 -17.90 -24.22 25.99
C PRO D 467 -16.94 -25.07 26.88
N THR D 468 -17.25 -25.18 28.20
CA THR D 468 -16.50 -25.89 29.26
C THR D 468 -16.75 -27.42 29.44
N PRO D 469 -17.96 -28.01 29.14
CA PRO D 469 -18.17 -29.45 29.39
C PRO D 469 -17.24 -30.40 28.68
N GLN D 470 -16.99 -31.53 29.32
CA GLN D 470 -16.08 -32.55 28.83
C GLN D 470 -16.66 -33.34 27.64
N PRO D 471 -15.82 -33.88 26.71
CA PRO D 471 -14.35 -33.82 26.67
C PRO D 471 -13.77 -32.53 26.06
N VAL D 472 -12.87 -31.89 26.81
CA VAL D 472 -12.20 -30.68 26.34
C VAL D 472 -10.94 -31.14 25.60
N TYR D 473 -10.88 -30.82 24.30
CA TYR D 473 -9.73 -31.12 23.45
C TYR D 473 -9.46 -30.03 22.43
N TYR D 474 -8.25 -30.02 21.82
CA TYR D 474 -7.87 -29.00 20.83
C TYR D 474 -8.59 -29.15 19.51
N ARG D 475 -9.17 -28.04 19.01
CA ARG D 475 -9.95 -28.00 17.78
C ARG D 475 -9.63 -26.77 16.94
N GLU D 476 -9.81 -26.89 15.61
CA GLU D 476 -9.60 -25.78 14.68
C GLU D 476 -10.74 -24.77 14.80
N MET D 477 -10.41 -23.48 14.84
CA MET D 477 -11.38 -22.41 14.95
C MET D 477 -11.57 -21.71 13.61
N PHE D 478 -12.49 -20.72 13.55
CA PHE D 478 -12.86 -20.03 12.30
C PHE D 478 -11.72 -19.44 11.46
N GLY D 479 -10.67 -18.98 12.13
CA GLY D 479 -9.49 -18.37 11.50
C GLY D 479 -8.70 -19.33 10.65
N HIS D 480 -8.87 -20.64 10.91
CA HIS D 480 -8.21 -21.77 10.26
C HIS D 480 -9.02 -22.28 9.06
N HIS D 481 -10.22 -21.75 8.86
CA HIS D 481 -11.14 -22.22 7.84
C HIS D 481 -11.50 -21.26 6.72
N GLY D 482 -12.14 -21.81 5.69
CA GLY D 482 -12.62 -21.13 4.50
C GLY D 482 -11.57 -20.28 3.82
N LYS D 483 -11.92 -19.03 3.56
CA LYS D 483 -11.04 -18.06 2.96
C LYS D 483 -10.39 -17.21 4.04
N ALA D 484 -10.85 -17.36 5.32
CA ALA D 484 -10.29 -16.64 6.46
C ALA D 484 -8.86 -17.13 6.74
N LYS D 485 -8.53 -18.40 6.38
CA LYS D 485 -7.19 -18.96 6.58
C LYS D 485 -6.19 -18.27 5.67
N PHE D 486 -6.66 -17.77 4.51
CA PHE D 486 -5.81 -17.04 3.57
C PHE D 486 -5.49 -15.66 4.11
N ASP D 487 -6.37 -15.15 4.99
CA ASP D 487 -6.20 -13.86 5.64
C ASP D 487 -5.30 -13.98 6.87
N THR D 488 -5.30 -15.13 7.57
CA THR D 488 -4.55 -15.31 8.81
C THR D 488 -3.19 -16.03 8.66
N SER D 489 -2.91 -16.65 7.49
CA SER D 489 -1.69 -17.42 7.28
C SER D 489 -0.72 -16.82 6.25
N ILE D 490 0.60 -16.99 6.50
CA ILE D 490 1.66 -16.47 5.65
C ILE D 490 2.52 -17.59 5.07
N THR D 491 2.84 -17.48 3.78
CA THR D 491 3.77 -18.36 3.10
C THR D 491 4.95 -17.44 2.82
N PHE D 492 6.08 -17.66 3.52
CA PHE D 492 7.28 -16.85 3.30
C PHE D 492 8.05 -17.37 2.11
N VAL D 493 8.62 -16.45 1.32
CA VAL D 493 9.39 -16.72 0.10
C VAL D 493 10.64 -15.82 0.09
N SER D 494 11.51 -15.99 -0.92
CA SER D 494 12.70 -15.15 -1.09
C SER D 494 12.22 -13.80 -1.69
N LYS D 495 13.08 -12.75 -1.61
CA LYS D 495 12.74 -11.46 -2.18
C LYS D 495 12.60 -11.59 -3.69
N VAL D 496 13.56 -12.27 -4.36
CA VAL D 496 13.54 -12.50 -5.81
C VAL D 496 12.22 -13.09 -6.27
N ALA D 497 11.74 -14.18 -5.60
CA ALA D 497 10.46 -14.83 -5.91
C ALA D 497 9.31 -13.86 -5.69
N TYR D 498 9.26 -13.23 -4.50
CA TYR D 498 8.23 -12.27 -4.10
C TYR D 498 8.07 -11.16 -5.14
N GLU D 499 9.19 -10.48 -5.44
CA GLU D 499 9.30 -9.38 -6.40
C GLU D 499 8.95 -9.83 -7.81
N ASN D 500 9.11 -11.12 -8.14
CA ASN D 500 8.74 -11.63 -9.47
C ASN D 500 7.34 -12.25 -9.54
N GLY D 501 6.49 -11.90 -8.59
CA GLY D 501 5.10 -12.33 -8.54
C GLY D 501 4.81 -13.79 -8.36
N ILE D 502 5.56 -14.47 -7.47
CA ILE D 502 5.36 -15.90 -7.16
C ILE D 502 3.91 -16.17 -6.71
N LYS D 503 3.32 -15.25 -5.90
CA LYS D 503 1.95 -15.32 -5.40
C LYS D 503 0.94 -15.52 -6.54
N GLU D 504 1.01 -14.63 -7.55
CA GLU D 504 0.12 -14.59 -8.70
C GLU D 504 0.39 -15.78 -9.59
N LYS D 505 1.68 -16.01 -9.90
CA LYS D 505 2.18 -17.06 -10.78
C LYS D 505 1.83 -18.46 -10.30
N LEU D 506 1.81 -18.70 -8.95
CA LEU D 506 1.42 -20.00 -8.39
C LEU D 506 -0.05 -20.00 -7.90
N GLY D 507 -0.72 -18.85 -8.05
CA GLY D 507 -2.11 -18.68 -7.67
C GLY D 507 -2.37 -18.90 -6.20
N LEU D 508 -1.41 -18.47 -5.38
CA LEU D 508 -1.48 -18.57 -3.93
C LEU D 508 -2.40 -17.46 -3.43
N GLU D 509 -3.39 -17.85 -2.61
CA GLU D 509 -4.39 -16.97 -2.02
C GLU D 509 -3.97 -16.48 -0.64
N ARG D 510 -3.01 -17.20 -0.01
CA ARG D 510 -2.42 -16.91 1.29
C ARG D 510 -1.61 -15.62 1.22
N LYS D 511 -1.27 -15.05 2.40
CA LYS D 511 -0.44 -13.85 2.45
C LYS D 511 0.98 -14.26 2.10
N VAL D 512 1.57 -13.64 1.09
CA VAL D 512 2.93 -13.98 0.66
C VAL D 512 3.88 -12.84 1.05
N LEU D 513 4.88 -13.15 1.88
CA LEU D 513 5.83 -12.13 2.38
C LEU D 513 7.27 -12.55 2.18
N PRO D 514 8.18 -11.63 1.83
CA PRO D 514 9.58 -12.03 1.65
C PRO D 514 10.42 -12.04 2.92
N VAL D 515 11.38 -12.97 2.98
CA VAL D 515 12.37 -13.02 4.04
C VAL D 515 13.46 -11.99 3.66
N LYS D 516 13.90 -11.19 4.64
CA LYS D 516 14.90 -10.16 4.38
C LYS D 516 15.80 -9.98 5.59
N ASN D 517 17.07 -9.64 5.35
CA ASN D 517 18.11 -9.41 6.38
C ASN D 517 18.55 -10.68 7.09
N CYS D 518 19.01 -11.68 6.30
CA CYS D 518 19.48 -13.00 6.74
C CYS D 518 20.99 -13.05 6.80
N ARG D 519 21.64 -12.32 5.88
CA ARG D 519 23.08 -12.40 5.68
C ARG D 519 23.94 -11.69 6.68
N ASN D 520 23.43 -10.61 7.29
CA ASN D 520 24.20 -9.89 8.30
C ASN D 520 23.67 -10.09 9.73
N VAL D 521 23.17 -11.28 10.03
CA VAL D 521 22.79 -11.60 11.39
C VAL D 521 23.89 -12.45 11.99
N THR D 522 24.49 -11.94 13.07
CA THR D 522 25.54 -12.64 13.82
C THR D 522 24.97 -12.91 15.20
N LYS D 523 25.81 -13.44 16.09
CA LYS D 523 25.43 -13.73 17.46
C LYS D 523 25.00 -12.44 18.19
N LYS D 524 25.65 -11.32 17.88
CA LYS D 524 25.41 -9.99 18.46
C LYS D 524 23.95 -9.50 18.26
N ASP D 525 23.31 -9.97 17.16
CA ASP D 525 21.95 -9.60 16.78
C ASP D 525 20.83 -10.24 17.59
N PHE D 526 21.12 -11.37 18.28
CA PHE D 526 20.13 -12.11 19.07
C PHE D 526 19.65 -11.38 20.30
N LYS D 527 18.58 -11.91 20.92
CA LYS D 527 18.04 -11.33 22.14
C LYS D 527 18.31 -12.29 23.30
N PHE D 528 19.09 -11.82 24.31
CA PHE D 528 19.48 -12.55 25.52
C PHE D 528 20.35 -13.81 25.34
N ASN D 529 20.81 -14.08 24.11
CA ASN D 529 21.64 -15.26 23.80
C ASN D 529 22.73 -14.84 22.81
N ASN D 530 23.57 -13.87 23.22
CA ASN D 530 24.65 -13.26 22.41
C ASN D 530 26.05 -13.76 22.80
N THR D 531 26.10 -14.78 23.68
CA THR D 531 27.33 -15.32 24.26
C THR D 531 28.26 -16.05 23.27
N THR D 532 29.51 -15.61 23.22
CA THR D 532 30.55 -16.25 22.40
C THR D 532 31.67 -16.71 23.35
N ALA D 533 32.28 -17.86 23.06
CA ALA D 533 33.32 -18.42 23.91
C ALA D 533 34.25 -19.34 23.12
N LYS D 534 35.32 -19.84 23.75
CA LYS D 534 36.22 -20.79 23.10
C LYS D 534 35.81 -22.17 23.60
N ILE D 535 34.97 -22.85 22.78
CA ILE D 535 34.43 -24.17 23.07
C ILE D 535 35.35 -25.25 22.52
N THR D 536 35.74 -26.19 23.38
CA THR D 536 36.68 -27.25 23.04
C THR D 536 36.23 -28.59 23.55
N VAL D 537 36.57 -29.67 22.82
CA VAL D 537 36.20 -31.03 23.21
C VAL D 537 37.47 -31.86 23.34
N ASN D 538 37.65 -32.55 24.49
CA ASN D 538 38.76 -33.48 24.72
C ASN D 538 38.52 -34.69 23.78
N PRO D 539 39.45 -35.06 22.87
CA PRO D 539 39.14 -36.17 21.93
C PRO D 539 39.21 -37.56 22.55
N GLU D 540 39.65 -37.64 23.81
CA GLU D 540 39.75 -38.89 24.55
C GLU D 540 38.60 -39.07 25.57
N THR D 541 38.30 -38.02 26.38
CA THR D 541 37.23 -38.06 27.39
C THR D 541 35.87 -37.59 26.87
N PHE D 542 35.86 -36.81 25.76
CA PHE D 542 34.67 -36.22 25.11
C PHE D 542 34.00 -35.12 25.91
N GLU D 543 34.70 -34.65 26.96
CA GLU D 543 34.27 -33.57 27.84
C GLU D 543 34.33 -32.25 27.10
N VAL D 544 33.33 -31.35 27.35
CA VAL D 544 33.23 -30.03 26.70
C VAL D 544 33.81 -28.91 27.60
N PHE D 545 34.62 -28.04 27.03
CA PHE D 545 35.25 -26.97 27.76
C PHE D 545 34.84 -25.61 27.25
N VAL D 546 34.40 -24.75 28.16
CA VAL D 546 34.07 -23.38 27.82
C VAL D 546 35.17 -22.50 28.42
N ASN D 547 36.03 -21.96 27.53
CA ASN D 547 37.19 -21.14 27.89
C ASN D 547 38.06 -21.86 28.92
N GLY D 548 38.29 -23.15 28.68
CA GLY D 548 39.12 -24.00 29.55
C GLY D 548 38.46 -24.59 30.78
N LYS D 549 37.25 -24.13 31.12
CA LYS D 549 36.53 -24.67 32.27
C LYS D 549 35.65 -25.81 31.78
N LEU D 550 35.31 -26.74 32.65
CA LEU D 550 34.47 -27.84 32.25
C LEU D 550 33.02 -27.39 32.11
N CYS D 551 32.41 -27.80 31.01
CA CYS D 551 31.02 -27.49 30.74
C CYS D 551 30.22 -28.77 30.82
N THR D 552 29.42 -28.90 31.90
CA THR D 552 28.61 -30.09 32.15
C THR D 552 27.38 -29.80 32.98
N SER D 553 26.47 -30.78 33.05
CA SER D 553 25.21 -30.77 33.82
C SER D 553 24.88 -32.21 34.21
N LYS D 554 24.06 -32.37 35.26
CA LYS D 554 23.66 -33.69 35.78
C LYS D 554 22.37 -34.15 35.08
N PRO D 555 22.15 -35.45 34.75
CA PRO D 555 20.90 -35.84 34.09
C PRO D 555 19.71 -35.81 35.04
N ALA D 556 18.56 -35.30 34.54
CA ALA D 556 17.33 -35.19 35.31
C ALA D 556 16.66 -36.56 35.51
N THR D 557 16.09 -36.79 36.70
CA THR D 557 15.37 -38.04 36.99
C THR D 557 13.89 -37.84 36.71
N GLU D 558 13.43 -36.58 36.82
CA GLU D 558 12.08 -36.12 36.49
C GLU D 558 12.10 -34.68 35.95
N VAL D 559 11.16 -34.38 35.05
CA VAL D 559 11.04 -33.06 34.45
C VAL D 559 9.67 -32.45 34.76
N ALA D 560 9.61 -31.11 34.75
CA ALA D 560 8.40 -30.32 34.94
C ALA D 560 7.59 -30.41 33.65
N LEU D 561 6.34 -29.93 33.66
CA LEU D 561 5.46 -29.87 32.48
C LEU D 561 5.43 -31.20 31.70
N ALA D 562 5.11 -32.28 32.40
CA ALA D 562 5.08 -33.62 31.81
C ALA D 562 3.99 -34.47 32.44
N SER D 563 4.37 -35.30 33.42
CA SER D 563 3.58 -36.28 34.14
C SER D 563 2.23 -35.80 34.71
N ARG D 564 2.15 -34.52 35.14
CA ARG D 564 0.92 -33.96 35.72
C ARG D 564 -0.15 -33.62 34.69
N TYR D 565 0.28 -33.37 33.45
CA TYR D 565 -0.54 -32.85 32.36
C TYR D 565 -0.98 -33.84 31.28
N THR D 566 -0.24 -34.93 31.08
CA THR D 566 -0.51 -35.89 30.01
C THR D 566 -1.01 -37.24 30.47
N PHE D 567 -1.90 -37.83 29.67
CA PHE D 567 -2.48 -39.15 29.96
C PHE D 567 -1.51 -40.29 29.58
N PHE D 568 -0.89 -40.17 28.37
CA PHE D 568 0.05 -41.15 27.80
C PHE D 568 1.43 -40.57 27.41
N FME E 1 -9.73 -31.38 30.09
CN FME E 1 -9.45 -30.26 30.75
O1 FME E 1 -10.29 -29.40 31.02
CA FME E 1 -8.70 -32.38 29.81
CB FME E 1 -9.32 -33.62 29.14
CG FME E 1 -10.03 -34.53 30.10
SD FME E 1 -10.58 -36.04 29.28
CE FME E 1 -9.15 -37.04 29.49
C FME E 1 -7.60 -31.83 28.89
O FME E 1 -6.42 -32.18 29.11
N LYS E 2 -7.99 -31.01 27.87
CA LYS E 2 -7.12 -30.40 26.85
C LYS E 2 -6.35 -31.49 26.07
N LEU E 3 -7.09 -32.47 25.50
CA LEU E 3 -6.49 -33.60 24.77
C LEU E 3 -5.89 -33.20 23.43
N THR E 4 -4.57 -33.39 23.35
CA THR E 4 -3.76 -33.08 22.16
C THR E 4 -4.04 -34.16 21.09
N PRO E 5 -3.89 -33.86 19.77
CA PRO E 5 -4.13 -34.91 18.75
C PRO E 5 -3.30 -36.18 18.94
N LYS E 6 -2.09 -36.07 19.54
CA LYS E 6 -1.22 -37.21 19.83
C LYS E 6 -1.80 -38.08 20.98
N GLU E 7 -2.49 -37.45 21.98
CA GLU E 7 -3.15 -38.16 23.09
C GLU E 7 -4.34 -38.97 22.54
N GLN E 8 -5.09 -38.40 21.57
CA GLN E 8 -6.24 -39.05 20.90
C GLN E 8 -5.81 -40.32 20.15
N GLU E 9 -4.60 -40.29 19.53
CA GLU E 9 -3.99 -41.42 18.81
C GLU E 9 -3.70 -42.55 19.80
N LYS E 10 -3.03 -42.20 20.94
CA LYS E 10 -2.62 -43.13 21.97
C LYS E 10 -3.79 -43.88 22.62
N PHE E 11 -4.99 -43.26 22.71
CA PHE E 11 -6.19 -43.92 23.23
C PHE E 11 -6.57 -45.10 22.34
N LEU E 12 -6.53 -44.90 21.00
CA LEU E 12 -6.82 -45.94 20.03
C LEU E 12 -5.81 -47.08 20.16
N LEU E 13 -4.50 -46.72 20.21
CA LEU E 13 -3.44 -47.71 20.38
C LEU E 13 -3.65 -48.50 21.66
N TYR E 14 -3.93 -47.81 22.77
CA TYR E 14 -4.14 -48.46 24.04
C TYR E 14 -5.36 -49.35 24.04
N TYR E 15 -6.48 -48.88 23.43
CA TYR E 15 -7.68 -49.71 23.36
C TYR E 15 -7.42 -51.00 22.54
N ALA E 16 -6.69 -50.87 21.38
CA ALA E 16 -6.29 -51.99 20.52
C ALA E 16 -5.48 -53.00 21.35
N GLY E 17 -4.60 -52.49 22.22
CA GLY E 17 -3.82 -53.31 23.13
C GLY E 17 -4.71 -54.10 24.08
N GLU E 18 -5.74 -53.42 24.62
CA GLU E 18 -6.70 -54.03 25.54
C GLU E 18 -7.52 -55.13 24.86
N VAL E 19 -7.97 -54.90 23.60
CA VAL E 19 -8.70 -55.89 22.80
C VAL E 19 -7.79 -57.12 22.55
N ALA E 20 -6.51 -56.87 22.17
CA ALA E 20 -5.52 -57.93 21.94
C ALA E 20 -5.30 -58.78 23.20
N ARG E 21 -5.21 -58.13 24.39
CA ARG E 21 -5.05 -58.80 25.67
C ARG E 21 -6.20 -59.76 25.92
N LYS E 22 -7.43 -59.30 25.65
CA LYS E 22 -8.69 -60.04 25.81
C LYS E 22 -8.66 -61.30 24.93
N ARG E 23 -8.27 -61.15 23.65
CA ARG E 23 -8.18 -62.24 22.67
C ARG E 23 -7.13 -63.28 23.04
N LYS E 24 -5.97 -62.85 23.62
CA LYS E 24 -4.91 -63.74 24.10
C LYS E 24 -5.46 -64.56 25.28
N GLU E 25 -6.22 -63.90 26.18
CA GLU E 25 -6.86 -64.54 27.36
C GLU E 25 -7.88 -65.59 26.91
N GLU E 26 -8.55 -65.36 25.74
CA GLU E 26 -9.50 -66.29 25.10
C GLU E 26 -8.76 -67.47 24.49
N GLY E 27 -7.43 -67.37 24.42
CA GLY E 27 -6.59 -68.42 23.86
C GLY E 27 -6.38 -68.32 22.37
N LEU E 28 -6.56 -67.14 21.79
CA LEU E 28 -6.37 -66.96 20.36
C LEU E 28 -4.93 -66.55 20.06
N LYS E 29 -4.38 -67.07 18.94
CA LYS E 29 -3.04 -66.70 18.47
C LYS E 29 -3.20 -65.33 17.82
N LEU E 30 -2.47 -64.33 18.33
CA LEU E 30 -2.54 -62.95 17.87
C LEU E 30 -1.97 -62.74 16.46
N ASN E 31 -2.59 -61.84 15.68
CA ASN E 31 -2.12 -61.52 14.32
C ASN E 31 -1.16 -60.33 14.37
N GLN E 32 -0.68 -59.84 13.19
CA GLN E 32 0.24 -58.70 13.14
C GLN E 32 -0.23 -57.45 13.95
N PRO E 33 -1.39 -56.79 13.65
CA PRO E 33 -1.76 -55.60 14.44
C PRO E 33 -2.04 -55.87 15.93
N GLU E 34 -2.61 -57.05 16.26
CA GLU E 34 -2.91 -57.43 17.64
C GLU E 34 -1.62 -57.54 18.45
N ALA E 35 -0.60 -58.22 17.88
CA ALA E 35 0.70 -58.42 18.53
C ALA E 35 1.41 -57.10 18.81
N ILE E 36 1.39 -56.16 17.82
CA ILE E 36 1.98 -54.82 17.95
C ILE E 36 1.29 -54.03 19.07
N ALA E 37 -0.06 -54.05 19.09
CA ALA E 37 -0.86 -53.33 20.09
C ALA E 37 -0.68 -53.92 21.50
N TYR E 38 -0.57 -55.26 21.60
CA TYR E 38 -0.37 -55.95 22.87
C TYR E 38 0.96 -55.50 23.53
N ILE E 39 2.04 -55.45 22.73
CA ILE E 39 3.35 -55.03 23.23
C ILE E 39 3.36 -53.53 23.54
N SER E 40 2.75 -52.72 22.65
CA SER E 40 2.66 -51.26 22.81
C SER E 40 1.97 -50.87 24.12
N ALA E 41 0.83 -51.50 24.44
CA ALA E 41 0.09 -51.26 25.66
C ALA E 41 0.93 -51.61 26.90
N HIS E 42 1.74 -52.70 26.84
CA HIS E 42 2.61 -53.07 27.96
C HIS E 42 3.62 -51.95 28.22
N ILE E 43 4.26 -51.44 27.14
CA ILE E 43 5.25 -50.36 27.21
C ILE E 43 4.63 -49.11 27.80
N MET E 44 3.42 -48.74 27.34
CA MET E 44 2.65 -47.59 27.81
C MET E 44 2.31 -47.71 29.32
N ASP E 45 2.03 -48.95 29.78
CA ASP E 45 1.69 -49.23 31.18
C ASP E 45 2.90 -49.04 32.07
N GLU E 46 4.03 -49.66 31.71
CA GLU E 46 5.29 -49.60 32.47
C GLU E 46 5.86 -48.18 32.58
N ALA E 47 5.66 -47.36 31.52
CA ALA E 47 6.11 -45.98 31.47
C ALA E 47 5.32 -45.12 32.45
N ARG E 48 4.01 -45.41 32.62
CA ARG E 48 3.12 -44.67 33.53
C ARG E 48 3.49 -44.97 34.97
N ARG E 49 3.85 -46.23 35.23
CA ARG E 49 4.28 -46.69 36.55
C ARG E 49 5.60 -46.02 36.96
N GLY E 50 6.36 -45.55 35.96
CA GLY E 50 7.61 -44.82 36.06
C GLY E 50 8.65 -45.44 36.98
N LYS E 51 8.81 -46.76 36.90
CA LYS E 51 9.76 -47.50 37.73
C LYS E 51 10.84 -48.14 36.86
N LYS E 52 10.58 -48.30 35.57
CA LYS E 52 11.54 -48.89 34.64
C LYS E 52 12.15 -47.85 33.69
N THR E 53 13.41 -48.06 33.31
CA THR E 53 14.11 -47.16 32.40
C THR E 53 13.83 -47.61 30.98
N VAL E 54 14.11 -46.74 30.01
CA VAL E 54 13.94 -47.05 28.59
C VAL E 54 14.84 -48.26 28.31
N ALA E 55 16.11 -48.24 28.80
CA ALA E 55 17.07 -49.33 28.64
C ALA E 55 16.51 -50.68 29.10
N GLN E 56 15.85 -50.69 30.30
CA GLN E 56 15.22 -51.87 30.89
C GLN E 56 14.12 -52.43 29.97
N LEU E 57 13.21 -51.57 29.52
CA LEU E 57 12.10 -51.94 28.67
C LEU E 57 12.51 -52.48 27.31
N MET E 58 13.53 -51.88 26.69
CA MET E 58 14.03 -52.31 25.38
C MET E 58 14.50 -53.76 25.45
N GLU E 59 15.11 -54.11 26.59
CA GLU E 59 15.62 -55.46 26.85
C GLU E 59 14.47 -56.41 27.21
N GLU E 60 13.57 -55.99 28.11
CA GLU E 60 12.41 -56.75 28.59
C GLU E 60 11.45 -57.18 27.50
N CYS E 61 11.27 -56.33 26.47
CA CYS E 61 10.34 -56.62 25.41
C CYS E 61 10.84 -57.50 24.27
N VAL E 62 12.13 -57.96 24.28
CA VAL E 62 12.61 -58.86 23.23
C VAL E 62 11.94 -60.21 23.46
N HIS E 63 11.26 -60.73 22.42
CA HIS E 63 10.45 -61.96 22.47
C HIS E 63 9.38 -61.86 23.59
N PHE E 64 8.73 -60.66 23.70
CA PHE E 64 7.67 -60.44 24.69
C PHE E 64 6.52 -61.38 24.36
N LEU E 65 6.26 -61.58 23.06
CA LEU E 65 5.31 -62.57 22.56
C LEU E 65 6.11 -63.73 21.95
N LYS E 66 5.75 -64.96 22.32
CA LYS E 66 6.46 -66.13 21.81
C LYS E 66 5.83 -66.65 20.52
N LYS E 67 6.61 -67.40 19.71
CA LYS E 67 6.14 -67.89 18.41
C LYS E 67 4.78 -68.57 18.40
N ASP E 68 4.48 -69.30 19.46
CA ASP E 68 3.21 -70.02 19.56
C ASP E 68 2.08 -69.19 20.13
N GLU E 69 2.38 -67.96 20.58
CA GLU E 69 1.41 -67.00 21.16
C GLU E 69 0.80 -66.12 20.05
N VAL E 70 1.44 -66.16 18.87
CA VAL E 70 1.05 -65.42 17.66
C VAL E 70 0.85 -66.38 16.47
N MET E 71 0.20 -65.89 15.43
CA MET E 71 -0.03 -66.62 14.19
C MET E 71 1.32 -66.84 13.46
N PRO E 72 1.45 -67.83 12.53
CA PRO E 72 2.74 -68.00 11.84
C PRO E 72 3.11 -66.79 10.97
N GLY E 73 4.41 -66.48 10.94
CA GLY E 73 4.95 -65.38 10.16
C GLY E 73 4.89 -64.00 10.79
N VAL E 74 4.14 -63.86 11.90
CA VAL E 74 3.94 -62.61 12.64
C VAL E 74 5.28 -62.01 13.14
N GLY E 75 6.14 -62.83 13.73
CA GLY E 75 7.44 -62.41 14.24
C GLY E 75 8.34 -61.81 13.19
N ASN E 76 8.45 -62.47 12.04
CA ASN E 76 9.26 -62.05 10.89
C ASN E 76 8.73 -60.76 10.21
N MET E 77 7.39 -60.53 10.32
CA MET E 77 6.64 -59.38 9.80
C MET E 77 6.89 -58.14 10.66
N VAL E 78 7.26 -58.35 11.95
CA VAL E 78 7.52 -57.29 12.93
C VAL E 78 8.96 -57.48 13.49
N PRO E 79 9.99 -57.05 12.71
CA PRO E 79 11.38 -57.24 13.18
C PRO E 79 11.80 -56.23 14.27
N ASP E 80 11.06 -55.14 14.34
CA ASP E 80 11.27 -54.04 15.29
C ASP E 80 9.95 -53.27 15.51
N LEU E 81 9.82 -52.67 16.70
CA LEU E 81 8.64 -51.94 17.17
C LEU E 81 9.09 -50.70 17.92
N GLY E 82 8.38 -49.61 17.70
CA GLY E 82 8.69 -48.33 18.33
C GLY E 82 7.46 -47.72 18.94
N VAL E 83 7.57 -47.31 20.20
CA VAL E 83 6.47 -46.68 20.91
C VAL E 83 6.95 -45.58 21.83
N GLU E 84 6.43 -44.36 21.59
CA GLU E 84 6.72 -43.18 22.39
C GLU E 84 5.78 -43.18 23.58
N ALA E 85 6.31 -42.99 24.78
CA ALA E 85 5.49 -42.95 25.98
C ALA E 85 6.02 -41.91 26.97
N ASN E 86 5.14 -41.31 27.79
CA ASN E 86 5.56 -40.36 28.81
C ASN E 86 6.05 -41.09 30.04
N PHE E 87 7.31 -40.79 30.40
CA PHE E 87 8.03 -41.28 31.56
C PHE E 87 8.12 -40.10 32.54
N PRO E 88 8.57 -40.29 33.82
CA PRO E 88 8.64 -39.13 34.75
C PRO E 88 9.55 -38.00 34.25
N ASP E 89 10.53 -38.36 33.41
CA ASP E 89 11.50 -37.47 32.77
C ASP E 89 11.07 -37.00 31.37
N GLY E 90 9.80 -37.22 31.00
CA GLY E 90 9.23 -36.81 29.72
C GLY E 90 8.97 -37.92 28.73
N THR E 91 8.51 -37.55 27.51
CA THR E 91 8.23 -38.54 26.45
C THR E 91 9.52 -39.07 25.89
N LYS E 92 9.63 -40.41 25.86
CA LYS E 92 10.82 -41.10 25.37
C LYS E 92 10.43 -42.21 24.39
N LEU E 93 11.28 -42.45 23.38
CA LEU E 93 11.02 -43.51 22.41
C LEU E 93 11.56 -44.87 22.88
N VAL E 94 10.67 -45.86 22.99
CA VAL E 94 11.05 -47.22 23.39
C VAL E 94 11.19 -48.06 22.10
N THR E 95 12.43 -48.45 21.76
CA THR E 95 12.72 -49.20 20.54
C THR E 95 13.04 -50.65 20.88
N VAL E 96 12.18 -51.57 20.41
CA VAL E 96 12.34 -53.00 20.64
C VAL E 96 12.73 -53.72 19.36
N ASN E 97 13.87 -54.44 19.40
CA ASN E 97 14.35 -55.22 18.26
C ASN E 97 13.98 -56.69 18.56
N TRP E 98 13.16 -57.29 17.67
CA TRP E 98 12.59 -58.64 17.79
C TRP E 98 11.59 -58.75 18.95
N PRO E 99 10.51 -57.92 18.91
CA PRO E 99 9.52 -57.98 20.00
C PRO E 99 8.73 -59.29 20.03
N ILE E 100 8.51 -59.87 18.84
CA ILE E 100 7.80 -61.13 18.66
C ILE E 100 8.80 -62.15 18.14
N GLU E 101 8.89 -63.31 18.82
CA GLU E 101 9.76 -64.43 18.48
C GLU E 101 9.37 -64.99 17.09
N PRO E 102 10.32 -65.09 16.14
CA PRO E 102 9.96 -65.59 14.80
C PRO E 102 9.88 -67.12 14.69
N ASP E 103 9.25 -67.58 13.62
CA ASP E 103 9.11 -68.98 13.27
C ASP E 103 9.52 -69.22 11.78
N ASP E 104 9.43 -70.47 11.29
CA ASP E 104 9.81 -70.89 9.93
C ASP E 104 9.03 -70.25 8.79
N PHE E 105 7.85 -69.66 9.07
CA PHE E 105 7.05 -69.01 8.02
C PHE E 105 7.48 -67.56 7.83
N LYS E 106 7.64 -67.12 6.57
CA LYS E 106 7.97 -65.74 6.24
C LYS E 106 7.13 -65.20 5.07
N ALA E 107 6.26 -64.23 5.37
CA ALA E 107 5.48 -63.56 4.32
C ALA E 107 6.43 -62.60 3.62
N GLY E 108 6.39 -62.58 2.30
CA GLY E 108 7.26 -61.72 1.50
C GLY E 108 8.70 -62.21 1.45
N GLU E 109 8.90 -63.51 1.69
CA GLU E 109 10.20 -64.18 1.70
C GLU E 109 10.84 -64.16 0.33
N ILE E 110 12.13 -63.83 0.28
CA ILE E 110 12.93 -63.79 -0.94
C ILE E 110 13.79 -65.07 -1.01
N LYS E 111 13.69 -65.83 -2.10
CA LYS E 111 14.52 -67.02 -2.33
C LYS E 111 15.56 -66.66 -3.39
N PHE E 112 16.87 -66.73 -3.04
CA PHE E 112 17.96 -66.35 -3.96
C PHE E 112 18.10 -67.30 -5.14
N ALA E 113 18.54 -66.75 -6.29
CA ALA E 113 18.76 -67.53 -7.52
C ALA E 113 19.87 -68.55 -7.32
N SER E 114 20.89 -68.15 -6.54
CA SER E 114 22.05 -68.93 -6.17
C SER E 114 22.58 -68.32 -4.88
N ASP E 115 23.49 -69.02 -4.17
CA ASP E 115 24.13 -68.50 -2.96
C ASP E 115 25.49 -67.85 -3.26
N LYS E 116 25.96 -68.02 -4.52
CA LYS E 116 27.18 -67.43 -5.08
C LYS E 116 27.22 -65.91 -4.95
N ASP E 117 28.38 -65.39 -4.56
CA ASP E 117 28.66 -63.97 -4.37
C ASP E 117 28.44 -63.17 -5.66
N ILE E 118 28.15 -61.87 -5.49
CA ILE E 118 27.98 -60.93 -6.59
C ILE E 118 29.27 -60.16 -6.75
N GLU E 119 29.90 -60.24 -7.94
CA GLU E 119 31.15 -59.53 -8.22
C GLU E 119 30.77 -58.09 -8.62
N LEU E 120 30.96 -57.16 -7.67
CA LEU E 120 30.69 -55.72 -7.84
C LEU E 120 31.90 -55.11 -8.53
N ASN E 121 31.70 -54.07 -9.33
CA ASN E 121 32.75 -53.33 -10.03
C ASN E 121 33.66 -54.27 -10.83
N ALA E 122 33.03 -55.26 -11.50
CA ALA E 122 33.68 -56.28 -12.31
C ALA E 122 34.54 -55.70 -13.41
N GLY E 123 35.75 -56.25 -13.55
CA GLY E 123 36.72 -55.85 -14.56
C GLY E 123 37.50 -54.59 -14.31
N LYS E 124 37.23 -53.88 -13.20
CA LYS E 124 37.95 -52.65 -12.86
C LYS E 124 39.28 -53.03 -12.21
N GLU E 125 40.37 -52.32 -12.58
CA GLU E 125 41.72 -52.58 -12.09
C GLU E 125 41.89 -52.08 -10.64
N ILE E 126 42.17 -53.04 -9.73
CA ILE E 126 42.39 -52.75 -8.31
C ILE E 126 43.80 -52.21 -8.04
N THR E 127 43.88 -51.11 -7.23
CA THR E 127 45.11 -50.42 -6.81
C THR E 127 45.18 -50.55 -5.28
N GLU E 128 46.19 -51.30 -4.76
CA GLU E 128 46.35 -51.44 -3.30
C GLU E 128 47.13 -50.25 -2.78
N LEU E 129 46.64 -49.64 -1.72
CA LEU E 129 47.26 -48.42 -1.17
C LEU E 129 47.25 -48.41 0.35
N LYS E 130 48.42 -48.14 0.96
CA LYS E 130 48.54 -48.04 2.41
C LYS E 130 48.12 -46.63 2.84
N VAL E 131 47.12 -46.54 3.75
CA VAL E 131 46.62 -45.26 4.27
C VAL E 131 46.74 -45.23 5.81
N THR E 132 47.11 -44.07 6.36
CA THR E 132 47.26 -43.89 7.80
C THR E 132 46.52 -42.62 8.24
N ASN E 133 45.61 -42.77 9.23
CA ASN E 133 44.91 -41.62 9.76
C ASN E 133 45.78 -41.01 10.85
N LYS E 134 46.60 -40.02 10.47
CA LYS E 134 47.52 -39.30 11.35
C LYS E 134 46.79 -38.26 12.23
N GLY E 135 45.50 -38.11 12.02
CA GLY E 135 44.66 -37.17 12.78
C GLY E 135 44.24 -37.71 14.14
N PRO E 136 43.72 -36.84 15.04
CA PRO E 136 43.31 -37.31 16.38
C PRO E 136 41.90 -37.91 16.46
N LYS E 137 41.13 -37.80 15.37
CA LYS E 137 39.76 -38.26 15.31
C LYS E 137 39.60 -39.24 14.17
N SER E 138 38.77 -40.28 14.37
CA SER E 138 38.49 -41.28 13.33
C SER E 138 37.67 -40.67 12.21
N LEU E 139 37.75 -41.27 11.01
CA LEU E 139 37.00 -40.81 9.85
C LEU E 139 36.57 -41.95 8.95
N HIS E 140 35.53 -41.73 8.13
CA HIS E 140 35.02 -42.69 7.16
C HIS E 140 35.07 -42.05 5.78
N VAL E 141 35.20 -42.87 4.71
CA VAL E 141 35.21 -42.39 3.33
C VAL E 141 34.23 -43.27 2.54
N GLY E 142 33.28 -42.64 1.85
CA GLY E 142 32.25 -43.33 1.07
C GLY E 142 32.75 -43.97 -0.22
N SER E 143 31.96 -44.93 -0.73
CA SER E 143 32.22 -45.70 -1.97
C SER E 143 32.51 -44.85 -3.21
N HIS E 144 31.79 -43.71 -3.37
CA HIS E 144 31.94 -42.87 -4.56
C HIS E 144 32.65 -41.53 -4.38
N PHE E 145 33.25 -41.29 -3.22
CA PHE E 145 34.00 -40.06 -2.95
C PHE E 145 35.34 -40.18 -3.69
N HIS E 146 35.83 -39.06 -4.30
CA HIS E 146 37.12 -39.06 -5.01
C HIS E 146 38.22 -39.16 -3.94
N PHE E 147 38.77 -40.39 -3.76
CA PHE E 147 39.73 -40.72 -2.71
C PHE E 147 40.85 -39.72 -2.55
N PHE E 148 41.35 -39.21 -3.65
CA PHE E 148 42.39 -38.19 -3.73
C PHE E 148 42.06 -36.93 -2.89
N GLU E 149 40.76 -36.59 -2.75
CA GLU E 149 40.27 -35.40 -2.02
C GLU E 149 39.91 -35.66 -0.53
N ALA E 150 40.18 -36.90 0.00
CA ALA E 150 39.89 -37.26 1.40
C ALA E 150 40.63 -36.38 2.41
N ASN E 151 40.06 -36.22 3.63
CA ASN E 151 40.56 -35.43 4.76
C ASN E 151 42.09 -35.40 4.79
N ARG E 152 42.69 -34.21 4.89
CA ARG E 152 44.15 -34.08 4.91
C ARG E 152 44.86 -34.83 6.05
N ALA E 153 44.06 -35.35 7.04
CA ALA E 153 44.51 -36.15 8.17
C ALA E 153 45.01 -37.51 7.69
N LEU E 154 44.48 -37.99 6.55
CA LEU E 154 44.87 -39.25 5.92
C LEU E 154 46.20 -39.12 5.18
N GLU E 155 47.13 -40.01 5.50
CA GLU E 155 48.45 -40.02 4.89
C GLU E 155 48.58 -41.22 3.93
N PHE E 156 48.77 -40.93 2.64
CA PHE E 156 48.92 -41.91 1.54
C PHE E 156 49.49 -41.24 0.28
N ASP E 157 49.95 -42.06 -0.69
CA ASP E 157 50.49 -41.59 -1.95
C ASP E 157 49.31 -41.11 -2.78
N ARG E 158 48.95 -39.82 -2.61
CA ARG E 158 47.80 -39.17 -3.25
C ARG E 158 47.78 -39.30 -4.77
N GLU E 159 48.98 -39.24 -5.41
CA GLU E 159 49.17 -39.39 -6.85
C GLU E 159 48.51 -40.71 -7.32
N LYS E 160 48.69 -41.80 -6.55
CA LYS E 160 48.13 -43.12 -6.83
C LYS E 160 46.62 -43.22 -6.67
N ALA E 161 46.00 -42.26 -5.94
CA ALA E 161 44.55 -42.22 -5.68
C ALA E 161 43.81 -41.26 -6.63
N TYR E 162 44.56 -40.53 -7.48
CA TYR E 162 44.01 -39.56 -8.45
C TYR E 162 43.09 -40.27 -9.45
N GLY E 163 41.83 -39.81 -9.49
CA GLY E 163 40.78 -40.33 -10.36
C GLY E 163 40.25 -41.71 -9.97
N LYS E 164 40.36 -42.07 -8.68
CA LYS E 164 39.92 -43.37 -8.15
C LYS E 164 38.99 -43.23 -6.96
N ARG E 165 38.27 -44.32 -6.67
CA ARG E 165 37.32 -44.47 -5.55
C ARG E 165 37.47 -45.85 -4.93
N LEU E 166 36.91 -46.05 -3.73
CA LEU E 166 37.00 -47.32 -3.01
C LEU E 166 36.21 -48.46 -3.68
N ASP E 167 36.84 -49.65 -3.81
CA ASP E 167 36.22 -50.85 -4.35
C ASP E 167 35.49 -51.54 -3.19
N ILE E 168 34.37 -50.91 -2.77
CA ILE E 168 33.52 -51.33 -1.67
C ILE E 168 32.05 -51.25 -2.14
N PRO E 169 31.08 -51.96 -1.48
CA PRO E 169 29.69 -51.88 -1.95
C PRO E 169 29.19 -50.45 -2.00
N SER E 170 28.36 -50.14 -3.03
CA SER E 170 27.81 -48.80 -3.22
C SER E 170 27.02 -48.38 -2.00
N GLY E 171 27.35 -47.20 -1.47
CA GLY E 171 26.70 -46.69 -0.27
C GLY E 171 27.42 -47.00 1.03
N ASN E 172 28.35 -47.97 1.03
CA ASN E 172 29.16 -48.29 2.21
C ASN E 172 30.27 -47.28 2.40
N THR E 173 30.86 -47.25 3.61
CA THR E 173 31.98 -46.38 3.96
C THR E 173 33.09 -47.21 4.55
N LEU E 174 34.34 -46.76 4.40
CA LEU E 174 35.48 -47.42 5.01
C LEU E 174 35.94 -46.56 6.18
N ARG E 175 36.08 -47.16 7.38
CA ARG E 175 36.53 -46.45 8.57
C ARG E 175 38.04 -46.53 8.73
N ILE E 176 38.69 -45.39 9.05
CA ILE E 176 40.13 -45.36 9.36
C ILE E 176 40.18 -44.63 10.70
N GLY E 177 40.38 -45.40 11.77
CA GLY E 177 40.43 -44.88 13.14
C GLY E 177 41.62 -43.96 13.37
N ALA E 178 41.54 -43.14 14.44
CA ALA E 178 42.65 -42.25 14.77
C ALA E 178 43.90 -43.07 15.06
N GLY E 179 44.94 -42.85 14.25
CA GLY E 179 46.22 -43.55 14.35
C GLY E 179 46.30 -44.85 13.57
N GLU E 180 45.15 -45.39 13.12
CA GLU E 180 45.05 -46.67 12.40
C GLU E 180 45.66 -46.63 10.99
N THR E 181 46.30 -47.75 10.58
CA THR E 181 46.84 -47.97 9.25
C THR E 181 46.07 -49.12 8.57
N LYS E 182 45.67 -48.92 7.32
CA LYS E 182 44.88 -49.87 6.53
C LYS E 182 45.37 -49.97 5.09
N THR E 183 45.13 -51.12 4.46
CA THR E 183 45.41 -51.29 3.04
C THR E 183 44.07 -51.16 2.34
N VAL E 184 43.91 -50.10 1.54
CA VAL E 184 42.66 -49.85 0.82
C VAL E 184 42.76 -50.38 -0.61
N HIS E 185 41.61 -50.72 -1.20
CA HIS E 185 41.54 -51.18 -2.57
C HIS E 185 40.78 -50.13 -3.37
N LEU E 186 41.49 -49.49 -4.31
CA LEU E 186 40.93 -48.44 -5.13
C LEU E 186 40.73 -48.90 -6.58
N ILE E 187 39.64 -48.43 -7.18
CA ILE E 187 39.29 -48.71 -8.57
C ILE E 187 39.04 -47.40 -9.30
N PRO E 188 39.28 -47.31 -10.63
CA PRO E 188 39.06 -46.02 -11.30
C PRO E 188 37.58 -45.64 -11.35
N ILE E 189 37.27 -44.35 -11.15
CA ILE E 189 35.91 -43.81 -11.17
C ILE E 189 35.22 -44.11 -12.51
N GLY E 190 33.94 -44.44 -12.46
CA GLY E 190 33.13 -44.73 -13.63
C GLY E 190 32.80 -43.52 -14.47
N GLY E 191 32.04 -43.74 -15.54
CA GLY E 191 31.66 -42.71 -16.49
C GLY E 191 32.83 -41.95 -17.08
N SER E 192 32.65 -40.65 -17.27
CA SER E 192 33.65 -39.76 -17.86
C SER E 192 34.77 -39.33 -16.91
N LYS E 193 34.62 -39.60 -15.60
CA LYS E 193 35.56 -39.19 -14.54
C LYS E 193 35.55 -37.65 -14.43
N LYS E 194 34.35 -37.02 -14.58
CA LYS E 194 34.20 -35.58 -14.45
C LYS E 194 33.95 -35.30 -12.98
N ILE E 195 35.04 -35.05 -12.24
CA ILE E 195 35.00 -34.83 -10.80
C ILE E 195 34.76 -33.36 -10.48
N ILE E 196 33.51 -33.01 -10.11
CA ILE E 196 33.15 -31.64 -9.74
C ILE E 196 32.71 -31.60 -8.27
N GLY E 197 33.39 -30.77 -7.48
CA GLY E 197 33.08 -30.55 -6.07
C GLY E 197 34.06 -31.11 -5.08
N MET E 198 33.52 -31.66 -3.97
CA MET E 198 34.21 -32.23 -2.79
C MET E 198 35.18 -31.23 -2.14
N ASN E 199 36.47 -31.32 -2.46
CA ASN E 199 37.44 -30.38 -1.92
C ASN E 199 37.97 -29.40 -2.99
N GLY E 200 37.40 -29.51 -4.20
CA GLY E 200 37.70 -28.70 -5.36
C GLY E 200 39.13 -28.79 -5.84
N LEU E 201 39.80 -29.92 -5.58
CA LEU E 201 41.19 -30.15 -5.99
C LEU E 201 41.27 -30.42 -7.49
N LEU E 202 40.18 -30.93 -8.08
CA LEU E 202 40.15 -31.26 -9.49
C LEU E 202 39.17 -30.42 -10.31
N ASN E 203 37.85 -30.51 -10.05
CA ASN E 203 36.83 -29.75 -10.79
C ASN E 203 36.96 -29.83 -12.31
N GLY E 204 36.91 -31.06 -12.83
CA GLY E 204 37.05 -31.37 -14.25
C GLY E 204 37.31 -32.85 -14.46
N ILE E 205 37.70 -33.23 -15.69
CA ILE E 205 38.01 -34.64 -16.02
C ILE E 205 39.33 -35.04 -15.37
N ALA E 206 39.38 -36.22 -14.73
CA ALA E 206 40.58 -36.76 -14.09
C ALA E 206 41.47 -37.43 -15.14
N ASP E 207 42.03 -36.65 -16.07
CA ASP E 207 42.93 -37.14 -17.13
C ASP E 207 44.38 -36.85 -16.77
N ASP E 208 45.33 -37.24 -17.62
CA ASP E 208 46.73 -36.98 -17.35
C ASP E 208 47.05 -35.49 -17.43
N LEU E 209 46.36 -34.80 -18.34
CA LEU E 209 46.49 -33.37 -18.60
C LEU E 209 46.20 -32.49 -17.37
N HIS E 210 45.18 -32.85 -16.58
CA HIS E 210 44.75 -32.14 -15.37
C HIS E 210 45.56 -32.50 -14.13
N LYS E 211 46.25 -33.68 -14.14
CA LYS E 211 47.00 -34.22 -13.00
C LYS E 211 48.00 -33.31 -12.29
N GLN E 212 48.95 -32.67 -13.02
CA GLN E 212 49.94 -31.80 -12.36
C GLN E 212 49.31 -30.64 -11.60
N LYS E 213 48.33 -29.97 -12.25
CA LYS E 213 47.52 -28.87 -11.71
C LYS E 213 46.83 -29.34 -10.40
N ALA E 214 46.19 -30.54 -10.41
CA ALA E 214 45.49 -31.16 -9.28
C ALA E 214 46.45 -31.47 -8.13
N LEU E 215 47.66 -32.01 -8.45
CA LEU E 215 48.67 -32.33 -7.43
C LEU E 215 49.19 -31.06 -6.80
N GLU E 216 49.33 -29.97 -7.58
CA GLU E 216 49.78 -28.67 -7.08
C GLU E 216 48.74 -28.05 -6.14
N LYS E 217 47.43 -28.14 -6.50
CA LYS E 217 46.32 -27.65 -5.68
C LYS E 217 46.26 -28.43 -4.36
N ALA E 218 46.44 -29.78 -4.44
CA ALA E 218 46.44 -30.67 -3.28
C ALA E 218 47.55 -30.32 -2.31
N LYS E 219 48.77 -30.03 -2.83
CA LYS E 219 49.94 -29.65 -2.05
C LYS E 219 49.71 -28.28 -1.41
N HIS E 220 49.22 -27.31 -2.21
CA HIS E 220 48.93 -25.95 -1.78
C HIS E 220 47.88 -25.91 -0.67
N HIS E 221 46.84 -26.76 -0.78
CA HIS E 221 45.78 -26.83 0.22
C HIS E 221 46.09 -27.74 1.44
N GLY E 222 47.26 -28.38 1.43
CA GLY E 222 47.70 -29.19 2.55
C GLY E 222 47.35 -30.67 2.54
N PHE E 223 46.79 -31.18 1.44
CA PHE E 223 46.44 -32.60 1.30
C PHE E 223 47.70 -33.42 1.08
N ILE E 224 48.62 -32.91 0.24
CA ILE E 224 49.95 -33.48 -0.01
C ILE E 224 50.91 -32.65 0.83
N LYS E 225 51.66 -33.32 1.71
CA LYS E 225 52.61 -32.63 2.61
C LYS E 225 53.98 -32.49 1.94
N MET F 1 34.95 -56.18 -6.56
CA MET F 1 34.96 -56.92 -5.30
C MET F 1 33.74 -57.83 -5.10
N LYS F 2 33.95 -59.00 -4.48
CA LYS F 2 32.89 -59.99 -4.26
C LYS F 2 32.09 -59.73 -2.97
N MET F 3 30.77 -59.50 -3.13
CA MET F 3 29.83 -59.25 -2.03
C MET F 3 28.96 -60.47 -1.79
N LYS F 4 28.82 -60.90 -0.52
CA LYS F 4 28.01 -62.06 -0.15
C LYS F 4 26.56 -61.82 -0.57
N ARG F 5 25.94 -62.81 -1.26
CA ARG F 5 24.57 -62.73 -1.81
C ARG F 5 23.53 -62.21 -0.83
N GLN F 6 23.57 -62.67 0.44
CA GLN F 6 22.67 -62.23 1.50
C GLN F 6 22.87 -60.73 1.76
N GLU F 7 24.14 -60.29 1.85
CA GLU F 7 24.49 -58.88 2.06
C GLU F 7 24.02 -57.97 0.93
N TYR F 8 24.18 -58.44 -0.34
CA TYR F 8 23.71 -57.70 -1.50
C TYR F 8 22.22 -57.46 -1.37
N VAL F 9 21.44 -58.57 -1.23
CA VAL F 9 19.99 -58.51 -1.12
C VAL F 9 19.51 -57.62 0.03
N ASN F 10 20.18 -57.66 1.20
CA ASN F 10 19.80 -56.79 2.32
C ASN F 10 19.97 -55.32 1.96
N THR F 11 21.09 -54.98 1.30
CA THR F 11 21.43 -53.61 0.91
C THR F 11 20.60 -53.05 -0.27
N TYR F 12 20.41 -53.86 -1.34
CA TYR F 12 19.77 -53.35 -2.53
C TYR F 12 18.47 -54.01 -2.97
N GLY F 13 18.05 -55.05 -2.26
CA GLY F 13 16.85 -55.77 -2.65
C GLY F 13 17.21 -56.92 -3.59
N PRO F 14 16.22 -57.70 -4.09
CA PRO F 14 16.54 -58.85 -4.92
C PRO F 14 17.06 -58.51 -6.31
N THR F 15 17.90 -59.41 -6.88
CA THR F 15 18.43 -59.24 -8.23
C THR F 15 17.91 -60.35 -9.17
N THR F 16 18.38 -60.38 -10.44
CA THR F 16 17.97 -61.35 -11.46
C THR F 16 17.96 -62.79 -10.96
N GLY F 17 16.82 -63.43 -11.11
CA GLY F 17 16.65 -64.82 -10.71
C GLY F 17 16.07 -65.05 -9.32
N ASP F 18 16.07 -64.00 -8.46
CA ASP F 18 15.52 -64.13 -7.11
C ASP F 18 14.01 -64.16 -7.16
N LYS F 19 13.40 -64.89 -6.22
CA LYS F 19 11.95 -65.09 -6.14
C LYS F 19 11.40 -64.42 -4.89
N VAL F 20 10.33 -63.64 -5.05
CA VAL F 20 9.69 -62.94 -3.94
C VAL F 20 8.29 -63.49 -3.73
N ARG F 21 7.98 -63.90 -2.49
CA ARG F 21 6.64 -64.37 -2.11
C ARG F 21 5.74 -63.15 -2.01
N LEU F 22 4.61 -63.15 -2.70
CA LEU F 22 3.69 -62.01 -2.62
C LEU F 22 2.83 -62.18 -1.36
N GLY F 23 3.09 -61.35 -0.35
CA GLY F 23 2.38 -61.40 0.93
C GLY F 23 2.52 -62.76 1.58
N ASP F 24 1.39 -63.31 2.07
CA ASP F 24 1.35 -64.66 2.68
C ASP F 24 0.71 -65.66 1.70
N THR F 25 0.66 -65.30 0.39
CA THR F 25 0.12 -66.16 -0.67
C THR F 25 1.20 -67.17 -1.10
N ASP F 26 0.85 -68.09 -2.01
CA ASP F 26 1.83 -69.03 -2.53
C ASP F 26 2.31 -68.61 -3.94
N LEU F 27 2.22 -67.30 -4.23
CA LEU F 27 2.61 -66.72 -5.51
C LEU F 27 4.02 -66.17 -5.43
N TRP F 28 4.88 -66.61 -6.35
CA TRP F 28 6.28 -66.21 -6.39
C TRP F 28 6.65 -65.38 -7.64
N ALA F 29 7.05 -64.12 -7.40
CA ALA F 29 7.50 -63.21 -8.44
C ALA F 29 9.02 -63.34 -8.63
N GLU F 30 9.45 -63.70 -9.85
CA GLU F 30 10.88 -63.84 -10.16
C GLU F 30 11.39 -62.62 -10.89
N VAL F 31 12.53 -62.06 -10.42
CA VAL F 31 13.16 -60.88 -11.05
C VAL F 31 13.65 -61.34 -12.43
N GLU F 32 13.00 -60.84 -13.48
CA GLU F 32 13.31 -61.22 -14.86
C GLU F 32 14.62 -60.63 -15.39
N HIS F 33 14.95 -59.40 -14.96
CA HIS F 33 16.13 -58.66 -15.37
C HIS F 33 16.42 -57.57 -14.33
N ASP F 34 17.71 -57.15 -14.25
CA ASP F 34 18.15 -56.07 -13.38
C ASP F 34 18.86 -55.08 -14.27
N TYR F 35 18.39 -53.83 -14.26
CA TYR F 35 18.96 -52.77 -15.10
C TYR F 35 20.19 -52.07 -14.53
N THR F 36 20.67 -52.52 -13.36
CA THR F 36 21.83 -51.91 -12.71
C THR F 36 23.15 -52.43 -13.24
N VAL F 37 24.23 -51.75 -12.79
CA VAL F 37 25.63 -52.13 -12.99
C VAL F 37 26.10 -52.39 -11.54
N TYR F 38 26.44 -53.65 -11.23
CA TYR F 38 26.89 -54.03 -9.90
C TYR F 38 28.09 -53.20 -9.45
N GLY F 39 27.86 -52.45 -8.37
CA GLY F 39 28.84 -51.56 -7.75
C GLY F 39 28.47 -50.10 -7.89
N GLU F 40 27.53 -49.81 -8.83
CA GLU F 40 27.04 -48.47 -9.14
C GLU F 40 25.62 -48.20 -8.63
N GLU F 41 25.03 -49.13 -7.85
CA GLU F 41 23.65 -49.02 -7.29
C GLU F 41 23.45 -47.75 -6.46
N LEU F 42 22.31 -47.07 -6.60
CA LEU F 42 22.11 -45.86 -5.80
C LEU F 42 21.56 -46.18 -4.39
N LYS F 43 22.22 -45.62 -3.36
CA LYS F 43 21.81 -45.73 -1.96
C LYS F 43 21.81 -44.34 -1.37
N PHE F 44 20.71 -43.99 -0.66
CA PHE F 44 20.58 -42.69 0.00
C PHE F 44 20.89 -42.78 1.50
N GLY F 45 21.67 -41.81 1.96
CA GLY F 45 22.06 -41.73 3.36
C GLY F 45 23.41 -41.07 3.50
N ALA F 46 23.82 -40.90 4.78
CA ALA F 46 25.09 -40.33 5.20
C ALA F 46 26.22 -41.21 4.71
N GLY F 47 27.15 -40.64 3.95
CA GLY F 47 28.27 -41.36 3.39
C GLY F 47 27.90 -42.33 2.27
N LYS F 48 26.63 -42.27 1.81
CA LYS F 48 26.15 -43.15 0.77
C LYS F 48 26.41 -42.66 -0.67
N THR F 49 25.61 -43.13 -1.67
CA THR F 49 25.85 -42.82 -3.09
C THR F 49 25.36 -41.46 -3.53
N ILE F 50 24.05 -41.18 -3.32
CA ILE F 50 23.38 -39.93 -3.74
C ILE F 50 23.88 -38.71 -2.93
N ARG F 51 25.09 -38.21 -3.31
CA ARG F 51 25.78 -37.08 -2.69
C ARG F 51 26.45 -36.20 -3.76
N GLU F 52 26.53 -34.88 -3.47
CA GLU F 52 27.07 -33.83 -4.32
C GLU F 52 28.35 -34.24 -5.04
N GLY F 53 28.29 -34.27 -6.37
CA GLY F 53 29.42 -34.62 -7.24
C GLY F 53 29.78 -36.09 -7.31
N MET F 54 28.99 -36.95 -6.65
CA MET F 54 29.19 -38.40 -6.62
C MET F 54 28.04 -39.08 -7.36
N GLY F 55 27.07 -39.63 -6.65
CA GLY F 55 25.88 -40.23 -7.25
C GLY F 55 24.91 -39.17 -7.74
N GLN F 56 24.94 -37.99 -7.10
CA GLN F 56 24.14 -36.82 -7.45
C GLN F 56 25.04 -35.94 -8.31
N SER F 57 24.59 -35.58 -9.50
CA SER F 57 25.37 -34.77 -10.45
C SER F 57 25.50 -33.30 -10.05
N ASN F 58 26.64 -32.69 -10.44
CA ASN F 58 26.88 -31.26 -10.27
C ASN F 58 26.74 -30.57 -11.63
N SER F 59 26.60 -31.39 -12.69
CA SER F 59 26.42 -30.96 -14.06
C SER F 59 24.94 -30.76 -14.32
N PRO F 60 24.49 -29.52 -14.68
CA PRO F 60 23.06 -29.32 -14.97
C PRO F 60 22.60 -30.17 -16.17
N ASP F 61 21.36 -30.69 -16.12
CA ASP F 61 20.81 -31.51 -17.20
C ASP F 61 19.33 -31.24 -17.34
N GLU F 62 18.86 -31.27 -18.59
CA GLU F 62 17.47 -31.04 -18.95
C GLU F 62 16.57 -32.13 -18.39
N ASN F 63 17.16 -33.31 -18.13
CA ASN F 63 16.49 -34.47 -17.57
C ASN F 63 16.77 -34.69 -16.07
N THR F 64 17.04 -33.60 -15.28
CA THR F 64 17.26 -33.78 -13.84
C THR F 64 15.91 -34.18 -13.24
N LEU F 65 15.84 -35.40 -12.67
CA LEU F 65 14.64 -35.97 -12.10
C LEU F 65 14.16 -35.18 -10.90
N ASP F 66 12.83 -35.18 -10.66
CA ASP F 66 12.23 -34.50 -9.51
C ASP F 66 12.24 -35.47 -8.33
N LEU F 67 12.16 -36.80 -8.65
CA LEU F 67 12.18 -37.88 -7.69
C LEU F 67 12.81 -39.13 -8.32
N VAL F 68 13.57 -39.86 -7.50
CA VAL F 68 14.18 -41.12 -7.88
C VAL F 68 13.73 -42.21 -6.90
N ILE F 69 13.15 -43.30 -7.43
CA ILE F 69 12.77 -44.45 -6.63
C ILE F 69 13.88 -45.46 -6.90
N THR F 70 14.86 -45.54 -5.98
CA THR F 70 16.04 -46.38 -6.13
C THR F 70 15.75 -47.86 -5.88
N ASN F 71 16.30 -48.75 -6.72
CA ASN F 71 16.25 -50.20 -6.60
C ASN F 71 14.87 -50.81 -6.39
N ALA F 72 13.90 -50.35 -7.19
CA ALA F 72 12.52 -50.83 -7.15
C ALA F 72 12.35 -52.19 -7.85
N LEU F 73 11.42 -53.03 -7.35
CA LEU F 73 11.05 -54.26 -8.03
C LEU F 73 9.69 -53.96 -8.64
N ILE F 74 9.68 -53.66 -9.95
CA ILE F 74 8.46 -53.35 -10.69
C ILE F 74 7.69 -54.65 -10.95
N ILE F 75 6.37 -54.62 -10.67
CA ILE F 75 5.44 -55.70 -10.97
C ILE F 75 4.37 -55.00 -11.80
N ASP F 76 4.33 -55.33 -13.10
CA ASP F 76 3.43 -54.73 -14.10
C ASP F 76 3.22 -55.70 -15.26
N TYR F 77 2.18 -55.48 -16.08
CA TYR F 77 1.94 -56.34 -17.26
C TYR F 77 3.16 -56.30 -18.18
N THR F 78 3.91 -55.17 -18.16
CA THR F 78 5.11 -54.94 -18.96
C THR F 78 6.30 -55.81 -18.53
N GLY F 79 6.25 -56.36 -17.32
CA GLY F 79 7.29 -57.22 -16.76
C GLY F 79 7.50 -57.10 -15.26
N ILE F 80 8.20 -58.12 -14.68
CA ILE F 80 8.59 -58.19 -13.27
C ILE F 80 10.13 -58.09 -13.27
N TYR F 81 10.65 -56.87 -13.12
CA TYR F 81 12.07 -56.61 -13.18
C TYR F 81 12.54 -55.62 -12.11
N LYS F 82 13.87 -55.49 -11.97
CA LYS F 82 14.53 -54.61 -11.01
C LYS F 82 15.11 -53.39 -11.76
N ALA F 83 14.70 -52.17 -11.32
CA ALA F 83 15.14 -50.93 -11.94
C ALA F 83 14.95 -49.72 -11.02
N ASP F 84 15.62 -48.59 -11.35
CA ASP F 84 15.44 -47.31 -10.69
C ASP F 84 14.32 -46.64 -11.51
N ILE F 85 13.38 -45.98 -10.84
CA ILE F 85 12.28 -45.28 -11.50
C ILE F 85 12.52 -43.77 -11.30
N GLY F 86 12.43 -43.03 -12.39
CA GLY F 86 12.61 -41.59 -12.37
C GLY F 86 11.34 -40.82 -12.68
N ILE F 87 10.94 -39.96 -11.75
CA ILE F 87 9.77 -39.10 -11.92
C ILE F 87 10.25 -37.67 -12.24
N LYS F 88 9.56 -36.99 -13.17
CA LYS F 88 9.78 -35.59 -13.56
C LYS F 88 8.49 -35.02 -14.11
N ASN F 89 8.08 -33.85 -13.61
CA ASN F 89 6.86 -33.13 -13.99
C ASN F 89 5.59 -33.98 -13.80
N GLY F 90 5.60 -34.75 -12.72
CA GLY F 90 4.49 -35.63 -12.34
C GLY F 90 4.22 -36.77 -13.29
N LYS F 91 5.25 -37.17 -14.05
CA LYS F 91 5.18 -38.25 -15.02
C LYS F 91 6.37 -39.19 -14.84
N ILE F 92 6.23 -40.46 -15.27
CA ILE F 92 7.31 -41.45 -15.23
C ILE F 92 8.29 -41.03 -16.37
N HIS F 93 9.36 -40.31 -16.00
CA HIS F 93 10.34 -39.79 -16.95
C HIS F 93 11.20 -40.89 -17.58
N GLY F 94 11.61 -41.85 -16.75
CA GLY F 94 12.44 -42.95 -17.19
C GLY F 94 12.45 -44.11 -16.22
N ILE F 95 12.77 -45.31 -16.75
CA ILE F 95 12.90 -46.56 -15.98
C ILE F 95 14.22 -47.19 -16.45
N GLY F 96 15.12 -47.49 -15.51
CA GLY F 96 16.42 -48.06 -15.84
C GLY F 96 17.45 -47.89 -14.75
N LYS F 97 18.56 -47.19 -15.07
CA LYS F 97 19.64 -46.95 -14.12
C LYS F 97 19.83 -45.45 -13.94
N ALA F 98 19.50 -44.92 -12.75
CA ALA F 98 19.63 -43.49 -12.48
C ALA F 98 20.97 -43.20 -11.84
N GLY F 99 21.39 -41.93 -11.89
CA GLY F 99 22.64 -41.49 -11.30
C GLY F 99 23.37 -40.38 -12.01
N ASN F 100 24.71 -40.41 -11.93
CA ASN F 100 25.60 -39.41 -12.46
C ASN F 100 26.60 -39.97 -13.48
N LYS F 101 26.38 -39.71 -14.78
CA LYS F 101 27.26 -40.16 -15.88
C LYS F 101 28.68 -39.60 -15.76
N ASP F 102 28.88 -38.57 -14.92
CA ASP F 102 30.18 -37.95 -14.66
C ASP F 102 31.05 -38.90 -13.83
N MET F 103 30.42 -39.70 -12.93
CA MET F 103 31.12 -40.58 -11.99
C MET F 103 30.70 -42.04 -12.05
N GLN F 104 29.67 -42.36 -12.84
CA GLN F 104 29.14 -43.72 -12.88
C GLN F 104 29.00 -44.31 -14.27
N ASP F 105 29.08 -45.64 -14.32
CA ASP F 105 28.92 -46.38 -15.56
C ASP F 105 27.48 -46.86 -15.74
N GLY F 106 27.06 -46.95 -16.99
CA GLY F 106 25.76 -47.47 -17.38
C GLY F 106 24.53 -46.71 -16.94
N VAL F 107 24.63 -45.36 -16.79
CA VAL F 107 23.50 -44.51 -16.40
C VAL F 107 22.59 -44.32 -17.64
N THR F 108 21.27 -44.52 -17.49
CA THR F 108 20.26 -44.29 -18.54
C THR F 108 20.27 -42.77 -18.79
N PRO F 109 20.51 -42.34 -20.05
CA PRO F 109 20.70 -40.91 -20.34
C PRO F 109 19.72 -39.87 -19.81
N HIS F 110 18.43 -40.20 -19.77
CA HIS F 110 17.39 -39.29 -19.31
C HIS F 110 16.99 -39.58 -17.84
N MET F 111 17.93 -40.16 -17.06
CA MET F 111 17.70 -40.49 -15.65
C MET F 111 18.78 -39.88 -14.76
N VAL F 112 18.89 -38.56 -14.86
CA VAL F 112 19.88 -37.76 -14.12
C VAL F 112 19.39 -37.46 -12.70
N VAL F 113 20.19 -37.88 -11.70
CA VAL F 113 19.95 -37.58 -10.31
C VAL F 113 20.80 -36.31 -10.08
N GLY F 114 20.13 -35.22 -9.72
CA GLY F 114 20.80 -33.94 -9.54
C GLY F 114 20.38 -33.20 -8.31
N VAL F 115 20.74 -31.88 -8.26
CA VAL F 115 20.44 -31.02 -7.12
C VAL F 115 18.94 -30.97 -6.83
N GLY F 116 18.13 -30.91 -7.87
CA GLY F 116 16.69 -30.88 -7.71
C GLY F 116 16.00 -32.21 -7.51
N THR F 117 16.75 -33.31 -7.30
CA THR F 117 16.17 -34.65 -7.14
C THR F 117 15.90 -35.03 -5.68
N GLU F 118 14.69 -35.57 -5.42
CA GLU F 118 14.30 -36.10 -4.11
C GLU F 118 14.54 -37.61 -4.18
N ALA F 119 14.87 -38.24 -3.03
CA ALA F 119 15.14 -39.67 -2.99
C ALA F 119 14.09 -40.46 -2.23
N LEU F 120 13.67 -41.57 -2.80
CA LEU F 120 12.75 -42.54 -2.20
C LEU F 120 13.40 -43.91 -2.36
N ALA F 121 13.70 -44.57 -1.24
CA ALA F 121 14.36 -45.87 -1.26
C ALA F 121 13.37 -46.96 -1.53
N GLY F 122 13.49 -47.55 -2.71
CA GLY F 122 12.62 -48.64 -3.11
C GLY F 122 13.28 -50.00 -2.99
N GLU F 123 14.54 -50.04 -2.50
CA GLU F 123 15.30 -51.27 -2.30
C GLU F 123 14.52 -52.24 -1.41
N GLY F 124 14.13 -53.37 -1.99
CA GLY F 124 13.39 -54.38 -1.24
C GLY F 124 11.89 -54.21 -1.23
N MET F 125 11.39 -53.20 -1.97
CA MET F 125 9.96 -52.89 -2.10
C MET F 125 9.46 -53.28 -3.48
N ILE F 126 8.13 -53.49 -3.59
CA ILE F 126 7.48 -53.78 -4.85
C ILE F 126 6.78 -52.48 -5.27
N ILE F 127 7.00 -52.05 -6.53
CA ILE F 127 6.34 -50.85 -7.08
C ILE F 127 5.36 -51.32 -8.16
N THR F 128 4.09 -50.91 -8.05
CA THR F 128 3.04 -51.24 -9.03
C THR F 128 2.31 -49.95 -9.40
N ALA F 129 1.55 -49.99 -10.49
CA ALA F 129 0.72 -48.86 -10.91
C ALA F 129 -0.45 -48.74 -9.91
N GLY F 130 -1.03 -47.56 -9.78
CA GLY F 130 -2.20 -47.38 -8.92
C GLY F 130 -3.39 -48.04 -9.57
N GLY F 131 -4.18 -48.75 -8.76
CA GLY F 131 -5.36 -49.45 -9.23
C GLY F 131 -6.48 -48.54 -9.70
N ILE F 132 -7.27 -49.04 -10.67
CA ILE F 132 -8.43 -48.37 -11.27
C ILE F 132 -9.68 -49.19 -10.98
N ASP F 133 -10.60 -48.59 -10.20
CA ASP F 133 -11.85 -49.25 -9.83
C ASP F 133 -12.97 -48.70 -10.71
N SER F 134 -13.22 -49.39 -11.84
CA SER F 134 -14.20 -49.03 -12.86
C SER F 134 -15.67 -49.26 -12.50
N HIS F 135 -15.99 -49.63 -11.24
CA HIS F 135 -17.37 -49.84 -10.78
C HIS F 135 -17.53 -49.20 -9.39
N THR F 136 -17.61 -47.87 -9.37
CA THR F 136 -17.77 -47.13 -8.13
C THR F 136 -19.17 -46.52 -8.02
N HIS F 137 -19.85 -46.77 -6.91
CA HIS F 137 -21.12 -46.10 -6.66
C HIS F 137 -20.73 -44.86 -5.83
N PHE F 138 -20.92 -43.63 -6.34
CA PHE F 138 -20.57 -42.42 -5.58
C PHE F 138 -21.69 -42.16 -4.59
N LEU F 139 -21.62 -42.94 -3.50
CA LEU F 139 -22.58 -43.04 -2.41
C LEU F 139 -22.09 -42.29 -1.17
N SER F 140 -20.80 -42.41 -0.87
CA SER F 140 -20.22 -41.79 0.32
C SER F 140 -18.81 -41.26 0.00
N PRO F 141 -18.46 -40.00 0.36
CA PRO F 141 -17.09 -39.53 0.11
C PRO F 141 -16.04 -40.24 0.99
N GLN F 142 -16.52 -41.05 1.98
CA GLN F 142 -15.68 -41.82 2.90
C GLN F 142 -15.11 -43.07 2.23
N GLN F 143 -15.57 -43.36 0.99
CA GLN F 143 -15.08 -44.50 0.21
C GLN F 143 -13.66 -44.21 -0.26
N PHE F 144 -13.38 -42.93 -0.58
CA PHE F 144 -12.09 -42.48 -1.07
C PHE F 144 -10.87 -42.83 -0.19
N PRO F 145 -10.82 -42.47 1.13
CA PRO F 145 -9.66 -42.89 1.95
C PRO F 145 -9.50 -44.41 2.02
N THR F 146 -10.63 -45.16 2.13
CA THR F 146 -10.69 -46.63 2.15
C THR F 146 -10.06 -47.19 0.87
N ALA F 147 -10.39 -46.59 -0.29
CA ALA F 147 -9.89 -46.99 -1.60
C ALA F 147 -8.37 -46.74 -1.70
N LEU F 148 -7.90 -45.52 -1.34
CA LEU F 148 -6.49 -45.17 -1.39
C LEU F 148 -5.65 -46.08 -0.48
N ALA F 149 -6.19 -46.40 0.73
CA ALA F 149 -5.57 -47.29 1.71
C ALA F 149 -5.44 -48.71 1.19
N ASN F 150 -6.03 -48.99 0.01
CA ASN F 150 -5.99 -50.30 -0.62
C ASN F 150 -5.36 -50.28 -2.01
N GLY F 151 -4.63 -49.21 -2.32
CA GLY F 151 -3.88 -49.04 -3.57
C GLY F 151 -4.65 -48.59 -4.79
N VAL F 152 -5.89 -48.08 -4.62
CA VAL F 152 -6.74 -47.60 -5.72
C VAL F 152 -6.63 -46.08 -5.83
N THR F 153 -6.22 -45.59 -7.00
CA THR F 153 -6.00 -44.16 -7.28
C THR F 153 -7.01 -43.52 -8.24
N THR F 154 -7.75 -44.34 -9.02
CA THR F 154 -8.75 -43.89 -9.99
C THR F 154 -10.08 -44.62 -9.78
N MET F 155 -11.21 -43.91 -9.81
CA MET F 155 -12.52 -44.52 -9.64
C MET F 155 -13.49 -44.00 -10.70
N PHE F 156 -14.09 -44.93 -11.48
CA PHE F 156 -15.11 -44.65 -12.48
C PHE F 156 -16.44 -45.23 -12.01
N GLY F 157 -17.50 -44.48 -12.22
CA GLY F 157 -18.84 -44.88 -11.79
C GLY F 157 -19.81 -43.72 -11.81
N GLY F 158 -20.78 -43.74 -10.90
CA GLY F 158 -21.80 -42.71 -10.82
C GLY F 158 -22.50 -42.67 -9.49
N GLY F 159 -23.33 -41.65 -9.29
CA GLY F 159 -24.04 -41.46 -8.04
C GLY F 159 -24.20 -40.01 -7.69
N THR F 160 -25.09 -39.72 -6.75
CA THR F 160 -25.51 -38.41 -6.24
C THR F 160 -25.32 -38.35 -4.69
N GLY F 161 -25.07 -39.52 -4.12
CA GLY F 161 -24.91 -39.71 -2.70
C GLY F 161 -25.84 -40.80 -2.24
N PRO F 162 -26.25 -40.84 -0.96
CA PRO F 162 -27.07 -41.94 -0.49
C PRO F 162 -28.56 -41.88 -0.82
N VAL F 163 -28.85 -41.81 -2.10
CA VAL F 163 -30.19 -41.82 -2.61
C VAL F 163 -30.43 -43.17 -3.30
N ASP F 164 -31.65 -43.71 -3.18
CA ASP F 164 -32.03 -45.00 -3.74
C ASP F 164 -31.45 -45.34 -5.11
N GLY F 165 -31.55 -44.40 -6.05
CA GLY F 165 -31.01 -44.57 -7.39
C GLY F 165 -29.54 -44.91 -7.43
N THR F 166 -28.76 -44.31 -6.51
CA THR F 166 -27.31 -44.52 -6.41
C THR F 166 -27.03 -45.79 -5.65
N ASN F 167 -27.84 -46.06 -4.59
CA ASN F 167 -27.69 -47.24 -3.75
C ASN F 167 -27.76 -48.49 -4.60
N ALA F 168 -28.41 -48.38 -5.77
CA ALA F 168 -28.62 -49.48 -6.70
C ALA F 168 -27.81 -49.38 -7.97
N THR F 169 -27.68 -48.17 -8.56
CA THR F 169 -27.04 -47.92 -9.86
C THR F 169 -25.81 -46.96 -9.83
N THR F 170 -24.82 -47.14 -10.76
CA THR F 170 -23.61 -46.28 -10.90
C THR F 170 -23.96 -45.19 -11.88
N ILE F 171 -24.92 -44.33 -11.50
CA ILE F 171 -25.44 -43.28 -12.36
C ILE F 171 -25.58 -41.93 -11.67
N THR F 172 -25.02 -40.89 -12.31
CA THR F 172 -25.11 -39.47 -11.98
C THR F 172 -26.00 -38.95 -13.15
N PRO F 173 -27.35 -38.90 -12.99
CA PRO F 173 -28.23 -38.58 -14.12
C PRO F 173 -28.52 -37.11 -14.45
N GLY F 174 -28.47 -36.79 -15.74
CA GLY F 174 -28.77 -35.45 -16.24
C GLY F 174 -27.68 -34.43 -16.08
N VAL F 175 -27.83 -33.30 -16.78
CA VAL F 175 -26.87 -32.19 -16.80
C VAL F 175 -26.58 -31.61 -15.40
N TRP F 176 -27.62 -31.17 -14.67
CA TRP F 176 -27.48 -30.56 -13.35
C TRP F 176 -26.72 -31.42 -12.35
N ASN F 177 -27.08 -32.71 -12.25
CA ASN F 177 -26.41 -33.62 -11.31
C ASN F 177 -24.98 -33.89 -11.71
N LEU F 178 -24.71 -33.98 -13.02
CA LEU F 178 -23.35 -34.20 -13.51
C LEU F 178 -22.45 -33.01 -13.17
N HIS F 179 -22.94 -31.79 -13.38
CA HIS F 179 -22.25 -30.55 -13.05
C HIS F 179 -21.93 -30.46 -11.57
N ARG F 180 -22.92 -30.76 -10.73
CA ARG F 180 -22.80 -30.75 -9.28
C ARG F 180 -21.73 -31.71 -8.77
N MET F 181 -21.74 -32.94 -9.29
CA MET F 181 -20.77 -33.98 -8.90
C MET F 181 -19.34 -33.69 -9.36
N LEU F 182 -19.17 -33.18 -10.60
CA LEU F 182 -17.87 -32.81 -11.13
C LEU F 182 -17.23 -31.70 -10.29
N ARG F 183 -18.08 -30.79 -9.75
CA ARG F 183 -17.66 -29.70 -8.87
C ARG F 183 -17.37 -30.25 -7.47
N ALA F 184 -18.14 -31.26 -7.01
CA ALA F 184 -17.93 -31.91 -5.70
C ALA F 184 -16.58 -32.63 -5.68
N ALA F 185 -16.22 -33.24 -6.85
CA ALA F 185 -14.98 -33.99 -7.09
C ALA F 185 -13.72 -33.22 -6.73
N GLU F 186 -13.76 -31.86 -6.81
CA GLU F 186 -12.62 -30.97 -6.52
C GLU F 186 -11.98 -31.24 -5.17
N GLU F 187 -12.81 -31.65 -4.21
CA GLU F 187 -12.44 -31.95 -2.83
C GLU F 187 -11.39 -33.03 -2.66
N TYR F 188 -11.50 -34.08 -3.47
CA TYR F 188 -10.76 -35.32 -3.35
C TYR F 188 -9.38 -35.45 -3.97
N GLY F 189 -8.68 -36.51 -3.55
CA GLY F 189 -7.37 -36.88 -4.06
C GLY F 189 -7.48 -37.89 -5.19
N MET F 190 -8.61 -38.63 -5.20
CA MET F 190 -8.97 -39.68 -6.15
C MET F 190 -9.24 -39.15 -7.54
N ASN F 191 -8.78 -39.86 -8.57
CA ASN F 191 -9.11 -39.51 -9.97
C ASN F 191 -10.55 -40.00 -10.20
N VAL F 192 -11.41 -39.16 -10.83
CA VAL F 192 -12.81 -39.56 -11.06
C VAL F 192 -13.22 -39.44 -12.52
N GLY F 193 -14.30 -40.14 -12.86
CA GLY F 193 -14.96 -40.16 -14.14
C GLY F 193 -16.38 -40.56 -13.87
N LEU F 194 -17.37 -39.78 -14.35
CA LEU F 194 -18.80 -40.05 -14.09
C LEU F 194 -19.57 -40.62 -15.28
N LEU F 195 -20.51 -41.56 -15.00
CA LEU F 195 -21.39 -42.19 -15.99
C LEU F 195 -22.80 -41.64 -15.80
N GLY F 196 -23.43 -41.32 -16.90
CA GLY F 196 -24.82 -40.84 -16.89
C GLY F 196 -25.76 -42.00 -17.11
N LYS F 197 -27.07 -41.75 -17.06
CA LYS F 197 -28.09 -42.76 -17.27
C LYS F 197 -28.15 -43.11 -18.74
N GLY F 198 -27.88 -44.37 -19.03
CA GLY F 198 -27.94 -44.86 -20.40
C GLY F 198 -29.31 -45.33 -20.81
N ASN F 199 -30.16 -45.70 -19.81
CA ASN F 199 -31.52 -46.24 -20.01
C ASN F 199 -32.46 -45.21 -20.54
N SER F 200 -32.37 -44.99 -21.85
CA SER F 200 -33.17 -44.08 -22.64
C SER F 200 -33.41 -44.65 -24.05
N SER F 201 -34.62 -44.41 -24.56
CA SER F 201 -34.96 -44.77 -25.92
C SER F 201 -35.08 -43.50 -26.75
N SER F 202 -34.46 -42.39 -26.27
CA SER F 202 -34.43 -41.06 -26.90
C SER F 202 -33.01 -40.48 -26.90
N ARG F 203 -32.54 -40.00 -28.08
CA ARG F 203 -31.19 -39.48 -28.31
C ARG F 203 -30.83 -38.26 -27.45
N ALA F 204 -31.65 -37.20 -27.53
CA ALA F 204 -31.47 -35.91 -26.86
C ALA F 204 -30.99 -36.02 -25.41
N GLN F 205 -31.71 -36.78 -24.59
CA GLN F 205 -31.41 -36.98 -23.17
C GLN F 205 -30.07 -37.65 -22.89
N LEU F 206 -29.58 -38.46 -23.85
CA LEU F 206 -28.30 -39.15 -23.74
C LEU F 206 -27.18 -38.16 -24.10
N VAL F 207 -27.36 -37.43 -25.23
CA VAL F 207 -26.40 -36.45 -25.74
C VAL F 207 -26.09 -35.36 -24.70
N GLU F 208 -27.14 -34.78 -24.08
CA GLU F 208 -27.09 -33.76 -23.02
C GLU F 208 -26.05 -34.14 -21.95
N GLN F 209 -26.06 -35.42 -21.56
CA GLN F 209 -25.23 -35.98 -20.51
C GLN F 209 -23.76 -36.05 -20.90
N VAL F 210 -23.44 -36.49 -22.15
CA VAL F 210 -22.05 -36.53 -22.63
C VAL F 210 -21.49 -35.12 -22.69
N LYS F 211 -22.31 -34.17 -23.19
CA LYS F 211 -21.95 -32.76 -23.29
C LYS F 211 -21.78 -32.10 -21.90
N ALA F 212 -22.41 -32.69 -20.85
CA ALA F 212 -22.34 -32.22 -19.47
C ALA F 212 -21.08 -32.78 -18.75
N GLY F 213 -20.31 -33.61 -19.44
CA GLY F 213 -19.05 -34.15 -18.91
C GLY F 213 -18.93 -35.63 -18.64
N ALA F 214 -19.99 -36.41 -18.82
CA ALA F 214 -19.97 -37.85 -18.59
C ALA F 214 -18.91 -38.58 -19.43
N ILE F 215 -18.22 -39.57 -18.80
CA ILE F 215 -17.18 -40.38 -19.48
C ILE F 215 -17.81 -41.59 -20.17
N GLY F 216 -19.11 -41.73 -20.01
CA GLY F 216 -19.89 -42.82 -20.58
C GLY F 216 -21.27 -42.91 -19.99
N PHE F 217 -21.91 -44.07 -20.17
CA PHE F 217 -23.26 -44.35 -19.66
C PHE F 217 -23.32 -45.64 -18.91
N KCX F 218 -24.25 -45.76 -17.99
CA KCX F 218 -24.50 -47.02 -17.32
CB KCX F 218 -24.25 -46.91 -15.83
CG KCX F 218 -24.88 -48.04 -15.04
CD KCX F 218 -24.16 -49.35 -15.26
CE KCX F 218 -24.70 -50.43 -14.36
NZ KCX F 218 -24.45 -50.12 -12.95
C KCX F 218 -25.94 -47.43 -17.60
O KCX F 218 -26.85 -46.62 -17.41
CX KCX F 218 -24.44 -51.04 -11.99
OQ1 KCX F 218 -24.64 -52.24 -12.29
OQ2 KCX F 218 -24.20 -50.65 -10.81
N LEU F 219 -26.16 -48.67 -18.13
CA LEU F 219 -27.49 -49.23 -18.40
C LEU F 219 -27.76 -50.16 -17.23
N HIS F 220 -28.64 -49.75 -16.30
CA HIS F 220 -29.00 -50.57 -15.13
C HIS F 220 -30.47 -50.93 -15.21
N GLU F 221 -30.81 -52.17 -14.83
CA GLU F 221 -32.17 -52.70 -14.90
C GLU F 221 -33.22 -51.92 -14.11
N ASP F 222 -32.84 -51.32 -12.96
CA ASP F 222 -33.75 -50.55 -12.10
C ASP F 222 -34.35 -49.37 -12.84
N TRP F 223 -33.69 -48.95 -13.94
CA TRP F 223 -34.08 -47.90 -14.87
C TRP F 223 -34.62 -48.45 -16.20
N GLY F 224 -34.60 -49.77 -16.39
CA GLY F 224 -35.12 -50.46 -17.57
C GLY F 224 -34.13 -50.80 -18.66
N THR F 225 -33.39 -51.93 -18.52
CA THR F 225 -32.40 -52.38 -19.54
C THR F 225 -33.06 -53.25 -20.62
N THR F 226 -33.86 -52.58 -21.46
CA THR F 226 -34.58 -53.20 -22.56
C THR F 226 -33.71 -53.16 -23.83
N PRO F 227 -33.97 -54.02 -24.85
CA PRO F 227 -33.22 -53.94 -26.10
C PRO F 227 -33.26 -52.56 -26.76
N SER F 228 -34.39 -51.81 -26.64
CA SER F 228 -34.50 -50.45 -27.21
C SER F 228 -33.47 -49.51 -26.58
N ALA F 229 -33.35 -49.54 -25.25
CA ALA F 229 -32.44 -48.69 -24.49
C ALA F 229 -30.99 -49.09 -24.75
N ILE F 230 -30.73 -50.40 -24.99
CA ILE F 230 -29.38 -50.92 -25.28
C ILE F 230 -28.90 -50.35 -26.60
N ASP F 231 -29.75 -50.39 -27.61
CA ASP F 231 -29.42 -49.89 -28.94
C ASP F 231 -29.22 -48.37 -28.93
N HIS F 232 -30.18 -47.61 -28.37
CA HIS F 232 -30.10 -46.15 -28.31
C HIS F 232 -28.87 -45.64 -27.59
N CYS F 233 -28.55 -46.26 -26.43
CA CYS F 233 -27.39 -45.91 -25.63
C CYS F 233 -26.09 -46.12 -26.38
N LEU F 234 -25.90 -47.32 -26.96
CA LEU F 234 -24.68 -47.64 -27.70
C LEU F 234 -24.52 -46.75 -28.92
N SER F 235 -25.64 -46.37 -29.59
CA SER F 235 -25.59 -45.51 -30.78
C SER F 235 -24.95 -44.15 -30.45
N VAL F 236 -25.35 -43.54 -29.30
CA VAL F 236 -24.82 -42.25 -28.82
C VAL F 236 -23.36 -42.42 -28.36
N ALA F 237 -23.03 -43.50 -27.61
CA ALA F 237 -21.67 -43.74 -27.18
C ALA F 237 -20.71 -43.87 -28.37
N ASP F 238 -21.16 -44.55 -29.44
CA ASP F 238 -20.39 -44.72 -30.65
C ASP F 238 -20.08 -43.39 -31.30
N GLU F 239 -21.06 -42.47 -31.32
CA GLU F 239 -20.93 -41.11 -31.88
C GLU F 239 -19.94 -40.29 -31.07
N TYR F 240 -19.99 -40.39 -29.71
CA TYR F 240 -19.22 -39.55 -28.80
C TYR F 240 -17.98 -40.18 -28.15
N ASP F 241 -17.55 -41.35 -28.62
CA ASP F 241 -16.37 -42.08 -28.08
C ASP F 241 -16.35 -42.17 -26.55
N VAL F 242 -17.43 -42.75 -25.99
CA VAL F 242 -17.56 -42.94 -24.55
C VAL F 242 -17.88 -44.40 -24.24
N GLN F 243 -17.61 -44.86 -23.04
CA GLN F 243 -17.88 -46.26 -22.70
C GLN F 243 -19.30 -46.50 -22.16
N VAL F 244 -19.80 -47.72 -22.35
CA VAL F 244 -21.11 -48.13 -21.83
C VAL F 244 -20.89 -49.31 -20.88
N CYS F 245 -21.53 -49.26 -19.69
CA CYS F 245 -21.49 -50.34 -18.70
C CYS F 245 -22.88 -50.92 -18.51
N ILE F 246 -22.97 -52.26 -18.34
CA ILE F 246 -24.29 -52.89 -18.26
C ILE F 246 -24.58 -53.81 -17.10
N HIS F 247 -25.77 -53.61 -16.51
CA HIS F 247 -26.42 -54.47 -15.50
C HIS F 247 -27.71 -54.94 -16.22
N THR F 248 -27.68 -56.17 -16.77
CA THR F 248 -28.75 -56.75 -17.60
C THR F 248 -30.12 -57.02 -16.94
N ASP F 249 -31.11 -57.45 -17.76
CA ASP F 249 -32.49 -57.71 -17.33
C ASP F 249 -32.61 -59.04 -16.63
N THR F 250 -32.32 -59.07 -15.32
CA THR F 250 -32.36 -60.26 -14.46
C THR F 250 -33.61 -61.10 -14.66
N VAL F 251 -34.77 -60.45 -14.62
CA VAL F 251 -36.06 -61.10 -14.74
C VAL F 251 -36.44 -61.59 -16.16
N ASN F 252 -35.61 -61.34 -17.19
CA ASN F 252 -35.86 -61.76 -18.59
C ASN F 252 -37.19 -61.21 -19.16
N GLU F 253 -37.59 -60.04 -18.66
CA GLU F 253 -38.85 -59.39 -19.01
C GLU F 253 -39.00 -59.12 -20.51
N ALA F 254 -38.05 -58.39 -21.13
CA ALA F 254 -38.08 -58.01 -22.54
C ALA F 254 -37.32 -58.99 -23.45
N GLY F 255 -36.63 -59.98 -22.86
CA GLY F 255 -35.90 -60.98 -23.60
C GLY F 255 -34.89 -61.74 -22.77
N TYR F 256 -34.25 -62.78 -23.37
CA TYR F 256 -33.22 -63.58 -22.71
C TYR F 256 -31.83 -63.00 -23.03
N VAL F 257 -30.75 -63.56 -22.45
CA VAL F 257 -29.37 -63.06 -22.65
C VAL F 257 -28.99 -62.83 -24.14
N ASP F 258 -29.35 -63.79 -25.01
CA ASP F 258 -29.08 -63.74 -26.46
C ASP F 258 -29.77 -62.52 -27.13
N ASP F 259 -30.95 -62.11 -26.61
CA ASP F 259 -31.72 -60.95 -27.08
C ASP F 259 -31.01 -59.63 -26.75
N THR F 260 -30.35 -59.60 -25.58
CA THR F 260 -29.53 -58.50 -25.09
C THR F 260 -28.24 -58.42 -25.94
N LEU F 261 -27.58 -59.56 -26.15
CA LEU F 261 -26.37 -59.66 -26.96
C LEU F 261 -26.63 -59.19 -28.39
N ARG F 262 -27.81 -59.56 -28.93
CA ARG F 262 -28.26 -59.16 -30.27
C ARG F 262 -28.46 -57.65 -30.34
N ALA F 263 -29.03 -57.05 -29.28
CA ALA F 263 -29.27 -55.60 -29.20
C ALA F 263 -27.97 -54.83 -29.25
N MET F 264 -26.93 -55.36 -28.56
CA MET F 264 -25.57 -54.78 -28.50
C MET F 264 -24.96 -54.67 -29.89
N ASN F 265 -25.20 -55.70 -30.73
CA ASN F 265 -24.74 -55.80 -32.11
C ASN F 265 -23.21 -55.72 -32.32
N GLY F 266 -22.46 -56.43 -31.47
CA GLY F 266 -21.00 -56.48 -31.54
C GLY F 266 -20.30 -55.22 -31.12
N ARG F 267 -21.05 -54.28 -30.51
CA ARG F 267 -20.48 -53.01 -30.08
C ARG F 267 -19.81 -53.15 -28.73
N ALA F 268 -18.76 -52.33 -28.48
CA ALA F 268 -18.01 -52.38 -27.23
C ALA F 268 -18.87 -52.00 -26.04
N ILE F 269 -18.88 -52.85 -25.01
CA ILE F 269 -19.67 -52.66 -23.79
C ILE F 269 -18.94 -53.32 -22.60
N HIS F 270 -18.91 -52.63 -21.46
CA HIS F 270 -18.32 -53.14 -20.23
C HIS F 270 -19.45 -53.85 -19.46
N ALA F 271 -19.45 -55.19 -19.47
CA ALA F 271 -20.47 -55.96 -18.76
C ALA F 271 -20.04 -56.13 -17.30
N TYR F 272 -20.69 -55.36 -16.39
CA TYR F 272 -20.44 -55.38 -14.94
C TYR F 272 -20.89 -56.72 -14.40
N HIS F 273 -20.33 -57.13 -13.22
CA HIS F 273 -20.63 -58.35 -12.45
C HIS F 273 -21.07 -59.50 -13.34
N ILE F 274 -20.16 -59.94 -14.19
CA ILE F 274 -20.40 -60.98 -15.20
C ILE F 274 -20.94 -62.30 -14.65
N GLU F 275 -20.66 -62.62 -13.40
CA GLU F 275 -21.13 -63.86 -12.78
C GLU F 275 -22.66 -63.90 -12.63
N GLY F 276 -23.27 -62.78 -12.19
CA GLY F 276 -24.71 -62.64 -12.08
C GLY F 276 -25.35 -62.38 -10.73
N ALA F 277 -24.61 -62.57 -9.60
CA ALA F 277 -25.15 -62.36 -8.24
C ALA F 277 -25.40 -60.88 -7.97
N GLY F 278 -24.51 -60.03 -8.50
CA GLY F 278 -24.62 -58.58 -8.46
C GLY F 278 -25.79 -58.07 -9.29
N GLY F 279 -26.28 -58.95 -10.19
CA GLY F 279 -27.41 -58.72 -11.09
C GLY F 279 -27.17 -59.15 -12.53
N GLY F 280 -28.27 -59.38 -13.23
CA GLY F 280 -28.22 -59.78 -14.62
C GLY F 280 -29.01 -61.03 -14.90
N HIS F 281 -29.45 -61.22 -16.18
CA HIS F 281 -30.23 -62.35 -16.72
C HIS F 281 -30.03 -63.61 -15.93
N SER F 282 -31.08 -64.07 -15.23
CA SER F 282 -30.97 -65.30 -14.46
C SER F 282 -31.40 -66.46 -15.34
N PRO F 283 -30.58 -67.53 -15.47
CA PRO F 283 -29.29 -67.81 -14.80
C PRO F 283 -28.05 -67.71 -15.72
N ASP F 284 -28.23 -67.17 -16.95
CA ASP F 284 -27.20 -67.18 -17.99
C ASP F 284 -26.40 -65.95 -18.35
N VAL F 285 -26.38 -64.92 -17.49
CA VAL F 285 -25.61 -63.71 -17.79
C VAL F 285 -24.13 -64.02 -18.05
N ILE F 286 -23.56 -64.93 -17.25
CA ILE F 286 -22.16 -65.36 -17.36
C ILE F 286 -21.74 -65.74 -18.79
N THR F 287 -22.70 -66.28 -19.59
CA THR F 287 -22.48 -66.72 -20.97
C THR F 287 -21.95 -65.63 -21.91
N MET F 288 -22.16 -64.36 -21.52
CA MET F 288 -21.70 -63.19 -22.26
C MET F 288 -20.19 -63.07 -22.32
N ALA F 289 -19.49 -63.51 -21.25
CA ALA F 289 -18.03 -63.45 -21.09
C ALA F 289 -17.23 -64.10 -22.23
N GLY F 290 -17.85 -65.04 -22.94
CA GLY F 290 -17.18 -65.71 -24.06
C GLY F 290 -17.03 -64.87 -25.30
N GLU F 291 -17.92 -63.88 -25.48
CA GLU F 291 -18.00 -62.97 -26.62
C GLU F 291 -16.86 -61.97 -26.70
N VAL F 292 -16.34 -61.75 -27.92
CA VAL F 292 -15.21 -60.86 -28.20
C VAL F 292 -15.47 -59.36 -27.90
N ASN F 293 -16.69 -58.87 -28.18
CA ASN F 293 -17.05 -57.46 -27.98
C ASN F 293 -17.28 -57.10 -26.52
N ILE F 294 -17.64 -58.12 -25.70
CA ILE F 294 -17.93 -58.00 -24.27
C ILE F 294 -16.65 -57.88 -23.49
N LEU F 295 -16.51 -56.75 -22.77
CA LEU F 295 -15.39 -56.44 -21.88
C LEU F 295 -15.89 -56.75 -20.47
N PRO F 296 -15.61 -57.99 -19.93
CA PRO F 296 -16.21 -58.39 -18.64
C PRO F 296 -15.39 -58.11 -17.41
N SER F 297 -16.08 -57.78 -16.32
CA SER F 297 -15.47 -57.53 -15.01
C SER F 297 -16.22 -58.27 -13.88
N SER F 298 -15.53 -58.52 -12.76
CA SER F 298 -16.12 -59.17 -11.59
C SER F 298 -16.19 -58.20 -10.46
N THR F 299 -17.20 -58.35 -9.58
CA THR F 299 -17.25 -57.53 -8.39
C THR F 299 -16.71 -58.36 -7.21
N THR F 300 -16.22 -57.67 -6.19
CA THR F 300 -15.59 -58.24 -5.01
C THR F 300 -16.34 -59.27 -4.19
N PRO F 301 -17.66 -59.19 -3.92
CA PRO F 301 -18.25 -60.17 -3.00
C PRO F 301 -18.21 -61.64 -3.38
N THR F 302 -18.15 -61.95 -4.69
CA THR F 302 -18.10 -63.33 -5.21
C THR F 302 -16.68 -63.88 -5.43
N ILE F 303 -15.66 -63.02 -5.43
CA ILE F 303 -14.26 -63.42 -5.61
C ILE F 303 -13.43 -63.19 -4.34
N PRO F 304 -12.72 -64.22 -3.79
CA PRO F 304 -12.71 -65.61 -4.21
C PRO F 304 -13.94 -66.35 -3.69
N TYR F 305 -14.21 -67.55 -4.25
CA TYR F 305 -15.36 -68.34 -3.82
C TYR F 305 -15.00 -69.00 -2.50
N THR F 306 -15.75 -68.64 -1.44
CA THR F 306 -15.52 -69.20 -0.09
C THR F 306 -16.75 -69.95 0.43
N ILE F 307 -16.57 -70.67 1.54
CA ILE F 307 -17.61 -71.46 2.21
C ILE F 307 -18.76 -70.58 2.78
N ASN F 308 -18.54 -69.25 2.86
CA ASN F 308 -19.51 -68.26 3.35
C ASN F 308 -20.09 -67.36 2.23
N THR F 309 -19.61 -67.48 0.96
CA THR F 309 -20.05 -66.66 -0.17
C THR F 309 -21.54 -66.73 -0.43
N VAL F 310 -22.09 -67.95 -0.56
CA VAL F 310 -23.52 -68.14 -0.86
C VAL F 310 -24.44 -67.68 0.30
N ALA F 311 -24.11 -68.05 1.55
CA ALA F 311 -24.88 -67.69 2.74
C ALA F 311 -25.01 -66.17 2.90
N GLU F 312 -23.88 -65.44 2.72
CA GLU F 312 -23.78 -63.99 2.82
C GLU F 312 -24.68 -63.30 1.78
N HIS F 313 -24.71 -63.84 0.55
CA HIS F 313 -25.49 -63.31 -0.57
C HIS F 313 -26.98 -63.45 -0.50
N LEU F 314 -27.45 -64.60 0.03
CA LEU F 314 -28.87 -64.92 0.17
C LEU F 314 -29.59 -63.99 1.17
N ASP F 315 -28.92 -62.90 1.60
CA ASP F 315 -29.41 -61.89 2.56
C ASP F 315 -28.93 -60.50 2.19
N MET F 316 -27.67 -60.38 1.67
CA MET F 316 -27.02 -59.14 1.19
C MET F 316 -27.80 -58.59 -0.01
N LEU F 317 -28.45 -59.48 -0.78
CA LEU F 317 -29.31 -59.14 -1.92
C LEU F 317 -30.62 -58.50 -1.38
N MET F 318 -31.14 -58.99 -0.24
CA MET F 318 -32.36 -58.49 0.42
C MET F 318 -32.26 -57.10 1.06
N THR F 319 -31.04 -56.67 1.51
CA THR F 319 -30.77 -55.37 2.14
C THR F 319 -30.56 -54.30 1.07
N CYS F 320 -29.86 -54.66 -0.04
CA CYS F 320 -29.53 -53.77 -1.16
C CYS F 320 -30.76 -53.46 -2.01
N HIS F 321 -31.52 -54.51 -2.42
CA HIS F 321 -32.71 -54.39 -3.27
C HIS F 321 -34.01 -54.12 -2.50
N HIS F 322 -33.96 -54.20 -1.14
CA HIS F 322 -35.08 -54.03 -0.20
C HIS F 322 -36.25 -54.97 -0.54
N LEU F 323 -36.03 -56.27 -0.31
CA LEU F 323 -37.01 -57.32 -0.61
C LEU F 323 -37.77 -57.80 0.61
N ASP F 324 -39.01 -58.27 0.42
CA ASP F 324 -39.88 -58.80 1.47
C ASP F 324 -39.25 -59.99 2.17
N LYS F 325 -39.52 -60.10 3.49
CA LYS F 325 -39.04 -61.22 4.29
C LYS F 325 -39.82 -62.53 3.99
N ARG F 326 -40.94 -62.41 3.21
CA ARG F 326 -41.77 -63.53 2.74
C ARG F 326 -40.96 -64.40 1.74
N ILE F 327 -40.02 -63.75 1.01
CA ILE F 327 -39.10 -64.35 0.04
C ILE F 327 -38.00 -65.07 0.86
N ARG F 328 -37.94 -66.42 0.76
CA ARG F 328 -37.02 -67.32 1.48
C ARG F 328 -35.55 -66.87 1.47
N PHE F 333 -34.27 -72.22 -2.09
CA PHE F 333 -34.40 -70.98 -2.83
C PHE F 333 -33.84 -71.11 -4.27
N SER F 334 -34.15 -70.12 -5.15
CA SER F 334 -33.68 -70.05 -6.54
C SER F 334 -32.17 -69.74 -6.55
N GLN F 335 -31.73 -68.68 -5.81
CA GLN F 335 -30.34 -68.26 -5.69
C GLN F 335 -29.41 -69.32 -5.05
N SER F 336 -30.00 -70.23 -4.23
CA SER F 336 -29.30 -71.33 -3.56
C SER F 336 -28.86 -72.45 -4.54
N ARG F 337 -29.55 -72.57 -5.71
CA ARG F 337 -29.27 -73.55 -6.78
C ARG F 337 -28.46 -72.90 -7.95
N ILE F 338 -28.89 -71.67 -8.36
CA ILE F 338 -28.27 -70.85 -9.43
C ILE F 338 -26.85 -70.39 -9.05
N ARG F 339 -26.74 -69.72 -7.89
CA ARG F 339 -25.49 -69.13 -7.43
C ARG F 339 -24.23 -70.01 -7.28
N PRO F 340 -24.24 -71.22 -6.65
CA PRO F 340 -22.98 -71.97 -6.53
C PRO F 340 -22.25 -72.23 -7.85
N GLY F 341 -23.02 -72.60 -8.89
CA GLY F 341 -22.53 -72.89 -10.23
C GLY F 341 -21.74 -71.76 -10.89
N SER F 342 -22.31 -70.55 -10.87
CA SER F 342 -21.70 -69.37 -11.47
C SER F 342 -20.57 -68.77 -10.60
N ILE F 343 -20.70 -68.78 -9.25
CA ILE F 343 -19.65 -68.25 -8.35
C ILE F 343 -18.37 -69.10 -8.47
N ALA F 344 -18.54 -70.44 -8.52
CA ALA F 344 -17.41 -71.36 -8.66
C ALA F 344 -16.72 -71.14 -10.00
N ALA F 345 -17.51 -71.09 -11.10
CA ALA F 345 -16.99 -70.90 -12.46
C ALA F 345 -16.16 -69.63 -12.59
N GLU F 346 -16.67 -68.52 -12.02
CA GLU F 346 -16.10 -67.17 -12.02
C GLU F 346 -14.61 -67.19 -11.67
N ASP F 347 -14.21 -67.90 -10.61
CA ASP F 347 -12.83 -68.01 -10.18
C ASP F 347 -11.95 -68.64 -11.26
N THR F 348 -12.45 -69.74 -11.85
CA THR F 348 -11.75 -70.47 -12.90
C THR F 348 -11.57 -69.60 -14.15
N LEU F 349 -12.64 -68.91 -14.53
CA LEU F 349 -12.66 -68.02 -15.68
C LEU F 349 -11.66 -66.88 -15.54
N HIS F 350 -11.41 -66.42 -14.30
CA HIS F 350 -10.41 -65.40 -14.02
C HIS F 350 -9.02 -65.95 -14.31
N ASP F 351 -8.73 -67.18 -13.82
CA ASP F 351 -7.46 -67.87 -14.00
C ASP F 351 -7.17 -68.19 -15.44
N MET F 352 -8.24 -68.43 -16.24
CA MET F 352 -8.19 -68.72 -17.68
C MET F 352 -8.03 -67.46 -18.53
N GLY F 353 -8.18 -66.29 -17.93
CA GLY F 353 -8.10 -65.01 -18.64
C GLY F 353 -9.38 -64.68 -19.41
N VAL F 354 -10.52 -65.28 -19.01
CA VAL F 354 -11.81 -65.06 -19.65
C VAL F 354 -12.45 -63.76 -19.09
N ILE F 355 -12.39 -63.57 -17.75
CA ILE F 355 -12.87 -62.33 -17.12
C ILE F 355 -11.63 -61.43 -16.99
N ALA F 356 -11.67 -60.27 -17.63
CA ALA F 356 -10.54 -59.35 -17.74
C ALA F 356 -10.34 -58.32 -16.64
N MET F 357 -11.37 -58.01 -15.86
CA MET F 357 -11.24 -56.97 -14.85
C MET F 357 -11.86 -57.35 -13.50
N THR F 358 -11.35 -56.70 -12.44
CA THR F 358 -11.88 -56.75 -11.08
C THR F 358 -12.34 -55.32 -10.72
N SER F 359 -13.52 -55.21 -10.07
CA SER F 359 -14.17 -53.97 -9.66
C SER F 359 -14.73 -54.12 -8.25
N SER F 360 -15.28 -53.06 -7.67
CA SER F 360 -15.77 -53.16 -6.30
C SER F 360 -17.26 -53.31 -6.12
N ASP F 361 -18.07 -52.46 -6.76
CA ASP F 361 -19.53 -52.37 -6.55
C ASP F 361 -19.79 -51.73 -5.17
N SER F 362 -18.84 -50.88 -4.74
CA SER F 362 -18.80 -50.20 -3.44
C SER F 362 -20.16 -49.81 -2.83
N GLN F 363 -20.44 -50.34 -1.61
CA GLN F 363 -21.66 -50.11 -0.80
C GLN F 363 -22.98 -50.38 -1.54
N ALA F 364 -22.89 -51.08 -2.68
CA ALA F 364 -24.04 -51.47 -3.48
C ALA F 364 -23.84 -52.91 -4.00
N MET F 365 -23.60 -53.84 -3.03
CA MET F 365 -23.29 -55.27 -3.17
C MET F 365 -21.82 -55.47 -3.52
N GLY F 366 -20.94 -54.90 -2.70
CA GLY F 366 -19.50 -54.95 -2.89
C GLY F 366 -18.68 -54.01 -2.01
N ARG F 367 -17.41 -54.38 -1.75
CA ARG F 367 -16.50 -53.63 -0.88
C ARG F 367 -15.45 -52.73 -1.56
N ALA F 368 -15.46 -51.43 -1.18
CA ALA F 368 -14.59 -50.32 -1.64
C ALA F 368 -13.06 -50.60 -1.54
N GLY F 369 -12.61 -51.02 -0.35
CA GLY F 369 -11.22 -51.33 -0.09
C GLY F 369 -10.93 -52.81 -0.13
N GLU F 370 -11.41 -53.52 -1.18
CA GLU F 370 -11.22 -54.97 -1.32
C GLU F 370 -10.82 -55.41 -2.71
N VAL F 371 -10.82 -54.52 -3.73
CA VAL F 371 -10.49 -54.90 -5.11
C VAL F 371 -9.15 -55.62 -5.20
N ILE F 372 -8.09 -54.96 -4.69
CA ILE F 372 -6.72 -55.48 -4.71
C ILE F 372 -6.55 -56.76 -3.87
N PRO F 373 -6.90 -56.79 -2.54
CA PRO F 373 -6.77 -58.04 -1.77
C PRO F 373 -7.49 -59.24 -2.41
N ARG F 374 -8.78 -59.05 -2.77
CA ARG F 374 -9.61 -60.10 -3.36
C ARG F 374 -9.11 -60.63 -4.69
N THR F 375 -8.45 -59.79 -5.51
CA THR F 375 -7.83 -60.23 -6.76
C THR F 375 -6.70 -61.23 -6.44
N TRP F 376 -5.81 -60.86 -5.50
CA TRP F 376 -4.71 -61.72 -5.09
C TRP F 376 -5.14 -62.95 -4.31
N GLN F 377 -6.27 -62.86 -3.58
CA GLN F 377 -6.82 -63.99 -2.84
C GLN F 377 -7.27 -65.06 -3.83
N THR F 378 -7.90 -64.63 -4.95
CA THR F 378 -8.38 -65.47 -6.05
C THR F 378 -7.18 -66.10 -6.79
N ALA F 379 -6.14 -65.27 -7.09
CA ALA F 379 -4.92 -65.73 -7.77
C ALA F 379 -4.31 -66.85 -6.96
N ASP F 380 -4.17 -66.63 -5.63
CA ASP F 380 -3.62 -67.58 -4.67
C ASP F 380 -4.44 -68.86 -4.57
N LYS F 381 -5.79 -68.72 -4.43
CA LYS F 381 -6.77 -69.80 -4.35
C LYS F 381 -6.61 -70.74 -5.55
N ASN F 382 -6.55 -70.15 -6.76
CA ASN F 382 -6.42 -70.87 -8.03
C ASN F 382 -5.10 -71.54 -8.19
N LYS F 383 -4.02 -70.89 -7.70
CA LYS F 383 -2.67 -71.47 -7.73
C LYS F 383 -2.63 -72.70 -6.82
N LYS F 384 -3.33 -72.62 -5.67
CA LYS F 384 -3.40 -73.68 -4.68
C LYS F 384 -4.24 -74.85 -5.18
N GLU F 385 -5.26 -74.58 -6.01
CA GLU F 385 -6.19 -75.59 -6.55
C GLU F 385 -5.64 -76.21 -7.83
N PHE F 386 -5.52 -75.39 -8.88
CA PHE F 386 -5.09 -75.77 -10.23
C PHE F 386 -3.58 -75.95 -10.43
N GLY F 387 -2.79 -75.39 -9.52
CA GLY F 387 -1.34 -75.49 -9.59
C GLY F 387 -0.72 -74.32 -10.33
N ARG F 388 0.60 -74.36 -10.54
CA ARG F 388 1.34 -73.34 -11.27
C ARG F 388 0.87 -73.37 -12.73
N LEU F 389 0.65 -72.19 -13.32
CA LEU F 389 0.21 -72.15 -14.70
C LEU F 389 1.24 -72.81 -15.60
N THR F 390 0.76 -73.57 -16.57
CA THR F 390 1.57 -74.25 -17.57
C THR F 390 2.33 -73.21 -18.45
N GLU F 391 1.77 -71.97 -18.51
CA GLU F 391 2.28 -70.81 -19.24
C GLU F 391 3.61 -70.28 -18.67
N GLU F 392 3.93 -70.63 -17.40
CA GLU F 392 5.16 -70.17 -16.72
C GLU F 392 6.42 -70.74 -17.33
N LYS F 393 7.45 -69.93 -17.27
CA LYS F 393 8.78 -70.30 -17.74
C LYS F 393 9.66 -70.09 -16.52
N GLY F 394 9.97 -71.17 -15.81
CA GLY F 394 10.77 -71.13 -14.59
C GLY F 394 9.99 -71.41 -13.32
N ASP F 395 10.72 -71.50 -12.18
CA ASP F 395 10.12 -71.75 -10.86
C ASP F 395 9.53 -70.41 -10.32
N ASN F 396 8.49 -69.91 -10.99
CA ASN F 396 7.84 -68.65 -10.63
C ASN F 396 6.41 -68.62 -11.14
N ASP F 397 5.61 -67.65 -10.63
CA ASP F 397 4.21 -67.44 -11.02
C ASP F 397 4.01 -66.10 -11.80
N ASN F 398 5.08 -65.61 -12.47
CA ASN F 398 5.09 -64.37 -13.24
C ASN F 398 3.91 -64.17 -14.21
N PHE F 399 3.66 -65.14 -15.10
CA PHE F 399 2.56 -65.06 -16.06
C PHE F 399 1.22 -64.88 -15.32
N ARG F 400 0.95 -65.71 -14.30
CA ARG F 400 -0.26 -65.63 -13.51
C ARG F 400 -0.35 -64.25 -12.85
N ILE F 401 0.76 -63.78 -12.23
CA ILE F 401 0.84 -62.47 -11.58
C ILE F 401 0.45 -61.35 -12.56
N LYS F 402 1.07 -61.36 -13.76
CA LYS F 402 0.81 -60.40 -14.84
C LYS F 402 -0.67 -60.45 -15.27
N ARG F 403 -1.25 -61.66 -15.34
CA ARG F 403 -2.67 -61.85 -15.67
C ARG F 403 -3.56 -61.16 -14.64
N TYR F 404 -3.27 -61.38 -13.35
CA TYR F 404 -4.04 -60.80 -12.24
C TYR F 404 -3.84 -59.30 -12.02
N ILE F 405 -2.60 -58.80 -12.10
CA ILE F 405 -2.36 -57.37 -11.92
C ILE F 405 -3.08 -56.52 -13.01
N SER F 406 -3.14 -57.02 -14.25
CA SER F 406 -3.79 -56.38 -15.38
C SER F 406 -5.29 -56.15 -15.12
N LYS F 407 -5.92 -57.01 -14.28
CA LYS F 407 -7.34 -56.95 -13.96
C LYS F 407 -7.78 -55.66 -13.28
N TYR F 408 -6.92 -55.05 -12.46
CA TYR F 408 -7.26 -53.81 -11.75
C TYR F 408 -6.39 -52.60 -12.12
N THR F 409 -5.45 -52.76 -13.06
CA THR F 409 -4.54 -51.68 -13.51
C THR F 409 -4.80 -51.33 -14.97
N ILE F 410 -4.14 -52.03 -15.91
CA ILE F 410 -4.23 -51.77 -17.35
C ILE F 410 -5.58 -52.04 -18.06
N ASN F 411 -6.20 -53.22 -17.84
CA ASN F 411 -7.49 -53.57 -18.47
C ASN F 411 -8.62 -52.59 -18.16
N PRO F 412 -8.84 -52.11 -16.90
CA PRO F 412 -9.88 -51.08 -16.70
C PRO F 412 -9.54 -49.78 -17.46
N ALA F 413 -8.24 -49.41 -17.51
CA ALA F 413 -7.76 -48.21 -18.22
C ALA F 413 -8.08 -48.29 -19.71
N ILE F 414 -7.87 -49.48 -20.33
CA ILE F 414 -8.15 -49.71 -21.76
C ILE F 414 -9.64 -49.56 -22.03
N THR F 415 -10.46 -50.21 -21.18
CA THR F 415 -11.94 -50.20 -21.24
C THR F 415 -12.48 -48.78 -21.21
N HIS F 416 -11.97 -47.93 -20.30
CA HIS F 416 -12.49 -46.57 -20.11
C HIS F 416 -11.84 -45.44 -20.92
N GLY F 417 -10.87 -45.79 -21.76
CA GLY F 417 -10.19 -44.84 -22.63
C GLY F 417 -9.22 -43.89 -21.96
N VAL F 418 -8.53 -44.37 -20.92
CA VAL F 418 -7.52 -43.59 -20.16
C VAL F 418 -6.13 -44.29 -20.12
N SER F 419 -5.96 -45.36 -20.94
CA SER F 419 -4.74 -46.16 -21.04
C SER F 419 -3.49 -45.36 -21.45
N GLU F 420 -3.67 -44.21 -22.09
CA GLU F 420 -2.56 -43.35 -22.52
C GLU F 420 -1.98 -42.51 -21.39
N TYR F 421 -2.77 -42.30 -20.32
CA TYR F 421 -2.41 -41.47 -19.18
C TYR F 421 -1.97 -42.28 -17.97
N ILE F 422 -2.77 -43.31 -17.61
CA ILE F 422 -2.60 -44.14 -16.42
C ILE F 422 -2.77 -45.64 -16.74
N GLY F 423 -2.72 -46.47 -15.70
CA GLY F 423 -2.91 -47.92 -15.85
C GLY F 423 -1.68 -48.80 -15.74
N SER F 424 -0.46 -48.28 -16.04
CA SER F 424 0.74 -49.10 -15.98
C SER F 424 2.02 -48.31 -15.65
N VAL F 425 3.09 -49.02 -15.24
CA VAL F 425 4.39 -48.44 -14.92
C VAL F 425 5.18 -48.30 -16.25
N GLU F 426 4.88 -47.23 -17.00
CA GLU F 426 5.52 -47.00 -18.31
C GLU F 426 5.98 -45.56 -18.48
N GLU F 427 7.13 -45.36 -19.17
CA GLU F 427 7.66 -44.02 -19.45
C GLU F 427 6.63 -43.19 -20.21
N GLY F 428 6.45 -41.94 -19.79
CA GLY F 428 5.51 -41.02 -20.41
C GLY F 428 4.16 -40.94 -19.73
N LYS F 429 3.81 -41.96 -18.94
CA LYS F 429 2.53 -41.99 -18.23
C LYS F 429 2.59 -41.14 -16.96
N ILE F 430 1.41 -40.78 -16.41
CA ILE F 430 1.30 -40.05 -15.16
C ILE F 430 1.80 -40.96 -14.07
N ALA F 431 2.56 -40.39 -13.10
CA ALA F 431 3.15 -41.11 -11.97
C ALA F 431 2.15 -41.35 -10.84
N ASP F 432 1.18 -42.26 -11.10
CA ASP F 432 0.20 -42.78 -10.15
C ASP F 432 0.75 -44.20 -9.82
N LEU F 433 1.55 -44.30 -8.74
CA LEU F 433 2.23 -45.53 -8.31
C LEU F 433 1.98 -45.87 -6.84
N VAL F 434 2.11 -47.16 -6.49
CA VAL F 434 1.96 -47.65 -5.13
C VAL F 434 3.23 -48.42 -4.72
N VAL F 435 3.79 -48.09 -3.54
CA VAL F 435 4.97 -48.78 -3.00
C VAL F 435 4.49 -49.81 -1.98
N TRP F 436 4.90 -51.08 -2.13
CA TRP F 436 4.47 -52.16 -1.24
C TRP F 436 5.66 -52.85 -0.59
N ASN F 437 5.51 -53.25 0.67
CA ASN F 437 6.49 -54.05 1.36
C ASN F 437 6.07 -55.49 1.00
N PRO F 438 6.96 -56.34 0.42
CA PRO F 438 6.54 -57.71 0.02
C PRO F 438 5.71 -58.52 1.01
N ALA F 439 5.96 -58.39 2.33
CA ALA F 439 5.22 -59.10 3.38
C ALA F 439 3.74 -58.67 3.44
N PHE F 440 3.44 -57.49 2.89
CA PHE F 440 2.13 -56.87 2.90
C PHE F 440 1.58 -56.64 1.50
N PHE F 441 2.25 -57.21 0.46
CA PHE F 441 1.82 -57.05 -0.93
C PHE F 441 0.39 -57.50 -1.09
N GLY F 442 -0.42 -56.64 -1.72
CA GLY F 442 -1.81 -56.89 -2.03
C GLY F 442 -2.77 -56.64 -0.88
N VAL F 443 -2.26 -56.44 0.35
CA VAL F 443 -3.14 -56.23 1.50
C VAL F 443 -3.01 -54.85 2.16
N LYS F 444 -1.77 -54.41 2.41
CA LYS F 444 -1.48 -53.13 3.04
C LYS F 444 -0.32 -52.35 2.34
N PRO F 445 -0.66 -51.31 1.53
CA PRO F 445 0.39 -50.53 0.86
C PRO F 445 1.18 -49.63 1.81
N LYS F 446 2.37 -49.15 1.39
CA LYS F 446 3.22 -48.27 2.19
C LYS F 446 2.99 -46.82 1.82
N ILE F 447 3.16 -46.50 0.53
CA ILE F 447 3.07 -45.14 -0.02
C ILE F 447 2.23 -45.16 -1.28
N ILE F 448 1.39 -44.13 -1.44
CA ILE F 448 0.57 -43.88 -2.61
C ILE F 448 1.07 -42.56 -3.21
N ILE F 449 1.64 -42.64 -4.44
CA ILE F 449 2.12 -41.53 -5.25
C ILE F 449 1.08 -41.25 -6.35
N LYS F 450 0.64 -40.00 -6.49
CA LYS F 450 -0.29 -39.55 -7.53
C LYS F 450 0.26 -38.28 -8.14
N GLY F 451 0.48 -38.29 -9.43
CA GLY F 451 1.03 -37.15 -10.15
C GLY F 451 2.39 -36.74 -9.66
N GLY F 452 3.22 -37.74 -9.32
CA GLY F 452 4.59 -37.56 -8.83
C GLY F 452 4.78 -37.13 -7.39
N MET F 453 3.68 -36.95 -6.64
CA MET F 453 3.68 -36.53 -5.23
C MET F 453 3.09 -37.61 -4.35
N VAL F 454 3.55 -37.70 -3.08
CA VAL F 454 2.94 -38.64 -2.15
C VAL F 454 1.63 -38.01 -1.69
N VAL F 455 0.51 -38.69 -1.90
CA VAL F 455 -0.84 -38.22 -1.55
C VAL F 455 -1.41 -38.90 -0.31
N PHE F 456 -1.00 -40.15 -0.03
CA PHE F 456 -1.51 -40.94 1.08
C PHE F 456 -0.44 -41.97 1.45
N SER F 457 -0.29 -42.25 2.77
CA SER F 457 0.69 -43.24 3.24
C SER F 457 0.40 -43.73 4.65
N GLU F 458 1.04 -44.85 5.05
CA GLU F 458 0.96 -45.37 6.42
C GLU F 458 1.91 -44.52 7.24
N MET F 459 1.40 -43.92 8.30
CA MET F 459 2.14 -42.97 9.12
C MET F 459 1.92 -43.21 10.63
N GLY F 460 3.01 -43.12 11.39
CA GLY F 460 3.00 -43.27 12.84
C GLY F 460 2.75 -41.95 13.56
N ASP F 461 2.90 -41.95 14.91
CA ASP F 461 2.71 -40.81 15.85
C ASP F 461 3.20 -39.46 15.28
N SER F 462 2.28 -38.45 15.20
CA SER F 462 2.53 -37.09 14.67
C SER F 462 3.53 -36.28 15.52
N ASN F 463 3.58 -36.57 16.83
CA ASN F 463 4.50 -35.94 17.78
C ASN F 463 5.86 -36.62 17.69
N ALA F 464 5.90 -37.97 17.62
CA ALA F 464 7.07 -38.87 17.56
C ALA F 464 8.37 -38.35 16.92
N SER F 465 9.52 -38.81 17.47
CA SER F 465 10.86 -38.44 17.02
C SER F 465 11.24 -39.01 15.64
N VAL F 466 10.50 -40.02 15.16
CA VAL F 466 10.68 -40.65 13.84
C VAL F 466 9.27 -40.99 13.25
N PRO F 467 9.11 -41.41 11.95
CA PRO F 467 7.75 -41.70 11.44
C PRO F 467 7.19 -43.12 11.73
N THR F 468 7.99 -43.98 12.42
CA THR F 468 7.71 -45.39 12.79
C THR F 468 6.91 -45.66 14.10
N PRO F 469 6.97 -44.82 15.19
CA PRO F 469 6.22 -45.15 16.42
C PRO F 469 4.72 -45.33 16.30
N GLN F 470 4.18 -46.19 17.14
CA GLN F 470 2.76 -46.53 17.15
C GLN F 470 1.88 -45.40 17.70
N PRO F 471 0.60 -45.27 17.26
CA PRO F 471 -0.12 -46.12 16.28
C PRO F 471 0.13 -45.74 14.82
N VAL F 472 0.54 -46.72 14.02
CA VAL F 472 0.78 -46.54 12.59
C VAL F 472 -0.55 -46.80 11.89
N TYR F 473 -1.08 -45.75 11.23
CA TYR F 473 -2.32 -45.82 10.45
C TYR F 473 -2.27 -44.95 9.19
N TYR F 474 -3.19 -45.18 8.24
CA TYR F 474 -3.21 -44.43 6.97
C TYR F 474 -3.67 -42.99 7.12
N ARG F 475 -2.90 -42.05 6.55
CA ARG F 475 -3.14 -40.61 6.64
C ARG F 475 -2.92 -39.90 5.30
N GLU F 476 -3.63 -38.77 5.07
CA GLU F 476 -3.48 -37.96 3.86
C GLU F 476 -2.17 -37.19 3.90
N MET F 477 -1.45 -37.17 2.78
CA MET F 477 -0.16 -36.47 2.68
C MET F 477 -0.32 -35.17 1.89
N PHE F 478 0.76 -34.38 1.76
CA PHE F 478 0.76 -33.06 1.10
C PHE F 478 0.14 -32.97 -0.30
N GLY F 479 0.32 -34.03 -1.10
CA GLY F 479 -0.20 -34.11 -2.45
C GLY F 479 -1.71 -34.10 -2.54
N HIS F 480 -2.38 -34.48 -1.43
CA HIS F 480 -3.83 -34.59 -1.25
C HIS F 480 -4.44 -33.25 -0.75
N HIS F 481 -3.58 -32.28 -0.42
CA HIS F 481 -4.01 -31.03 0.18
C HIS F 481 -3.79 -29.75 -0.62
N GLY F 482 -4.40 -28.68 -0.13
CA GLY F 482 -4.33 -27.32 -0.68
C GLY F 482 -4.64 -27.25 -2.15
N LYS F 483 -3.75 -26.58 -2.90
CA LYS F 483 -3.88 -26.45 -4.33
C LYS F 483 -3.03 -27.53 -5.04
N ALA F 484 -2.21 -28.27 -4.26
CA ALA F 484 -1.39 -29.37 -4.77
C ALA F 484 -2.28 -30.54 -5.22
N LYS F 485 -3.50 -30.68 -4.62
CA LYS F 485 -4.44 -31.75 -5.01
C LYS F 485 -4.96 -31.50 -6.42
N PHE F 486 -5.03 -30.22 -6.84
CA PHE F 486 -5.45 -29.85 -8.19
C PHE F 486 -4.38 -30.22 -9.19
N ASP F 487 -3.13 -30.30 -8.73
CA ASP F 487 -1.98 -30.67 -9.54
C ASP F 487 -1.83 -32.17 -9.62
N THR F 488 -2.24 -32.92 -8.60
CA THR F 488 -2.06 -34.38 -8.56
C THR F 488 -3.29 -35.21 -8.96
N SER F 489 -4.49 -34.59 -9.05
CA SER F 489 -5.74 -35.29 -9.36
C SER F 489 -6.36 -34.93 -10.72
N ILE F 490 -7.01 -35.92 -11.35
CA ILE F 490 -7.64 -35.79 -12.67
C ILE F 490 -9.14 -36.07 -12.59
N THR F 491 -9.92 -35.22 -13.26
CA THR F 491 -11.35 -35.42 -13.44
C THR F 491 -11.46 -35.74 -14.93
N PHE F 492 -11.78 -36.98 -15.27
CA PHE F 492 -11.92 -37.37 -16.66
C PHE F 492 -13.32 -36.99 -17.15
N VAL F 493 -13.38 -36.53 -18.42
CA VAL F 493 -14.62 -36.11 -19.08
C VAL F 493 -14.65 -36.68 -20.52
N SER F 494 -15.74 -36.44 -21.26
CA SER F 494 -15.85 -36.85 -22.66
C SER F 494 -15.02 -35.86 -23.49
N LYS F 495 -14.68 -36.22 -24.75
CA LYS F 495 -13.94 -35.33 -25.64
C LYS F 495 -14.78 -34.10 -25.92
N VAL F 496 -16.08 -34.27 -26.25
CA VAL F 496 -17.02 -33.18 -26.53
C VAL F 496 -17.01 -32.14 -25.41
N ALA F 497 -17.16 -32.58 -24.13
CA ALA F 497 -17.15 -31.69 -22.97
C ALA F 497 -15.81 -31.00 -22.84
N TYR F 498 -14.70 -31.77 -22.89
CA TYR F 498 -13.30 -31.30 -22.79
C TYR F 498 -13.04 -30.19 -23.80
N GLU F 499 -13.28 -30.50 -25.09
CA GLU F 499 -13.13 -29.62 -26.24
C GLU F 499 -14.00 -28.38 -26.15
N ASN F 500 -15.14 -28.45 -25.42
CA ASN F 500 -16.03 -27.29 -25.25
C ASN F 500 -15.81 -26.51 -23.95
N GLY F 501 -14.63 -26.66 -23.37
CA GLY F 501 -14.20 -25.94 -22.18
C GLY F 501 -14.97 -26.19 -20.89
N ILE F 502 -15.30 -27.47 -20.60
CA ILE F 502 -16.01 -27.85 -19.38
C ILE F 502 -15.24 -27.39 -18.13
N LYS F 503 -13.88 -27.49 -18.16
CA LYS F 503 -13.00 -27.09 -17.08
C LYS F 503 -13.24 -25.66 -16.66
N GLU F 504 -13.22 -24.75 -17.63
CA GLU F 504 -13.38 -23.31 -17.45
C GLU F 504 -14.79 -22.99 -17.06
N LYS F 505 -15.76 -23.54 -17.82
CA LYS F 505 -17.20 -23.35 -17.66
C LYS F 505 -17.70 -23.76 -16.27
N LEU F 506 -17.15 -24.85 -15.69
CA LEU F 506 -17.50 -25.33 -14.35
C LEU F 506 -16.52 -24.84 -13.26
N GLY F 507 -15.49 -24.12 -13.70
CA GLY F 507 -14.46 -23.56 -12.82
C GLY F 507 -13.71 -24.61 -12.05
N LEU F 508 -13.45 -25.75 -12.71
CA LEU F 508 -12.70 -26.86 -12.14
C LEU F 508 -11.23 -26.50 -12.19
N GLU F 509 -10.55 -26.62 -11.04
CA GLU F 509 -9.13 -26.31 -10.84
C GLU F 509 -8.27 -27.56 -11.03
N ARG F 510 -8.89 -28.76 -10.94
CA ARG F 510 -8.28 -30.07 -11.12
C ARG F 510 -7.84 -30.25 -12.56
N LYS F 511 -6.98 -31.25 -12.84
CA LYS F 511 -6.54 -31.56 -14.20
C LYS F 511 -7.72 -32.19 -14.91
N VAL F 512 -8.14 -31.62 -16.03
CA VAL F 512 -9.27 -32.18 -16.77
C VAL F 512 -8.76 -32.82 -18.06
N LEU F 513 -9.03 -34.14 -18.24
CA LEU F 513 -8.53 -34.90 -19.39
C LEU F 513 -9.62 -35.69 -20.06
N PRO F 514 -9.62 -35.80 -21.40
CA PRO F 514 -10.69 -36.56 -22.06
C PRO F 514 -10.42 -38.06 -22.19
N VAL F 515 -11.51 -38.84 -22.12
CA VAL F 515 -11.46 -40.28 -22.38
C VAL F 515 -11.51 -40.45 -23.90
N LYS F 516 -10.68 -41.32 -24.44
CA LYS F 516 -10.61 -41.53 -25.89
C LYS F 516 -10.29 -42.98 -26.21
N ASN F 517 -10.81 -43.47 -27.35
CA ASN F 517 -10.63 -44.85 -27.85
C ASN F 517 -11.31 -45.92 -26.98
N CYS F 518 -12.64 -45.77 -26.80
CA CYS F 518 -13.54 -46.63 -26.03
C CYS F 518 -14.29 -47.58 -26.93
N ARG F 519 -14.64 -47.11 -28.12
CA ARG F 519 -15.51 -47.82 -29.03
C ARG F 519 -14.91 -48.98 -29.76
N ASN F 520 -13.60 -48.95 -30.01
CA ASN F 520 -12.95 -50.06 -30.71
C ASN F 520 -12.06 -50.94 -29.83
N VAL F 521 -12.42 -51.06 -28.56
CA VAL F 521 -11.73 -51.97 -27.67
C VAL F 521 -12.54 -53.26 -27.56
N THR F 522 -11.89 -54.37 -27.94
CA THR F 522 -12.48 -55.71 -27.88
C THR F 522 -11.63 -56.48 -26.90
N LYS F 523 -11.93 -57.77 -26.76
CA LYS F 523 -11.19 -58.68 -25.89
C LYS F 523 -9.69 -58.75 -26.30
N LYS F 524 -9.42 -58.67 -27.61
CA LYS F 524 -8.08 -58.73 -28.22
C LYS F 524 -7.16 -57.62 -27.72
N ASP F 525 -7.76 -56.49 -27.32
CA ASP F 525 -7.06 -55.30 -26.84
C ASP F 525 -6.49 -55.38 -25.41
N PHE F 526 -7.01 -56.29 -24.60
CA PHE F 526 -6.60 -56.47 -23.21
C PHE F 526 -5.19 -57.02 -23.05
N LYS F 527 -4.68 -56.98 -21.80
CA LYS F 527 -3.36 -57.51 -21.48
C LYS F 527 -3.52 -58.76 -20.60
N PHE F 528 -3.05 -59.91 -21.11
CA PHE F 528 -3.07 -61.21 -20.43
C PHE F 528 -4.46 -61.82 -20.14
N ASN F 529 -5.53 -61.20 -20.62
CA ASN F 529 -6.90 -61.67 -20.43
C ASN F 529 -7.70 -61.47 -21.71
N ASN F 530 -7.23 -62.11 -22.81
CA ASN F 530 -7.81 -61.99 -24.17
C ASN F 530 -8.62 -63.23 -24.57
N THR F 531 -8.84 -64.15 -23.62
CA THR F 531 -9.50 -65.43 -23.82
C THR F 531 -10.99 -65.33 -24.18
N THR F 532 -11.34 -65.95 -25.32
CA THR F 532 -12.73 -66.05 -25.78
C THR F 532 -13.08 -67.53 -25.84
N ALA F 533 -14.30 -67.86 -25.41
CA ALA F 533 -14.74 -69.26 -25.38
C ALA F 533 -16.23 -69.38 -25.57
N LYS F 534 -16.74 -70.63 -25.69
CA LYS F 534 -18.16 -70.85 -25.80
C LYS F 534 -18.65 -71.20 -24.40
N ILE F 535 -19.15 -70.18 -23.68
CA ILE F 535 -19.68 -70.30 -22.32
C ILE F 535 -21.16 -70.60 -22.34
N THR F 536 -21.55 -71.66 -21.65
CA THR F 536 -22.94 -72.10 -21.63
C THR F 536 -23.34 -72.36 -20.19
N VAL F 537 -24.66 -72.30 -19.91
CA VAL F 537 -25.22 -72.60 -18.59
C VAL F 537 -26.38 -73.58 -18.77
N ASN F 538 -26.35 -74.69 -18.02
CA ASN F 538 -27.42 -75.68 -18.03
C ASN F 538 -28.63 -75.01 -17.32
N PRO F 539 -29.82 -74.88 -17.95
CA PRO F 539 -30.91 -74.18 -17.27
C PRO F 539 -31.59 -74.96 -16.15
N GLU F 540 -31.22 -76.23 -15.99
CA GLU F 540 -31.75 -77.13 -14.98
C GLU F 540 -30.78 -77.31 -13.80
N THR F 541 -29.48 -77.58 -14.07
CA THR F 541 -28.44 -77.77 -13.05
C THR F 541 -27.73 -76.48 -12.63
N PHE F 542 -27.76 -75.44 -13.50
CA PHE F 542 -27.11 -74.11 -13.35
C PHE F 542 -25.60 -74.14 -13.43
N GLU F 543 -25.07 -75.28 -13.86
CA GLU F 543 -23.64 -75.51 -14.04
C GLU F 543 -23.16 -74.74 -15.26
N VAL F 544 -21.99 -74.09 -15.12
CA VAL F 544 -21.40 -73.29 -16.21
C VAL F 544 -20.36 -74.16 -16.97
N PHE F 545 -20.35 -74.06 -18.31
CA PHE F 545 -19.44 -74.84 -19.15
C PHE F 545 -18.65 -73.95 -20.07
N VAL F 546 -17.34 -74.19 -20.15
CA VAL F 546 -16.42 -73.55 -21.07
C VAL F 546 -16.07 -74.58 -22.12
N ASN F 547 -16.52 -74.33 -23.36
CA ASN F 547 -16.27 -75.18 -24.52
C ASN F 547 -16.67 -76.63 -24.25
N GLY F 548 -17.87 -76.77 -23.67
CA GLY F 548 -18.48 -78.05 -23.36
C GLY F 548 -18.00 -78.74 -22.09
N LYS F 549 -16.89 -78.26 -21.50
CA LYS F 549 -16.33 -78.82 -20.27
C LYS F 549 -16.82 -77.97 -19.07
N LEU F 550 -17.27 -78.61 -17.96
CA LEU F 550 -17.73 -77.92 -16.74
C LEU F 550 -16.69 -76.99 -16.19
N CYS F 551 -17.10 -75.78 -15.91
CA CYS F 551 -16.26 -74.75 -15.38
C CYS F 551 -16.57 -74.56 -13.91
N THR F 552 -15.69 -75.06 -13.05
CA THR F 552 -15.92 -75.01 -11.62
C THR F 552 -14.66 -74.84 -10.81
N SER F 553 -14.83 -74.56 -9.52
CA SER F 553 -13.76 -74.41 -8.52
C SER F 553 -14.35 -74.78 -7.16
N LYS F 554 -13.48 -75.15 -6.20
CA LYS F 554 -13.90 -75.56 -4.86
C LYS F 554 -13.97 -74.33 -3.93
N PRO F 555 -14.92 -74.22 -2.99
CA PRO F 555 -14.93 -73.02 -2.13
C PRO F 555 -13.81 -73.06 -1.10
N ALA F 556 -13.17 -71.91 -0.88
CA ALA F 556 -12.08 -71.79 0.08
C ALA F 556 -12.59 -71.81 1.53
N THR F 557 -11.85 -72.46 2.44
CA THR F 557 -12.20 -72.48 3.86
C THR F 557 -11.45 -71.35 4.58
N GLU F 558 -10.31 -70.94 4.01
CA GLU F 558 -9.48 -69.81 4.44
C GLU F 558 -8.79 -69.14 3.25
N VAL F 559 -8.59 -67.83 3.35
CA VAL F 559 -7.98 -67.04 2.28
C VAL F 559 -6.71 -66.35 2.78
N ALA F 560 -5.78 -66.06 1.84
CA ALA F 560 -4.53 -65.35 2.12
C ALA F 560 -4.87 -63.86 2.27
N LEU F 561 -3.91 -63.03 2.71
CA LEU F 561 -4.08 -61.58 2.87
C LEU F 561 -5.40 -61.22 3.59
N ALA F 562 -5.61 -61.79 4.78
CA ALA F 562 -6.82 -61.57 5.56
C ALA F 562 -6.53 -61.57 7.06
N SER F 563 -6.73 -62.75 7.68
CA SER F 563 -6.60 -63.01 9.11
C SER F 563 -5.31 -62.55 9.80
N ARG F 564 -4.18 -62.59 9.09
CA ARG F 564 -2.89 -62.20 9.65
C ARG F 564 -2.70 -60.70 9.77
N TYR F 565 -3.41 -59.93 8.92
CA TYR F 565 -3.25 -58.49 8.73
C TYR F 565 -4.27 -57.57 9.37
N THR F 566 -5.49 -58.06 9.61
CA THR F 566 -6.59 -57.26 10.13
C THR F 566 -7.05 -57.57 11.54
N PHE F 567 -7.43 -56.52 12.29
CA PHE F 567 -7.92 -56.59 13.67
C PHE F 567 -9.37 -57.05 13.71
N PHE F 568 -10.24 -56.44 12.86
CA PHE F 568 -11.67 -56.74 12.76
C PHE F 568 -12.16 -57.16 11.35
N FME G 1 25.31 46.88 -18.91
CN FME G 1 25.83 46.66 -20.12
O1 FME G 1 25.24 46.96 -21.16
CA FME G 1 26.01 46.49 -17.69
CB FME G 1 25.20 46.91 -16.45
CG FME G 1 25.33 48.38 -16.11
SD FME G 1 24.60 48.79 -14.52
CE FME G 1 25.91 48.43 -13.44
C FME G 1 26.30 44.99 -17.61
O FME G 1 27.37 44.58 -17.13
N LYS G 2 25.33 44.17 -18.07
CA LYS G 2 25.31 42.69 -18.09
C LYS G 2 25.49 42.17 -16.65
N LEU G 3 24.61 42.62 -15.71
CA LEU G 3 24.70 42.22 -14.30
C LEU G 3 24.31 40.75 -14.06
N THR G 4 25.29 39.99 -13.57
CA THR G 4 25.15 38.59 -13.23
C THR G 4 24.35 38.47 -11.92
N PRO G 5 23.58 37.36 -11.68
CA PRO G 5 22.83 37.24 -10.41
C PRO G 5 23.68 37.41 -9.15
N LYS G 6 25.00 37.05 -9.21
CA LYS G 6 25.93 37.20 -8.10
C LYS G 6 26.27 38.69 -7.85
N GLU G 7 26.33 39.52 -8.93
CA GLU G 7 26.58 40.96 -8.82
C GLU G 7 25.37 41.64 -8.15
N GLN G 8 24.14 41.19 -8.46
CA GLN G 8 22.88 41.70 -7.88
C GLN G 8 22.83 41.46 -6.35
N GLU G 9 23.37 40.30 -5.89
CA GLU G 9 23.48 39.91 -4.49
C GLU G 9 24.41 40.88 -3.77
N LYS G 10 25.63 41.11 -4.35
CA LYS G 10 26.67 41.98 -3.80
C LYS G 10 26.21 43.44 -3.61
N PHE G 11 25.29 43.95 -4.46
CA PHE G 11 24.73 45.30 -4.31
C PHE G 11 23.97 45.40 -3.01
N LEU G 12 23.14 44.37 -2.70
CA LEU G 12 22.36 44.30 -1.46
C LEU G 12 23.31 44.27 -0.26
N LEU G 13 24.33 43.39 -0.31
CA LEU G 13 25.33 43.29 0.75
C LEU G 13 26.02 44.63 0.95
N TYR G 14 26.44 45.29 -0.15
CA TYR G 14 27.09 46.59 -0.08
C TYR G 14 26.17 47.67 0.46
N TYR G 15 24.88 47.69 0.05
CA TYR G 15 23.94 48.67 0.56
C TYR G 15 23.72 48.47 2.06
N ALA G 16 23.58 47.20 2.52
CA ALA G 16 23.44 46.83 3.93
C ALA G 16 24.64 47.35 4.73
N GLY G 17 25.84 47.25 4.15
CA GLY G 17 27.07 47.79 4.72
C GLY G 17 27.00 49.29 4.89
N GLU G 18 26.45 49.98 3.87
CA GLU G 18 26.29 51.43 3.87
C GLU G 18 25.28 51.88 4.95
N VAL G 19 24.16 51.14 5.11
CA VAL G 19 23.15 51.43 6.15
C VAL G 19 23.78 51.25 7.54
N ALA G 20 24.55 50.16 7.73
CA ALA G 20 25.25 49.86 8.98
C ALA G 20 26.23 50.98 9.32
N ARG G 21 26.99 51.48 8.32
CA ARG G 21 27.94 52.58 8.50
C ARG G 21 27.24 53.83 9.03
N LYS G 22 26.06 54.15 8.46
CA LYS G 22 25.22 55.28 8.82
C LYS G 22 24.80 55.17 10.29
N ARG G 23 24.32 53.99 10.70
CA ARG G 23 23.88 53.70 12.07
C ARG G 23 25.01 53.80 13.10
N LYS G 24 26.24 53.36 12.72
CA LYS G 24 27.44 53.46 13.57
C LYS G 24 27.79 54.94 13.75
N GLU G 25 27.69 55.74 12.67
CA GLU G 25 27.94 57.19 12.67
C GLU G 25 26.94 57.90 13.58
N GLU G 26 25.69 57.38 13.69
CA GLU G 26 24.63 57.88 14.56
C GLU G 26 24.95 57.52 16.03
N GLY G 27 25.94 56.66 16.24
CA GLY G 27 26.35 56.22 17.56
C GLY G 27 25.59 55.03 18.08
N LEU G 28 24.99 54.22 17.19
CA LEU G 28 24.24 53.04 17.60
C LEU G 28 25.15 51.83 17.61
N LYS G 29 24.95 50.95 18.62
CA LYS G 29 25.70 49.69 18.73
C LYS G 29 25.07 48.75 17.70
N LEU G 30 25.90 48.26 16.76
CA LEU G 30 25.45 47.41 15.66
C LEU G 30 25.01 46.02 16.11
N ASN G 31 24.00 45.45 15.45
CA ASN G 31 23.51 44.10 15.76
C ASN G 31 24.23 43.06 14.87
N GLN G 32 23.86 41.76 14.97
CA GLN G 32 24.48 40.70 14.15
C GLN G 32 24.52 41.00 12.63
N PRO G 33 23.38 41.19 11.89
CA PRO G 33 23.49 41.45 10.46
C PRO G 33 24.18 42.75 10.08
N GLU G 34 24.01 43.82 10.90
CA GLU G 34 24.63 45.13 10.66
C GLU G 34 26.16 44.99 10.73
N ALA G 35 26.67 44.32 11.79
CA ALA G 35 28.10 44.09 12.00
C ALA G 35 28.75 43.33 10.84
N ILE G 36 28.10 42.26 10.36
CA ILE G 36 28.56 41.44 9.24
C ILE G 36 28.64 42.29 7.96
N ALA G 37 27.59 43.07 7.67
CA ALA G 37 27.53 43.92 6.48
C ALA G 37 28.56 45.05 6.55
N TYR G 38 28.78 45.64 7.74
CA TYR G 38 29.76 46.71 7.94
C TYR G 38 31.18 46.23 7.59
N ILE G 39 31.56 45.04 8.07
CA ILE G 39 32.88 44.46 7.80
C ILE G 39 32.97 44.04 6.32
N SER G 40 31.92 43.41 5.79
CA SER G 40 31.86 42.96 4.39
C SER G 40 32.09 44.12 3.40
N ALA G 41 31.42 45.28 3.63
CA ALA G 41 31.56 46.45 2.79
C ALA G 41 33.00 46.98 2.82
N HIS G 42 33.66 46.93 4.00
CA HIS G 42 35.06 47.36 4.12
C HIS G 42 35.94 46.49 3.23
N ILE G 43 35.76 45.16 3.30
CA ILE G 43 36.51 44.18 2.52
C ILE G 43 36.31 44.41 1.02
N MET G 44 35.06 44.64 0.61
CA MET G 44 34.67 44.94 -0.77
C MET G 44 35.31 46.23 -1.29
N ASP G 45 35.46 47.24 -0.40
CA ASP G 45 36.06 48.54 -0.72
C ASP G 45 37.53 48.40 -0.97
N GLU G 46 38.25 47.74 -0.04
CA GLU G 46 39.69 47.52 -0.10
C GLU G 46 40.13 46.68 -1.31
N ALA G 47 39.28 45.70 -1.70
CA ALA G 47 39.49 44.85 -2.86
C ALA G 47 39.40 45.64 -4.16
N ARG G 48 38.49 46.64 -4.23
CA ARG G 48 38.31 47.48 -5.41
C ARG G 48 39.48 48.43 -5.57
N ARG G 49 40.01 48.91 -4.45
CA ARG G 49 41.19 49.79 -4.42
C ARG G 49 42.43 49.03 -4.92
N GLY G 50 42.40 47.69 -4.80
CA GLY G 50 43.40 46.75 -5.27
C GLY G 50 44.82 47.06 -4.83
N LYS G 51 44.98 47.46 -3.58
CA LYS G 51 46.29 47.80 -3.00
C LYS G 51 46.67 46.83 -1.88
N LYS G 52 45.67 46.12 -1.32
CA LYS G 52 45.91 45.17 -0.24
C LYS G 52 45.74 43.72 -0.70
N THR G 53 46.54 42.83 -0.10
CA THR G 53 46.50 41.40 -0.42
C THR G 53 45.44 40.75 0.43
N VAL G 54 45.02 39.52 0.05
CA VAL G 54 44.04 38.75 0.83
C VAL G 54 44.64 38.53 2.23
N ALA G 55 45.93 38.14 2.29
CA ALA G 55 46.66 37.94 3.55
C ALA G 55 46.59 39.17 4.47
N GLN G 56 46.78 40.39 3.91
CA GLN G 56 46.73 41.66 4.63
C GLN G 56 45.37 41.87 5.24
N LEU G 57 44.31 41.72 4.43
CA LEU G 57 42.92 41.92 4.85
C LEU G 57 42.46 40.95 5.93
N MET G 58 42.86 39.66 5.84
CA MET G 58 42.50 38.64 6.81
C MET G 58 43.00 39.03 8.19
N GLU G 59 44.20 39.61 8.24
CA GLU G 59 44.85 40.09 9.44
C GLU G 59 44.21 41.40 9.95
N GLU G 60 44.02 42.38 9.04
CA GLU G 60 43.43 43.70 9.31
C GLU G 60 42.03 43.67 9.89
N CYS G 61 41.22 42.69 9.47
CA CYS G 61 39.84 42.60 9.90
C CYS G 61 39.57 41.86 11.22
N VAL G 62 40.62 41.33 11.89
CA VAL G 62 40.41 40.69 13.20
C VAL G 62 40.11 41.81 14.21
N HIS G 63 38.96 41.69 14.91
CA HIS G 63 38.43 42.70 15.84
C HIS G 63 38.24 44.04 15.11
N PHE G 64 37.75 43.99 13.84
CA PHE G 64 37.49 45.20 13.06
C PHE G 64 36.44 46.05 13.78
N LEU G 65 35.46 45.37 14.39
CA LEU G 65 34.47 45.99 15.26
C LEU G 65 34.80 45.58 16.70
N LYS G 66 34.84 46.57 17.60
CA LYS G 66 35.16 46.32 19.00
C LYS G 66 33.91 46.00 19.82
N LYS G 67 34.07 45.30 20.96
CA LYS G 67 32.94 44.87 21.79
C LYS G 67 31.91 45.94 22.13
N ASP G 68 32.37 47.17 22.32
CA ASP G 68 31.51 48.28 22.66
C ASP G 68 30.91 48.99 21.44
N GLU G 69 31.32 48.58 20.22
CA GLU G 69 30.84 49.14 18.95
C GLU G 69 29.62 48.34 18.44
N VAL G 70 29.41 47.15 19.06
CA VAL G 70 28.32 46.23 18.75
C VAL G 70 27.50 45.91 20.02
N MET G 71 26.31 45.34 19.83
CA MET G 71 25.42 44.92 20.89
C MET G 71 26.06 43.71 21.64
N PRO G 72 25.66 43.38 22.90
CA PRO G 72 26.27 42.22 23.55
C PRO G 72 25.94 40.90 22.85
N GLY G 73 26.92 39.99 22.85
CA GLY G 73 26.83 38.66 22.25
C GLY G 73 27.04 38.57 20.76
N VAL G 74 27.13 39.73 20.07
CA VAL G 74 27.33 39.84 18.63
C VAL G 74 28.64 39.16 18.17
N GLY G 75 29.73 39.43 18.88
CA GLY G 75 31.04 38.85 18.57
C GLY G 75 31.07 37.33 18.61
N ASN G 76 30.44 36.73 19.63
CA ASN G 76 30.38 35.28 19.83
C ASN G 76 29.56 34.60 18.76
N MET G 77 28.47 35.29 18.33
CA MET G 77 27.52 34.92 17.29
C MET G 77 28.18 34.85 15.91
N VAL G 78 29.26 35.63 15.72
CA VAL G 78 30.01 35.72 14.46
C VAL G 78 31.50 35.38 14.74
N PRO G 79 31.83 34.07 14.87
CA PRO G 79 33.23 33.69 15.16
C PRO G 79 34.15 33.78 13.95
N ASP G 80 33.55 33.80 12.74
CA ASP G 80 34.22 33.89 11.46
C ASP G 80 33.27 34.47 10.41
N LEU G 81 33.85 35.14 9.41
CA LEU G 81 33.16 35.84 8.33
C LEU G 81 33.91 35.58 7.02
N GLY G 82 33.15 35.38 5.96
CA GLY G 82 33.71 35.14 4.64
C GLY G 82 33.09 36.02 3.60
N VAL G 83 33.92 36.66 2.78
CA VAL G 83 33.45 37.54 1.71
C VAL G 83 34.32 37.44 0.48
N GLU G 84 33.69 37.07 -0.65
CA GLU G 84 34.33 36.97 -1.94
C GLU G 84 34.29 38.34 -2.59
N ALA G 85 35.43 38.80 -3.10
CA ALA G 85 35.50 40.10 -3.74
C ALA G 85 36.46 40.08 -4.92
N ASN G 86 36.23 40.92 -5.93
CA ASN G 86 37.12 40.99 -7.09
C ASN G 86 38.31 41.88 -6.78
N PHE G 87 39.50 41.27 -6.92
CA PHE G 87 40.81 41.88 -6.76
C PHE G 87 41.40 42.03 -8.18
N PRO G 88 42.55 42.75 -8.39
CA PRO G 88 43.10 42.87 -9.76
C PRO G 88 43.45 41.54 -10.41
N ASP G 89 43.71 40.52 -9.58
CA ASP G 89 44.02 39.14 -9.97
C ASP G 89 42.78 38.21 -9.99
N GLY G 90 41.58 38.79 -9.90
CA GLY G 90 40.32 38.03 -9.89
C GLY G 90 39.58 37.93 -8.57
N THR G 91 38.45 37.19 -8.54
CA THR G 91 37.66 37.03 -7.33
C THR G 91 38.38 36.10 -6.37
N LYS G 92 38.56 36.56 -5.13
CA LYS G 92 39.24 35.81 -4.08
C LYS G 92 38.40 35.82 -2.79
N LEU G 93 38.47 34.72 -2.01
CA LEU G 93 37.73 34.64 -0.76
C LEU G 93 38.53 35.21 0.43
N VAL G 94 37.96 36.22 1.10
CA VAL G 94 38.60 36.84 2.27
C VAL G 94 37.96 36.20 3.51
N THR G 95 38.76 35.42 4.27
CA THR G 95 38.28 34.71 5.45
C THR G 95 38.82 35.38 6.71
N VAL G 96 37.92 35.91 7.53
CA VAL G 96 38.27 36.59 8.78
C VAL G 96 37.85 35.77 9.98
N ASN G 97 38.81 35.44 10.87
CA ASN G 97 38.56 34.70 12.11
C ASN G 97 38.52 35.72 13.23
N TRP G 98 37.37 35.81 13.92
CA TRP G 98 37.07 36.78 14.99
C TRP G 98 36.99 38.23 14.45
N PRO G 99 36.07 38.47 13.48
CA PRO G 99 35.94 39.84 12.92
C PRO G 99 35.40 40.86 13.93
N ILE G 100 34.54 40.38 14.85
CA ILE G 100 33.96 41.19 15.90
C ILE G 100 34.48 40.69 17.23
N GLU G 101 35.03 41.60 18.05
CA GLU G 101 35.57 41.33 19.38
C GLU G 101 34.45 40.83 20.29
N PRO G 102 34.63 39.65 20.93
CA PRO G 102 33.56 39.14 21.82
C PRO G 102 33.54 39.76 23.22
N ASP G 103 32.42 39.55 23.92
CA ASP G 103 32.15 40.02 25.28
C ASP G 103 31.65 38.83 26.13
N ASP G 104 31.29 39.10 27.40
CA ASP G 104 30.83 38.10 28.36
C ASP G 104 29.50 37.45 28.03
N PHE G 105 28.68 38.06 27.15
CA PHE G 105 27.38 37.49 26.77
C PHE G 105 27.51 36.51 25.61
N LYS G 106 26.84 35.35 25.73
CA LYS G 106 26.84 34.33 24.69
C LYS G 106 25.45 33.76 24.46
N ALA G 107 24.90 34.03 23.27
CA ALA G 107 23.60 33.45 22.89
C ALA G 107 23.91 31.99 22.49
N GLY G 108 23.06 31.07 22.93
CA GLY G 108 23.23 29.64 22.68
C GLY G 108 24.37 29.01 23.45
N GLU G 109 24.68 29.57 24.63
CA GLU G 109 25.72 29.19 25.57
C GLU G 109 25.45 27.81 26.13
N ILE G 110 26.45 26.95 26.09
CA ILE G 110 26.32 25.60 26.67
C ILE G 110 27.02 25.62 28.04
N LYS G 111 26.30 25.22 29.09
CA LYS G 111 26.85 25.13 30.45
C LYS G 111 27.02 23.66 30.78
N PHE G 112 28.27 23.21 31.01
CA PHE G 112 28.55 21.79 31.27
C PHE G 112 28.02 21.27 32.58
N ALA G 113 27.61 19.98 32.58
CA ALA G 113 27.10 19.28 33.77
C ALA G 113 28.21 19.14 34.84
N SER G 114 29.45 18.96 34.37
CA SER G 114 30.68 18.76 35.12
C SER G 114 31.88 19.15 34.24
N ASP G 115 33.04 19.45 34.85
CA ASP G 115 34.24 19.72 34.07
C ASP G 115 35.07 18.43 33.86
N LYS G 116 34.64 17.34 34.51
CA LYS G 116 35.24 16.01 34.44
C LYS G 116 35.27 15.47 33.01
N ASP G 117 36.40 14.86 32.63
CA ASP G 117 36.65 14.26 31.33
C ASP G 117 35.65 13.14 31.03
N ILE G 118 35.43 12.87 29.71
CA ILE G 118 34.55 11.80 29.26
C ILE G 118 35.42 10.60 28.89
N GLU G 119 35.15 9.46 29.55
CA GLU G 119 35.90 8.23 29.28
C GLU G 119 35.28 7.57 28.04
N LEU G 120 35.96 7.72 26.89
CA LEU G 120 35.58 7.16 25.61
C LEU G 120 36.09 5.74 25.55
N ASN G 121 35.36 4.84 24.84
CA ASN G 121 35.73 3.43 24.66
C ASN G 121 36.04 2.74 26.00
N ALA G 122 35.18 3.04 27.00
CA ALA G 122 35.28 2.53 28.36
C ALA G 122 35.25 1.01 28.41
N GLY G 123 36.15 0.45 29.21
CA GLY G 123 36.25 -0.99 29.41
C GLY G 123 36.92 -1.81 28.31
N LYS G 124 37.37 -1.15 27.23
CA LYS G 124 38.06 -1.84 26.14
C LYS G 124 39.53 -2.01 26.54
N GLU G 125 40.11 -3.20 26.24
CA GLU G 125 41.49 -3.55 26.56
C GLU G 125 42.48 -2.86 25.63
N ILE G 126 43.33 -1.98 26.22
CA ILE G 126 44.34 -1.22 25.49
C ILE G 126 45.57 -2.08 25.19
N THR G 127 46.07 -1.98 23.95
CA THR G 127 47.26 -2.66 23.41
C THR G 127 48.28 -1.56 23.01
N GLU G 128 49.42 -1.47 23.71
CA GLU G 128 50.44 -0.49 23.37
C GLU G 128 51.31 -1.05 22.26
N LEU G 129 51.53 -0.25 21.20
CA LEU G 129 52.28 -0.72 20.05
C LEU G 129 53.19 0.35 19.48
N LYS G 130 54.47 0.00 19.25
CA LYS G 130 55.45 0.90 18.66
C LYS G 130 55.28 0.85 17.14
N VAL G 131 55.06 2.02 16.50
CA VAL G 131 54.92 2.15 15.04
C VAL G 131 55.93 3.15 14.49
N THR G 132 56.49 2.86 13.32
CA THR G 132 57.47 3.71 12.65
C THR G 132 57.06 3.92 11.19
N ASN G 133 56.95 5.18 10.77
CA ASN G 133 56.65 5.48 9.37
C ASN G 133 57.98 5.49 8.61
N LYS G 134 58.33 4.33 8.04
CA LYS G 134 59.55 4.11 7.27
C LYS G 134 59.46 4.73 5.84
N GLY G 135 58.28 5.25 5.50
CA GLY G 135 58.02 5.88 4.20
C GLY G 135 58.55 7.29 4.06
N PRO G 136 58.58 7.82 2.82
CA PRO G 136 59.10 9.18 2.62
C PRO G 136 58.12 10.32 2.87
N LYS G 137 56.83 9.97 3.02
CA LYS G 137 55.75 10.93 3.19
C LYS G 137 54.98 10.63 4.47
N SER G 138 54.53 11.70 5.15
CA SER G 138 53.76 11.55 6.38
C SER G 138 52.36 10.99 6.07
N LEU G 139 51.74 10.34 7.06
CA LEU G 139 50.41 9.75 6.90
C LEU G 139 49.61 9.86 8.19
N HIS G 140 48.27 9.77 8.07
CA HIS G 140 47.34 9.77 9.20
C HIS G 140 46.50 8.51 9.14
N VAL G 141 46.01 8.04 10.29
CA VAL G 141 45.15 6.85 10.38
C VAL G 141 43.94 7.22 11.25
N GLY G 142 42.73 7.04 10.72
CA GLY G 142 41.49 7.35 11.41
C GLY G 142 41.12 6.44 12.56
N SER G 143 40.23 6.93 13.46
CA SER G 143 39.74 6.23 14.66
C SER G 143 39.15 4.83 14.40
N HIS G 144 38.43 4.64 13.28
CA HIS G 144 37.77 3.38 12.98
C HIS G 144 38.35 2.55 11.83
N PHE G 145 39.53 2.93 11.34
CA PHE G 145 40.23 2.17 10.29
C PHE G 145 40.84 0.92 10.96
N HIS G 146 40.79 -0.24 10.27
CA HIS G 146 41.37 -1.49 10.80
C HIS G 146 42.90 -1.33 10.75
N PHE G 147 43.51 -1.02 11.92
CA PHE G 147 44.93 -0.70 12.05
C PHE G 147 45.87 -1.64 11.31
N PHE G 148 45.55 -2.92 11.34
CA PHE G 148 46.25 -4.00 10.67
C PHE G 148 46.43 -3.73 9.16
N GLU G 149 45.47 -3.04 8.52
CA GLU G 149 45.45 -2.73 7.09
C GLU G 149 46.09 -1.35 6.71
N ALA G 150 46.70 -0.63 7.67
CA ALA G 150 47.35 0.68 7.44
C ALA G 150 48.49 0.60 6.42
N ASN G 151 48.76 1.72 5.71
CA ASN G 151 49.80 1.89 4.68
C ASN G 151 51.02 1.03 4.97
N ARG G 152 51.48 0.25 3.97
CA ARG G 152 52.63 -0.63 4.16
C ARG G 152 53.93 0.08 4.56
N ALA G 153 53.94 1.44 4.49
CA ALA G 153 55.03 2.32 4.91
C ALA G 153 55.24 2.24 6.43
N LEU G 154 54.14 1.95 7.18
CA LEU G 154 54.14 1.80 8.63
C LEU G 154 54.73 0.46 9.07
N GLU G 155 55.72 0.52 9.97
CA GLU G 155 56.39 -0.66 10.49
C GLU G 155 55.97 -0.90 11.93
N PHE G 156 55.32 -2.04 12.18
CA PHE G 156 54.83 -2.49 13.50
C PHE G 156 54.51 -3.98 13.49
N ASP G 157 54.32 -4.57 14.69
CA ASP G 157 53.95 -5.99 14.83
C ASP G 157 52.47 -6.10 14.43
N ARG G 158 52.22 -6.31 13.12
CA ARG G 158 50.88 -6.37 12.54
C ARG G 158 49.96 -7.38 13.21
N GLU G 159 50.50 -8.54 13.63
CA GLU G 159 49.77 -9.60 14.34
C GLU G 159 49.05 -9.02 15.58
N LYS G 160 49.72 -8.11 16.31
CA LYS G 160 49.19 -7.45 17.49
C LYS G 160 48.10 -6.41 17.20
N ALA G 161 47.99 -5.94 15.94
CA ALA G 161 47.01 -4.95 15.50
C ALA G 161 45.79 -5.58 14.82
N TYR G 162 45.81 -6.91 14.63
CA TYR G 162 44.73 -7.68 14.01
C TYR G 162 43.42 -7.54 14.80
N GLY G 163 42.39 -7.03 14.14
CA GLY G 163 41.06 -6.83 14.70
C GLY G 163 40.96 -5.68 15.69
N LYS G 164 41.88 -4.69 15.56
CA LYS G 164 41.93 -3.53 16.44
C LYS G 164 41.91 -2.21 15.69
N ARG G 165 41.56 -1.13 16.42
CA ARG G 165 41.49 0.26 15.95
C ARG G 165 42.09 1.18 17.01
N LEU G 166 42.39 2.45 16.63
CA LEU G 166 42.97 3.42 17.54
C LEU G 166 42.02 3.87 18.64
N ASP G 167 42.52 3.91 19.90
CA ASP G 167 41.77 4.40 21.05
C ASP G 167 41.93 5.91 21.09
N ILE G 168 41.27 6.59 20.13
CA ILE G 168 41.29 8.04 19.94
C ILE G 168 39.84 8.52 19.72
N PRO G 169 39.49 9.81 19.96
CA PRO G 169 38.12 10.27 19.73
C PRO G 169 37.60 9.92 18.34
N SER G 170 36.32 9.53 18.26
CA SER G 170 35.69 9.17 16.99
C SER G 170 35.78 10.33 16.00
N GLY G 171 36.30 10.06 14.81
CA GLY G 171 36.49 11.08 13.80
C GLY G 171 37.88 11.69 13.76
N ASN G 172 38.67 11.52 14.83
CA ASN G 172 40.05 12.02 14.87
C ASN G 172 40.97 11.08 14.09
N THR G 173 42.15 11.58 13.74
CA THR G 173 43.19 10.82 13.06
C THR G 173 44.50 10.96 13.84
N LEU G 174 45.38 9.95 13.74
CA LEU G 174 46.69 10.01 14.36
C LEU G 174 47.69 10.21 13.24
N ARG G 175 48.57 11.22 13.38
CA ARG G 175 49.61 11.50 12.39
C ARG G 175 50.91 10.78 12.73
N ILE G 176 51.55 10.17 11.72
CA ILE G 176 52.88 9.55 11.88
C ILE G 176 53.69 10.13 10.73
N GLY G 177 54.54 11.10 11.07
CA GLY G 177 55.38 11.80 10.12
C GLY G 177 56.40 10.91 9.46
N ALA G 178 56.95 11.32 8.31
CA ALA G 178 57.96 10.55 7.60
C ALA G 178 59.18 10.38 8.54
N GLY G 179 59.49 9.13 8.85
CA GLY G 179 60.59 8.76 9.73
C GLY G 179 60.26 8.72 11.22
N GLU G 180 59.11 9.29 11.62
CA GLU G 180 58.66 9.38 13.01
C GLU G 180 58.28 8.02 13.62
N THR G 181 58.61 7.85 14.92
CA THR G 181 58.26 6.67 15.73
C THR G 181 57.32 7.14 16.84
N LYS G 182 56.23 6.38 17.06
CA LYS G 182 55.19 6.68 18.03
C LYS G 182 54.69 5.43 18.73
N THR G 183 54.18 5.60 19.96
CA THR G 183 53.55 4.51 20.69
C THR G 183 52.05 4.74 20.53
N VAL G 184 51.38 3.83 19.84
CA VAL G 184 49.95 3.92 19.63
C VAL G 184 49.19 3.07 20.65
N HIS G 185 47.94 3.46 20.94
CA HIS G 185 47.09 2.71 21.84
C HIS G 185 45.94 2.15 21.02
N LEU G 186 45.89 0.82 20.92
CA LEU G 186 44.86 0.12 20.16
C LEU G 186 43.86 -0.59 21.05
N ILE G 187 42.59 -0.58 20.63
CA ILE G 187 41.48 -1.23 21.32
C ILE G 187 40.76 -2.16 20.33
N PRO G 188 40.14 -3.27 20.77
CA PRO G 188 39.46 -4.14 19.81
C PRO G 188 38.24 -3.47 19.17
N ILE G 189 38.05 -3.68 17.87
CA ILE G 189 36.92 -3.13 17.10
C ILE G 189 35.57 -3.57 17.73
N GLY G 190 34.60 -2.66 17.75
CA GLY G 190 33.27 -2.92 18.31
C GLY G 190 32.43 -3.84 17.44
N GLY G 191 31.18 -4.04 17.84
CA GLY G 191 30.21 -4.89 17.15
C GLY G 191 30.71 -6.29 16.88
N SER G 192 30.39 -6.84 15.70
CA SER G 192 30.77 -8.20 15.29
C SER G 192 32.19 -8.36 14.81
N LYS G 193 32.92 -7.25 14.58
CA LYS G 193 34.30 -7.22 14.04
C LYS G 193 34.28 -7.81 12.61
N LYS G 194 33.22 -7.50 11.83
CA LYS G 194 33.09 -7.93 10.43
C LYS G 194 33.79 -6.85 9.61
N ILE G 195 35.09 -7.07 9.36
CA ILE G 195 35.92 -6.13 8.64
C ILE G 195 35.87 -6.37 7.13
N ILE G 196 35.07 -5.55 6.41
CA ILE G 196 34.91 -5.64 4.95
C ILE G 196 35.47 -4.38 4.28
N GLY G 197 36.43 -4.56 3.39
CA GLY G 197 37.03 -3.47 2.64
C GLY G 197 38.45 -3.10 2.97
N MET G 198 38.72 -1.77 2.95
CA MET G 198 40.03 -1.09 3.19
C MET G 198 41.12 -1.60 2.28
N ASN G 199 41.95 -2.56 2.73
CA ASN G 199 43.00 -3.14 1.90
C ASN G 199 42.72 -4.59 1.53
N GLY G 200 41.54 -5.07 1.94
CA GLY G 200 41.02 -6.40 1.68
C GLY G 200 41.86 -7.53 2.23
N LEU G 201 42.58 -7.27 3.32
CA LEU G 201 43.46 -8.25 3.97
C LEU G 201 42.64 -9.25 4.78
N LEU G 202 41.45 -8.83 5.21
CA LEU G 202 40.59 -9.67 6.03
C LEU G 202 39.26 -10.03 5.35
N ASN G 203 38.38 -9.03 5.06
CA ASN G 203 37.08 -9.26 4.41
C ASN G 203 36.25 -10.39 5.06
N GLY G 204 35.99 -10.21 6.35
CA GLY G 204 35.24 -11.17 7.18
C GLY G 204 35.41 -10.86 8.65
N ILE G 205 34.96 -11.78 9.53
CA ILE G 205 35.09 -11.60 10.98
C ILE G 205 36.56 -11.73 11.40
N ALA G 206 37.05 -10.82 12.26
CA ALA G 206 38.42 -10.84 12.78
C ALA G 206 38.53 -11.81 13.97
N ASP G 207 38.34 -13.12 13.72
CA ASP G 207 38.42 -14.17 14.75
C ASP G 207 39.78 -14.87 14.66
N ASP G 208 40.04 -15.86 15.54
CA ASP G 208 41.29 -16.60 15.51
C ASP G 208 41.40 -17.42 14.24
N LEU G 209 40.26 -17.98 13.80
CA LEU G 209 40.14 -18.83 12.62
C LEU G 209 40.62 -18.14 11.31
N HIS G 210 40.31 -16.85 11.14
CA HIS G 210 40.67 -16.07 9.95
C HIS G 210 42.10 -15.52 10.00
N LYS G 211 42.69 -15.42 11.22
CA LYS G 211 44.02 -14.83 11.47
C LYS G 211 45.18 -15.29 10.60
N GLN G 212 45.45 -16.61 10.50
CA GLN G 212 46.59 -17.07 9.69
C GLN G 212 46.51 -16.67 8.22
N LYS G 213 45.31 -16.84 7.63
CA LYS G 213 44.94 -16.47 6.27
C LYS G 213 45.22 -14.96 6.08
N ALA G 214 44.77 -14.10 7.03
CA ALA G 214 44.94 -12.64 7.03
C ALA G 214 46.42 -12.24 7.09
N LEU G 215 47.21 -12.92 7.94
CA LEU G 215 48.63 -12.66 8.09
C LEU G 215 49.36 -13.03 6.80
N GLU G 216 48.92 -14.12 6.14
CA GLU G 216 49.50 -14.58 4.87
C GLU G 216 49.22 -13.59 3.74
N LYS G 217 47.98 -13.03 3.69
CA LYS G 217 47.57 -12.04 2.70
C LYS G 217 48.36 -10.76 2.92
N ALA G 218 48.54 -10.35 4.19
CA ALA G 218 49.28 -9.14 4.56
C ALA G 218 50.73 -9.25 4.11
N LYS G 219 51.37 -10.44 4.31
CA LYS G 219 52.75 -10.72 3.91
C LYS G 219 52.86 -10.70 2.38
N HIS G 220 51.93 -11.39 1.70
CA HIS G 220 51.87 -11.49 0.25
C HIS G 220 51.69 -10.12 -0.41
N HIS G 221 50.87 -9.24 0.18
CA HIS G 221 50.62 -7.90 -0.33
C HIS G 221 51.65 -6.84 0.11
N GLY G 222 52.62 -7.24 0.93
CA GLY G 222 53.71 -6.37 1.35
C GLY G 222 53.52 -5.56 2.61
N PHE G 223 52.44 -5.81 3.36
CA PHE G 223 52.18 -5.12 4.62
C PHE G 223 53.09 -5.63 5.72
N ILE G 224 53.28 -6.98 5.75
CA ILE G 224 54.21 -7.66 6.64
C ILE G 224 55.43 -7.96 5.78
N LYS G 225 56.60 -7.48 6.22
CA LYS G 225 57.86 -7.67 5.49
C LYS G 225 58.54 -8.98 5.91
N MET H 1 39.90 5.87 26.29
CA MET H 1 40.70 7.08 26.49
C MET H 1 39.91 8.28 27.04
N LYS H 2 40.56 9.10 27.90
CA LYS H 2 39.92 10.26 28.52
C LYS H 2 40.00 11.51 27.66
N MET H 3 38.83 12.04 27.27
CA MET H 3 38.67 13.24 26.45
C MET H 3 38.21 14.41 27.32
N LYS H 4 38.90 15.57 27.23
CA LYS H 4 38.54 16.78 27.98
C LYS H 4 37.10 17.21 27.62
N ARG H 5 36.26 17.47 28.64
CA ARG H 5 34.83 17.83 28.51
C ARG H 5 34.56 18.90 27.44
N GLN H 6 35.40 19.96 27.42
CA GLN H 6 35.29 21.06 26.45
C GLN H 6 35.52 20.52 25.04
N GLU H 7 36.55 19.67 24.86
CA GLU H 7 36.87 19.06 23.56
C GLU H 7 35.76 18.13 23.06
N TYR H 8 35.15 17.33 23.97
CA TYR H 8 34.03 16.46 23.62
C TYR H 8 32.90 17.32 23.08
N VAL H 9 32.45 18.33 23.86
CA VAL H 9 31.35 19.22 23.48
C VAL H 9 31.61 19.93 22.15
N ASN H 10 32.86 20.40 21.91
CA ASN H 10 33.18 21.04 20.62
C ASN H 10 33.00 20.08 19.45
N THR H 11 33.45 18.82 19.62
CA THR H 11 33.40 17.78 18.60
C THR H 11 32.00 17.19 18.34
N TYR H 12 31.27 16.87 19.41
CA TYR H 12 29.99 16.19 19.27
C TYR H 12 28.74 16.91 19.77
N GLY H 13 28.89 18.07 20.37
CA GLY H 13 27.76 18.81 20.91
C GLY H 13 27.56 18.43 22.37
N PRO H 14 26.53 18.98 23.03
CA PRO H 14 26.34 18.68 24.47
C PRO H 14 25.88 17.27 24.78
N THR H 15 26.24 16.77 25.97
CA THR H 15 25.81 15.45 26.43
C THR H 15 24.92 15.56 27.68
N THR H 16 24.51 14.41 28.25
CA THR H 16 23.62 14.31 29.42
C THR H 16 24.02 15.28 30.56
N GLY H 17 23.05 16.09 30.97
CA GLY H 17 23.24 17.05 32.05
C GLY H 17 23.64 18.46 31.65
N ASP H 18 24.10 18.63 30.39
CA ASP H 18 24.50 19.95 29.88
C ASP H 18 23.27 20.80 29.63
N LYS H 19 23.39 22.12 29.83
CA LYS H 19 22.30 23.09 29.67
C LYS H 19 22.61 24.02 28.50
N VAL H 20 21.63 24.17 27.60
CA VAL H 20 21.77 25.03 26.42
C VAL H 20 20.83 26.22 26.52
N ARG H 21 21.38 27.44 26.38
CA ARG H 21 20.57 28.66 26.37
C ARG H 21 19.85 28.74 25.00
N LEU H 22 18.53 28.90 25.01
CA LEU H 22 17.79 29.01 23.75
C LEU H 22 17.88 30.45 23.25
N GLY H 23 18.65 30.67 22.17
CA GLY H 23 18.87 31.99 21.60
C GLY H 23 19.47 32.94 22.62
N ASP H 24 18.92 34.16 22.70
CA ASP H 24 19.34 35.17 23.68
C ASP H 24 18.28 35.28 24.82
N THR H 25 17.42 34.25 24.96
CA THR H 25 16.40 34.20 26.03
C THR H 25 17.05 33.71 27.32
N ASP H 26 16.27 33.67 28.42
CA ASP H 26 16.78 33.13 29.67
C ASP H 26 16.27 31.70 29.91
N LEU H 27 15.95 30.98 28.82
CA LEU H 27 15.44 29.61 28.84
C LEU H 27 16.57 28.63 28.62
N TRP H 28 16.69 27.65 29.53
CA TRP H 28 17.75 26.65 29.50
C TRP H 28 17.23 25.22 29.28
N ALA H 29 17.64 24.61 28.17
CA ALA H 29 17.27 23.24 27.83
C ALA H 29 18.37 22.30 28.34
N GLU H 30 18.00 21.33 29.20
CA GLU H 30 18.94 20.35 29.74
C GLU H 30 18.86 19.03 28.97
N VAL H 31 20.02 18.48 28.55
CA VAL H 31 20.06 17.18 27.84
C VAL H 31 19.64 16.10 28.85
N GLU H 32 18.46 15.51 28.62
CA GLU H 32 17.89 14.54 29.55
C GLU H 32 18.56 13.18 29.47
N HIS H 33 18.99 12.77 28.26
CA HIS H 33 19.63 11.49 27.97
C HIS H 33 20.43 11.61 26.69
N ASP H 34 21.47 10.76 26.56
CA ASP H 34 22.29 10.65 25.36
C ASP H 34 22.26 9.20 24.93
N TYR H 35 21.81 8.95 23.70
CA TYR H 35 21.67 7.61 23.16
C TYR H 35 22.95 7.01 22.56
N THR H 36 24.07 7.74 22.66
CA THR H 36 25.34 7.28 22.10
C THR H 36 26.11 6.36 23.03
N VAL H 37 27.20 5.78 22.48
CA VAL H 37 28.20 4.98 23.17
C VAL H 37 29.46 5.83 22.98
N TYR H 38 30.00 6.39 24.08
CA TYR H 38 31.18 7.22 24.03
C TYR H 38 32.36 6.52 23.38
N GLY H 39 32.79 7.08 22.25
CA GLY H 39 33.88 6.59 21.41
C GLY H 39 33.41 6.08 20.06
N GLU H 40 32.09 5.83 19.95
CA GLU H 40 31.41 5.32 18.75
C GLU H 40 30.57 6.40 18.04
N GLU H 41 30.64 7.69 18.46
CA GLU H 41 29.90 8.80 17.87
C GLU H 41 30.18 8.96 16.36
N LEU H 42 29.14 9.24 15.56
CA LEU H 42 29.39 9.43 14.13
C LEU H 42 29.85 10.86 13.79
N LYS H 43 30.95 10.96 13.04
CA LYS H 43 31.47 12.24 12.55
C LYS H 43 31.74 12.07 11.06
N PHE H 44 31.31 13.06 10.24
CA PHE H 44 31.51 13.04 8.79
C PHE H 44 32.67 13.96 8.41
N GLY H 45 33.52 13.46 7.52
CA GLY H 45 34.66 14.20 7.03
C GLY H 45 35.80 13.29 6.67
N ALA H 46 36.88 13.88 6.13
CA ALA H 46 38.10 13.19 5.73
C ALA H 46 38.77 12.58 6.94
N GLY H 47 38.99 11.28 6.90
CA GLY H 47 39.59 10.54 8.01
C GLY H 47 38.67 10.35 9.20
N LYS H 48 37.38 10.72 9.04
CA LYS H 48 36.41 10.62 10.12
C LYS H 48 35.70 9.25 10.26
N THR H 49 34.51 9.18 10.90
CA THR H 49 33.82 7.91 11.18
C THR H 49 33.07 7.31 10.00
N ILE H 50 32.16 8.09 9.38
CA ILE H 50 31.30 7.66 8.26
C ILE H 50 32.11 7.42 7.00
N ARG H 51 32.81 6.26 6.94
CA ARG H 51 33.66 5.83 5.82
C ARG H 51 33.50 4.33 5.56
N GLU H 52 33.67 3.94 4.28
CA GLU H 52 33.52 2.58 3.75
C GLU H 52 34.12 1.51 4.66
N GLY H 53 33.26 0.62 5.16
CA GLY H 53 33.64 -0.50 6.02
C GLY H 53 33.98 -0.13 7.44
N MET H 54 33.81 1.15 7.83
CA MET H 54 34.08 1.66 9.18
C MET H 54 32.75 2.08 9.82
N GLY H 55 32.46 3.37 9.85
CA GLY H 55 31.18 3.87 10.37
C GLY H 55 30.05 3.63 9.38
N GLN H 56 30.39 3.57 8.07
CA GLN H 56 29.47 3.30 6.97
C GLN H 56 29.61 1.83 6.66
N SER H 57 28.49 1.10 6.68
CA SER H 57 28.48 -0.35 6.46
C SER H 57 28.73 -0.78 5.01
N ASN H 58 29.36 -1.94 4.85
CA ASN H 58 29.57 -2.55 3.53
C ASN H 58 28.60 -3.74 3.38
N SER H 59 27.89 -4.05 4.47
CA SER H 59 26.89 -5.11 4.53
C SER H 59 25.55 -4.52 4.13
N PRO H 60 24.88 -5.04 3.07
CA PRO H 60 23.58 -4.50 2.69
C PRO H 60 22.54 -4.71 3.79
N ASP H 61 21.66 -3.74 3.99
CA ASP H 61 20.60 -3.83 5.01
C ASP H 61 19.33 -3.20 4.49
N GLU H 62 18.19 -3.82 4.86
CA GLU H 62 16.86 -3.37 4.47
C GLU H 62 16.56 -1.99 5.08
N ASN H 63 17.25 -1.66 6.20
CA ASN H 63 17.12 -0.40 6.92
C ASN H 63 18.26 0.58 6.64
N THR H 64 18.89 0.53 5.43
CA THR H 64 19.94 1.51 5.10
C THR H 64 19.26 2.87 4.97
N LEU H 65 19.64 3.80 5.84
CA LEU H 65 19.06 5.14 5.92
C LEU H 65 19.37 5.95 4.66
N ASP H 66 18.45 6.85 4.29
CA ASP H 66 18.64 7.72 3.14
C ASP H 66 19.42 8.96 3.59
N LEU H 67 19.23 9.33 4.88
CA LEU H 67 19.88 10.46 5.52
C LEU H 67 20.08 10.19 7.01
N VAL H 68 21.23 10.63 7.52
CA VAL H 68 21.57 10.54 8.93
C VAL H 68 21.88 11.95 9.46
N ILE H 69 21.17 12.36 10.53
CA ILE H 69 21.44 13.63 11.20
C ILE H 69 22.21 13.24 12.47
N THR H 70 23.54 13.34 12.41
CA THR H 70 24.43 12.91 13.48
C THR H 70 24.47 13.88 14.66
N ASN H 71 24.45 13.33 15.89
CA ASN H 71 24.58 14.05 17.16
C ASN H 71 23.64 15.27 17.34
N ALA H 72 22.35 15.07 17.04
CA ALA H 72 21.31 16.10 17.15
C ALA H 72 20.84 16.26 18.59
N LEU H 73 20.47 17.50 18.97
CA LEU H 73 19.84 17.74 20.26
C LEU H 73 18.38 17.98 19.93
N ILE H 74 17.54 16.94 20.15
CA ILE H 74 16.11 16.99 19.89
C ILE H 74 15.44 17.79 20.98
N ILE H 75 14.58 18.74 20.58
CA ILE H 75 13.73 19.52 21.47
C ILE H 75 12.32 19.25 20.92
N ASP H 76 11.53 18.50 21.69
CA ASP H 76 10.18 18.07 21.31
C ASP H 76 9.36 17.78 22.56
N TYR H 77 8.00 17.72 22.45
CA TYR H 77 7.16 17.39 23.61
C TYR H 77 7.55 16.01 24.19
N THR H 78 8.09 15.11 23.31
CA THR H 78 8.54 13.76 23.64
C THR H 78 9.79 13.76 24.52
N GLY H 79 10.53 14.87 24.56
CA GLY H 79 11.73 15.04 25.35
C GLY H 79 12.82 15.92 24.75
N ILE H 80 13.78 16.34 25.59
CA ILE H 80 14.96 17.12 25.23
C ILE H 80 16.17 16.20 25.47
N TYR H 81 16.59 15.51 24.42
CA TYR H 81 17.65 14.52 24.49
C TYR H 81 18.61 14.59 23.30
N LYS H 82 19.74 13.88 23.41
CA LYS H 82 20.79 13.79 22.39
C LYS H 82 20.71 12.43 21.67
N ALA H 83 20.57 12.45 20.33
CA ALA H 83 20.48 11.24 19.52
C ALA H 83 20.81 11.49 18.05
N ASP H 84 21.05 10.40 17.30
CA ASP H 84 21.24 10.44 15.85
C ASP H 84 19.80 10.23 15.31
N ILE H 85 19.43 10.97 14.26
CA ILE H 85 18.12 10.83 13.63
C ILE H 85 18.32 10.21 12.25
N GLY H 86 17.57 9.17 11.96
CA GLY H 86 17.63 8.46 10.69
C GLY H 86 16.39 8.63 9.84
N ILE H 87 16.58 9.15 8.62
CA ILE H 87 15.48 9.34 7.65
C ILE H 87 15.59 8.26 6.58
N LYS H 88 14.44 7.73 6.15
CA LYS H 88 14.29 6.74 5.07
C LYS H 88 12.88 6.84 4.50
N ASN H 89 12.78 6.93 3.18
CA ASN H 89 11.53 7.06 2.42
C ASN H 89 10.70 8.29 2.85
N GLY H 90 11.43 9.37 3.14
CA GLY H 90 10.87 10.65 3.57
C GLY H 90 10.13 10.61 4.89
N LYS H 91 10.52 9.66 5.77
CA LYS H 91 9.93 9.48 7.09
C LYS H 91 11.05 9.31 8.12
N ILE H 92 10.75 9.60 9.41
CA ILE H 92 11.70 9.42 10.51
C ILE H 92 11.74 7.89 10.76
N HIS H 93 12.78 7.23 10.19
CA HIS H 93 12.95 5.78 10.27
C HIS H 93 13.33 5.32 11.67
N GLY H 94 14.22 6.07 12.31
CA GLY H 94 14.67 5.76 13.66
C GLY H 94 15.34 6.92 14.35
N ILE H 95 15.33 6.88 15.68
CA ILE H 95 15.97 7.86 16.57
C ILE H 95 16.77 7.01 17.59
N GLY H 96 18.07 7.28 17.71
CA GLY H 96 18.94 6.54 18.61
C GLY H 96 20.40 6.65 18.27
N LYS H 97 21.04 5.50 18.01
CA LYS H 97 22.46 5.45 17.66
C LYS H 97 22.61 4.83 16.26
N ALA H 98 23.04 5.64 15.28
CA ALA H 98 23.22 5.16 13.92
C ALA H 98 24.66 4.71 13.71
N GLY H 99 24.88 3.90 12.67
CA GLY H 99 26.21 3.42 12.31
C GLY H 99 26.28 2.04 11.71
N ASN H 100 27.39 1.34 11.98
CA ASN H 100 27.71 0.03 11.45
C ASN H 100 27.94 -1.01 12.55
N LYS H 101 26.94 -1.90 12.76
CA LYS H 101 27.00 -3.00 13.74
C LYS H 101 28.18 -3.96 13.50
N ASP H 102 28.78 -3.92 12.29
CA ASP H 102 29.92 -4.75 11.91
C ASP H 102 31.17 -4.27 12.63
N MET H 103 31.27 -2.94 12.90
CA MET H 103 32.45 -2.31 13.50
C MET H 103 32.17 -1.50 14.79
N GLN H 104 30.89 -1.33 15.15
CA GLN H 104 30.55 -0.48 16.29
C GLN H 104 29.63 -1.13 17.28
N ASP H 105 29.74 -0.67 18.54
CA ASP H 105 28.90 -1.14 19.63
C ASP H 105 27.68 -0.26 19.83
N GLY H 106 26.58 -0.88 20.26
CA GLY H 106 25.34 -0.20 20.60
C GLY H 106 24.59 0.52 19.50
N VAL H 107 24.69 0.02 18.24
CA VAL H 107 23.97 0.58 17.09
C VAL H 107 22.49 0.13 17.18
N THR H 108 21.55 1.09 17.02
CA THR H 108 20.10 0.86 16.97
C THR H 108 19.86 0.02 15.70
N PRO H 109 19.25 -1.18 15.83
CA PRO H 109 19.14 -2.10 14.67
C PRO H 109 18.62 -1.60 13.32
N HIS H 110 17.65 -0.68 13.34
CA HIS H 110 17.05 -0.15 12.12
C HIS H 110 17.65 1.22 11.77
N MET H 111 18.89 1.48 12.21
CA MET H 111 19.59 2.74 11.95
C MET H 111 20.95 2.49 11.30
N VAL H 112 20.90 1.80 10.15
CA VAL H 112 22.07 1.44 9.38
C VAL H 112 22.55 2.58 8.47
N VAL H 113 23.81 3.00 8.66
CA VAL H 113 24.47 4.02 7.83
C VAL H 113 25.19 3.19 6.77
N GLY H 114 24.81 3.35 5.51
CA GLY H 114 25.38 2.58 4.42
C GLY H 114 25.75 3.37 3.20
N VAL H 115 25.97 2.67 2.08
CA VAL H 115 26.38 3.27 0.81
C VAL H 115 25.38 4.30 0.33
N GLY H 116 24.09 4.01 0.47
CA GLY H 116 23.02 4.93 0.08
C GLY H 116 22.69 6.03 1.08
N THR H 117 23.48 6.22 2.16
CA THR H 117 23.20 7.23 3.19
C THR H 117 23.88 8.55 2.95
N GLU H 118 23.12 9.65 3.09
CA GLU H 118 23.65 11.00 3.03
C GLU H 118 23.89 11.46 4.48
N ALA H 119 24.90 12.32 4.69
CA ALA H 119 25.22 12.80 6.03
C ALA H 119 24.91 14.27 6.24
N LEU H 120 24.30 14.58 7.39
CA LEU H 120 24.01 15.94 7.84
C LEU H 120 24.51 16.01 9.28
N ALA H 121 25.46 16.91 9.54
CA ALA H 121 26.06 17.07 10.85
C ALA H 121 25.18 17.91 11.75
N GLY H 122 24.58 17.27 12.74
CA GLY H 122 23.71 17.95 13.71
C GLY H 122 24.40 18.23 15.02
N GLU H 123 25.70 17.86 15.15
CA GLU H 123 26.50 18.07 16.36
C GLU H 123 26.51 19.56 16.73
N GLY H 124 25.94 19.86 17.89
CA GLY H 124 25.85 21.23 18.37
C GLY H 124 24.66 22.03 17.89
N MET H 125 23.73 21.37 17.15
CA MET H 125 22.51 21.96 16.62
C MET H 125 21.29 21.45 17.37
N ILE H 126 20.19 22.22 17.32
CA ILE H 126 18.92 21.84 17.90
C ILE H 126 18.02 21.40 16.73
N ILE H 127 17.41 20.20 16.83
CA ILE H 127 16.49 19.69 15.80
C ILE H 127 15.09 19.67 16.42
N THR H 128 14.12 20.31 15.75
CA THR H 128 12.73 20.38 16.20
C THR H 128 11.84 20.01 15.00
N ALA H 129 10.58 19.67 15.28
CA ALA H 129 9.61 19.39 14.24
C ALA H 129 9.27 20.70 13.53
N GLY H 130 8.80 20.62 12.29
CA GLY H 130 8.39 21.81 11.57
C GLY H 130 7.10 22.34 12.17
N GLY H 131 7.02 23.66 12.32
CA GLY H 131 5.84 24.31 12.87
C GLY H 131 4.62 24.24 11.97
N ILE H 132 3.43 24.23 12.61
CA ILE H 132 2.11 24.20 11.96
C ILE H 132 1.33 25.48 12.32
N ASP H 133 1.04 26.33 11.32
CA ASP H 133 0.29 27.57 11.52
C ASP H 133 -1.17 27.40 11.10
N SER H 134 -2.00 27.02 12.10
CA SER H 134 -3.45 26.75 12.07
C SER H 134 -4.35 27.96 11.71
N HIS H 135 -3.78 29.19 11.68
CA HIS H 135 -4.53 30.41 11.34
C HIS H 135 -3.83 31.16 10.19
N THR H 136 -3.91 30.61 8.97
CA THR H 136 -3.33 31.18 7.76
C THR H 136 -4.43 31.79 6.92
N HIS H 137 -4.25 33.06 6.51
CA HIS H 137 -5.20 33.73 5.62
C HIS H 137 -4.48 33.61 4.26
N PHE H 138 -4.99 32.78 3.31
CA PHE H 138 -4.37 32.62 1.99
C PHE H 138 -4.66 33.86 1.15
N LEU H 139 -3.92 34.91 1.48
CA LEU H 139 -4.00 36.25 0.96
C LEU H 139 -2.93 36.53 -0.10
N SER H 140 -1.69 36.09 0.16
CA SER H 140 -0.56 36.33 -0.73
C SER H 140 0.33 35.09 -0.79
N PRO H 141 0.76 34.63 -2.00
CA PRO H 141 1.68 33.46 -2.04
C PRO H 141 3.07 33.76 -1.48
N GLN H 142 3.35 35.05 -1.21
CA GLN H 142 4.61 35.53 -0.66
C GLN H 142 4.72 35.25 0.84
N GLN H 143 3.62 34.77 1.46
CA GLN H 143 3.60 34.42 2.89
C GLN H 143 4.43 33.16 3.09
N PHE H 144 4.38 32.23 2.11
CA PHE H 144 5.07 30.95 2.15
C PHE H 144 6.58 31.01 2.40
N PRO H 145 7.41 31.76 1.60
CA PRO H 145 8.85 31.84 1.91
C PRO H 145 9.11 32.43 3.30
N THR H 146 8.32 33.47 3.71
CA THR H 146 8.39 34.14 5.01
C THR H 146 8.16 33.13 6.13
N ALA H 147 7.15 32.25 5.94
CA ALA H 147 6.77 31.20 6.88
C ALA H 147 7.89 30.17 7.02
N LEU H 148 8.40 29.63 5.88
CA LEU H 148 9.50 28.65 5.87
C LEU H 148 10.74 29.19 6.53
N ALA H 149 11.08 30.46 6.25
CA ALA H 149 12.22 31.19 6.83
C ALA H 149 12.10 31.36 8.34
N ASN H 150 10.92 31.00 8.91
CA ASN H 150 10.66 31.08 10.34
C ASN H 150 10.28 29.73 10.97
N GLY H 151 10.63 28.63 10.27
CA GLY H 151 10.45 27.26 10.73
C GLY H 151 9.07 26.65 10.62
N VAL H 152 8.18 27.26 9.82
CA VAL H 152 6.81 26.77 9.62
C VAL H 152 6.74 25.98 8.30
N THR H 153 6.30 24.71 8.38
CA THR H 153 6.22 23.80 7.23
C THR H 153 4.80 23.44 6.77
N THR H 154 3.79 23.66 7.65
CA THR H 154 2.36 23.36 7.37
C THR H 154 1.50 24.58 7.67
N MET H 155 0.55 24.87 6.78
CA MET H 155 -0.33 26.03 6.92
C MET H 155 -1.81 25.70 6.69
N PHE H 156 -2.65 25.79 7.75
CA PHE H 156 -4.11 25.58 7.66
C PHE H 156 -4.83 26.92 7.75
N GLY H 157 -5.87 27.07 6.94
CA GLY H 157 -6.64 28.30 6.87
C GLY H 157 -7.52 28.36 5.64
N GLY H 158 -7.66 29.54 5.06
CA GLY H 158 -8.47 29.73 3.87
C GLY H 158 -8.32 31.08 3.23
N GLY H 159 -8.84 31.21 2.03
CA GLY H 159 -8.76 32.43 1.25
C GLY H 159 -8.76 32.18 -0.24
N THR H 160 -8.75 33.29 -1.00
CA THR H 160 -8.80 33.39 -2.47
C THR H 160 -7.71 34.35 -2.97
N GLY H 161 -7.18 35.13 -2.03
CA GLY H 161 -6.16 36.10 -2.31
C GLY H 161 -6.52 37.43 -1.71
N PRO H 162 -6.10 38.55 -2.36
CA PRO H 162 -6.33 39.88 -1.77
C PRO H 162 -7.74 40.49 -1.88
N VAL H 163 -8.77 39.66 -1.71
CA VAL H 163 -10.15 40.13 -1.73
C VAL H 163 -10.66 40.33 -0.30
N ASP H 164 -11.57 41.27 -0.13
CA ASP H 164 -12.14 41.65 1.16
C ASP H 164 -12.50 40.51 2.12
N GLY H 165 -13.03 39.42 1.56
CA GLY H 165 -13.40 38.25 2.33
C GLY H 165 -12.22 37.52 2.91
N THR H 166 -11.07 37.51 2.19
CA THR H 166 -9.87 36.84 2.66
C THR H 166 -9.11 37.74 3.60
N ASN H 167 -9.09 39.05 3.27
CA ASN H 167 -8.47 40.10 4.07
C ASN H 167 -8.94 39.99 5.52
N ALA H 168 -10.23 39.63 5.70
CA ALA H 168 -11.00 39.44 6.94
C ALA H 168 -11.04 38.02 7.50
N THR H 169 -11.42 37.02 6.65
CA THR H 169 -11.64 35.61 7.05
C THR H 169 -10.70 34.54 6.42
N THR H 170 -10.50 33.39 7.14
CA THR H 170 -9.71 32.20 6.71
C THR H 170 -10.65 31.25 5.95
N ILE H 171 -11.33 31.77 4.90
CA ILE H 171 -12.32 31.01 4.15
C ILE H 171 -12.05 30.95 2.67
N THR H 172 -12.13 29.73 2.09
CA THR H 172 -12.09 29.43 0.65
C THR H 172 -13.52 28.91 0.42
N PRO H 173 -14.49 29.81 0.05
CA PRO H 173 -15.89 29.39 -0.01
C PRO H 173 -16.40 28.71 -1.29
N GLY H 174 -17.15 27.64 -1.08
CA GLY H 174 -17.77 26.89 -2.18
C GLY H 174 -16.86 25.96 -2.95
N VAL H 175 -17.47 25.09 -3.76
CA VAL H 175 -16.80 24.07 -4.57
C VAL H 175 -15.75 24.63 -5.54
N TRP H 176 -16.14 25.56 -6.42
CA TRP H 176 -15.26 26.14 -7.42
C TRP H 176 -14.00 26.77 -6.85
N ASN H 177 -14.14 27.60 -5.79
CA ASN H 177 -13.00 28.26 -5.16
C ASN H 177 -12.08 27.27 -4.48
N LEU H 178 -12.66 26.23 -3.85
CA LEU H 178 -11.87 25.20 -3.19
C LEU H 178 -11.03 24.44 -4.20
N HIS H 179 -11.63 24.04 -5.34
CA HIS H 179 -10.96 23.35 -6.43
C HIS H 179 -9.82 24.18 -6.99
N ARG H 180 -10.08 25.46 -7.25
CA ARG H 180 -9.10 26.41 -7.76
C ARG H 180 -7.87 26.56 -6.83
N MET H 181 -8.11 26.71 -5.52
CA MET H 181 -7.05 26.87 -4.53
C MET H 181 -6.22 25.60 -4.32
N LEU H 182 -6.88 24.42 -4.29
CA LEU H 182 -6.18 23.13 -4.15
C LEU H 182 -5.24 22.90 -5.33
N ARG H 183 -5.63 23.39 -6.53
CA ARG H 183 -4.83 23.32 -7.75
C ARG H 183 -3.71 24.37 -7.71
N ALA H 184 -3.97 25.55 -7.11
CA ALA H 184 -2.98 26.61 -6.97
C ALA H 184 -1.87 26.15 -6.03
N ALA H 185 -2.24 25.37 -4.99
CA ALA H 185 -1.36 24.82 -3.97
C ALA H 185 -0.22 24.02 -4.52
N GLU H 186 -0.38 23.40 -5.72
CA GLU H 186 0.64 22.59 -6.40
C GLU H 186 2.00 23.31 -6.52
N GLU H 187 1.96 24.64 -6.69
CA GLU H 187 3.11 25.52 -6.86
C GLU H 187 4.11 25.50 -5.70
N TYR H 188 3.59 25.42 -4.48
CA TYR H 188 4.33 25.61 -3.25
C TYR H 188 5.04 24.41 -2.62
N GLY H 189 5.91 24.74 -1.66
CA GLY H 189 6.66 23.78 -0.86
C GLY H 189 5.95 23.47 0.44
N MET H 190 5.10 24.42 0.89
CA MET H 190 4.30 24.43 2.11
C MET H 190 3.18 23.38 2.08
N ASN H 191 2.97 22.68 3.21
CA ASN H 191 1.84 21.75 3.32
C ASN H 191 0.59 22.62 3.55
N VAL H 192 -0.51 22.33 2.84
CA VAL H 192 -1.74 23.14 3.01
C VAL H 192 -2.97 22.29 3.34
N GLY H 193 -3.95 22.98 3.89
CA GLY H 193 -5.28 22.45 4.22
C GLY H 193 -6.21 23.62 4.19
N LEU H 194 -7.33 23.50 3.45
CA LEU H 194 -8.25 24.63 3.31
C LEU H 194 -9.56 24.51 4.08
N LEU H 195 -10.03 25.66 4.64
CA LEU H 195 -11.29 25.78 5.38
C LEU H 195 -12.35 26.43 4.50
N GLY H 196 -13.55 25.90 4.56
CA GLY H 196 -14.67 26.48 3.82
C GLY H 196 -15.51 27.37 4.71
N LYS H 197 -16.54 28.01 4.13
CA LYS H 197 -17.43 28.89 4.87
C LYS H 197 -18.37 28.05 5.75
N GLY H 198 -18.13 28.10 7.05
CA GLY H 198 -18.94 27.39 8.04
C GLY H 198 -20.26 28.07 8.35
N ASN H 199 -20.38 29.40 8.01
CA ASN H 199 -21.52 30.29 8.28
C ASN H 199 -22.74 30.00 7.41
N SER H 200 -23.47 28.95 7.79
CA SER H 200 -24.64 28.49 7.04
C SER H 200 -25.66 27.88 7.97
N SER H 201 -26.95 28.13 7.68
CA SER H 201 -28.03 27.52 8.42
C SER H 201 -28.73 26.47 7.54
N SER H 202 -27.99 25.98 6.48
CA SER H 202 -28.41 24.95 5.53
C SER H 202 -27.31 23.90 5.32
N ARG H 203 -27.68 22.60 5.41
CA ARG H 203 -26.77 21.45 5.32
C ARG H 203 -26.04 21.33 3.98
N ALA H 204 -26.80 21.29 2.86
CA ALA H 204 -26.33 21.12 1.49
C ALA H 204 -25.05 21.92 1.17
N GLN H 205 -25.08 23.24 1.42
CA GLN H 205 -23.97 24.15 1.14
C GLN H 205 -22.70 23.85 1.92
N LEU H 206 -22.85 23.23 3.12
CA LEU H 206 -21.72 22.86 3.98
C LEU H 206 -21.13 21.57 3.48
N VAL H 207 -21.99 20.57 3.18
CA VAL H 207 -21.61 19.24 2.66
C VAL H 207 -20.79 19.34 1.35
N GLU H 208 -21.28 20.14 0.39
CA GLU H 208 -20.64 20.44 -0.90
C GLU H 208 -19.17 20.77 -0.73
N GLN H 209 -18.86 21.60 0.30
CA GLN H 209 -17.54 22.09 0.62
C GLN H 209 -16.60 21.02 1.13
N VAL H 210 -17.08 20.13 2.04
CA VAL H 210 -16.28 19.01 2.56
C VAL H 210 -15.96 18.06 1.41
N LYS H 211 -16.95 17.79 0.56
CA LYS H 211 -16.80 16.91 -0.61
C LYS H 211 -15.86 17.52 -1.66
N ALA H 212 -15.70 18.88 -1.65
CA ALA H 212 -14.82 19.62 -2.56
C ALA H 212 -13.37 19.64 -2.07
N GLY H 213 -13.12 19.05 -0.89
CA GLY H 213 -11.78 18.91 -0.33
C GLY H 213 -11.45 19.66 0.94
N ALA H 214 -12.36 20.47 1.49
CA ALA H 214 -12.09 21.24 2.71
C ALA H 214 -11.70 20.35 3.88
N ILE H 215 -10.72 20.79 4.69
CA ILE H 215 -10.29 20.07 5.91
C ILE H 215 -11.12 20.46 7.12
N GLY H 216 -12.00 21.43 6.91
CA GLY H 216 -12.88 21.96 7.94
C GLY H 216 -13.64 23.22 7.55
N PHE H 217 -14.10 23.94 8.58
CA PHE H 217 -14.89 25.16 8.39
C PHE H 217 -14.49 26.30 9.29
N KCX H 218 -14.54 27.51 8.75
CA KCX H 218 -14.30 28.69 9.55
CB KCX H 218 -13.33 29.65 8.88
CG KCX H 218 -13.28 31.01 9.56
CD KCX H 218 -12.71 30.97 10.99
CE KCX H 218 -12.46 32.38 11.50
NZ KCX H 218 -11.31 32.98 10.83
C KCX H 218 -15.66 29.36 9.72
O KCX H 218 -16.38 29.48 8.74
CX KCX H 218 -10.65 34.05 11.28
OQ1 KCX H 218 -11.05 34.62 12.34
OQ2 KCX H 218 -9.66 34.44 10.62
N LEU H 219 -16.00 29.73 10.98
CA LEU H 219 -17.19 30.48 11.38
C LEU H 219 -16.67 31.88 11.75
N HIS H 220 -16.90 32.85 10.87
CA HIS H 220 -16.44 34.23 11.06
C HIS H 220 -17.62 35.20 11.05
N GLU H 221 -17.71 36.05 12.09
CA GLU H 221 -18.76 37.05 12.30
C GLU H 221 -19.08 37.97 11.11
N ASP H 222 -18.12 38.12 10.17
CA ASP H 222 -18.26 38.91 8.96
C ASP H 222 -19.28 38.27 8.03
N TRP H 223 -19.50 36.93 8.21
CA TRP H 223 -20.55 36.16 7.52
C TRP H 223 -21.68 35.76 8.52
N GLY H 224 -21.63 36.31 9.74
CA GLY H 224 -22.61 36.08 10.81
C GLY H 224 -22.44 34.79 11.58
N THR H 225 -21.74 34.83 12.76
CA THR H 225 -21.52 33.65 13.63
C THR H 225 -22.64 33.58 14.66
N THR H 226 -23.84 33.21 14.18
CA THR H 226 -25.07 33.13 14.96
C THR H 226 -25.19 31.74 15.56
N PRO H 227 -26.00 31.57 16.66
CA PRO H 227 -26.22 30.24 17.23
C PRO H 227 -26.75 29.20 16.22
N SER H 228 -27.61 29.60 15.25
CA SER H 228 -28.11 28.69 14.22
C SER H 228 -26.97 28.20 13.33
N ALA H 229 -26.11 29.15 12.89
CA ALA H 229 -24.96 28.88 12.05
C ALA H 229 -23.98 27.96 12.76
N ILE H 230 -23.72 28.20 14.09
CA ILE H 230 -22.82 27.39 14.93
C ILE H 230 -23.29 25.95 14.98
N ASP H 231 -24.57 25.72 15.31
CA ASP H 231 -25.15 24.38 15.38
C ASP H 231 -25.06 23.64 14.05
N HIS H 232 -25.52 24.27 12.94
CA HIS H 232 -25.50 23.65 11.61
C HIS H 232 -24.13 23.24 11.18
N CYS H 233 -23.14 24.12 11.37
CA CYS H 233 -21.75 23.88 10.99
C CYS H 233 -21.17 22.70 11.74
N LEU H 234 -21.29 22.69 13.10
CA LEU H 234 -20.77 21.60 13.93
C LEU H 234 -21.43 20.27 13.59
N SER H 235 -22.75 20.28 13.26
CA SER H 235 -23.48 19.07 12.90
C SER H 235 -22.86 18.36 11.69
N VAL H 236 -22.50 19.13 10.64
CA VAL H 236 -21.89 18.63 9.40
C VAL H 236 -20.44 18.18 9.69
N ALA H 237 -19.68 18.96 10.46
CA ALA H 237 -18.32 18.65 10.84
C ALA H 237 -18.23 17.31 11.64
N ASP H 238 -19.25 17.04 12.46
CA ASP H 238 -19.37 15.82 13.24
C ASP H 238 -19.60 14.64 12.31
N GLU H 239 -20.42 14.81 11.26
CA GLU H 239 -20.74 13.78 10.28
C GLU H 239 -19.53 13.44 9.43
N TYR H 240 -18.73 14.46 9.04
CA TYR H 240 -17.61 14.31 8.11
C TYR H 240 -16.20 14.32 8.70
N ASP H 241 -16.07 14.26 10.04
CA ASP H 241 -14.78 14.26 10.75
C ASP H 241 -13.83 15.37 10.28
N VAL H 242 -14.29 16.61 10.37
CA VAL H 242 -13.50 17.77 10.00
C VAL H 242 -13.49 18.78 11.15
N GLN H 243 -12.51 19.69 11.18
CA GLN H 243 -12.44 20.66 12.27
C GLN H 243 -13.25 21.95 12.00
N VAL H 244 -13.67 22.62 13.10
CA VAL H 244 -14.36 23.89 13.01
C VAL H 244 -13.54 24.91 13.76
N CYS H 245 -13.33 26.06 13.12
CA CYS H 245 -12.60 27.20 13.66
C CYS H 245 -13.59 28.35 13.78
N ILE H 246 -13.48 29.14 14.87
CA ILE H 246 -14.44 30.19 15.16
C ILE H 246 -13.86 31.54 15.60
N HIS H 247 -14.38 32.59 14.98
CA HIS H 247 -14.20 33.98 15.33
C HIS H 247 -15.66 34.40 15.68
N THR H 248 -15.96 34.48 16.97
CA THR H 248 -17.26 34.75 17.58
C THR H 248 -17.89 36.14 17.31
N ASP H 249 -19.18 36.30 17.66
CA ASP H 249 -19.98 37.53 17.50
C ASP H 249 -19.50 38.65 18.45
N THR H 250 -18.53 39.49 18.03
CA THR H 250 -17.97 40.57 18.85
C THR H 250 -18.99 41.45 19.54
N VAL H 251 -19.97 41.93 18.76
CA VAL H 251 -21.00 42.87 19.15
C VAL H 251 -22.21 42.24 19.88
N ASN H 252 -22.08 40.97 20.33
CA ASN H 252 -23.12 40.26 21.05
C ASN H 252 -24.56 40.40 20.45
N GLU H 253 -24.66 40.53 19.09
CA GLU H 253 -25.92 40.74 18.34
C GLU H 253 -26.98 39.66 18.56
N ALA H 254 -26.60 38.38 18.35
CA ALA H 254 -27.50 37.23 18.49
C ALA H 254 -27.43 36.57 19.87
N GLY H 255 -26.46 37.00 20.69
CA GLY H 255 -26.27 36.47 22.03
C GLY H 255 -24.94 36.81 22.66
N TYR H 256 -24.77 36.46 23.95
CA TYR H 256 -23.53 36.67 24.70
C TYR H 256 -22.66 35.41 24.59
N VAL H 257 -21.40 35.43 25.10
CA VAL H 257 -20.49 34.29 25.01
C VAL H 257 -21.12 32.94 25.42
N ASP H 258 -21.86 32.92 26.55
CA ASP H 258 -22.55 31.74 27.10
C ASP H 258 -23.56 31.16 26.11
N ASP H 259 -24.20 32.02 25.28
CA ASP H 259 -25.18 31.64 24.25
C ASP H 259 -24.49 30.91 23.08
N THR H 260 -23.26 31.33 22.76
CA THR H 260 -22.41 30.74 21.74
C THR H 260 -21.91 29.38 22.24
N LEU H 261 -21.42 29.34 23.50
CA LEU H 261 -20.94 28.11 24.15
C LEU H 261 -22.05 27.07 24.19
N ARG H 262 -23.30 27.51 24.48
CA ARG H 262 -24.48 26.66 24.54
C ARG H 262 -24.78 26.08 23.19
N ALA H 263 -24.66 26.89 22.12
CA ALA H 263 -24.90 26.47 20.72
C ALA H 263 -23.92 25.38 20.30
N MET H 264 -22.64 25.49 20.74
CA MET H 264 -21.58 24.52 20.48
C MET H 264 -21.95 23.14 21.03
N ASN H 265 -22.56 23.12 22.21
CA ASN H 265 -23.03 21.93 22.89
C ASN H 265 -21.93 20.86 23.22
N GLY H 266 -20.80 21.33 23.73
CA GLY H 266 -19.68 20.48 24.12
C GLY H 266 -18.96 19.81 22.96
N ARG H 267 -19.24 20.27 21.71
CA ARG H 267 -18.61 19.71 20.51
C ARG H 267 -17.25 20.35 20.29
N ALA H 268 -16.31 19.60 19.68
CA ALA H 268 -14.94 20.07 19.44
C ALA H 268 -14.94 21.25 18.49
N ILE H 269 -14.27 22.33 18.89
CA ILE H 269 -14.16 23.57 18.11
C ILE H 269 -12.82 24.27 18.41
N HIS H 270 -12.18 24.85 17.37
CA HIS H 270 -10.92 25.59 17.47
C HIS H 270 -11.24 27.07 17.56
N ALA H 271 -11.02 27.67 18.75
CA ALA H 271 -11.31 29.07 19.00
C ALA H 271 -10.10 29.92 18.70
N TYR H 272 -10.08 30.56 17.51
CA TYR H 272 -8.99 31.45 17.07
C TYR H 272 -8.96 32.69 17.97
N HIS H 273 -7.75 33.31 18.13
CA HIS H 273 -7.50 34.52 18.93
C HIS H 273 -8.39 34.61 20.16
N ILE H 274 -8.20 33.66 21.08
CA ILE H 274 -9.00 33.53 22.29
C ILE H 274 -9.11 34.80 23.15
N GLU H 275 -8.06 35.63 23.16
CA GLU H 275 -8.00 36.87 23.93
C GLU H 275 -9.03 37.96 23.50
N GLY H 276 -9.37 38.00 22.20
CA GLY H 276 -10.40 38.88 21.64
C GLY H 276 -10.06 40.19 20.95
N ALA H 277 -8.76 40.53 20.79
CA ALA H 277 -8.35 41.77 20.12
C ALA H 277 -8.57 41.69 18.62
N GLY H 278 -8.34 40.49 18.09
CA GLY H 278 -8.54 40.16 16.68
C GLY H 278 -10.00 39.84 16.36
N GLY H 279 -10.84 39.77 17.41
CA GLY H 279 -12.28 39.52 17.32
C GLY H 279 -12.90 38.54 18.32
N GLY H 280 -14.18 38.72 18.54
CA GLY H 280 -14.93 37.87 19.43
C GLY H 280 -15.66 38.65 20.49
N HIS H 281 -16.75 38.06 21.05
CA HIS H 281 -17.61 38.62 22.10
C HIS H 281 -16.86 39.55 23.03
N SER H 282 -17.24 40.82 23.06
CA SER H 282 -16.60 41.80 23.92
C SER H 282 -17.41 41.94 25.22
N PRO H 283 -16.77 41.85 26.42
CA PRO H 283 -15.34 41.70 26.69
C PRO H 283 -14.93 40.29 27.18
N ASP H 284 -15.84 39.30 27.07
CA ASP H 284 -15.68 37.99 27.65
C ASP H 284 -15.35 36.79 26.77
N VAL H 285 -14.84 36.97 25.52
CA VAL H 285 -14.47 35.81 24.68
C VAL H 285 -13.39 34.93 25.31
N ILE H 286 -12.46 35.54 26.11
CA ILE H 286 -11.40 34.82 26.79
C ILE H 286 -11.94 33.73 27.74
N THR H 287 -13.14 33.95 28.33
CA THR H 287 -13.81 33.03 29.25
C THR H 287 -14.03 31.62 28.70
N MET H 288 -14.02 31.49 27.35
CA MET H 288 -14.17 30.24 26.63
C MET H 288 -13.02 29.28 26.86
N ALA H 289 -11.78 29.81 27.05
CA ALA H 289 -10.54 29.06 27.26
C ALA H 289 -10.58 28.07 28.43
N GLY H 290 -11.46 28.29 29.41
CA GLY H 290 -11.60 27.41 30.56
C GLY H 290 -12.28 26.08 30.26
N GLU H 291 -13.15 26.07 29.23
CA GLU H 291 -13.96 24.94 28.79
C GLU H 291 -13.14 23.81 28.14
N VAL H 292 -13.50 22.55 28.49
CA VAL H 292 -12.81 21.34 28.03
C VAL H 292 -12.91 21.09 26.52
N ASN H 293 -14.08 21.38 25.91
CA ASN H 293 -14.31 21.14 24.48
C ASN H 293 -13.63 22.15 23.59
N ILE H 294 -13.37 23.35 24.14
CA ILE H 294 -12.73 24.48 23.45
C ILE H 294 -11.24 24.24 23.32
N LEU H 295 -10.76 24.19 22.07
CA LEU H 295 -9.35 24.05 21.70
C LEU H 295 -8.87 25.48 21.34
N PRO H 296 -8.24 26.24 22.29
CA PRO H 296 -7.92 27.65 22.00
C PRO H 296 -6.52 27.98 21.50
N SER H 297 -6.43 29.00 20.63
CA SER H 297 -5.16 29.50 20.11
C SER H 297 -5.03 31.02 20.28
N SER H 298 -3.79 31.53 20.22
CA SER H 298 -3.49 32.96 20.29
C SER H 298 -2.87 33.39 18.99
N THR H 299 -3.25 34.57 18.50
CA THR H 299 -2.65 35.15 17.30
C THR H 299 -1.47 36.00 17.73
N THR H 300 -0.45 36.04 16.87
CA THR H 300 0.81 36.75 17.09
C THR H 300 0.82 38.23 17.62
N PRO H 301 -0.03 39.18 17.16
CA PRO H 301 0.13 40.58 17.62
C PRO H 301 0.02 40.92 19.10
N THR H 302 -0.70 40.09 19.87
CA THR H 302 -0.90 40.29 21.32
C THR H 302 0.10 39.55 22.20
N ILE H 303 0.87 38.60 21.62
CA ILE H 303 1.88 37.85 22.36
C ILE H 303 3.30 38.16 21.86
N PRO H 304 4.25 38.58 22.74
CA PRO H 304 4.08 38.85 24.17
C PRO H 304 3.45 40.22 24.40
N TYR H 305 2.97 40.50 25.61
CA TYR H 305 2.36 41.77 25.95
C TYR H 305 3.48 42.78 26.13
N THR H 306 3.51 43.80 25.26
CA THR H 306 4.54 44.86 25.32
C THR H 306 3.92 46.25 25.52
N ILE H 307 4.80 47.23 25.81
CA ILE H 307 4.46 48.63 26.04
C ILE H 307 3.85 49.32 24.79
N ASN H 308 3.96 48.69 23.61
CA ASN H 308 3.41 49.17 22.35
C ASN H 308 2.22 48.34 21.82
N THR H 309 1.86 47.21 22.49
CA THR H 309 0.77 46.32 22.06
C THR H 309 -0.58 47.02 21.92
N VAL H 310 -1.01 47.75 22.97
CA VAL H 310 -2.31 48.44 22.96
C VAL H 310 -2.38 49.57 21.94
N ALA H 311 -1.35 50.43 21.88
CA ALA H 311 -1.25 51.57 20.95
C ALA H 311 -1.32 51.13 19.49
N GLU H 312 -0.59 50.06 19.13
CA GLU H 312 -0.52 49.46 17.79
C GLU H 312 -1.90 48.95 17.36
N HIS H 313 -2.64 48.32 18.29
CA HIS H 313 -3.97 47.75 18.06
C HIS H 313 -5.09 48.72 17.84
N LEU H 314 -5.09 49.83 18.58
CA LEU H 314 -6.11 50.86 18.51
C LEU H 314 -6.08 51.63 17.18
N ASP H 315 -5.35 51.09 16.15
CA ASP H 315 -5.20 51.63 14.80
C ASP H 315 -5.12 50.51 13.76
N MET H 316 -4.46 49.37 14.11
CA MET H 316 -4.31 48.14 13.31
C MET H 316 -5.69 47.51 13.06
N LEU H 317 -6.64 47.73 14.00
CA LEU H 317 -8.03 47.29 13.92
C LEU H 317 -8.77 48.15 12.87
N MET H 318 -8.45 49.46 12.80
CA MET H 318 -9.03 50.41 11.85
C MET H 318 -8.63 50.23 10.36
N THR H 319 -7.42 49.66 10.08
CA THR H 319 -6.90 49.41 8.73
C THR H 319 -7.46 48.08 8.18
N CYS H 320 -7.55 47.06 9.06
CA CYS H 320 -8.04 45.71 8.72
C CYS H 320 -9.55 45.69 8.48
N HIS H 321 -10.33 46.26 9.42
CA HIS H 321 -11.79 46.30 9.36
C HIS H 321 -12.37 47.50 8.57
N HIS H 322 -11.49 48.46 8.17
CA HIS H 322 -11.82 49.69 7.42
C HIS H 322 -12.89 50.52 8.16
N LEU H 323 -12.50 51.10 9.31
CA LEU H 323 -13.38 51.87 10.16
C LEU H 323 -13.20 53.37 10.00
N ASP H 324 -14.28 54.14 10.25
CA ASP H 324 -14.32 55.60 10.18
C ASP H 324 -13.34 56.21 11.16
N LYS H 325 -12.74 57.34 10.77
CA LYS H 325 -11.80 58.08 11.61
C LYS H 325 -12.54 58.81 12.76
N ARG H 326 -13.91 58.87 12.69
CA ARG H 326 -14.79 59.45 13.71
C ARG H 326 -14.72 58.61 15.00
N ILE H 327 -14.47 57.29 14.84
CA ILE H 327 -14.30 56.30 15.92
C ILE H 327 -12.90 56.54 16.53
N ARG H 328 -12.86 56.96 17.81
CA ARG H 328 -11.65 57.32 18.59
C ARG H 328 -10.53 56.27 18.49
N PHE H 333 -11.43 55.29 24.87
CA PHE H 333 -12.05 54.29 23.99
C PHE H 333 -12.44 53.01 24.76
N SER H 334 -13.27 52.14 24.12
CA SER H 334 -13.70 50.86 24.68
C SER H 334 -12.53 49.89 24.73
N GLN H 335 -11.82 49.71 23.58
CA GLN H 335 -10.64 48.83 23.44
C GLN H 335 -9.45 49.23 24.35
N SER H 336 -9.38 50.53 24.73
CA SER H 336 -8.35 51.08 25.62
C SER H 336 -8.51 50.62 27.10
N ARG H 337 -9.74 50.22 27.51
CA ARG H 337 -10.09 49.73 28.86
C ARG H 337 -10.19 48.19 28.89
N ILE H 338 -10.86 47.61 27.85
CA ILE H 338 -11.07 46.15 27.65
C ILE H 338 -9.73 45.41 27.36
N ARG H 339 -9.00 45.89 26.34
CA ARG H 339 -7.78 45.27 25.89
C ARG H 339 -6.63 45.05 26.89
N PRO H 340 -6.18 46.00 27.75
CA PRO H 340 -5.06 45.68 28.65
C PRO H 340 -5.27 44.43 29.52
N GLY H 341 -6.48 44.29 30.08
CA GLY H 341 -6.87 43.19 30.95
C GLY H 341 -6.74 41.82 30.35
N SER H 342 -7.25 41.66 29.11
CA SER H 342 -7.20 40.40 28.37
C SER H 342 -5.82 40.09 27.83
N ILE H 343 -5.13 41.10 27.20
CA ILE H 343 -3.77 40.95 26.62
C ILE H 343 -2.80 40.51 27.70
N ALA H 344 -2.86 41.13 28.91
CA ALA H 344 -2.00 40.78 30.02
C ALA H 344 -2.28 39.34 30.47
N ALA H 345 -3.58 38.99 30.66
CA ALA H 345 -4.00 37.65 31.08
C ALA H 345 -3.53 36.57 30.12
N GLU H 346 -3.67 36.82 28.79
CA GLU H 346 -3.28 35.94 27.70
C GLU H 346 -1.87 35.33 27.90
N ASP H 347 -0.87 36.15 28.24
CA ASP H 347 0.51 35.70 28.49
C ASP H 347 0.58 34.72 29.65
N THR H 348 -0.08 35.06 30.77
CA THR H 348 -0.14 34.21 31.97
C THR H 348 -0.83 32.87 31.66
N LEU H 349 -1.96 32.93 30.91
CA LEU H 349 -2.75 31.77 30.49
C LEU H 349 -1.94 30.80 29.61
N HIS H 350 -1.01 31.34 28.82
CA HIS H 350 -0.11 30.55 28.01
C HIS H 350 0.85 29.78 28.91
N ASP H 351 1.43 30.47 29.91
CA ASP H 351 2.37 29.90 30.88
C ASP H 351 1.72 28.83 31.75
N MET H 352 0.41 28.99 32.02
CA MET H 352 -0.41 28.09 32.81
C MET H 352 -0.88 26.87 32.03
N GLY H 353 -0.69 26.88 30.71
CA GLY H 353 -1.13 25.80 29.84
C GLY H 353 -2.61 25.83 29.55
N VAL H 354 -3.25 27.03 29.72
CA VAL H 354 -4.68 27.23 29.46
C VAL H 354 -4.90 27.44 27.93
N ILE H 355 -4.05 28.27 27.29
CA ILE H 355 -4.09 28.47 25.84
C ILE H 355 -3.09 27.47 25.25
N ALA H 356 -3.59 26.54 24.41
CA ALA H 356 -2.82 25.43 23.87
C ALA H 356 -2.04 25.67 22.60
N MET H 357 -2.42 26.71 21.83
CA MET H 357 -1.76 26.98 20.55
C MET H 357 -1.40 28.45 20.32
N THR H 358 -0.43 28.66 19.43
CA THR H 358 0.01 29.96 18.95
C THR H 358 -0.08 29.87 17.43
N SER H 359 -0.61 30.92 16.77
CA SER H 359 -0.81 30.97 15.34
C SER H 359 -0.54 32.38 14.83
N SER H 360 -0.79 32.67 13.56
CA SER H 360 -0.41 33.97 13.04
C SER H 360 -1.44 34.99 12.70
N ASP H 361 -2.62 34.63 12.18
CA ASP H 361 -3.58 35.65 11.65
C ASP H 361 -2.94 36.49 10.49
N SER H 362 -2.05 35.85 9.72
CA SER H 362 -1.26 36.41 8.62
C SER H 362 -1.95 37.50 7.77
N GLN H 363 -1.34 38.72 7.72
CA GLN H 363 -1.80 39.90 6.97
C GLN H 363 -3.29 40.22 7.18
N ALA H 364 -3.86 39.67 8.27
CA ALA H 364 -5.26 39.85 8.62
C ALA H 364 -5.40 40.04 10.15
N MET H 365 -4.51 40.90 10.74
CA MET H 365 -4.27 41.27 12.16
C MET H 365 -3.27 40.31 12.81
N GLY H 366 -2.12 40.13 12.14
CA GLY H 366 -1.07 39.22 12.56
C GLY H 366 0.03 38.94 11.56
N ARG H 367 1.20 38.54 12.07
CA ARG H 367 2.42 38.31 11.28
C ARG H 367 2.77 36.84 10.91
N ALA H 368 2.91 36.57 9.58
CA ALA H 368 3.24 35.27 8.95
C ALA H 368 4.53 34.58 9.48
N GLY H 369 5.63 35.33 9.51
CA GLY H 369 6.93 34.85 10.00
C GLY H 369 7.22 35.29 11.42
N GLU H 370 6.25 35.12 12.35
CA GLU H 370 6.41 35.54 13.75
C GLU H 370 5.86 34.54 14.78
N VAL H 371 5.16 33.47 14.35
CA VAL H 371 4.61 32.45 15.27
C VAL H 371 5.68 31.92 16.21
N ILE H 372 6.79 31.38 15.65
CA ILE H 372 7.89 30.80 16.42
C ILE H 372 8.61 31.82 17.31
N PRO H 373 9.14 32.98 16.78
CA PRO H 373 9.79 33.97 17.66
C PRO H 373 8.91 34.44 18.82
N ARG H 374 7.69 34.84 18.53
CA ARG H 374 6.73 35.34 19.51
C ARG H 374 6.34 34.34 20.58
N THR H 375 6.33 33.03 20.25
CA THR H 375 6.06 31.98 21.25
C THR H 375 7.20 31.99 22.28
N TRP H 376 8.45 31.97 21.80
CA TRP H 376 9.62 31.99 22.66
C TRP H 376 9.83 33.30 23.40
N GLN H 377 9.40 34.42 22.80
CA GLN H 377 9.47 35.73 23.44
C GLN H 377 8.57 35.76 24.68
N THR H 378 7.36 35.14 24.56
CA THR H 378 6.36 35.00 25.62
C THR H 378 6.87 34.07 26.71
N ALA H 379 7.46 32.92 26.31
CA ALA H 379 8.05 31.94 27.24
C ALA H 379 9.10 32.63 28.08
N ASP H 380 9.99 33.40 27.42
CA ASP H 380 11.10 34.16 28.03
C ASP H 380 10.58 35.24 28.97
N LYS H 381 9.58 36.03 28.51
CA LYS H 381 8.94 37.12 29.26
C LYS H 381 8.39 36.57 30.57
N ASN H 382 7.64 35.46 30.48
CA ASN H 382 7.05 34.79 31.63
C ASN H 382 8.08 34.24 32.62
N LYS H 383 9.20 33.66 32.11
CA LYS H 383 10.34 33.17 32.91
C LYS H 383 10.97 34.35 33.68
N LYS H 384 11.05 35.50 33.01
CA LYS H 384 11.62 36.72 33.57
C LYS H 384 10.73 37.36 34.66
N GLU H 385 9.40 37.24 34.54
CA GLU H 385 8.43 37.84 35.46
C GLU H 385 8.07 36.92 36.61
N PHE H 386 7.70 35.67 36.28
CA PHE H 386 7.22 34.66 37.23
C PHE H 386 8.24 33.54 37.60
N GLY H 387 9.51 33.69 37.19
CA GLY H 387 10.56 32.72 37.49
C GLY H 387 10.41 31.38 36.81
N ARG H 388 11.32 30.44 37.15
CA ARG H 388 11.34 29.06 36.64
C ARG H 388 10.09 28.34 37.21
N LEU H 389 9.32 27.59 36.38
CA LEU H 389 8.10 26.89 36.79
C LEU H 389 8.32 25.96 37.96
N THR H 390 7.32 25.83 38.83
CA THR H 390 7.37 24.91 39.98
C THR H 390 7.42 23.43 39.52
N GLU H 391 6.89 23.21 38.30
CA GLU H 391 6.82 21.92 37.59
C GLU H 391 8.19 21.38 37.21
N GLU H 392 9.21 22.26 37.13
CA GLU H 392 10.55 21.86 36.74
C GLU H 392 11.17 20.88 37.73
N LYS H 393 12.07 20.02 37.20
CA LYS H 393 12.83 19.02 37.96
C LYS H 393 14.29 19.24 37.52
N GLY H 394 15.01 20.05 38.29
CA GLY H 394 16.38 20.39 38.00
C GLY H 394 16.59 21.85 37.68
N ASP H 395 17.86 22.21 37.43
CA ASP H 395 18.30 23.56 37.06
C ASP H 395 18.12 23.70 35.55
N ASN H 396 16.83 23.69 35.12
CA ASN H 396 16.47 23.78 33.72
C ASN H 396 15.04 24.24 33.55
N ASP H 397 14.66 24.63 32.32
CA ASP H 397 13.32 25.10 31.97
C ASP H 397 12.68 24.13 30.96
N ASN H 398 13.06 22.83 31.05
CA ASN H 398 12.58 21.76 30.18
C ASN H 398 11.04 21.63 30.08
N PHE H 399 10.32 21.67 31.22
CA PHE H 399 8.86 21.57 31.23
C PHE H 399 8.24 22.76 30.52
N ARG H 400 8.71 23.99 30.82
CA ARG H 400 8.21 25.20 30.16
C ARG H 400 8.50 25.15 28.66
N ILE H 401 9.71 24.71 28.27
CA ILE H 401 10.11 24.56 26.87
C ILE H 401 9.13 23.63 26.12
N LYS H 402 8.88 22.44 26.71
CA LYS H 402 7.96 21.43 26.19
C LYS H 402 6.54 21.99 26.08
N ARG H 403 6.10 22.78 27.07
CA ARG H 403 4.79 23.44 27.06
C ARG H 403 4.67 24.40 25.88
N TYR H 404 5.71 25.24 25.65
CA TYR H 404 5.74 26.22 24.57
C TYR H 404 5.93 25.63 23.17
N ILE H 405 6.84 24.65 23.01
CA ILE H 405 7.06 24.03 21.69
C ILE H 405 5.78 23.33 21.16
N SER H 406 5.02 22.70 22.06
CA SER H 406 3.76 22.01 21.76
C SER H 406 2.72 22.96 21.13
N LYS H 407 2.77 24.26 21.47
CA LYS H 407 1.84 25.28 20.99
C LYS H 407 1.83 25.45 19.48
N TYR H 408 2.99 25.28 18.80
CA TYR H 408 3.08 25.46 17.35
C TYR H 408 3.47 24.20 16.56
N THR H 409 3.66 23.07 17.26
CA THR H 409 4.04 21.80 16.64
C THR H 409 2.92 20.76 16.79
N ILE H 410 2.91 20.02 17.93
CA ILE H 410 1.97 18.94 18.19
C ILE H 410 0.49 19.32 18.40
N ASN H 411 0.20 20.31 19.27
CA ASN H 411 -1.19 20.75 19.54
C ASN H 411 -1.94 21.21 18.29
N PRO H 412 -1.39 22.03 17.35
CA PRO H 412 -2.15 22.32 16.11
C PRO H 412 -2.41 21.05 15.28
N ALA H 413 -1.43 20.10 15.25
CA ALA H 413 -1.56 18.82 14.53
C ALA H 413 -2.71 17.99 15.08
N ILE H 414 -2.86 17.93 16.43
CA ILE H 414 -3.93 17.18 17.11
C ILE H 414 -5.28 17.79 16.75
N THR H 415 -5.38 19.14 16.83
CA THR H 415 -6.58 19.92 16.55
C THR H 415 -7.09 19.66 15.13
N HIS H 416 -6.19 19.64 14.13
CA HIS H 416 -6.57 19.51 12.74
C HIS H 416 -6.60 18.11 12.14
N GLY H 417 -6.32 17.11 12.96
CA GLY H 417 -6.39 15.70 12.57
C GLY H 417 -5.29 15.21 11.66
N VAL H 418 -4.07 15.72 11.88
CA VAL H 418 -2.87 15.35 11.10
C VAL H 418 -1.71 14.88 12.02
N SER H 419 -2.01 14.66 13.32
CA SER H 419 -1.04 14.24 14.35
C SER H 419 -0.36 12.91 14.05
N GLU H 420 -0.96 12.06 13.19
CA GLU H 420 -0.40 10.77 12.80
C GLU H 420 0.70 10.90 11.73
N TYR H 421 0.70 12.02 10.99
CA TYR H 421 1.64 12.27 9.90
C TYR H 421 2.76 13.21 10.29
N ILE H 422 2.40 14.33 10.93
CA ILE H 422 3.32 15.41 11.29
C ILE H 422 3.11 15.92 12.73
N GLY H 423 3.84 16.98 13.11
CA GLY H 423 3.69 17.62 14.41
C GLY H 423 4.76 17.35 15.46
N SER H 424 5.50 16.21 15.36
CA SER H 424 6.54 15.91 16.34
C SER H 424 7.69 15.05 15.77
N VAL H 425 8.85 15.04 16.48
CA VAL H 425 10.05 14.26 16.09
C VAL H 425 9.86 12.84 16.64
N GLU H 426 9.10 12.02 15.91
CA GLU H 426 8.78 10.64 16.31
C GLU H 426 8.93 9.65 15.17
N GLU H 427 9.40 8.41 15.47
CA GLU H 427 9.57 7.35 14.49
C GLU H 427 8.23 7.07 13.80
N GLY H 428 8.27 6.95 12.48
CA GLY H 428 7.10 6.67 11.68
C GLY H 428 6.45 7.88 11.05
N LYS H 429 6.71 9.06 11.61
CA LYS H 429 6.13 10.31 11.10
C LYS H 429 6.91 10.81 9.86
N ILE H 430 6.28 11.70 9.07
CA ILE H 430 6.92 12.34 7.92
C ILE H 430 8.04 13.21 8.45
N ALA H 431 9.18 13.22 7.75
CA ALA H 431 10.38 13.97 8.10
C ALA H 431 10.29 15.45 7.70
N ASP H 432 9.43 16.20 8.43
CA ASP H 432 9.26 17.65 8.34
C ASP H 432 9.98 18.17 9.63
N LEU H 433 11.28 18.53 9.49
CA LEU H 433 12.15 18.95 10.59
C LEU H 433 12.87 20.25 10.29
N VAL H 434 13.27 20.98 11.37
CA VAL H 434 14.01 22.25 11.27
C VAL H 434 15.30 22.12 12.09
N VAL H 435 16.45 22.50 11.47
CA VAL H 435 17.77 22.47 12.14
C VAL H 435 18.08 23.90 12.59
N TRP H 436 18.38 24.10 13.89
CA TRP H 436 18.66 25.42 14.46
C TRP H 436 20.02 25.47 15.10
N ASN H 437 20.70 26.62 14.95
CA ASN H 437 21.95 26.85 15.67
C ASN H 437 21.48 27.45 17.02
N PRO H 438 21.87 26.89 18.19
CA PRO H 438 21.38 27.42 19.48
C PRO H 438 21.39 28.94 19.69
N ALA H 439 22.40 29.66 19.16
CA ALA H 439 22.49 31.12 19.24
C ALA H 439 21.35 31.83 18.51
N PHE H 440 20.70 31.12 17.57
CA PHE H 440 19.62 31.64 16.72
C PHE H 440 18.31 30.87 16.91
N PHE H 441 18.24 29.99 17.93
CA PHE H 441 17.05 29.19 18.19
C PHE H 441 15.83 30.09 18.37
N GLY H 442 14.77 29.74 17.65
CA GLY H 442 13.49 30.44 17.70
C GLY H 442 13.42 31.69 16.86
N VAL H 443 14.55 32.18 16.32
CA VAL H 443 14.55 33.42 15.53
C VAL H 443 14.98 33.23 14.06
N LYS H 444 16.09 32.50 13.84
CA LYS H 444 16.63 32.23 12.50
C LYS H 444 17.05 30.76 12.30
N PRO H 445 16.24 29.95 11.58
CA PRO H 445 16.61 28.54 11.34
C PRO H 445 17.75 28.38 10.33
N LYS H 446 18.42 27.21 10.33
CA LYS H 446 19.52 26.91 9.40
C LYS H 446 19.02 26.18 8.16
N ILE H 447 18.37 25.03 8.38
CA ILE H 447 17.88 24.12 7.35
C ILE H 447 16.43 23.72 7.65
N ILE H 448 15.61 23.67 6.58
CA ILE H 448 14.23 23.20 6.62
C ILE H 448 14.17 21.93 5.76
N ILE H 449 13.89 20.79 6.42
CA ILE H 449 13.71 19.46 5.81
C ILE H 449 12.19 19.18 5.75
N LYS H 450 11.68 18.79 4.56
CA LYS H 450 10.29 18.42 4.34
C LYS H 450 10.28 17.13 3.53
N GLY H 451 9.67 16.10 4.07
CA GLY H 451 9.59 14.81 3.42
C GLY H 451 10.93 14.20 3.15
N GLY H 452 11.84 14.38 4.09
CA GLY H 452 13.21 13.84 4.04
C GLY H 452 14.20 14.55 3.13
N MET H 453 13.78 15.67 2.49
CA MET H 453 14.62 16.48 1.60
C MET H 453 14.74 17.90 2.12
N VAL H 454 15.89 18.55 1.84
CA VAL H 454 16.05 19.95 2.22
C VAL H 454 15.27 20.75 1.19
N VAL H 455 14.29 21.55 1.66
CA VAL H 455 13.42 22.38 0.82
C VAL H 455 13.77 23.86 0.85
N PHE H 456 14.34 24.32 1.95
CA PHE H 456 14.66 25.73 2.16
C PHE H 456 15.80 25.81 3.16
N SER H 457 16.73 26.76 2.97
CA SER H 457 17.85 26.96 3.89
C SER H 457 18.52 28.33 3.76
N GLU H 458 19.33 28.72 4.76
CA GLU H 458 20.11 29.95 4.70
C GLU H 458 21.33 29.60 3.84
N MET H 459 21.53 30.38 2.78
CA MET H 459 22.57 30.14 1.79
C MET H 459 23.31 31.43 1.41
N GLY H 460 24.63 31.31 1.28
CA GLY H 460 25.49 32.42 0.87
C GLY H 460 25.66 32.50 -0.62
N ASP H 461 26.58 33.37 -1.09
CA ASP H 461 26.91 33.64 -2.50
C ASP H 461 26.90 32.38 -3.42
N SER H 462 26.05 32.40 -4.49
CA SER H 462 25.87 31.30 -5.46
C SER H 462 27.13 31.03 -6.31
N ASN H 463 27.95 32.09 -6.53
CA ASN H 463 29.22 31.99 -7.26
C ASN H 463 30.31 31.46 -6.33
N ALA H 464 30.37 31.94 -5.06
CA ALA H 464 31.33 31.62 -3.99
C ALA H 464 31.96 30.22 -3.96
N SER H 465 33.24 30.14 -3.50
CA SER H 465 34.02 28.90 -3.37
C SER H 465 33.52 27.96 -2.27
N VAL H 466 32.71 28.47 -1.33
CA VAL H 466 32.11 27.69 -0.24
C VAL H 466 30.64 28.19 -0.02
N PRO H 467 29.75 27.53 0.80
CA PRO H 467 28.37 28.06 0.96
C PRO H 467 28.18 29.17 2.03
N THR H 468 29.28 29.57 2.72
CA THR H 468 29.34 30.59 3.80
C THR H 468 29.50 32.09 3.40
N PRO H 469 30.15 32.48 2.25
CA PRO H 469 30.32 33.91 1.94
C PRO H 469 29.05 34.74 1.84
N GLN H 470 29.18 36.01 2.19
CA GLN H 470 28.09 36.96 2.19
C GLN H 470 27.65 37.39 0.77
N PRO H 471 26.36 37.75 0.54
CA PRO H 471 25.25 37.81 1.50
C PRO H 471 24.55 36.48 1.76
N VAL H 472 24.46 36.10 3.05
CA VAL H 472 23.76 34.88 3.46
C VAL H 472 22.30 35.24 3.64
N TYR H 473 21.43 34.64 2.82
CA TYR H 473 19.99 34.83 2.91
C TYR H 473 19.21 33.54 2.60
N TYR H 474 17.91 33.50 2.95
CA TYR H 474 17.08 32.32 2.75
C TYR H 474 16.72 32.07 1.31
N ARG H 475 16.93 30.83 0.84
CA ARG H 475 16.70 30.43 -0.55
C ARG H 475 16.03 29.06 -0.65
N GLU H 476 15.27 28.83 -1.72
CA GLU H 476 14.59 27.56 -1.98
C GLU H 476 15.61 26.53 -2.42
N MET H 477 15.50 25.32 -1.87
CA MET H 477 16.40 24.21 -2.20
C MET H 477 15.73 23.19 -3.12
N PHE H 478 16.46 22.16 -3.56
CA PHE H 478 15.97 21.15 -4.50
C PHE H 478 14.63 20.48 -4.19
N GLY H 479 14.36 20.26 -2.91
CA GLY H 479 13.12 19.65 -2.43
C GLY H 479 11.86 20.45 -2.72
N HIS H 480 12.03 21.76 -2.94
CA HIS H 480 11.00 22.76 -3.23
C HIS H 480 10.76 22.90 -4.74
N HIS H 481 11.57 22.24 -5.57
CA HIS H 481 11.51 22.38 -7.02
C HIS H 481 11.11 21.15 -7.81
N GLY H 482 10.86 21.38 -9.10
CA GLY H 482 10.52 20.37 -10.10
C GLY H 482 9.37 19.49 -9.70
N LYS H 483 9.58 18.19 -9.82
CA LYS H 483 8.59 17.18 -9.43
C LYS H 483 8.89 16.68 -8.04
N ALA H 484 10.07 17.06 -7.49
CA ALA H 484 10.48 16.69 -6.11
C ALA H 484 9.59 17.37 -5.09
N LYS H 485 8.99 18.55 -5.42
CA LYS H 485 8.07 19.27 -4.53
C LYS H 485 6.79 18.48 -4.35
N PHE H 486 6.40 17.69 -5.37
CA PHE H 486 5.22 16.84 -5.28
C PHE H 486 5.47 15.67 -4.36
N ASP H 487 6.74 15.29 -4.20
CA ASP H 487 7.17 14.21 -3.33
C ASP H 487 7.34 14.70 -1.89
N THR H 488 7.71 15.98 -1.68
CA THR H 488 7.95 16.51 -0.34
C THR H 488 6.78 17.28 0.30
N SER H 489 5.75 17.64 -0.49
CA SER H 489 4.62 18.44 0.00
C SER H 489 3.28 17.70 0.05
N ILE H 490 2.44 18.04 1.05
CA ILE H 490 1.13 17.45 1.27
C ILE H 490 0.01 18.48 1.18
N THR H 491 -1.08 18.10 0.51
CA THR H 491 -2.30 18.86 0.44
C THR H 491 -3.27 18.02 1.24
N PHE H 492 -3.65 18.49 2.44
CA PHE H 492 -4.59 17.75 3.27
C PHE H 492 -6.01 18.05 2.81
N VAL H 493 -6.86 17.02 2.83
CA VAL H 493 -8.27 17.07 2.43
C VAL H 493 -9.12 16.33 3.46
N SER H 494 -10.45 16.34 3.29
CA SER H 494 -11.37 15.58 4.15
C SER H 494 -11.30 14.10 3.73
N LYS H 495 -11.76 13.19 4.60
CA LYS H 495 -11.78 11.76 4.27
C LYS H 495 -12.69 11.52 3.08
N VAL H 496 -13.90 12.10 3.09
CA VAL H 496 -14.87 11.97 2.00
C VAL H 496 -14.26 12.32 0.64
N ALA H 497 -13.56 13.49 0.54
CA ALA H 497 -12.89 13.93 -0.68
C ALA H 497 -11.80 12.94 -1.07
N TYR H 498 -10.90 12.61 -0.11
CA TYR H 498 -9.79 11.68 -0.29
C TYR H 498 -10.26 10.35 -0.87
N GLU H 499 -11.21 9.71 -0.17
CA GLU H 499 -11.83 8.44 -0.50
C GLU H 499 -12.57 8.49 -1.83
N ASN H 500 -13.02 9.69 -2.26
CA ASN H 500 -13.69 9.83 -3.57
C ASN H 500 -12.75 10.28 -4.72
N GLY H 501 -11.45 10.09 -4.53
CA GLY H 501 -10.43 10.39 -5.54
C GLY H 501 -10.26 11.84 -5.94
N ILE H 502 -10.29 12.77 -4.97
CA ILE H 502 -10.07 14.21 -5.23
C ILE H 502 -8.71 14.45 -5.94
N LYS H 503 -7.66 13.70 -5.55
CA LYS H 503 -6.32 13.79 -6.13
C LYS H 503 -6.35 13.61 -7.63
N GLU H 504 -6.99 12.52 -8.10
CA GLU H 504 -7.10 12.14 -9.51
C GLU H 504 -8.01 13.11 -10.23
N LYS H 505 -9.19 13.38 -9.63
CA LYS H 505 -10.23 14.23 -10.18
C LYS H 505 -9.78 15.66 -10.40
N LEU H 506 -8.89 16.19 -9.54
CA LEU H 506 -8.34 17.55 -9.68
C LEU H 506 -6.93 17.53 -10.31
N GLY H 507 -6.43 16.33 -10.58
CA GLY H 507 -5.13 16.13 -11.20
C GLY H 507 -3.98 16.65 -10.37
N LEU H 508 -4.11 16.51 -9.05
CA LEU H 508 -3.11 16.96 -8.08
C LEU H 508 -1.98 15.94 -8.07
N GLU H 509 -0.75 16.42 -8.23
CA GLU H 509 0.47 15.61 -8.28
C GLU H 509 1.11 15.50 -6.91
N ARG H 510 0.74 16.42 -6.00
CA ARG H 510 1.21 16.50 -4.61
C ARG H 510 0.71 15.30 -3.83
N LYS H 511 1.28 15.05 -2.64
CA LYS H 511 0.81 13.96 -1.77
C LYS H 511 -0.52 14.41 -1.18
N VAL H 512 -1.57 13.62 -1.39
CA VAL H 512 -2.89 13.98 -0.86
C VAL H 512 -3.22 13.05 0.34
N LEU H 513 -3.42 13.63 1.53
CA LEU H 513 -3.70 12.85 2.74
C LEU H 513 -4.94 13.34 3.45
N PRO H 514 -5.76 12.43 4.05
CA PRO H 514 -6.94 12.91 4.75
C PRO H 514 -6.72 13.31 6.21
N VAL H 515 -7.49 14.31 6.65
CA VAL H 515 -7.53 14.71 8.05
C VAL H 515 -8.49 13.73 8.76
N LYS H 516 -8.09 13.24 9.93
CA LYS H 516 -8.90 12.26 10.66
C LYS H 516 -8.75 12.44 12.15
N ASN H 517 -9.82 12.17 12.90
CA ASN H 517 -9.91 12.29 14.36
C ASN H 517 -9.84 13.73 14.88
N CYS H 518 -10.80 14.56 14.38
CA CYS H 518 -10.99 15.98 14.71
C CYS H 518 -12.08 16.17 15.73
N ARG H 519 -13.11 15.31 15.68
CA ARG H 519 -14.32 15.45 16.47
C ARG H 519 -14.22 15.09 17.93
N ASN H 520 -13.32 14.15 18.28
CA ASN H 520 -13.16 13.77 19.68
C ASN H 520 -11.87 14.25 20.33
N VAL H 521 -11.38 15.40 19.89
CA VAL H 521 -10.22 16.02 20.53
C VAL H 521 -10.73 17.10 21.49
N THR H 522 -10.39 16.93 22.77
CA THR H 522 -10.73 17.87 23.83
C THR H 522 -9.42 18.40 24.35
N LYS H 523 -9.50 19.22 25.41
CA LYS H 523 -8.33 19.79 26.06
C LYS H 523 -7.41 18.69 26.61
N LYS H 524 -7.99 17.57 27.08
CA LYS H 524 -7.29 16.41 27.64
C LYS H 524 -6.33 15.76 26.65
N ASP H 525 -6.62 15.89 25.34
CA ASP H 525 -5.83 15.31 24.26
C ASP H 525 -4.52 16.03 23.94
N PHE H 526 -4.37 17.30 24.35
CA PHE H 526 -3.19 18.12 24.09
C PHE H 526 -1.96 17.68 24.83
N LYS H 527 -0.81 18.24 24.45
CA LYS H 527 0.46 17.93 25.09
C LYS H 527 0.93 19.16 25.87
N PHE H 528 1.08 19.01 27.20
CA PHE H 528 1.53 20.04 28.15
C PHE H 528 0.64 21.30 28.31
N ASN H 529 -0.54 21.33 27.67
CA ASN H 529 -1.46 22.45 27.72
C ASN H 529 -2.90 21.91 27.83
N ASN H 530 -3.18 21.14 28.91
CA ASN H 530 -4.45 20.46 29.19
C ASN H 530 -5.27 21.18 30.28
N THR H 531 -4.80 22.35 30.72
CA THR H 531 -5.39 23.13 31.82
C THR H 531 -6.78 23.70 31.56
N THR H 532 -7.73 23.35 32.44
CA THR H 532 -9.11 23.83 32.39
C THR H 532 -9.36 24.58 33.71
N ALA H 533 -10.11 25.67 33.63
CA ALA H 533 -10.41 26.51 34.80
C ALA H 533 -11.70 27.28 34.62
N LYS H 534 -12.14 27.99 35.67
CA LYS H 534 -13.34 28.85 35.58
C LYS H 534 -12.83 30.27 35.33
N ILE H 535 -12.78 30.66 34.04
CA ILE H 535 -12.29 31.96 33.60
C ILE H 535 -13.44 32.96 33.57
N THR H 536 -13.31 34.05 34.32
CA THR H 536 -14.33 35.11 34.46
C THR H 536 -13.74 36.48 34.17
N VAL H 537 -14.52 37.39 33.57
CA VAL H 537 -14.08 38.75 33.27
C VAL H 537 -15.02 39.73 34.00
N ASN H 538 -14.45 40.68 34.78
CA ASN H 538 -15.20 41.73 35.46
C ASN H 538 -15.78 42.65 34.35
N PRO H 539 -17.11 42.86 34.23
CA PRO H 539 -17.62 43.68 33.10
C PRO H 539 -17.40 45.20 33.25
N GLU H 540 -16.89 45.62 34.42
CA GLU H 540 -16.59 47.01 34.74
C GLU H 540 -15.09 47.33 34.64
N THR H 541 -14.21 46.49 35.25
CA THR H 541 -12.76 46.67 35.24
C THR H 541 -12.05 45.98 34.07
N PHE H 542 -12.70 44.97 33.46
CA PHE H 542 -12.20 44.13 32.34
C PHE H 542 -11.07 43.20 32.71
N GLU H 543 -10.84 43.05 34.03
CA GLU H 543 -9.83 42.19 34.61
C GLU H 543 -10.23 40.73 34.44
N VAL H 544 -9.25 39.85 34.16
CA VAL H 544 -9.50 38.42 33.95
C VAL H 544 -9.20 37.66 35.25
N PHE H 545 -10.08 36.72 35.61
CA PHE H 545 -9.93 35.93 36.82
C PHE H 545 -9.93 34.45 36.50
N VAL H 546 -8.90 33.74 37.01
CA VAL H 546 -8.80 32.30 36.86
C VAL H 546 -9.13 31.68 38.22
N ASN H 547 -10.33 31.03 38.30
CA ASN H 547 -10.87 30.42 39.52
C ASN H 547 -10.90 31.46 40.65
N GLY H 548 -11.34 32.67 40.31
CA GLY H 548 -11.48 33.80 41.24
C GLY H 548 -10.22 34.57 41.57
N LYS H 549 -9.04 34.11 41.06
CA LYS H 549 -7.75 34.75 41.31
C LYS H 549 -7.39 35.51 40.06
N LEU H 550 -7.01 36.77 40.21
CA LEU H 550 -6.64 37.67 39.13
C LEU H 550 -5.55 37.08 38.28
N CYS H 551 -5.78 37.06 36.96
CA CYS H 551 -4.83 36.56 35.99
C CYS H 551 -4.33 37.74 35.17
N THR H 552 -3.06 38.12 35.39
CA THR H 552 -2.44 39.29 34.74
C THR H 552 -0.92 39.14 34.59
N SER H 553 -0.30 40.04 33.78
CA SER H 553 1.13 40.11 33.51
C SER H 553 1.51 41.58 33.22
N LYS H 554 2.79 41.92 33.39
CA LYS H 554 3.26 43.29 33.17
C LYS H 554 3.74 43.45 31.72
N PRO H 555 3.55 44.61 31.04
CA PRO H 555 4.00 44.71 29.65
C PRO H 555 5.52 44.80 29.53
N ALA H 556 6.08 44.10 28.55
CA ALA H 556 7.53 44.09 28.32
C ALA H 556 8.01 45.39 27.69
N THR H 557 9.19 45.87 28.11
CA THR H 557 9.78 47.08 27.51
C THR H 557 10.72 46.67 26.36
N GLU H 558 11.27 45.45 26.46
CA GLU H 558 12.11 44.82 25.44
C GLU H 558 11.92 43.30 25.43
N VAL H 559 12.05 42.70 24.25
CA VAL H 559 11.87 41.27 24.05
C VAL H 559 13.15 40.63 23.50
N ALA H 560 13.30 39.31 23.77
CA ALA H 560 14.40 38.50 23.29
C ALA H 560 14.12 38.18 21.81
N LEU H 561 15.10 37.59 21.10
CA LEU H 561 14.95 37.16 19.70
C LEU H 561 14.35 38.27 18.83
N ALA H 562 14.95 39.46 18.85
CA ALA H 562 14.45 40.60 18.11
C ALA H 562 15.59 41.49 17.61
N SER H 563 15.86 42.55 18.39
CA SER H 563 16.84 43.61 18.12
C SER H 563 18.26 43.16 17.77
N ARG H 564 18.73 42.02 18.31
CA ARG H 564 20.07 41.50 18.05
C ARG H 564 20.21 40.84 16.68
N TYR H 565 19.09 40.34 16.14
CA TYR H 565 19.01 39.51 14.93
C TYR H 565 18.55 40.18 13.65
N THR H 566 17.76 41.23 13.75
CA THR H 566 17.16 41.89 12.58
C THR H 566 17.69 43.29 12.26
N PHE H 567 17.78 43.57 10.95
CA PHE H 567 18.24 44.83 10.38
C PHE H 567 17.15 45.90 10.47
N PHE H 568 15.89 45.53 10.04
CA PHE H 568 14.71 46.41 10.03
C PHE H 568 13.50 45.84 10.78
N FME I 1 24.37 36.75 7.66
CN FME I 1 24.67 35.83 8.57
O1 FME I 1 25.56 34.99 8.43
CA FME I 1 23.30 37.73 7.84
CB FME I 1 23.21 38.69 6.64
CG FME I 1 24.29 39.74 6.61
SD FME I 1 23.98 40.96 5.33
CE FME I 1 22.95 42.09 6.23
C FME I 1 21.93 37.08 8.04
O FME I 1 21.15 37.55 8.87
N LYS I 2 21.65 36.00 7.24
CA LYS I 2 20.39 35.23 7.20
C LYS I 2 19.21 36.14 6.86
N LEU I 3 19.31 36.89 5.74
CA LEU I 3 18.27 37.83 5.32
C LEU I 3 16.97 37.19 4.85
N THR I 4 15.90 37.45 5.60
CA THR I 4 14.56 36.95 5.33
C THR I 4 13.97 37.73 4.13
N PRO I 5 13.03 37.15 3.33
CA PRO I 5 12.45 37.92 2.20
C PRO I 5 11.83 39.26 2.60
N LYS I 6 11.33 39.38 3.85
CA LYS I 6 10.75 40.62 4.38
C LYS I 6 11.84 41.67 4.64
N GLU I 7 13.05 41.23 5.06
CA GLU I 7 14.20 42.14 5.27
C GLU I 7 14.69 42.71 3.93
N GLN I 8 14.68 41.88 2.86
CA GLN I 8 15.06 42.27 1.49
C GLN I 8 14.13 43.37 0.95
N GLU I 9 12.81 43.29 1.29
CA GLU I 9 11.78 44.27 0.91
C GLU I 9 12.09 45.60 1.56
N LYS I 10 12.34 45.58 2.89
CA LYS I 10 12.64 46.76 3.70
C LYS I 10 13.87 47.56 3.21
N PHE I 11 14.90 46.86 2.64
CA PHE I 11 16.07 47.53 2.08
C PHE I 11 15.67 48.42 0.89
N LEU I 12 14.79 47.91 0.02
CA LEU I 12 14.27 48.64 -1.13
C LEU I 12 13.50 49.86 -0.65
N LEU I 13 12.59 49.66 0.32
CA LEU I 13 11.80 50.74 0.91
C LEU I 13 12.72 51.80 1.50
N TYR I 14 13.74 51.38 2.26
CA TYR I 14 14.69 52.29 2.87
C TYR I 14 15.51 53.05 1.84
N TYR I 15 15.96 52.36 0.76
CA TYR I 15 16.73 53.03 -0.29
C TYR I 15 15.88 54.07 -1.01
N ALA I 16 14.59 53.72 -1.30
CA ALA I 16 13.61 54.64 -1.91
C ALA I 16 13.44 55.90 -1.05
N GLY I 17 13.42 55.71 0.28
CA GLY I 17 13.34 56.79 1.25
C GLY I 17 14.56 57.69 1.16
N GLU I 18 15.75 57.08 1.01
CA GLU I 18 17.02 57.81 0.87
C GLU I 18 17.07 58.63 -0.42
N VAL I 19 16.60 58.06 -1.56
CA VAL I 19 16.51 58.76 -2.85
C VAL I 19 15.54 59.96 -2.73
N ALA I 20 14.37 59.75 -2.08
CA ALA I 20 13.37 60.79 -1.84
C ALA I 20 13.96 61.94 -1.03
N ARG I 21 14.74 61.60 0.03
CA ARG I 21 15.41 62.59 0.90
C ARG I 21 16.35 63.48 0.08
N LYS I 22 17.12 62.85 -0.84
CA LYS I 22 18.07 63.50 -1.74
C LYS I 22 17.33 64.51 -2.63
N ARG I 23 16.21 64.09 -3.25
CA ARG I 23 15.39 64.91 -4.14
C ARG I 23 14.77 66.11 -3.41
N LYS I 24 14.33 65.93 -2.14
CA LYS I 24 13.76 66.99 -1.31
C LYS I 24 14.87 68.01 -1.02
N GLU I 25 16.11 67.54 -0.74
CA GLU I 25 17.29 68.38 -0.48
C GLU I 25 17.65 69.20 -1.73
N GLU I 26 17.39 68.65 -2.93
CA GLU I 26 17.59 69.32 -4.22
C GLU I 26 16.51 70.39 -4.43
N GLY I 27 15.48 70.38 -3.58
CA GLY I 27 14.37 71.31 -3.64
C GLY I 27 13.24 70.88 -4.56
N LEU I 28 13.12 69.58 -4.82
CA LEU I 28 12.04 69.08 -5.66
C LEU I 28 10.82 68.72 -4.82
N LYS I 29 9.62 69.01 -5.35
CA LYS I 29 8.36 68.65 -4.69
C LYS I 29 8.18 67.15 -4.93
N LEU I 30 8.08 66.37 -3.85
CA LEU I 30 7.96 64.92 -3.90
C LEU I 30 6.63 64.44 -4.48
N ASN I 31 6.65 63.32 -5.23
CA ASN I 31 5.45 62.75 -5.81
C ASN I 31 4.86 61.69 -4.86
N GLN I 32 3.78 60.97 -5.26
CA GLN I 32 3.14 59.96 -4.40
C GLN I 32 4.14 58.90 -3.84
N PRO I 33 4.86 58.09 -4.68
CA PRO I 33 5.76 57.09 -4.09
C PRO I 33 6.95 57.65 -3.30
N GLU I 34 7.49 58.81 -3.72
CA GLU I 34 8.60 59.47 -3.04
C GLU I 34 8.18 59.89 -1.63
N ALA I 35 6.98 60.52 -1.51
CA ALA I 35 6.42 60.98 -0.23
C ALA I 35 6.22 59.84 0.76
N ILE I 36 5.67 58.70 0.29
CA ILE I 36 5.45 57.50 1.08
C ILE I 36 6.79 56.93 1.59
N ALA I 37 7.80 56.82 0.70
CA ALA I 37 9.12 56.30 1.06
C ALA I 37 9.85 57.22 2.03
N TYR I 38 9.72 58.56 1.85
CA TYR I 38 10.35 59.55 2.72
C TYR I 38 9.86 59.41 4.16
N ILE I 39 8.53 59.27 4.34
CA ILE I 39 7.94 59.11 5.67
C ILE I 39 8.28 57.73 6.25
N SER I 40 8.23 56.67 5.42
CA SER I 40 8.54 55.31 5.81
C SER I 40 9.96 55.18 6.39
N ALA I 41 10.94 55.77 5.70
CA ALA I 41 12.34 55.75 6.13
C ALA I 41 12.50 56.48 7.49
N HIS I 42 11.76 57.59 7.72
CA HIS I 42 11.80 58.29 9.01
C HIS I 42 11.34 57.36 10.12
N ILE I 43 10.21 56.66 9.90
CA ILE I 43 9.62 55.73 10.87
C ILE I 43 10.60 54.61 11.19
N MET I 44 11.23 54.04 10.15
CA MET I 44 12.22 52.97 10.25
C MET I 44 13.46 53.42 11.05
N ASP I 45 13.86 54.70 10.90
CA ASP I 45 15.00 55.28 11.60
C ASP I 45 14.72 55.42 13.08
N GLU I 46 13.56 56.03 13.43
CA GLU I 46 13.15 56.26 14.81
C GLU I 46 12.95 54.98 15.62
N ALA I 47 12.47 53.92 14.94
CA ALA I 47 12.24 52.59 15.51
C ALA I 47 13.56 51.93 15.88
N ARG I 48 14.61 52.14 15.05
CA ARG I 48 15.93 51.57 15.29
C ARG I 48 16.60 52.24 16.48
N ARG I 49 16.38 53.55 16.61
CA ARG I 49 16.91 54.36 17.72
C ARG I 49 16.27 53.92 19.05
N GLY I 50 15.08 53.31 18.95
CA GLY I 50 14.28 52.74 20.03
C GLY I 50 14.08 53.63 21.22
N LYS I 51 13.81 54.92 20.96
CA LYS I 51 13.58 55.91 22.00
C LYS I 51 12.14 56.43 21.98
N LYS I 52 11.44 56.22 20.86
CA LYS I 52 10.06 56.65 20.71
C LYS I 52 9.08 55.45 20.70
N THR I 53 7.88 55.68 21.23
CA THR I 53 6.83 54.67 21.26
C THR I 53 6.05 54.74 19.95
N VAL I 54 5.26 53.68 19.67
CA VAL I 54 4.41 53.63 18.50
C VAL I 54 3.44 54.81 18.59
N ALA I 55 2.82 55.02 19.78
CA ALA I 55 1.91 56.13 20.05
C ALA I 55 2.51 57.49 19.70
N GLN I 56 3.79 57.74 20.09
CA GLN I 56 4.55 58.97 19.80
C GLN I 56 4.70 59.18 18.31
N LEU I 57 5.15 58.15 17.58
CA LEU I 57 5.37 58.21 16.14
C LEU I 57 4.12 58.46 15.32
N MET I 58 3.00 57.83 15.71
CA MET I 58 1.72 57.98 15.02
C MET I 58 1.28 59.43 15.04
N GLU I 59 1.53 60.11 16.17
CA GLU I 59 1.22 61.51 16.39
C GLU I 59 2.22 62.41 15.63
N GLU I 60 3.54 62.14 15.77
CA GLU I 60 4.63 62.88 15.14
C GLU I 60 4.59 62.94 13.63
N CYS I 61 4.12 61.88 12.99
CA CYS I 61 4.08 61.80 11.53
C CYS I 61 2.85 62.40 10.85
N VAL I 62 1.88 62.95 11.60
CA VAL I 62 0.73 63.62 10.95
C VAL I 62 1.26 64.92 10.34
N HIS I 63 1.01 65.11 9.03
CA HIS I 63 1.50 66.23 8.24
C HIS I 63 3.04 66.30 8.32
N PHE I 64 3.72 65.11 8.26
CA PHE I 64 5.18 65.04 8.30
C PHE I 64 5.74 65.77 7.08
N LEU I 65 5.03 65.65 5.94
CA LEU I 65 5.32 66.40 4.74
C LEU I 65 4.22 67.45 4.57
N LYS I 66 4.61 68.69 4.31
CA LYS I 66 3.66 69.77 4.14
C LYS I 66 3.22 69.91 2.68
N LYS I 67 2.04 70.51 2.44
CA LYS I 67 1.46 70.63 1.10
C LYS I 67 2.39 71.17 0.04
N ASP I 68 3.28 72.10 0.42
CA ASP I 68 4.22 72.72 -0.50
C ASP I 68 5.53 71.93 -0.68
N GLU I 69 5.70 70.86 0.12
CA GLU I 69 6.89 69.99 0.10
C GLU I 69 6.65 68.81 -0.89
N VAL I 70 5.38 68.63 -1.32
CA VAL I 70 4.93 67.61 -2.24
C VAL I 70 4.19 68.22 -3.43
N MET I 71 4.02 67.45 -4.51
CA MET I 71 3.29 67.85 -5.72
C MET I 71 1.80 68.02 -5.40
N PRO I 72 0.99 68.76 -6.20
CA PRO I 72 -0.45 68.87 -5.86
C PRO I 72 -1.20 67.53 -5.94
N GLY I 73 -2.16 67.36 -5.04
CA GLY I 73 -2.99 66.16 -4.93
C GLY I 73 -2.38 64.97 -4.21
N VAL I 74 -1.04 65.03 -3.89
CA VAL I 74 -0.29 63.96 -3.21
C VAL I 74 -0.88 63.61 -1.82
N GLY I 75 -1.20 64.64 -1.02
CA GLY I 75 -1.78 64.45 0.31
C GLY I 75 -3.10 63.69 0.31
N ASN I 76 -4.01 64.04 -0.63
CA ASN I 76 -5.35 63.43 -0.80
C ASN I 76 -5.25 61.99 -1.30
N MET I 77 -4.20 61.70 -2.08
CA MET I 77 -3.87 60.39 -2.64
C MET I 77 -3.39 59.41 -1.55
N VAL I 78 -2.82 59.95 -0.46
CA VAL I 78 -2.25 59.21 0.66
C VAL I 78 -2.94 59.66 1.97
N PRO I 79 -4.19 59.17 2.22
CA PRO I 79 -4.90 59.58 3.45
C PRO I 79 -4.39 58.91 4.72
N ASP I 80 -3.68 57.78 4.54
CA ASP I 80 -3.10 56.97 5.59
C ASP I 80 -1.91 56.17 5.06
N LEU I 81 -0.96 55.87 5.96
CA LEU I 81 0.29 55.16 5.67
C LEU I 81 0.56 54.17 6.80
N GLY I 82 1.06 53.00 6.45
CA GLY I 82 1.38 51.96 7.41
C GLY I 82 2.75 51.40 7.16
N VAL I 83 3.55 51.31 8.22
CA VAL I 83 4.90 50.76 8.13
C VAL I 83 5.26 49.97 9.38
N GLU I 84 5.62 48.69 9.17
CA GLU I 84 6.04 47.77 10.22
C GLU I 84 7.52 47.96 10.43
N ALA I 85 7.95 48.13 11.68
CA ALA I 85 9.37 48.31 11.99
C ALA I 85 9.74 47.60 13.27
N ASN I 86 11.00 47.16 13.40
CA ASN I 86 11.44 46.52 14.63
C ASN I 86 11.83 47.54 15.68
N PHE I 87 11.17 47.44 16.84
CA PHE I 87 11.36 48.27 18.02
C PHE I 87 12.08 47.37 19.06
N PRO I 88 12.56 47.89 20.23
CA PRO I 88 13.22 47.01 21.21
C PRO I 88 12.32 45.88 21.74
N ASP I 89 11.02 46.12 21.71
CA ASP I 89 9.96 45.18 22.10
C ASP I 89 9.40 44.34 20.91
N GLY I 90 10.07 44.37 19.76
CA GLY I 90 9.68 43.62 18.57
C GLY I 90 9.10 44.43 17.42
N THR I 91 8.69 43.73 16.33
CA THR I 91 8.10 44.41 15.17
C THR I 91 6.71 44.89 15.51
N LYS I 92 6.46 46.19 15.26
CA LYS I 92 5.19 46.86 15.54
C LYS I 92 4.73 47.66 14.33
N LEU I 93 3.40 47.73 14.12
CA LEU I 93 2.86 48.49 13.00
C LEU I 93 2.62 49.95 13.37
N VAL I 94 3.24 50.86 12.60
CA VAL I 94 3.10 52.30 12.80
C VAL I 94 2.07 52.80 11.80
N THR I 95 0.90 53.23 12.30
CA THR I 95 -0.21 53.69 11.45
C THR I 95 -0.34 55.19 11.55
N VAL I 96 -0.12 55.88 10.42
CA VAL I 96 -0.21 57.34 10.35
C VAL I 96 -1.44 57.77 9.54
N ASN I 97 -2.32 58.57 10.14
CA ASN I 97 -3.51 59.10 9.47
C ASN I 97 -3.18 60.54 9.08
N TRP I 98 -3.23 60.84 7.78
CA TRP I 98 -2.87 62.13 7.16
C TRP I 98 -1.36 62.40 7.27
N PRO I 99 -0.51 61.51 6.72
CA PRO I 99 0.95 61.72 6.81
C PRO I 99 1.42 62.91 5.99
N ILE I 100 0.73 63.18 4.86
CA ILE I 100 1.02 64.29 3.97
C ILE I 100 -0.17 65.25 4.01
N GLU I 101 0.11 66.54 4.28
CA GLU I 101 -0.87 67.62 4.34
C GLU I 101 -1.55 67.79 2.97
N PRO I 102 -2.90 67.76 2.91
CA PRO I 102 -3.58 67.90 1.61
C PRO I 102 -3.74 69.32 1.12
N ASP I 103 -4.09 69.44 -0.18
CA ASP I 103 -4.31 70.69 -0.92
C ASP I 103 -5.66 70.66 -1.66
N ASP I 104 -5.93 71.69 -2.47
CA ASP I 104 -7.18 71.83 -3.24
C ASP I 104 -7.33 70.87 -4.42
N PHE I 105 -6.23 70.28 -4.91
CA PHE I 105 -6.28 69.34 -6.03
C PHE I 105 -6.60 67.93 -5.55
N LYS I 106 -7.50 67.24 -6.26
CA LYS I 106 -7.88 65.86 -5.94
C LYS I 106 -7.97 64.96 -7.16
N ALA I 107 -7.04 64.02 -7.29
CA ALA I 107 -7.09 63.04 -8.37
C ALA I 107 -8.20 62.03 -7.98
N GLY I 108 -9.03 61.63 -8.93
CA GLY I 108 -10.13 60.71 -8.67
C GLY I 108 -11.29 61.33 -7.89
N GLU I 109 -11.41 62.65 -7.97
CA GLU I 109 -12.42 63.49 -7.34
C GLU I 109 -13.83 63.13 -7.80
N ILE I 110 -14.74 62.92 -6.84
CA ILE I 110 -16.15 62.64 -7.11
C ILE I 110 -16.93 63.93 -6.87
N LYS I 111 -17.64 64.42 -7.90
CA LYS I 111 -18.48 65.61 -7.84
C LYS I 111 -19.93 65.13 -7.80
N PHE I 112 -20.66 65.41 -6.71
CA PHE I 112 -22.05 64.94 -6.58
C PHE I 112 -23.02 65.62 -7.52
N ALA I 113 -24.05 64.87 -7.98
CA ALA I 113 -25.08 65.35 -8.88
C ALA I 113 -25.93 66.45 -8.22
N SER I 114 -26.16 66.29 -6.92
CA SER I 114 -26.96 67.12 -6.04
C SER I 114 -26.43 66.91 -4.62
N ASP I 115 -26.70 67.86 -3.70
CA ASP I 115 -26.28 67.72 -2.30
C ASP I 115 -27.39 67.13 -1.43
N LYS I 116 -28.59 66.97 -2.06
CA LYS I 116 -29.78 66.38 -1.45
C LYS I 116 -29.56 64.95 -0.98
N ASP I 117 -30.09 64.65 0.22
CA ASP I 117 -30.03 63.35 0.88
C ASP I 117 -30.69 62.24 0.03
N ILE I 118 -30.25 60.99 0.25
CA ILE I 118 -30.76 59.82 -0.44
C ILE I 118 -31.75 59.15 0.48
N GLU I 119 -33.00 59.00 0.01
CA GLU I 119 -34.06 58.36 0.79
C GLU I 119 -33.92 56.84 0.64
N LEU I 120 -33.34 56.20 1.67
CA LEU I 120 -33.14 54.74 1.74
C LEU I 120 -34.42 54.12 2.24
N ASN I 121 -34.70 52.90 1.79
CA ASN I 121 -35.87 52.11 2.20
C ASN I 121 -37.16 52.90 2.04
N ALA I 122 -37.26 53.66 0.94
CA ALA I 122 -38.39 54.52 0.61
C ALA I 122 -39.71 53.78 0.58
N GLY I 123 -40.70 54.37 1.23
CA GLY I 123 -42.06 53.84 1.27
C GLY I 123 -42.33 52.68 2.20
N LYS I 124 -41.30 52.18 2.92
CA LYS I 124 -41.49 51.08 3.86
C LYS I 124 -42.08 51.65 5.15
N GLU I 125 -43.08 50.94 5.73
CA GLU I 125 -43.80 51.33 6.93
C GLU I 125 -42.93 51.22 8.18
N ILE I 126 -42.65 52.39 8.81
CA ILE I 126 -41.84 52.49 10.02
C ILE I 126 -42.67 52.13 11.26
N THR I 127 -42.06 51.29 12.14
CA THR I 127 -42.60 50.82 13.41
C THR I 127 -41.68 51.36 14.52
N GLU I 128 -42.16 52.29 15.37
CA GLU I 128 -41.35 52.80 16.48
C GLU I 128 -41.43 51.84 17.64
N LEU I 129 -40.29 51.51 18.23
CA LEU I 129 -40.24 50.53 19.30
C LEU I 129 -39.22 50.89 20.39
N LYS I 130 -39.63 50.84 21.65
CA LYS I 130 -38.77 51.13 22.79
C LYS I 130 -38.02 49.83 23.13
N VAL I 131 -36.66 49.89 23.14
CA VAL I 131 -35.80 48.74 23.47
C VAL I 131 -34.87 49.10 24.62
N THR I 132 -34.63 48.15 25.53
CA THR I 132 -33.77 48.34 26.69
C THR I 132 -32.79 47.18 26.79
N ASN I 133 -31.49 47.47 26.84
CA ASN I 133 -30.49 46.42 27.01
C ASN I 133 -30.33 46.18 28.50
N LYS I 134 -31.10 45.20 29.02
CA LYS I 134 -31.11 44.78 30.43
C LYS I 134 -29.87 43.92 30.79
N GLY I 135 -29.03 43.62 29.79
CA GLY I 135 -27.81 42.84 29.97
C GLY I 135 -26.65 43.63 30.55
N PRO I 136 -25.58 42.96 31.03
CA PRO I 136 -24.45 43.71 31.60
C PRO I 136 -23.42 44.23 30.58
N LYS I 137 -23.55 43.82 29.31
CA LYS I 137 -22.62 44.16 28.24
C LYS I 137 -23.37 44.81 27.12
N SER I 138 -22.73 45.80 26.47
CA SER I 138 -23.33 46.50 25.33
C SER I 138 -23.39 45.58 24.11
N LEU I 139 -24.33 45.86 23.19
CA LEU I 139 -24.48 45.08 21.97
C LEU I 139 -24.90 45.95 20.79
N HIS I 140 -24.64 45.46 19.57
CA HIS I 140 -25.02 46.13 18.33
C HIS I 140 -25.89 45.19 17.52
N VAL I 141 -26.79 45.73 16.69
CA VAL I 141 -27.67 44.94 15.83
C VAL I 141 -27.55 45.52 14.40
N GLY I 142 -27.21 44.66 13.43
CA GLY I 142 -27.05 45.03 12.03
C GLY I 142 -28.35 45.35 11.31
N SER I 143 -28.22 46.08 10.17
CA SER I 143 -29.32 46.55 9.30
C SER I 143 -30.26 45.45 8.81
N HIS I 144 -29.73 44.25 8.51
CA HIS I 144 -30.53 43.15 7.96
C HIS I 144 -30.78 41.97 8.89
N PHE I 145 -30.44 42.11 10.19
CA PHE I 145 -30.68 41.05 11.17
C PHE I 145 -32.18 41.06 11.50
N HIS I 146 -32.83 39.87 11.64
CA HIS I 146 -34.26 39.79 11.98
C HIS I 146 -34.38 40.24 13.45
N PHE I 147 -34.81 41.50 13.65
CA PHE I 147 -34.86 42.14 14.98
C PHE I 147 -35.48 41.31 16.08
N PHE I 148 -36.53 40.58 15.72
CA PHE I 148 -37.25 39.65 16.58
C PHE I 148 -36.31 38.64 17.27
N GLU I 149 -35.23 38.22 16.57
CA GLU I 149 -34.25 37.22 17.04
C GLU I 149 -33.02 37.80 17.78
N ALA I 150 -33.00 39.14 18.07
CA ALA I 150 -31.88 39.81 18.78
C ALA I 150 -31.68 39.26 20.18
N ASN I 151 -30.43 39.35 20.69
CA ASN I 151 -29.97 38.90 22.02
C ASN I 151 -31.08 39.01 23.06
N ARG I 152 -31.33 37.90 23.80
CA ARG I 152 -32.41 37.90 24.82
C ARG I 152 -32.24 38.97 25.92
N ALA I 153 -31.05 39.62 25.98
CA ALA I 153 -30.68 40.71 26.89
C ALA I 153 -31.52 41.96 26.59
N LEU I 154 -31.95 42.11 25.31
CA LEU I 154 -32.78 43.21 24.83
C LEU I 154 -34.22 43.01 25.23
N GLU I 155 -34.81 44.02 25.89
CA GLU I 155 -36.18 43.99 26.34
C GLU I 155 -37.05 44.90 25.46
N PHE I 156 -38.01 44.31 24.73
CA PHE I 156 -38.95 45.00 23.84
C PHE I 156 -40.15 44.11 23.50
N ASP I 157 -41.22 44.71 22.91
CA ASP I 157 -42.41 43.97 22.50
C ASP I 157 -42.05 43.22 21.22
N ARG I 158 -41.52 41.99 21.39
CA ARG I 158 -41.05 41.13 20.31
C ARG I 158 -42.07 40.91 19.19
N GLU I 159 -43.38 40.80 19.54
CA GLU I 159 -44.50 40.64 18.59
C GLU I 159 -44.44 41.73 17.52
N LYS I 160 -44.16 42.98 17.96
CA LYS I 160 -44.07 44.15 17.09
C LYS I 160 -42.82 44.14 16.18
N ALA I 161 -41.80 43.33 16.49
CA ALA I 161 -40.56 43.24 15.71
C ALA I 161 -40.54 42.03 14.77
N TYR I 162 -41.58 41.19 14.81
CA TYR I 162 -41.73 40.00 13.99
C TYR I 162 -41.76 40.35 12.50
N GLY I 163 -40.80 39.78 11.75
CA GLY I 163 -40.64 39.99 10.31
C GLY I 163 -40.10 41.35 9.90
N LYS I 164 -39.38 42.02 10.83
CA LYS I 164 -38.85 43.37 10.61
C LYS I 164 -37.36 43.46 10.88
N ARG I 165 -36.74 44.53 10.34
CA ARG I 165 -35.33 44.88 10.45
C ARG I 165 -35.18 46.38 10.68
N LEU I 166 -33.97 46.82 11.11
CA LEU I 166 -33.72 48.22 11.38
C LEU I 166 -33.72 49.11 10.13
N ASP I 167 -34.41 50.26 10.18
CA ASP I 167 -34.43 51.23 9.10
C ASP I 167 -33.20 52.12 9.25
N ILE I 168 -32.02 51.54 8.97
CA ILE I 168 -30.70 52.16 9.05
C ILE I 168 -29.93 51.84 7.74
N PRO I 169 -28.91 52.63 7.33
CA PRO I 169 -28.17 52.31 6.10
C PRO I 169 -27.66 50.87 6.08
N SER I 170 -27.71 50.24 4.89
CA SER I 170 -27.26 48.85 4.71
C SER I 170 -25.81 48.71 5.15
N GLY I 171 -25.57 47.75 6.05
CA GLY I 171 -24.23 47.52 6.58
C GLY I 171 -23.94 48.22 7.91
N ASN I 172 -24.76 49.20 8.29
CA ASN I 172 -24.61 49.89 9.57
C ASN I 172 -25.18 49.05 10.71
N THR I 173 -24.81 49.38 11.96
CA THR I 173 -25.31 48.71 13.16
C THR I 173 -25.83 49.76 14.13
N LEU I 174 -26.79 49.37 14.99
CA LEU I 174 -27.29 50.24 16.05
C LEU I 174 -26.75 49.69 17.37
N ARG I 175 -26.15 50.59 18.17
CA ARG I 175 -25.60 50.21 19.47
C ARG I 175 -26.63 50.43 20.58
N ILE I 176 -26.77 49.47 21.50
CA ILE I 176 -27.62 49.62 22.69
C ILE I 176 -26.71 49.23 23.84
N GLY I 177 -26.23 50.24 24.55
CA GLY I 177 -25.31 50.06 25.66
C GLY I 177 -25.92 49.32 26.83
N ALA I 178 -25.08 48.77 27.72
CA ALA I 178 -25.56 48.08 28.91
C ALA I 178 -26.41 49.03 29.76
N GLY I 179 -27.68 48.71 29.92
CA GLY I 179 -28.63 49.51 30.67
C GLY I 179 -29.34 50.60 29.89
N GLU I 180 -28.85 50.92 28.68
CA GLU I 180 -29.39 51.97 27.81
C GLU I 180 -30.78 51.65 27.24
N THR I 181 -31.62 52.69 27.11
CA THR I 181 -32.95 52.61 26.49
C THR I 181 -32.94 53.50 25.23
N LYS I 182 -33.48 52.95 24.12
CA LYS I 182 -33.52 53.62 22.83
C LYS I 182 -34.85 53.40 22.12
N THR I 183 -35.23 54.34 21.23
CA THR I 183 -36.38 54.18 20.37
C THR I 183 -35.83 53.78 19.02
N VAL I 184 -36.14 52.55 18.60
CA VAL I 184 -35.68 52.03 17.31
C VAL I 184 -36.77 52.19 16.25
N HIS I 185 -36.35 52.29 14.99
CA HIS I 185 -37.27 52.39 13.85
C HIS I 185 -37.11 51.13 13.02
N LEU I 186 -38.16 50.33 12.99
CA LEU I 186 -38.17 49.06 12.26
C LEU I 186 -39.02 49.13 11.00
N ILE I 187 -38.57 48.44 9.96
CA ILE I 187 -39.25 48.37 8.66
C ILE I 187 -39.40 46.91 8.27
N PRO I 188 -40.45 46.51 7.52
CA PRO I 188 -40.58 45.08 7.17
C PRO I 188 -39.46 44.62 6.24
N ILE I 189 -38.96 43.39 6.48
CA ILE I 189 -37.90 42.77 5.67
C ILE I 189 -38.33 42.69 4.18
N GLY I 190 -37.37 42.95 3.29
CA GLY I 190 -37.59 42.89 1.85
C GLY I 190 -37.79 41.48 1.31
N GLY I 191 -37.95 41.38 -0.01
CA GLY I 191 -38.17 40.12 -0.71
C GLY I 191 -39.34 39.32 -0.18
N SER I 192 -39.20 37.99 -0.13
CA SER I 192 -40.25 37.07 0.33
C SER I 192 -40.41 36.99 1.87
N LYS I 193 -39.47 37.57 2.64
CA LYS I 193 -39.44 37.50 4.11
C LYS I 193 -39.23 36.02 4.55
N LYS I 194 -38.37 35.29 3.81
CA LYS I 194 -38.02 33.91 4.15
C LYS I 194 -36.84 34.00 5.09
N ILE I 195 -37.15 34.02 6.39
CA ILE I 195 -36.14 34.15 7.44
C ILE I 195 -35.58 32.79 7.86
N ILE I 196 -34.38 32.45 7.38
CA ILE I 196 -33.70 31.19 7.70
C ILE I 196 -32.40 31.46 8.48
N GLY I 197 -32.30 30.90 9.68
CA GLY I 197 -31.12 31.02 10.52
C GLY I 197 -31.25 31.87 11.76
N MET I 198 -30.16 32.61 12.07
CA MET I 198 -29.94 33.50 13.24
C MET I 198 -30.16 32.76 14.55
N ASN I 199 -31.34 32.88 15.16
CA ASN I 199 -31.62 32.16 16.40
C ASN I 199 -32.63 31.01 16.22
N GLY I 200 -33.01 30.78 14.96
CA GLY I 200 -33.92 29.73 14.53
C GLY I 200 -35.30 29.80 15.13
N LEU I 201 -35.74 31.02 15.47
CA LEU I 201 -37.07 31.26 16.06
C LEU I 201 -38.15 31.18 15.00
N LEU I 202 -37.78 31.42 13.73
CA LEU I 202 -38.72 31.41 12.63
C LEU I 202 -38.45 30.32 11.59
N ASN I 203 -37.30 30.38 10.88
CA ASN I 203 -36.93 29.40 9.85
C ASN I 203 -38.06 29.11 8.85
N GLY I 204 -38.51 30.16 8.17
CA GLY I 204 -39.58 30.12 7.17
C GLY I 204 -40.07 31.52 6.85
N ILE I 205 -41.21 31.62 6.13
CA ILE I 205 -41.79 32.93 5.79
C ILE I 205 -42.37 33.58 7.03
N ALA I 206 -42.12 34.89 7.21
CA ALA I 206 -42.65 35.66 8.33
C ALA I 206 -44.07 36.14 8.02
N ASP I 207 -45.02 35.20 7.92
CA ASP I 207 -46.43 35.49 7.64
C ASP I 207 -47.25 35.44 8.92
N ASP I 208 -48.57 35.68 8.84
CA ASP I 208 -49.43 35.63 10.02
C ASP I 208 -49.55 34.20 10.53
N LEU I 209 -49.59 33.25 9.60
CA LEU I 209 -49.72 31.82 9.86
C LEU I 209 -48.60 31.25 10.76
N HIS I 210 -47.34 31.69 10.55
CA HIS I 210 -46.15 31.25 11.30
C HIS I 210 -45.98 31.98 12.63
N LYS I 211 -46.61 33.18 12.80
CA LYS I 211 -46.47 34.04 13.96
C LYS I 211 -46.64 33.41 15.34
N GLN I 212 -47.78 32.71 15.62
CA GLN I 212 -47.99 32.13 16.95
C GLN I 212 -46.93 31.13 17.36
N LYS I 213 -46.56 30.24 16.41
CA LYS I 213 -45.51 29.22 16.51
C LYS I 213 -44.18 29.91 16.88
N ALA I 214 -43.82 31.01 16.15
CA ALA I 214 -42.59 31.81 16.34
C ALA I 214 -42.56 32.46 17.73
N LEU I 215 -43.70 33.04 18.17
CA LEU I 215 -43.82 33.67 19.49
C LEU I 215 -43.67 32.62 20.60
N GLU I 216 -44.19 31.40 20.39
CA GLU I 216 -44.07 30.30 21.33
C GLU I 216 -42.62 29.82 21.45
N LYS I 217 -41.89 29.74 20.30
CA LYS I 217 -40.48 29.34 20.26
C LYS I 217 -39.62 30.41 20.96
N ALA I 218 -39.94 31.69 20.73
CA ALA I 218 -39.25 32.82 21.34
C ALA I 218 -39.38 32.79 22.86
N LYS I 219 -40.60 32.50 23.36
CA LYS I 219 -40.91 32.39 24.80
C LYS I 219 -40.16 31.20 25.39
N HIS I 220 -40.24 30.05 24.72
CA HIS I 220 -39.60 28.80 25.11
C HIS I 220 -38.08 28.92 25.20
N HIS I 221 -37.46 29.65 24.25
CA HIS I 221 -36.01 29.86 24.23
C HIS I 221 -35.52 31.05 25.09
N GLY I 222 -36.45 31.77 25.71
CA GLY I 222 -36.12 32.86 26.62
C GLY I 222 -36.01 34.26 26.06
N PHE I 223 -36.39 34.44 24.78
CA PHE I 223 -36.36 35.77 24.14
C PHE I 223 -37.51 36.62 24.65
N ILE I 224 -38.70 36.00 24.79
CA ILE I 224 -39.90 36.60 25.35
C ILE I 224 -39.97 36.07 26.77
N LYS I 225 -40.00 37.01 27.73
CA LYS I 225 -40.06 36.68 29.16
C LYS I 225 -41.52 36.55 29.61
N MET J 1 -35.67 56.14 5.35
CA MET J 1 -34.83 57.07 6.09
C MET J 1 -33.84 57.84 5.22
N LYS J 2 -33.59 59.11 5.59
CA LYS J 2 -32.71 59.99 4.84
C LYS J 2 -31.26 59.86 5.25
N MET J 3 -30.39 59.50 4.29
CA MET J 3 -28.94 59.40 4.47
C MET J 3 -28.27 60.57 3.73
N LYS J 4 -27.41 61.34 4.43
CA LYS J 4 -26.67 62.47 3.84
C LYS J 4 -25.84 61.98 2.62
N ARG J 5 -25.94 62.71 1.49
CA ARG J 5 -25.26 62.41 0.22
C ARG J 5 -23.79 62.07 0.35
N GLN J 6 -23.03 62.83 1.19
CA GLN J 6 -21.61 62.57 1.43
C GLN J 6 -21.44 61.22 2.10
N GLU J 7 -22.27 60.92 3.12
CA GLU J 7 -22.23 59.65 3.83
C GLU J 7 -22.54 58.45 2.93
N TYR J 8 -23.55 58.60 2.04
CA TYR J 8 -23.91 57.57 1.07
C TYR J 8 -22.69 57.27 0.21
N VAL J 9 -22.14 58.30 -0.45
CA VAL J 9 -20.98 58.15 -1.34
C VAL J 9 -19.77 57.52 -0.64
N ASN J 10 -19.48 57.90 0.63
CA ASN J 10 -18.38 57.29 1.37
C ASN J 10 -18.60 55.80 1.56
N THR J 11 -19.84 55.40 1.91
CA THR J 11 -20.21 54.02 2.19
C THR J 11 -20.33 53.13 0.95
N TYR J 12 -20.99 53.62 -0.11
CA TYR J 12 -21.27 52.80 -1.28
C TYR J 12 -20.65 53.24 -2.62
N GLY J 13 -19.98 54.36 -2.65
CA GLY J 13 -19.41 54.86 -3.89
C GLY J 13 -20.41 55.78 -4.57
N PRO J 14 -20.06 56.33 -5.77
CA PRO J 14 -20.97 57.28 -6.42
C PRO J 14 -22.25 56.67 -6.98
N THR J 15 -23.32 57.47 -7.05
CA THR J 15 -24.59 57.04 -7.63
C THR J 15 -24.94 57.86 -8.89
N THR J 16 -26.12 57.61 -9.48
CA THR J 16 -26.60 58.27 -10.70
C THR J 16 -26.41 59.79 -10.69
N GLY J 17 -25.74 60.28 -11.73
CA GLY J 17 -25.48 61.71 -11.90
C GLY J 17 -24.17 62.23 -11.37
N ASP J 18 -23.49 61.43 -10.50
CA ASP J 18 -22.20 61.82 -9.92
C ASP J 18 -21.12 61.71 -10.99
N LYS J 19 -20.12 62.61 -10.91
CA LYS J 19 -19.00 62.68 -11.85
C LYS J 19 -17.70 62.29 -11.16
N VAL J 20 -16.94 61.39 -11.79
CA VAL J 20 -15.66 60.90 -11.25
C VAL J 20 -14.52 61.35 -12.15
N ARG J 21 -13.50 62.01 -11.56
CA ARG J 21 -12.31 62.43 -12.29
C ARG J 21 -11.45 61.18 -12.53
N LEU J 22 -11.08 60.92 -13.79
CA LEU J 22 -10.23 59.77 -14.09
C LEU J 22 -8.76 60.14 -13.81
N GLY J 23 -8.20 59.60 -12.73
CA GLY J 23 -6.84 59.89 -12.31
C GLY J 23 -6.63 61.36 -12.09
N ASP J 24 -5.53 61.91 -12.61
CA ASP J 24 -5.22 63.35 -12.52
C ASP J 24 -5.49 64.04 -13.89
N THR J 25 -6.28 63.37 -14.77
CA THR J 25 -6.68 63.92 -16.08
C THR J 25 -7.86 64.87 -15.91
N ASP J 26 -8.29 65.52 -17.00
CA ASP J 26 -9.46 66.40 -16.94
C ASP J 26 -10.70 65.69 -17.52
N LEU J 27 -10.71 64.35 -17.47
CA LEU J 27 -11.79 63.53 -17.98
C LEU J 27 -12.72 63.15 -16.83
N TRP J 28 -14.02 63.41 -17.02
CA TRP J 28 -15.05 63.16 -16.02
C TRP J 28 -16.05 62.11 -16.47
N ALA J 29 -16.11 60.97 -15.75
CA ALA J 29 -17.04 59.89 -15.99
C ALA J 29 -18.30 60.12 -15.15
N GLU J 30 -19.47 60.21 -15.80
CA GLU J 30 -20.75 60.41 -15.11
C GLU J 30 -21.50 59.08 -14.98
N VAL J 31 -21.98 58.75 -13.75
CA VAL J 31 -22.73 57.51 -13.49
C VAL J 31 -24.06 57.65 -14.25
N GLU J 32 -24.23 56.86 -15.30
CA GLU J 32 -25.40 56.92 -16.16
C GLU J 32 -26.65 56.33 -15.52
N HIS J 33 -26.48 55.27 -14.72
CA HIS J 33 -27.54 54.54 -14.04
C HIS J 33 -26.96 53.77 -12.86
N ASP J 34 -27.81 53.49 -11.85
CA ASP J 34 -27.45 52.70 -10.68
C ASP J 34 -28.47 51.57 -10.59
N TYR J 35 -28.00 50.32 -10.60
CA TYR J 35 -28.87 49.16 -10.58
C TYR J 35 -29.33 48.72 -9.19
N THR J 36 -28.97 49.50 -8.14
CA THR J 36 -29.34 49.17 -6.76
C THR J 36 -30.71 49.64 -6.37
N VAL J 37 -31.15 49.17 -5.19
CA VAL J 37 -32.37 49.57 -4.50
C VAL J 37 -31.81 50.23 -3.24
N TYR J 38 -31.98 51.56 -3.10
CA TYR J 38 -31.47 52.29 -1.95
C TYR J 38 -31.98 51.72 -0.63
N GLY J 39 -31.03 51.21 0.16
CA GLY J 39 -31.27 50.59 1.46
C GLY J 39 -30.92 49.11 1.49
N GLU J 40 -30.81 48.53 0.27
CA GLU J 40 -30.53 47.11 0.02
C GLU J 40 -29.11 46.86 -0.51
N GLU J 41 -28.24 47.90 -0.53
CA GLU J 41 -26.85 47.80 -1.02
C GLU J 41 -26.03 46.77 -0.27
N LEU J 42 -25.21 45.97 -0.98
CA LEU J 42 -24.40 44.98 -0.26
C LEU J 42 -23.10 45.57 0.32
N LYS J 43 -22.86 45.32 1.61
CA LYS J 43 -21.62 45.72 2.29
C LYS J 43 -21.09 44.51 3.05
N PHE J 44 -19.79 44.25 2.95
CA PHE J 44 -19.15 43.13 3.65
C PHE J 44 -18.41 43.61 4.89
N GLY J 45 -18.55 42.87 5.97
CA GLY J 45 -17.91 43.18 7.23
C GLY J 45 -18.74 42.72 8.39
N ALA J 46 -18.19 42.90 9.60
CA ALA J 46 -18.81 42.53 10.87
C ALA J 46 -20.05 43.38 11.07
N GLY J 47 -21.18 42.71 11.27
CA GLY J 47 -22.47 43.39 11.45
C GLY J 47 -23.03 44.01 10.18
N LYS J 48 -22.39 43.71 9.02
CA LYS J 48 -22.82 44.27 7.74
C LYS J 48 -23.91 43.46 6.99
N THR J 49 -24.03 43.61 5.64
CA THR J 49 -25.10 42.98 4.85
C THR J 49 -24.89 41.51 4.55
N ILE J 50 -23.75 41.18 3.92
CA ILE J 50 -23.40 39.82 3.48
C ILE J 50 -23.13 38.89 4.68
N ARG J 51 -24.23 38.42 5.31
CA ARG J 51 -24.21 37.53 6.47
C ARG J 51 -25.33 36.46 6.38
N GLU J 52 -25.07 35.27 6.96
CA GLU J 52 -25.93 34.09 6.97
C GLU J 52 -27.40 34.41 7.20
N GLY J 53 -28.24 34.11 6.21
CA GLY J 53 -29.68 34.33 6.25
C GLY J 53 -30.13 35.76 6.10
N MET J 54 -29.19 36.70 5.84
CA MET J 54 -29.47 38.12 5.66
C MET J 54 -29.19 38.51 4.19
N GLY J 55 -28.04 39.14 3.92
CA GLY J 55 -27.61 39.48 2.57
C GLY J 55 -27.12 38.24 1.83
N GLN J 56 -26.60 37.26 2.58
CA GLN J 56 -26.12 35.97 2.09
C GLN J 56 -27.27 34.98 2.29
N SER J 57 -27.69 34.30 1.21
CA SER J 57 -28.82 33.36 1.25
C SER J 57 -28.52 32.05 1.95
N ASN J 58 -29.56 31.46 2.57
CA ASN J 58 -29.47 30.12 3.19
C ASN J 58 -30.23 29.12 2.31
N SER J 59 -30.91 29.65 1.28
CA SER J 59 -31.65 28.89 0.29
C SER J 59 -30.70 28.54 -0.84
N PRO J 60 -30.49 27.22 -1.13
CA PRO J 60 -29.59 26.84 -2.23
C PRO J 60 -30.11 27.36 -3.57
N ASP J 61 -29.21 27.74 -4.46
CA ASP J 61 -29.59 28.21 -5.78
C ASP J 61 -28.56 27.76 -6.82
N GLU J 62 -29.06 27.43 -8.01
CA GLU J 62 -28.25 27.02 -9.15
C GLU J 62 -27.31 28.14 -9.61
N ASN J 63 -27.69 29.40 -9.31
CA ASN J 63 -26.95 30.62 -9.64
C ASN J 63 -26.19 31.21 -8.44
N THR J 64 -25.75 30.37 -7.46
CA THR J 64 -24.96 30.90 -6.34
C THR J 64 -23.61 31.32 -6.92
N LEU J 65 -23.31 32.62 -6.83
CA LEU J 65 -22.10 33.22 -7.37
C LEU J 65 -20.86 32.72 -6.65
N ASP J 66 -19.73 32.64 -7.37
CA ASP J 66 -18.44 32.23 -6.79
C ASP J 66 -17.77 33.46 -6.17
N LEU J 67 -18.04 34.65 -6.76
CA LEU J 67 -17.53 35.94 -6.33
C LEU J 67 -18.56 37.03 -6.63
N VAL J 68 -18.64 38.01 -5.71
CA VAL J 68 -19.47 39.20 -5.86
C VAL J 68 -18.58 40.44 -5.71
N ILE J 69 -18.62 41.31 -6.74
CA ILE J 69 -17.90 42.60 -6.70
C ILE J 69 -19.01 43.63 -6.41
N THR J 70 -19.12 44.01 -5.13
CA THR J 70 -20.18 44.88 -4.64
C THR J 70 -19.95 46.34 -4.99
N ASN J 71 -21.01 47.05 -5.44
CA ASN J 71 -21.04 48.50 -5.74
C ASN J 71 -19.91 49.01 -6.65
N ALA J 72 -19.69 48.30 -7.76
CA ALA J 72 -18.68 48.63 -8.76
C ALA J 72 -19.13 49.74 -9.70
N LEU J 73 -18.19 50.59 -10.15
CA LEU J 73 -18.50 51.59 -11.17
C LEU J 73 -17.87 51.06 -12.43
N ILE J 74 -18.69 50.47 -13.31
CA ILE J 74 -18.26 49.91 -14.58
C ILE J 74 -17.99 51.03 -15.57
N ILE J 75 -16.83 50.98 -16.22
CA ILE J 75 -16.43 51.86 -17.32
C ILE J 75 -16.11 50.90 -18.46
N ASP J 76 -16.98 50.90 -19.48
CA ASP J 76 -16.90 50.00 -20.64
C ASP J 76 -17.62 50.63 -21.83
N TYR J 77 -17.37 50.13 -23.06
CA TYR J 77 -18.05 50.66 -24.25
C TYR J 77 -19.58 50.51 -24.08
N THR J 78 -20.02 49.50 -23.31
CA THR J 78 -21.41 49.19 -23.02
C THR J 78 -22.08 50.24 -22.14
N GLY J 79 -21.28 51.06 -21.44
CA GLY J 79 -21.77 52.11 -20.56
C GLY J 79 -20.93 52.37 -19.33
N ILE J 80 -21.15 53.53 -18.70
CA ILE J 80 -20.53 53.98 -17.44
C ILE J 80 -21.66 54.03 -16.40
N TYR J 81 -21.82 52.93 -15.66
CA TYR J 81 -22.90 52.76 -14.70
C TYR J 81 -22.44 52.09 -13.40
N LYS J 82 -23.30 52.09 -12.38
CA LYS J 82 -23.06 51.51 -11.06
C LYS J 82 -23.86 50.22 -10.92
N ALA J 83 -23.17 49.12 -10.59
CA ALA J 83 -23.79 47.79 -10.44
C ALA J 83 -22.94 46.82 -9.64
N ASP J 84 -23.54 45.73 -9.15
CA ASP J 84 -22.85 44.64 -8.49
C ASP J 84 -22.48 43.68 -9.66
N ILE J 85 -21.29 43.11 -9.64
CA ILE J 85 -20.84 42.18 -10.68
C ILE J 85 -20.75 40.79 -10.03
N GLY J 86 -21.35 39.81 -10.69
CA GLY J 86 -21.35 38.43 -10.23
C GLY J 86 -20.56 37.50 -11.12
N ILE J 87 -19.55 36.85 -10.52
CA ILE J 87 -18.70 35.87 -11.22
C ILE J 87 -19.11 34.47 -10.78
N LYS J 88 -19.16 33.53 -11.74
CA LYS J 88 -19.44 32.10 -11.55
C LYS J 88 -18.80 31.31 -12.67
N ASN J 89 -18.04 30.28 -12.30
CA ASN J 89 -17.30 29.39 -13.23
C ASN J 89 -16.33 30.15 -14.11
N GLY J 90 -15.71 31.16 -13.52
CA GLY J 90 -14.72 32.01 -14.18
C GLY J 90 -15.27 32.86 -15.31
N LYS J 91 -16.57 33.16 -15.25
CA LYS J 91 -17.26 33.97 -16.25
C LYS J 91 -18.13 35.01 -15.55
N ILE J 92 -18.45 36.13 -16.24
CA ILE J 92 -19.33 37.17 -15.73
C ILE J 92 -20.76 36.59 -15.80
N HIS J 93 -21.24 36.06 -14.67
CA HIS J 93 -22.54 35.41 -14.57
C HIS J 93 -23.70 36.39 -14.68
N GLY J 94 -23.55 37.56 -14.06
CA GLY J 94 -24.56 38.60 -14.08
C GLY J 94 -24.03 39.95 -13.63
N ILE J 95 -24.72 41.01 -14.09
CA ILE J 95 -24.42 42.41 -13.75
C ILE J 95 -25.78 43.02 -13.36
N GLY J 96 -25.85 43.61 -12.17
CA GLY J 96 -27.07 44.20 -11.68
C GLY J 96 -27.10 44.38 -10.17
N LYS J 97 -28.07 43.74 -9.50
CA LYS J 97 -28.22 43.81 -8.06
C LYS J 97 -28.09 42.41 -7.46
N ALA J 98 -27.02 42.16 -6.70
CA ALA J 98 -26.79 40.84 -6.08
C ALA J 98 -27.34 40.84 -4.67
N GLY J 99 -27.55 39.64 -4.13
CA GLY J 99 -28.03 39.46 -2.78
C GLY J 99 -28.92 38.27 -2.54
N ASN J 100 -29.86 38.43 -1.59
CA ASN J 100 -30.78 37.39 -1.12
C ASN J 100 -32.25 37.80 -1.30
N LYS J 101 -32.92 37.21 -2.31
CA LYS J 101 -34.35 37.46 -2.60
C LYS J 101 -35.27 37.09 -1.43
N ASP J 102 -34.75 36.30 -0.46
CA ASP J 102 -35.48 35.87 0.72
C ASP J 102 -35.68 37.06 1.66
N MET J 103 -34.70 38.00 1.70
CA MET J 103 -34.67 39.14 2.64
C MET J 103 -34.53 40.50 1.97
N GLN J 104 -34.31 40.53 0.64
CA GLN J 104 -34.08 41.79 -0.06
C GLN J 104 -34.96 42.01 -1.29
N ASP J 105 -35.20 43.27 -1.59
CA ASP J 105 -35.99 43.67 -2.75
C ASP J 105 -35.10 43.97 -3.93
N GLY J 106 -35.64 43.72 -5.12
CA GLY J 106 -34.99 44.02 -6.38
C GLY J 106 -33.71 43.31 -6.73
N VAL J 107 -33.53 42.06 -6.24
CA VAL J 107 -32.36 41.23 -6.53
C VAL J 107 -32.51 40.66 -7.95
N THR J 108 -31.43 40.78 -8.78
CA THR J 108 -31.33 40.21 -10.13
C THR J 108 -31.38 38.69 -9.95
N PRO J 109 -32.37 38.00 -10.57
CA PRO J 109 -32.55 36.55 -10.30
C PRO J 109 -31.37 35.59 -10.32
N HIS J 110 -30.43 35.80 -11.24
CA HIS J 110 -29.26 34.94 -11.40
C HIS J 110 -28.04 35.54 -10.71
N MET J 111 -28.25 36.37 -9.67
CA MET J 111 -27.18 37.00 -8.90
C MET J 111 -27.31 36.73 -7.40
N VAL J 112 -27.32 35.42 -7.08
CA VAL J 112 -27.49 34.91 -5.73
C VAL J 112 -26.17 34.92 -4.96
N VAL J 113 -26.14 35.65 -3.83
CA VAL J 113 -25.00 35.67 -2.92
C VAL J 113 -25.33 34.58 -1.89
N GLY J 114 -24.49 33.55 -1.83
CA GLY J 114 -24.74 32.43 -0.94
C GLY J 114 -23.52 31.97 -0.17
N VAL J 115 -23.61 30.77 0.42
CA VAL J 115 -22.54 30.19 1.24
C VAL J 115 -21.24 30.08 0.44
N GLY J 116 -21.34 29.69 -0.82
CA GLY J 116 -20.17 29.56 -1.68
C GLY J 116 -19.65 30.82 -2.32
N THR J 117 -20.18 32.01 -1.93
CA THR J 117 -19.78 33.29 -2.52
C THR J 117 -18.67 34.00 -1.75
N GLU J 118 -17.65 34.48 -2.49
CA GLU J 118 -16.56 35.27 -1.94
C GLU J 118 -16.93 36.74 -2.18
N ALA J 119 -16.50 37.63 -1.28
CA ALA J 119 -16.80 39.06 -1.40
C ALA J 119 -15.56 39.91 -1.76
N LEU J 120 -15.76 40.81 -2.72
CA LEU J 120 -14.77 41.80 -3.13
C LEU J 120 -15.50 43.14 -3.14
N ALA J 121 -15.04 44.08 -2.30
CA ALA J 121 -15.66 45.39 -2.18
C ALA J 121 -15.21 46.30 -3.30
N GLY J 122 -16.13 46.60 -4.20
CA GLY J 122 -15.89 47.48 -5.33
C GLY J 122 -16.42 48.89 -5.11
N GLU J 123 -17.02 49.15 -3.91
CA GLU J 123 -17.57 50.47 -3.57
C GLU J 123 -16.50 51.54 -3.66
N GLY J 124 -16.69 52.47 -4.59
CA GLY J 124 -15.74 53.56 -4.81
C GLY J 124 -14.60 53.26 -5.75
N MET J 125 -14.63 52.06 -6.38
CA MET J 125 -13.64 51.60 -7.36
C MET J 125 -14.20 51.61 -8.77
N ILE J 126 -13.32 51.68 -9.77
CA ILE J 126 -13.70 51.60 -11.17
C ILE J 126 -13.33 50.17 -11.63
N ILE J 127 -14.28 49.46 -12.26
CA ILE J 127 -14.04 48.11 -12.80
C ILE J 127 -14.11 48.23 -14.33
N THR J 128 -13.05 47.75 -15.01
CA THR J 128 -12.96 47.76 -16.49
C THR J 128 -12.54 46.36 -16.92
N ALA J 129 -12.71 46.06 -18.20
CA ALA J 129 -12.27 44.80 -18.79
C ALA J 129 -10.72 44.84 -18.84
N GLY J 130 -10.11 43.66 -18.86
CA GLY J 130 -8.66 43.59 -18.99
C GLY J 130 -8.26 44.00 -20.40
N GLY J 131 -7.20 44.78 -20.51
CA GLY J 131 -6.70 45.24 -21.79
C GLY J 131 -6.11 44.15 -22.65
N ILE J 132 -6.21 44.32 -23.99
CA ILE J 132 -5.68 43.42 -25.01
C ILE J 132 -4.61 44.16 -25.83
N ASP J 133 -3.36 43.71 -25.73
CA ASP J 133 -2.26 44.30 -26.45
C ASP J 133 -1.98 43.41 -27.65
N SER J 134 -2.46 43.84 -28.82
CA SER J 134 -2.38 43.14 -30.11
C SER J 134 -1.05 43.32 -30.89
N HIS J 135 -0.03 44.00 -30.29
CA HIS J 135 1.28 44.21 -30.96
C HIS J 135 2.43 43.80 -30.01
N THR J 136 2.41 42.54 -29.55
CA THR J 136 3.43 42.07 -28.64
C THR J 136 4.58 41.35 -29.34
N HIS J 137 5.82 41.81 -29.11
CA HIS J 137 6.99 41.12 -29.62
C HIS J 137 7.38 40.15 -28.48
N PHE J 138 7.22 38.83 -28.67
CA PHE J 138 7.59 37.87 -27.63
C PHE J 138 9.13 37.75 -27.61
N LEU J 139 9.72 38.78 -26.98
CA LEU J 139 11.14 39.04 -26.86
C LEU J 139 11.67 38.62 -25.50
N SER J 140 10.92 38.94 -24.43
CA SER J 140 11.33 38.67 -23.07
C SER J 140 10.13 38.23 -22.22
N PRO J 141 10.24 37.14 -21.42
CA PRO J 141 9.08 36.75 -20.57
C PRO J 141 8.81 37.77 -19.44
N GLN J 142 9.74 38.73 -19.26
CA GLN J 142 9.66 39.78 -18.24
C GLN J 142 8.67 40.87 -18.65
N GLN J 143 8.16 40.81 -19.89
CA GLN J 143 7.18 41.77 -20.39
C GLN J 143 5.84 41.51 -19.72
N PHE J 144 5.54 40.22 -19.44
CA PHE J 144 4.30 39.78 -18.81
C PHE J 144 3.97 40.45 -17.45
N PRO J 145 4.84 40.43 -16.41
CA PRO J 145 4.51 41.14 -15.16
C PRO J 145 4.28 42.64 -15.39
N THR J 146 5.11 43.29 -16.23
CA THR J 146 5.03 44.70 -16.62
C THR J 146 3.66 45.00 -17.23
N ALA J 147 3.19 44.11 -18.12
CA ALA J 147 1.91 44.22 -18.80
C ALA J 147 0.76 44.10 -17.82
N LEU J 148 0.74 43.04 -16.96
CA LEU J 148 -0.29 42.82 -15.94
C LEU J 148 -0.38 44.00 -14.98
N ALA J 149 0.79 44.55 -14.55
CA ALA J 149 0.91 45.69 -13.67
C ALA J 149 0.34 46.97 -14.30
N ASN J 150 -0.03 46.91 -15.59
CA ASN J 150 -0.61 48.03 -16.31
C ASN J 150 -2.01 47.73 -16.88
N GLY J 151 -2.65 46.69 -16.33
CA GLY J 151 -4.00 46.29 -16.69
C GLY J 151 -4.21 45.52 -17.97
N VAL J 152 -3.15 44.93 -18.52
CA VAL J 152 -3.20 44.14 -19.77
C VAL J 152 -3.22 42.65 -19.40
N THR J 153 -4.25 41.93 -19.87
CA THR J 153 -4.46 40.51 -19.58
C THR J 153 -4.29 39.58 -20.78
N THR J 154 -4.34 40.11 -22.02
CA THR J 154 -4.20 39.34 -23.27
C THR J 154 -3.15 39.98 -24.17
N MET J 155 -2.32 39.14 -24.82
CA MET J 155 -1.26 39.59 -25.70
C MET J 155 -1.18 38.81 -27.01
N PHE J 156 -1.34 39.53 -28.12
CA PHE J 156 -1.20 38.93 -29.46
C PHE J 156 0.03 39.51 -30.12
N GLY J 157 0.68 38.68 -30.92
CA GLY J 157 1.90 39.00 -31.63
C GLY J 157 2.73 37.76 -31.91
N GLY J 158 4.04 37.93 -32.06
CA GLY J 158 4.93 36.82 -32.36
C GLY J 158 6.29 37.06 -31.77
N GLY J 159 7.19 36.10 -31.99
CA GLY J 159 8.53 36.13 -31.46
C GLY J 159 9.04 34.77 -31.05
N THR J 160 10.34 34.71 -30.75
CA THR J 160 11.08 33.49 -30.41
C THR J 160 12.06 33.76 -29.24
N GLY J 161 12.09 35.01 -28.81
CA GLY J 161 12.97 35.48 -27.76
C GLY J 161 13.85 36.58 -28.29
N PRO J 162 15.02 36.81 -27.68
CA PRO J 162 15.86 37.94 -28.11
C PRO J 162 16.73 37.75 -29.37
N VAL J 163 16.11 37.32 -30.47
CA VAL J 163 16.85 37.18 -31.72
C VAL J 163 16.43 38.29 -32.69
N ASP J 164 17.32 38.63 -33.64
CA ASP J 164 17.12 39.72 -34.61
C ASP J 164 15.77 39.79 -35.30
N GLY J 165 15.19 38.64 -35.64
CA GLY J 165 13.88 38.56 -36.27
C GLY J 165 12.78 39.07 -35.37
N THR J 166 12.79 38.65 -34.09
CA THR J 166 11.80 39.02 -33.06
C THR J 166 11.98 40.46 -32.62
N ASN J 167 13.25 40.92 -32.58
CA ASN J 167 13.56 42.28 -32.17
C ASN J 167 12.88 43.25 -33.11
N ALA J 168 12.75 42.87 -34.39
CA ALA J 168 12.17 43.67 -35.45
C ALA J 168 10.69 43.40 -35.77
N THR J 169 10.30 42.11 -35.80
CA THR J 169 8.99 41.62 -36.24
C THR J 169 8.25 40.76 -35.17
N THR J 170 6.90 40.78 -35.17
CA THR J 170 6.04 39.98 -34.26
C THR J 170 5.73 38.63 -34.96
N ILE J 171 6.77 37.79 -35.12
CA ILE J 171 6.62 36.54 -35.87
C ILE J 171 7.25 35.35 -35.15
N THR J 172 6.48 34.24 -35.03
CA THR J 172 6.94 32.95 -34.54
C THR J 172 6.89 32.13 -35.83
N PRO J 173 8.02 32.03 -36.59
CA PRO J 173 7.96 31.37 -37.90
C PRO J 173 8.07 29.84 -37.94
N GLY J 174 7.23 29.24 -38.77
CA GLY J 174 7.25 27.79 -38.98
C GLY J 174 6.65 26.96 -37.88
N VAL J 175 6.41 25.69 -38.20
CA VAL J 175 5.79 24.71 -37.31
C VAL J 175 6.52 24.50 -35.98
N TRP J 176 7.82 24.15 -36.03
CA TRP J 176 8.64 23.88 -34.86
C TRP J 176 8.68 25.02 -33.84
N ASN J 177 8.90 26.25 -34.32
CA ASN J 177 8.95 27.42 -33.44
C ASN J 177 7.60 27.73 -32.84
N LEU J 178 6.51 27.54 -33.61
CA LEU J 178 5.17 27.77 -33.11
C LEU J 178 4.83 26.79 -31.99
N HIS J 179 5.15 25.50 -32.18
CA HIS J 179 4.96 24.43 -31.19
C HIS J 179 5.72 24.74 -29.91
N ARG J 180 7.01 25.11 -30.04
CA ARG J 180 7.88 25.48 -28.93
C ARG J 180 7.32 26.64 -28.10
N MET J 181 6.87 27.70 -28.75
CA MET J 181 6.33 28.89 -28.08
C MET J 181 4.98 28.64 -27.39
N LEU J 182 4.09 27.87 -28.04
CA LEU J 182 2.79 27.52 -27.46
C LEU J 182 2.98 26.68 -26.17
N ARG J 183 4.06 25.86 -26.13
CA ARG J 183 4.45 25.05 -24.98
C ARG J 183 5.11 25.94 -23.91
N ALA J 184 5.89 26.97 -24.34
CA ALA J 184 6.54 27.90 -23.43
C ALA J 184 5.47 28.73 -22.70
N ALA J 185 4.37 29.07 -23.42
CA ALA J 185 3.24 29.87 -22.96
C ALA J 185 2.61 29.33 -21.71
N GLU J 186 2.69 27.99 -21.47
CA GLU J 186 2.13 27.31 -20.28
C GLU J 186 2.55 27.96 -18.96
N GLU J 187 3.76 28.50 -18.91
CA GLU J 187 4.38 29.14 -17.76
C GLU J 187 3.61 30.33 -17.21
N TYR J 188 3.06 31.15 -18.09
CA TYR J 188 2.50 32.44 -17.79
C TYR J 188 1.05 32.54 -17.36
N GLY J 189 0.72 33.73 -16.84
CA GLY J 189 -0.63 34.09 -16.43
C GLY J 189 -1.38 34.78 -17.56
N MET J 190 -0.63 35.39 -18.49
CA MET J 190 -1.10 36.15 -19.67
C MET J 190 -1.76 35.29 -20.72
N ASN J 191 -2.86 35.78 -21.31
CA ASN J 191 -3.51 35.08 -22.43
C ASN J 191 -2.66 35.36 -23.66
N VAL J 192 -2.37 34.34 -24.48
CA VAL J 192 -1.53 34.54 -25.67
C VAL J 192 -2.16 34.03 -26.97
N GLY J 193 -1.65 34.55 -28.08
CA GLY J 193 -2.02 34.20 -29.44
C GLY J 193 -0.81 34.51 -30.30
N LEU J 194 -0.33 33.55 -31.11
CA LEU J 194 0.87 33.74 -31.92
C LEU J 194 0.64 33.92 -33.39
N LEU J 195 1.48 34.78 -34.00
CA LEU J 195 1.48 35.10 -35.42
C LEU J 195 2.66 34.43 -36.11
N GLY J 196 2.39 33.85 -37.28
CA GLY J 196 3.43 33.25 -38.10
C GLY J 196 3.90 34.22 -39.16
N LYS J 197 4.89 33.81 -39.97
CA LYS J 197 5.39 34.66 -41.04
C LYS J 197 4.45 34.62 -42.21
N GLY J 198 3.90 35.79 -42.53
CA GLY J 198 2.99 35.98 -43.64
C GLY J 198 3.73 36.28 -44.92
N ASN J 199 5.00 36.72 -44.82
CA ASN J 199 5.83 37.10 -45.99
C ASN J 199 6.25 35.89 -46.82
N SER J 200 5.29 35.38 -47.62
CA SER J 200 5.47 34.23 -48.50
C SER J 200 4.67 34.42 -49.79
N SER J 201 5.24 33.96 -50.89
CA SER J 201 4.55 33.97 -52.16
C SER J 201 4.22 32.52 -52.54
N SER J 202 4.13 31.61 -51.52
CA SER J 202 3.83 30.18 -51.62
C SER J 202 2.84 29.75 -50.56
N ARG J 203 1.74 29.07 -50.96
CA ARG J 203 0.63 28.62 -50.10
C ARG J 203 1.03 27.67 -48.96
N ALA J 204 1.68 26.54 -49.32
CA ALA J 204 2.09 25.46 -48.43
C ALA J 204 2.68 25.95 -47.10
N GLN J 205 3.69 26.83 -47.18
CA GLN J 205 4.40 27.39 -46.02
C GLN J 205 3.52 28.21 -45.10
N LEU J 206 2.45 28.81 -45.65
CA LEU J 206 1.51 29.63 -44.88
C LEU J 206 0.52 28.72 -44.16
N VAL J 207 -0.01 27.71 -44.89
CA VAL J 207 -0.97 26.73 -44.38
C VAL J 207 -0.40 25.94 -43.19
N GLU J 208 0.85 25.44 -43.31
CA GLU J 208 1.62 24.71 -42.28
C GLU J 208 1.53 25.43 -40.93
N GLN J 209 1.68 26.78 -40.96
CA GLN J 209 1.71 27.67 -39.80
C GLN J 209 0.37 27.76 -39.11
N VAL J 210 -0.73 27.91 -39.88
CA VAL J 210 -2.10 27.96 -39.33
C VAL J 210 -2.40 26.65 -38.65
N LYS J 211 -2.02 25.52 -39.30
CA LYS J 211 -2.23 24.17 -38.80
C LYS J 211 -1.40 23.90 -37.55
N ALA J 212 -0.28 24.66 -37.37
CA ALA J 212 0.63 24.56 -36.22
C ALA J 212 0.13 25.37 -35.01
N GLY J 213 -0.97 26.10 -35.20
CA GLY J 213 -1.59 26.85 -34.11
C GLY J 213 -1.64 28.36 -34.21
N ALA J 214 -1.05 28.96 -35.24
CA ALA J 214 -1.02 30.42 -35.41
C ALA J 214 -2.43 31.03 -35.46
N ILE J 215 -2.63 32.18 -34.77
CA ILE J 215 -3.91 32.91 -34.77
C ILE J 215 -3.99 33.87 -35.96
N GLY J 216 -2.91 33.94 -36.72
CA GLY J 216 -2.81 34.79 -37.90
C GLY J 216 -1.42 34.88 -38.47
N PHE J 217 -1.18 35.94 -39.26
CA PHE J 217 0.11 36.16 -39.88
C PHE J 217 0.53 37.59 -39.75
N KCX J 218 1.83 37.80 -39.59
CA KCX J 218 2.38 39.15 -39.59
CB KCX J 218 3.25 39.41 -38.34
CG KCX J 218 4.14 40.63 -38.47
CD KCX J 218 3.34 41.93 -38.51
CE KCX J 218 4.23 43.15 -38.39
NZ KCX J 218 4.92 43.18 -37.10
C KCX J 218 3.17 39.35 -40.88
O KCX J 218 4.02 38.53 -41.23
CX KCX J 218 5.57 44.23 -36.62
OQ1 KCX J 218 5.61 45.29 -37.31
OQ2 KCX J 218 6.11 44.13 -35.49
N LEU J 219 2.82 40.41 -41.64
CA LEU J 219 3.54 40.79 -42.85
C LEU J 219 4.43 41.93 -42.42
N HIS J 220 5.76 41.68 -42.42
CA HIS J 220 6.76 42.66 -42.04
C HIS J 220 7.68 42.91 -43.19
N GLU J 221 7.96 44.20 -43.45
CA GLU J 221 8.84 44.63 -44.54
C GLU J 221 10.25 44.02 -44.49
N ASP J 222 10.72 43.61 -43.28
CA ASP J 222 12.03 43.00 -43.06
C ASP J 222 12.17 41.65 -43.73
N TRP J 223 11.01 41.00 -44.03
CA TRP J 223 10.93 39.73 -44.77
C TRP J 223 10.33 39.97 -46.19
N GLY J 224 10.18 41.25 -46.56
CA GLY J 224 9.65 41.71 -47.83
C GLY J 224 8.14 41.72 -47.93
N THR J 225 7.48 42.87 -47.62
CA THR J 225 6.01 43.06 -47.73
C THR J 225 5.78 43.59 -49.15
N THR J 226 5.87 42.69 -50.14
CA THR J 226 5.68 42.99 -51.55
C THR J 226 4.20 42.73 -51.92
N PRO J 227 3.67 43.28 -53.05
CA PRO J 227 2.29 42.98 -53.42
C PRO J 227 1.99 41.48 -53.59
N SER J 228 2.99 40.67 -54.04
CA SER J 228 2.82 39.21 -54.16
C SER J 228 2.57 38.57 -52.78
N ALA J 229 3.37 38.95 -51.75
CA ALA J 229 3.24 38.43 -50.40
C ALA J 229 1.93 38.87 -49.73
N ILE J 230 1.47 40.14 -49.97
CA ILE J 230 0.21 40.67 -49.42
C ILE J 230 -0.95 39.81 -49.91
N ASP J 231 -0.97 39.54 -51.23
CA ASP J 231 -2.03 38.75 -51.84
C ASP J 231 -2.03 37.30 -51.34
N HIS J 232 -0.87 36.62 -51.39
CA HIS J 232 -0.76 35.22 -50.96
C HIS J 232 -1.16 35.02 -49.50
N CYS J 233 -0.69 35.91 -48.62
CA CYS J 233 -0.99 35.85 -47.19
C CYS J 233 -2.47 36.01 -46.92
N LEU J 234 -3.09 37.06 -47.48
CA LEU J 234 -4.53 37.30 -47.28
C LEU J 234 -5.38 36.17 -47.84
N SER J 235 -4.97 35.56 -48.97
CA SER J 235 -5.69 34.44 -49.59
C SER J 235 -5.84 33.27 -48.62
N VAL J 236 -4.74 32.89 -47.92
CA VAL J 236 -4.69 31.81 -46.91
C VAL J 236 -5.50 32.23 -45.66
N ALA J 237 -5.37 33.50 -45.20
CA ALA J 237 -6.10 34.03 -44.03
C ALA J 237 -7.59 33.92 -44.24
N ASP J 238 -8.04 34.21 -45.47
CA ASP J 238 -9.42 34.16 -45.87
C ASP J 238 -9.95 32.74 -45.81
N GLU J 239 -9.14 31.75 -46.24
CA GLU J 239 -9.48 30.33 -46.22
C GLU J 239 -9.59 29.81 -44.79
N TYR J 240 -8.67 30.23 -43.90
CA TYR J 240 -8.56 29.71 -42.53
C TYR J 240 -9.10 30.57 -41.39
N ASP J 241 -9.82 31.66 -41.71
CA ASP J 241 -10.39 32.58 -40.73
C ASP J 241 -9.39 33.05 -39.65
N VAL J 242 -8.29 33.65 -40.11
CA VAL J 242 -7.25 34.17 -39.22
C VAL J 242 -6.94 35.61 -39.58
N GLN J 243 -6.35 36.36 -38.66
CA GLN J 243 -6.07 37.78 -38.91
C GLN J 243 -4.69 38.02 -39.53
N VAL J 244 -4.57 39.12 -40.28
CA VAL J 244 -3.30 39.52 -40.88
C VAL J 244 -2.95 40.89 -40.33
N CYS J 245 -1.71 41.05 -39.85
CA CYS J 245 -1.19 42.31 -39.33
C CYS J 245 -0.13 42.78 -40.30
N ILE J 246 0.04 44.11 -40.47
CA ILE J 246 0.94 44.65 -41.47
C ILE J 246 1.80 45.87 -41.12
N HIS J 247 3.09 45.73 -41.47
CA HIS J 247 4.13 46.75 -41.44
C HIS J 247 4.58 46.80 -42.94
N THR J 248 4.04 47.78 -43.67
CA THR J 248 4.22 48.02 -45.11
C THR J 248 5.65 48.40 -45.54
N ASP J 249 5.92 48.30 -46.84
CA ASP J 249 7.21 48.59 -47.53
C ASP J 249 7.56 50.09 -47.41
N THR J 250 8.34 50.46 -46.36
CA THR J 250 8.72 51.86 -46.08
C THR J 250 9.41 52.56 -47.25
N VAL J 251 10.46 51.91 -47.77
CA VAL J 251 11.31 52.41 -48.84
C VAL J 251 10.67 52.41 -50.25
N ASN J 252 9.36 52.10 -50.34
CA ASN J 252 8.56 52.08 -51.58
C ASN J 252 9.23 51.29 -52.75
N GLU J 253 9.96 50.21 -52.41
CA GLU J 253 10.71 49.38 -53.37
C GLU J 253 9.85 48.77 -54.48
N ALA J 254 8.81 48.00 -54.09
CA ALA J 254 7.90 47.30 -55.00
C ALA J 254 6.66 48.09 -55.36
N GLY J 255 6.47 49.24 -54.72
CA GLY J 255 5.33 50.12 -54.98
C GLY J 255 5.08 51.16 -53.91
N TYR J 256 4.11 52.07 -54.16
CA TYR J 256 3.72 53.12 -53.21
C TYR J 256 2.53 52.62 -52.37
N VAL J 257 2.06 53.42 -51.37
CA VAL J 257 0.96 53.01 -50.49
C VAL J 257 -0.29 52.45 -51.23
N ASP J 258 -0.70 53.13 -52.32
CA ASP J 258 -1.84 52.77 -53.16
C ASP J 258 -1.67 51.39 -53.78
N ASP J 259 -0.42 50.99 -54.09
CA ASP J 259 -0.07 49.69 -54.67
C ASP J 259 -0.26 48.56 -53.65
N THR J 260 0.04 48.86 -52.39
CA THR J 260 -0.14 47.98 -51.24
C THR J 260 -1.63 47.82 -50.97
N LEU J 261 -2.38 48.94 -50.92
CA LEU J 261 -3.83 48.95 -50.71
C LEU J 261 -4.54 48.14 -51.78
N ARG J 262 -4.09 48.26 -53.04
CA ARG J 262 -4.60 47.53 -54.19
C ARG J 262 -4.38 46.03 -54.03
N ALA J 263 -3.19 45.63 -53.53
CA ALA J 263 -2.84 44.22 -53.30
C ALA J 263 -3.76 43.59 -52.26
N MET J 264 -4.11 44.35 -51.21
CA MET J 264 -5.00 43.93 -50.14
C MET J 264 -6.37 43.56 -50.67
N ASN J 265 -6.85 44.37 -51.66
CA ASN J 265 -8.13 44.18 -52.36
C ASN J 265 -9.38 44.18 -51.46
N GLY J 266 -9.43 45.14 -50.53
CA GLY J 266 -10.56 45.31 -49.63
C GLY J 266 -10.72 44.23 -48.58
N ARG J 267 -9.68 43.38 -48.42
CA ARG J 267 -9.71 42.30 -47.44
C ARG J 267 -9.30 42.83 -46.07
N ALA J 268 -9.84 42.21 -44.99
CA ALA J 268 -9.56 42.63 -43.62
C ALA J 268 -8.11 42.46 -43.28
N ILE J 269 -7.48 43.53 -42.76
CA ILE J 269 -6.06 43.57 -42.37
C ILE J 269 -5.86 44.57 -41.21
N HIS J 270 -4.95 44.21 -40.27
CA HIS J 270 -4.63 45.02 -39.09
C HIS J 270 -3.36 45.79 -39.40
N ALA J 271 -3.50 47.12 -39.56
CA ALA J 271 -2.38 47.98 -39.88
C ALA J 271 -1.81 48.57 -38.59
N TYR J 272 -0.66 47.99 -38.17
CA TYR J 272 0.14 48.34 -37.00
C TYR J 272 0.74 49.70 -37.26
N HIS J 273 1.00 50.49 -36.19
CA HIS J 273 1.66 51.83 -36.24
C HIS J 273 1.30 52.63 -37.53
N ILE J 274 0.01 52.94 -37.66
CA ILE J 274 -0.62 53.62 -38.79
C ILE J 274 -0.02 54.99 -39.11
N GLU J 275 0.58 55.64 -38.13
CA GLU J 275 1.20 56.94 -38.35
C GLU J 275 2.49 56.79 -39.21
N GLY J 276 3.20 55.68 -39.02
CA GLY J 276 4.37 55.31 -39.81
C GLY J 276 5.77 55.51 -39.28
N ALA J 277 5.93 56.09 -38.06
CA ALA J 277 7.27 56.28 -37.48
C ALA J 277 7.93 54.94 -37.17
N GLY J 278 7.09 53.97 -36.78
CA GLY J 278 7.48 52.61 -36.45
C GLY J 278 7.65 51.72 -37.67
N GLY J 279 7.38 52.28 -38.85
CA GLY J 279 7.48 51.63 -40.15
C GLY J 279 6.28 51.82 -41.06
N GLY J 280 6.55 51.75 -42.36
CA GLY J 280 5.53 51.86 -43.39
C GLY J 280 5.83 52.97 -44.38
N HIS J 281 5.23 52.85 -45.58
CA HIS J 281 5.35 53.76 -46.72
C HIS J 281 5.63 55.23 -46.34
N SER J 282 6.85 55.72 -46.66
CA SER J 282 7.16 57.10 -46.34
C SER J 282 6.84 57.99 -47.53
N PRO J 283 6.07 59.11 -47.34
CA PRO J 283 5.53 59.66 -46.08
C PRO J 283 4.02 59.45 -45.90
N ASP J 284 3.39 58.60 -46.75
CA ASP J 284 1.95 58.44 -46.81
C ASP J 284 1.27 57.20 -46.23
N VAL J 285 1.95 56.42 -45.34
CA VAL J 285 1.27 55.22 -44.80
C VAL J 285 -0.01 55.57 -44.02
N ILE J 286 -0.03 56.73 -43.32
CA ILE J 286 -1.18 57.19 -42.53
C ILE J 286 -2.47 57.29 -43.36
N THR J 287 -2.32 57.49 -44.68
CA THR J 287 -3.44 57.59 -45.62
C THR J 287 -4.33 56.34 -45.65
N MET J 288 -3.78 55.20 -45.20
CA MET J 288 -4.50 53.92 -45.14
C MET J 288 -5.66 53.93 -44.17
N ALA J 289 -5.54 54.71 -43.06
CA ALA J 289 -6.52 54.81 -41.96
C ALA J 289 -7.93 55.22 -42.42
N GLY J 290 -8.04 55.89 -43.55
CA GLY J 290 -9.33 56.33 -44.07
C GLY J 290 -10.19 55.22 -44.64
N GLU J 291 -9.54 54.16 -45.13
CA GLU J 291 -10.14 52.98 -45.77
C GLU J 291 -10.94 52.10 -44.80
N VAL J 292 -12.12 51.63 -45.27
CA VAL J 292 -13.05 50.80 -44.51
C VAL J 292 -12.51 49.43 -44.10
N ASN J 293 -11.75 48.77 -44.98
CA ASN J 293 -11.23 47.43 -44.72
C ASN J 293 -10.05 47.42 -43.77
N ILE J 294 -9.33 48.56 -43.68
CA ILE J 294 -8.14 48.76 -42.84
C ILE J 294 -8.58 48.94 -41.39
N LEU J 295 -8.09 48.05 -40.52
CA LEU J 295 -8.31 48.06 -39.08
C LEU J 295 -7.03 48.66 -38.47
N PRO J 296 -6.98 49.99 -38.17
CA PRO J 296 -5.72 50.59 -37.72
C PRO J 296 -5.52 50.67 -36.22
N SER J 297 -4.25 50.66 -35.81
CA SER J 297 -3.81 50.76 -34.42
C SER J 297 -2.62 51.71 -34.34
N SER J 298 -2.27 52.11 -33.10
CA SER J 298 -1.16 53.01 -32.83
C SER J 298 -0.25 52.35 -31.84
N THR J 299 1.06 52.59 -31.99
CA THR J 299 2.04 52.09 -31.05
C THR J 299 2.40 53.22 -30.11
N THR J 300 2.50 52.88 -28.83
CA THR J 300 2.78 53.80 -27.72
C THR J 300 3.78 54.98 -27.88
N PRO J 301 4.98 54.84 -28.50
CA PRO J 301 5.94 55.97 -28.49
C PRO J 301 5.52 57.30 -29.09
N THR J 302 4.59 57.29 -30.06
CA THR J 302 4.09 58.49 -30.72
C THR J 302 2.83 59.12 -30.07
N ILE J 303 2.16 58.38 -29.19
CA ILE J 303 0.97 58.85 -28.48
C ILE J 303 1.23 59.01 -26.97
N PRO J 304 0.98 60.20 -26.36
CA PRO J 304 0.54 61.44 -26.99
C PRO J 304 1.72 62.17 -27.63
N TYR J 305 1.45 63.17 -28.49
CA TYR J 305 2.50 63.93 -29.14
C TYR J 305 3.04 64.91 -28.13
N THR J 306 4.33 64.75 -27.78
CA THR J 306 5.00 65.62 -26.81
C THR J 306 6.20 66.35 -27.43
N ILE J 307 6.72 67.32 -26.67
CA ILE J 307 7.85 68.14 -27.04
C ILE J 307 9.17 67.34 -27.21
N ASN J 308 9.19 66.09 -26.71
CA ASN J 308 10.35 65.18 -26.83
C ASN J 308 10.12 63.98 -27.78
N THR J 309 8.89 63.81 -28.36
CA THR J 309 8.55 62.70 -29.25
C THR J 309 9.47 62.58 -30.46
N VAL J 310 9.67 63.69 -31.20
CA VAL J 310 10.52 63.69 -32.41
C VAL J 310 11.99 63.43 -32.12
N ALA J 311 12.56 64.12 -31.11
CA ALA J 311 13.95 63.98 -30.69
C ALA J 311 14.31 62.54 -30.30
N GLU J 312 13.43 61.90 -29.50
CA GLU J 312 13.56 60.52 -29.02
C GLU J 312 13.59 59.52 -30.18
N HIS J 313 12.73 59.74 -31.20
CA HIS J 313 12.60 58.90 -32.37
C HIS J 313 13.75 58.91 -33.34
N LEU J 314 14.34 60.09 -33.56
CA LEU J 314 15.45 60.30 -34.49
C LEU J 314 16.74 59.60 -34.02
N ASP J 315 16.64 58.70 -33.02
CA ASP J 315 17.73 57.91 -32.41
C ASP J 315 17.26 56.51 -32.03
N MET J 316 15.99 56.39 -31.54
CA MET J 316 15.30 55.15 -31.14
C MET J 316 15.15 54.24 -32.38
N LEU J 317 15.04 54.87 -33.59
CA LEU J 317 14.97 54.19 -34.89
C LEU J 317 16.36 53.58 -35.22
N MET J 318 17.45 54.29 -34.85
CA MET J 318 18.83 53.84 -35.08
C MET J 318 19.32 52.66 -34.21
N THR J 319 18.74 52.47 -33.00
CA THR J 319 19.08 51.38 -32.05
C THR J 319 18.30 50.11 -32.41
N CYS J 320 17.03 50.26 -32.83
CA CYS J 320 16.13 49.16 -33.20
C CYS J 320 16.50 48.53 -34.54
N HIS J 321 16.70 49.37 -35.58
CA HIS J 321 17.03 48.94 -36.94
C HIS J 321 18.54 48.77 -37.20
N HIS J 322 19.39 49.17 -36.22
CA HIS J 322 20.87 49.12 -36.25
C HIS J 322 21.42 49.85 -37.49
N LEU J 323 21.29 51.19 -37.49
CA LEU J 323 21.71 52.04 -38.61
C LEU J 323 23.05 52.74 -38.36
N ASP J 324 23.76 53.05 -39.45
CA ASP J 324 25.06 53.74 -39.42
C ASP J 324 24.93 55.12 -38.79
N LYS J 325 25.98 55.55 -38.07
CA LYS J 325 26.04 56.86 -37.44
C LYS J 325 26.27 57.97 -38.51
N ARG J 326 26.60 57.57 -39.77
CA ARG J 326 26.79 58.45 -40.92
C ARG J 326 25.43 59.10 -41.31
N ILE J 327 24.33 58.36 -41.05
CA ILE J 327 22.93 58.79 -41.28
C ILE J 327 22.58 59.77 -40.14
N ARG J 328 22.32 61.06 -40.51
CA ARG J 328 22.03 62.19 -39.60
C ARG J 328 20.98 61.87 -38.52
N PHE J 333 17.23 66.35 -41.39
CA PHE J 333 16.92 64.97 -41.75
C PHE J 333 15.52 64.84 -42.41
N SER J 334 15.24 63.66 -43.02
CA SER J 334 13.96 63.34 -43.66
C SER J 334 12.88 63.17 -42.59
N GLN J 335 13.15 62.34 -41.56
CA GLN J 335 12.23 62.07 -40.42
C GLN J 335 11.91 63.33 -39.59
N SER J 336 12.81 64.33 -39.60
CA SER J 336 12.66 65.61 -38.91
C SER J 336 11.57 66.53 -39.55
N ARG J 337 11.27 66.32 -40.86
CA ARG J 337 10.26 67.06 -41.64
C ARG J 337 8.95 66.24 -41.79
N ILE J 338 9.08 64.92 -42.09
CA ILE J 338 7.98 63.94 -42.25
C ILE J 338 7.24 63.68 -40.92
N ARG J 339 8.00 63.31 -39.88
CA ARG J 339 7.47 62.94 -38.59
C ARG J 339 6.57 63.94 -37.83
N PRO J 340 6.88 65.24 -37.67
CA PRO J 340 5.95 66.12 -36.92
C PRO J 340 4.51 66.12 -37.45
N GLY J 341 4.36 66.18 -38.77
CA GLY J 341 3.07 66.19 -39.46
C GLY J 341 2.18 65.00 -39.17
N SER J 342 2.73 63.79 -39.25
CA SER J 342 1.98 62.57 -38.98
C SER J 342 1.74 62.32 -37.50
N ILE J 343 2.75 62.56 -36.63
CA ILE J 343 2.63 62.38 -35.17
C ILE J 343 1.54 63.28 -34.60
N ALA J 344 1.50 64.56 -35.06
CA ALA J 344 0.48 65.53 -34.64
C ALA J 344 -0.91 65.05 -35.07
N ALA J 345 -1.06 64.67 -36.36
CA ALA J 345 -2.30 64.20 -36.93
C ALA J 345 -2.85 62.97 -36.18
N GLU J 346 -1.97 62.02 -35.85
CA GLU J 346 -2.26 60.77 -35.15
C GLU J 346 -3.14 60.99 -33.92
N ASP J 347 -2.80 61.97 -33.07
CA ASP J 347 -3.55 62.29 -31.85
C ASP J 347 -4.97 62.72 -32.18
N THR J 348 -5.13 63.63 -33.15
CA THR J 348 -6.42 64.15 -33.60
C THR J 348 -7.25 63.00 -34.18
N LEU J 349 -6.63 62.16 -35.04
CA LEU J 349 -7.28 61.00 -35.66
C LEU J 349 -7.83 60.00 -34.62
N HIS J 350 -7.17 59.89 -33.47
CA HIS J 350 -7.61 59.06 -32.37
C HIS J 350 -8.88 59.64 -31.79
N ASP J 351 -8.89 60.99 -31.56
CA ASP J 351 -10.02 61.73 -31.00
C ASP J 351 -11.22 61.70 -31.91
N MET J 352 -10.99 61.65 -33.22
CA MET J 352 -11.99 61.59 -34.28
C MET J 352 -12.56 60.17 -34.48
N GLY J 353 -11.94 59.17 -33.87
CA GLY J 353 -12.34 57.78 -34.02
C GLY J 353 -11.90 57.16 -35.32
N VAL J 354 -10.85 57.73 -35.94
CA VAL J 354 -10.27 57.25 -37.21
C VAL J 354 -9.32 56.07 -36.91
N ILE J 355 -8.45 56.22 -35.88
CA ILE J 355 -7.57 55.13 -35.44
C ILE J 355 -8.33 54.41 -34.32
N ALA J 356 -8.62 53.12 -34.53
CA ALA J 356 -9.45 52.31 -33.64
C ALA J 356 -8.77 51.58 -32.47
N MET J 357 -7.46 51.35 -32.54
CA MET J 357 -6.80 50.59 -31.48
C MET J 357 -5.51 51.20 -30.99
N THR J 358 -5.06 50.76 -29.80
CA THR J 358 -3.78 51.09 -29.18
C THR J 358 -3.07 49.80 -28.79
N SER J 359 -1.76 49.77 -29.07
CA SER J 359 -0.87 48.64 -28.88
C SER J 359 0.46 49.15 -28.38
N SER J 360 1.38 48.21 -28.05
CA SER J 360 2.65 48.62 -27.50
C SER J 360 3.82 48.66 -28.43
N ASP J 361 4.03 47.62 -29.26
CA ASP J 361 5.25 47.44 -30.08
C ASP J 361 6.42 47.09 -29.13
N SER J 362 6.09 46.50 -27.96
CA SER J 362 6.98 46.13 -26.84
C SER J 362 8.44 45.78 -27.19
N GLN J 363 9.41 46.54 -26.61
CA GLN J 363 10.87 46.41 -26.80
C GLN J 363 11.32 46.39 -28.28
N ALA J 364 10.44 46.86 -29.18
CA ALA J 364 10.70 46.94 -30.62
C ALA J 364 10.08 48.26 -31.16
N MET J 365 10.51 49.40 -30.56
CA MET J 365 10.05 50.79 -30.79
C MET J 365 8.71 51.04 -30.09
N GLY J 366 8.65 50.69 -28.79
CA GLY J 366 7.46 50.84 -27.95
C GLY J 366 7.53 50.18 -26.58
N ARG J 367 6.73 50.71 -25.64
CA ARG J 367 6.69 50.26 -24.24
C ARG J 367 5.54 49.31 -23.84
N ALA J 368 5.90 48.13 -23.28
CA ALA J 368 5.01 47.04 -22.79
C ALA J 368 3.93 47.47 -21.74
N GLY J 369 4.37 48.19 -20.70
CA GLY J 369 3.46 48.68 -19.67
C GLY J 369 3.10 50.14 -19.85
N GLU J 370 2.72 50.55 -21.08
CA GLU J 370 2.37 51.93 -21.40
C GLU J 370 1.11 52.09 -22.26
N VAL J 371 0.53 50.97 -22.77
CA VAL J 371 -0.69 51.03 -23.60
C VAL J 371 -1.81 51.82 -22.93
N ILE J 372 -2.18 51.40 -21.72
CA ILE J 372 -3.25 52.04 -20.95
C ILE J 372 -2.94 53.49 -20.55
N PRO J 373 -1.80 53.81 -19.86
CA PRO J 373 -1.51 55.22 -19.52
C PRO J 373 -1.51 56.16 -20.72
N ARG J 374 -0.78 55.78 -21.78
CA ARG J 374 -0.66 56.58 -22.99
C ARG J 374 -1.96 56.82 -23.73
N THR J 375 -2.92 55.87 -23.66
CA THR J 375 -4.25 56.04 -24.27
C THR J 375 -4.97 57.19 -23.56
N TRP J 376 -4.99 57.15 -22.21
CA TRP J 376 -5.61 58.18 -21.38
C TRP J 376 -4.88 59.52 -21.40
N GLN J 377 -3.55 59.50 -21.59
CA GLN J 377 -2.77 60.72 -21.70
C GLN J 377 -3.19 61.48 -22.98
N THR J 378 -3.43 60.72 -24.09
CA THR J 378 -3.88 61.23 -25.40
C THR J 378 -5.32 61.77 -25.28
N ALA J 379 -6.21 61.01 -24.59
CA ALA J 379 -7.61 61.38 -24.37
C ALA J 379 -7.64 62.72 -23.64
N ASP J 380 -6.84 62.84 -22.57
CA ASP J 380 -6.70 64.03 -21.74
C ASP J 380 -6.15 65.21 -22.53
N LYS J 381 -5.05 64.99 -23.29
CA LYS J 381 -4.37 65.99 -24.14
C LYS J 381 -5.38 66.61 -25.11
N ASN J 382 -6.20 65.77 -25.78
CA ASN J 382 -7.21 66.21 -26.74
C ASN J 382 -8.35 66.97 -26.09
N LYS J 383 -8.79 66.51 -24.92
CA LYS J 383 -9.83 67.20 -24.14
C LYS J 383 -9.30 68.59 -23.78
N LYS J 384 -8.02 68.69 -23.40
CA LYS J 384 -7.37 69.95 -23.04
C LYS J 384 -7.21 70.94 -24.20
N GLU J 385 -6.82 70.46 -25.40
CA GLU J 385 -6.65 71.30 -26.58
C GLU J 385 -7.95 71.58 -27.31
N PHE J 386 -8.70 70.53 -27.70
CA PHE J 386 -9.92 70.61 -28.49
C PHE J 386 -11.25 70.72 -27.71
N GLY J 387 -11.17 70.72 -26.38
CA GLY J 387 -12.35 70.81 -25.52
C GLY J 387 -13.15 69.52 -25.42
N ARG J 388 -14.30 69.60 -24.72
CA ARG J 388 -15.23 68.48 -24.53
C ARG J 388 -15.90 68.22 -25.88
N LEU J 389 -15.96 66.92 -26.31
CA LEU J 389 -16.54 66.50 -27.60
C LEU J 389 -17.95 67.01 -27.80
N THR J 390 -18.27 67.41 -29.04
CA THR J 390 -19.61 67.87 -29.42
C THR J 390 -20.65 66.73 -29.25
N GLU J 391 -20.16 65.47 -29.35
CA GLU J 391 -20.90 64.21 -29.20
C GLU J 391 -21.46 64.00 -27.77
N GLU J 392 -20.87 64.67 -26.75
CA GLU J 392 -21.30 64.53 -25.37
C GLU J 392 -22.71 65.00 -25.12
N LYS J 393 -23.35 64.40 -24.11
CA LYS J 393 -24.70 64.69 -23.67
C LYS J 393 -24.59 64.88 -22.15
N GLY J 394 -24.41 66.14 -21.73
CA GLY J 394 -24.26 66.50 -20.32
C GLY J 394 -22.89 67.03 -19.94
N ASP J 395 -22.70 67.32 -18.64
CA ASP J 395 -21.43 67.81 -18.09
C ASP J 395 -20.54 66.58 -17.75
N ASN J 396 -20.17 65.83 -18.80
CA ASN J 396 -19.33 64.64 -18.70
C ASN J 396 -18.49 64.44 -19.95
N ASP J 397 -17.59 63.44 -19.93
CA ASP J 397 -16.71 63.09 -21.04
C ASP J 397 -16.93 61.61 -21.41
N ASN J 398 -18.12 61.09 -21.05
CA ASN J 398 -18.53 59.70 -21.26
C ASN J 398 -18.30 59.16 -22.67
N PHE J 399 -18.68 59.92 -23.73
CA PHE J 399 -18.50 59.49 -25.12
C PHE J 399 -17.01 59.36 -25.45
N ARG J 400 -16.18 60.37 -25.08
CA ARG J 400 -14.73 60.34 -25.31
C ARG J 400 -14.11 59.16 -24.55
N ILE J 401 -14.54 58.94 -23.29
CA ILE J 401 -14.07 57.84 -22.44
C ILE J 401 -14.33 56.49 -23.14
N LYS J 402 -15.58 56.28 -23.58
CA LYS J 402 -16.02 55.07 -24.30
C LYS J 402 -15.22 54.88 -25.59
N ARG J 403 -14.94 55.98 -26.32
CA ARG J 403 -14.12 55.96 -27.54
C ARG J 403 -12.70 55.46 -27.25
N TYR J 404 -12.09 56.00 -26.18
CA TYR J 404 -10.74 55.63 -25.78
C TYR J 404 -10.60 54.26 -25.14
N ILE J 405 -11.52 53.87 -24.24
CA ILE J 405 -11.44 52.55 -23.60
C ILE J 405 -11.54 51.41 -24.65
N SER J 406 -12.38 51.60 -25.69
CA SER J 406 -12.58 50.64 -26.77
C SER J 406 -11.28 50.34 -27.52
N LYS J 407 -10.34 51.30 -27.57
CA LYS J 407 -9.07 51.18 -28.28
C LYS J 407 -8.18 50.05 -27.78
N TYR J 408 -8.21 49.74 -26.47
CA TYR J 408 -7.37 48.69 -25.89
C TYR J 408 -8.12 47.52 -25.28
N THR J 409 -9.48 47.54 -25.36
CA THR J 409 -10.33 46.48 -24.81
C THR J 409 -11.10 45.75 -25.92
N ILE J 410 -12.27 46.29 -26.33
CA ILE J 410 -13.14 45.67 -27.33
C ILE J 410 -12.63 45.62 -28.79
N ASN J 411 -12.17 46.76 -29.34
CA ASN J 411 -11.66 46.82 -30.71
C ASN J 411 -10.52 45.84 -31.00
N PRO J 412 -9.45 45.65 -30.16
CA PRO J 412 -8.47 44.60 -30.45
C PRO J 412 -9.10 43.20 -30.46
N ALA J 413 -10.09 42.94 -29.53
CA ALA J 413 -10.79 41.65 -29.44
C ALA J 413 -11.56 41.35 -30.72
N ILE J 414 -12.24 42.36 -31.30
CA ILE J 414 -13.00 42.23 -32.55
C ILE J 414 -12.05 41.88 -33.70
N THR J 415 -10.92 42.64 -33.80
CA THR J 415 -9.89 42.48 -34.81
C THR J 415 -9.33 41.05 -34.83
N HIS J 416 -9.02 40.50 -33.64
CA HIS J 416 -8.40 39.19 -33.55
C HIS J 416 -9.29 37.97 -33.41
N GLY J 417 -10.61 38.19 -33.44
CA GLY J 417 -11.59 37.11 -33.39
C GLY J 417 -11.78 36.43 -32.05
N VAL J 418 -11.66 37.20 -30.96
CA VAL J 418 -11.83 36.72 -29.58
C VAL J 418 -12.90 37.54 -28.81
N SER J 419 -13.66 38.39 -29.52
CA SER J 419 -14.71 39.26 -28.97
C SER J 419 -15.85 38.52 -28.25
N GLU J 420 -16.03 37.22 -28.53
CA GLU J 420 -17.05 36.39 -27.90
C GLU J 420 -16.64 35.91 -26.50
N TYR J 421 -15.31 35.91 -26.22
CA TYR J 421 -14.73 35.41 -24.98
C TYR J 421 -14.32 36.52 -24.04
N ILE J 422 -13.61 37.52 -24.58
CA ILE J 422 -13.02 38.63 -23.84
C ILE J 422 -13.27 40.01 -24.50
N GLY J 423 -12.68 41.06 -23.92
CA GLY J 423 -12.76 42.41 -24.48
C GLY J 423 -13.68 43.40 -23.80
N SER J 424 -14.73 42.93 -23.09
CA SER J 424 -15.68 43.84 -22.43
C SER J 424 -16.34 43.25 -21.18
N VAL J 425 -16.92 44.14 -20.33
CA VAL J 425 -17.61 43.75 -19.09
C VAL J 425 -19.06 43.38 -19.47
N GLU J 426 -19.26 42.15 -19.98
CA GLU J 426 -20.58 41.67 -20.43
C GLU J 426 -20.89 40.27 -19.92
N GLU J 427 -22.17 40.00 -19.60
CA GLU J 427 -22.62 38.69 -19.11
C GLU J 427 -22.28 37.63 -20.14
N GLY J 428 -21.75 36.51 -19.65
CA GLY J 428 -21.36 35.37 -20.48
C GLY J 428 -19.89 35.34 -20.88
N LYS J 429 -19.22 36.48 -20.79
CA LYS J 429 -17.81 36.58 -21.15
C LYS J 429 -16.94 36.07 -20.02
N ILE J 430 -15.65 35.74 -20.32
CA ILE J 430 -14.66 35.32 -19.34
C ILE J 430 -14.40 36.52 -18.44
N ALA J 431 -14.27 36.26 -17.11
CA ALA J 431 -14.03 37.28 -16.09
C ALA J 431 -12.56 37.70 -16.02
N ASP J 432 -12.11 38.44 -17.04
CA ASP J 432 -10.78 39.07 -17.14
C ASP J 432 -11.09 40.57 -16.88
N LEU J 433 -10.99 41.00 -15.61
CA LEU J 433 -11.34 42.35 -15.15
C LEU J 433 -10.21 42.99 -14.35
N VAL J 434 -10.19 44.34 -14.32
CA VAL J 434 -9.20 45.12 -13.57
C VAL J 434 -9.94 46.07 -12.63
N VAL J 435 -9.54 46.08 -11.34
CA VAL J 435 -10.12 46.98 -10.31
C VAL J 435 -9.18 48.18 -10.17
N TRP J 436 -9.71 49.41 -10.32
CA TRP J 436 -8.91 50.64 -10.22
C TRP J 436 -9.44 51.56 -9.15
N ASN J 437 -8.52 52.22 -8.45
CA ASN J 437 -8.88 53.26 -7.50
C ASN J 437 -8.95 54.54 -8.38
N PRO J 438 -10.07 55.30 -8.41
CA PRO J 438 -10.17 56.49 -9.29
C PRO J 438 -8.97 57.45 -9.34
N ALA J 439 -8.27 57.66 -8.20
CA ALA J 439 -7.10 58.52 -8.12
C ALA J 439 -5.93 58.00 -8.94
N PHE J 440 -5.95 56.68 -9.25
CA PHE J 440 -4.90 55.97 -9.98
C PHE J 440 -5.41 55.35 -11.28
N PHE J 441 -6.64 55.71 -11.71
CA PHE J 441 -7.21 55.18 -12.94
C PHE J 441 -6.30 55.46 -14.13
N GLY J 442 -6.06 54.40 -14.91
CA GLY J 442 -5.25 54.45 -16.11
C GLY J 442 -3.75 54.40 -15.88
N VAL J 443 -3.30 54.52 -14.62
CA VAL J 443 -1.86 54.53 -14.32
C VAL J 443 -1.38 53.36 -13.43
N LYS J 444 -2.10 53.10 -12.32
CA LYS J 444 -1.77 52.04 -11.38
C LYS J 444 -3.00 51.24 -10.92
N PRO J 445 -3.20 50.00 -11.48
CA PRO J 445 -4.35 49.18 -11.08
C PRO J 445 -4.20 48.60 -9.66
N LYS J 446 -5.32 48.18 -9.04
CA LYS J 446 -5.32 47.59 -7.69
C LYS J 446 -5.26 46.06 -7.74
N ILE J 447 -6.23 45.46 -8.46
CA ILE J 447 -6.39 44.01 -8.60
C ILE J 447 -6.62 43.65 -10.07
N ILE J 448 -6.00 42.53 -10.48
CA ILE J 448 -6.15 41.94 -11.81
C ILE J 448 -6.81 40.58 -11.60
N ILE J 449 -8.03 40.43 -12.10
CA ILE J 449 -8.83 39.19 -12.09
C ILE J 449 -8.77 38.57 -13.50
N LYS J 450 -8.43 37.28 -13.58
CA LYS J 450 -8.37 36.52 -14.84
C LYS J 450 -9.08 35.20 -14.60
N GLY J 451 -10.09 34.93 -15.39
CA GLY J 451 -10.87 33.71 -15.26
C GLY J 451 -11.51 33.54 -13.90
N GLY J 452 -12.00 34.65 -13.36
CA GLY J 452 -12.68 34.71 -12.06
C GLY J 452 -11.82 34.65 -10.82
N MET J 453 -10.49 34.60 -10.97
CA MET J 453 -9.54 34.53 -9.85
C MET J 453 -8.60 35.71 -9.88
N VAL J 454 -8.12 36.15 -8.71
CA VAL J 454 -7.12 37.21 -8.66
C VAL J 454 -5.78 36.56 -9.05
N VAL J 455 -5.16 37.09 -10.12
CA VAL J 455 -3.87 36.59 -10.63
C VAL J 455 -2.69 37.49 -10.29
N PHE J 456 -2.94 38.79 -10.11
CA PHE J 456 -1.90 39.78 -9.86
C PHE J 456 -2.53 40.94 -9.12
N SER J 457 -1.80 41.55 -8.15
CA SER J 457 -2.30 42.70 -7.41
C SER J 457 -1.18 43.48 -6.73
N GLU J 458 -1.49 44.73 -6.30
CA GLU J 458 -0.56 45.55 -5.51
C GLU J 458 -0.67 45.00 -4.09
N MET J 459 0.48 44.61 -3.53
CA MET J 459 0.57 43.97 -2.22
C MET J 459 1.70 44.57 -1.35
N GLY J 460 1.42 44.76 -0.06
CA GLY J 460 2.38 45.26 0.91
C GLY J 460 3.18 44.15 1.57
N ASP J 461 3.97 44.49 2.61
CA ASP J 461 4.84 43.60 3.41
C ASP J 461 4.21 42.19 3.69
N SER J 462 4.92 41.12 3.25
CA SER J 462 4.51 39.70 3.38
C SER J 462 4.45 39.21 4.84
N ASN J 463 5.27 39.83 5.71
CA ASN J 463 5.29 39.54 7.15
C ASN J 463 4.16 40.28 7.85
N ALA J 464 3.96 41.58 7.49
CA ALA J 464 2.96 42.54 8.03
C ALA J 464 1.64 42.01 8.59
N SER J 465 1.12 42.70 9.64
CA SER J 465 -0.14 42.36 10.31
C SER J 465 -1.40 42.63 9.47
N VAL J 466 -1.27 43.42 8.38
CA VAL J 466 -2.35 43.71 7.43
C VAL J 466 -1.76 43.74 5.98
N PRO J 467 -2.54 43.82 4.86
CA PRO J 467 -1.91 43.84 3.51
C PRO J 467 -1.43 45.22 3.00
N THR J 468 -1.65 46.30 3.81
CA THR J 468 -1.33 47.72 3.54
C THR J 468 0.11 48.24 3.87
N PRO J 469 0.88 47.70 4.87
CA PRO J 469 2.22 48.24 5.17
C PRO J 469 3.22 48.24 4.02
N GLN J 470 4.10 49.23 4.04
CA GLN J 470 5.12 49.43 3.02
C GLN J 470 6.26 48.40 3.08
N PRO J 471 6.92 48.05 1.95
CA PRO J 471 6.71 48.56 0.58
C PRO J 471 5.57 47.87 -0.19
N VAL J 472 4.64 48.66 -0.71
CA VAL J 472 3.53 48.15 -1.52
C VAL J 472 4.02 48.09 -2.97
N TYR J 473 4.08 46.87 -3.54
CA TYR J 473 4.47 46.65 -4.94
C TYR J 473 3.69 45.51 -5.60
N TYR J 474 3.71 45.42 -6.94
CA TYR J 474 2.97 44.39 -7.68
C TYR J 474 3.54 42.99 -7.53
N ARG J 475 2.67 42.01 -7.18
CA ARG J 475 3.05 40.62 -6.94
C ARG J 475 2.05 39.64 -7.56
N GLU J 476 2.52 38.44 -7.93
CA GLU J 476 1.68 37.37 -8.49
C GLU J 476 0.83 36.75 -7.41
N MET J 477 -0.45 36.54 -7.70
CA MET J 477 -1.41 35.95 -6.78
C MET J 477 -1.70 34.49 -7.13
N PHE J 478 -2.52 33.79 -6.31
CA PHE J 478 -2.81 32.36 -6.47
C PHE J 478 -3.29 31.90 -7.85
N GLY J 479 -4.05 32.75 -8.55
CA GLY J 479 -4.57 32.47 -9.88
C GLY J 479 -3.51 32.29 -10.95
N HIS J 480 -2.31 32.84 -10.69
CA HIS J 480 -1.12 32.84 -11.55
C HIS J 480 -0.22 31.62 -11.28
N HIS J 481 -0.55 30.83 -10.24
CA HIS J 481 0.28 29.71 -9.81
C HIS J 481 -0.32 28.33 -9.94
N GLY J 482 0.54 27.34 -9.71
CA GLY J 482 0.26 25.91 -9.74
C GLY J 482 -0.49 25.47 -10.98
N LYS J 483 -1.58 24.75 -10.78
CA LYS J 483 -2.43 24.27 -11.86
C LYS J 483 -3.62 25.23 -12.04
N ALA J 484 -3.78 26.20 -11.11
CA ALA J 484 -4.82 27.22 -11.18
C ALA J 484 -4.57 28.18 -12.37
N LYS J 485 -3.30 28.33 -12.81
CA LYS J 485 -2.97 29.18 -13.96
C LYS J 485 -3.49 28.56 -15.24
N PHE J 486 -3.60 27.22 -15.28
CA PHE J 486 -4.15 26.51 -16.43
C PHE J 486 -5.66 26.72 -16.52
N ASP J 487 -6.28 27.02 -15.37
CA ASP J 487 -7.70 27.29 -15.26
C ASP J 487 -8.02 28.76 -15.58
N THR J 488 -7.10 29.69 -15.31
CA THR J 488 -7.31 31.12 -15.51
C THR J 488 -6.73 31.71 -16.81
N SER J 489 -5.86 30.96 -17.51
CA SER J 489 -5.21 31.45 -18.73
C SER J 489 -5.63 30.74 -20.04
N ILE J 490 -5.66 31.49 -21.15
CA ILE J 490 -6.05 30.99 -22.47
C ILE J 490 -4.92 31.15 -23.48
N THR J 491 -4.72 30.10 -24.28
CA THR J 491 -3.79 30.11 -25.40
C THR J 491 -4.73 30.04 -26.61
N PHE J 492 -4.82 31.13 -27.37
CA PHE J 492 -5.68 31.16 -28.55
C PHE J 492 -4.93 30.54 -29.74
N VAL J 493 -5.67 29.80 -30.58
CA VAL J 493 -5.17 29.11 -31.76
C VAL J 493 -6.15 29.32 -32.94
N SER J 494 -5.81 28.81 -34.13
CA SER J 494 -6.70 28.85 -35.29
C SER J 494 -7.77 27.78 -35.11
N LYS J 495 -8.89 27.87 -35.87
CA LYS J 495 -9.95 26.86 -35.79
C LYS J 495 -9.42 25.50 -36.25
N VAL J 496 -8.70 25.48 -37.39
CA VAL J 496 -8.10 24.27 -37.94
C VAL J 496 -7.26 23.53 -36.88
N ALA J 497 -6.34 24.25 -36.17
CA ALA J 497 -5.50 23.68 -35.12
C ALA J 497 -6.35 23.15 -33.98
N TYR J 498 -7.26 24.01 -33.46
CA TYR J 498 -8.19 23.69 -32.38
C TYR J 498 -8.96 22.39 -32.64
N GLU J 499 -9.68 22.36 -33.78
CA GLU J 499 -10.49 21.26 -34.26
C GLU J 499 -9.64 20.00 -34.51
N ASN J 500 -8.32 20.15 -34.77
CA ASN J 500 -7.46 18.99 -34.96
C ASN J 500 -6.69 18.55 -33.69
N GLY J 501 -7.18 18.98 -32.54
CA GLY J 501 -6.64 18.61 -31.23
C GLY J 501 -5.24 19.08 -30.90
N ILE J 502 -4.89 20.34 -31.24
CA ILE J 502 -3.59 20.94 -30.92
C ILE J 502 -3.28 20.87 -29.41
N LYS J 503 -4.34 21.08 -28.55
CA LYS J 503 -4.24 21.03 -27.09
C LYS J 503 -3.64 19.71 -26.62
N GLU J 504 -4.22 18.60 -27.07
CA GLU J 504 -3.85 17.23 -26.71
C GLU J 504 -2.49 16.89 -27.32
N LYS J 505 -2.35 17.16 -28.62
CA LYS J 505 -1.15 16.89 -29.40
C LYS J 505 0.10 17.57 -28.88
N LEU J 506 -0.02 18.78 -28.33
CA LEU J 506 1.11 19.52 -27.74
C LEU J 506 1.14 19.41 -26.20
N GLY J 507 0.15 18.68 -25.66
CA GLY J 507 0.01 18.45 -24.22
C GLY J 507 -0.13 19.73 -23.42
N LEU J 508 -0.88 20.69 -23.99
CA LEU J 508 -1.15 21.97 -23.36
C LEU J 508 -2.24 21.75 -22.32
N GLU J 509 -1.98 22.22 -21.09
CA GLU J 509 -2.87 22.11 -19.94
C GLU J 509 -3.74 23.35 -19.80
N ARG J 510 -3.33 24.45 -20.43
CA ARG J 510 -4.02 25.75 -20.45
C ARG J 510 -5.34 25.63 -21.22
N LYS J 511 -6.23 26.62 -21.07
CA LYS J 511 -7.49 26.62 -21.83
C LYS J 511 -7.14 26.97 -23.27
N VAL J 512 -7.51 26.11 -24.22
CA VAL J 512 -7.22 26.36 -25.63
C VAL J 512 -8.53 26.75 -26.35
N LEU J 513 -8.57 27.95 -26.95
CA LEU J 513 -9.76 28.46 -27.62
C LEU J 513 -9.48 28.93 -29.02
N PRO J 514 -10.38 28.72 -30.01
CA PRO J 514 -10.10 29.19 -31.38
C PRO J 514 -10.50 30.62 -31.65
N VAL J 515 -9.72 31.29 -32.50
CA VAL J 515 -10.05 32.63 -33.00
C VAL J 515 -11.04 32.43 -34.16
N LYS J 516 -12.10 33.22 -34.19
CA LYS J 516 -13.13 33.09 -35.21
C LYS J 516 -13.73 34.44 -35.55
N ASN J 517 -14.13 34.62 -36.81
CA ASN J 517 -14.73 35.84 -37.38
C ASN J 517 -13.75 37.01 -37.47
N CYS J 518 -12.64 36.80 -38.19
CA CYS J 518 -11.53 37.73 -38.43
C CYS J 518 -11.66 38.37 -39.79
N ARG J 519 -12.18 37.60 -40.76
CA ARG J 519 -12.20 37.99 -42.17
C ARG J 519 -13.23 39.02 -42.55
N ASN J 520 -14.37 39.05 -41.85
CA ASN J 520 -15.41 40.02 -42.18
C ASN J 520 -15.55 41.13 -41.15
N VAL J 521 -14.44 41.52 -40.53
CA VAL J 521 -14.44 42.67 -39.64
C VAL J 521 -13.88 43.88 -40.40
N THR J 522 -14.73 44.91 -40.52
CA THR J 522 -14.36 46.16 -41.20
C THR J 522 -14.42 47.24 -40.12
N LYS J 523 -14.23 48.49 -40.54
CA LYS J 523 -14.29 49.65 -39.66
C LYS J 523 -15.68 49.76 -38.99
N LYS J 524 -16.74 49.39 -39.72
CA LYS J 524 -18.13 49.43 -39.28
C LYS J 524 -18.40 48.58 -38.05
N ASP J 525 -17.60 47.50 -37.88
CA ASP J 525 -17.69 46.55 -36.78
C ASP J 525 -17.17 47.03 -35.42
N PHE J 526 -16.32 48.06 -35.41
CA PHE J 526 -15.72 48.60 -34.18
C PHE J 526 -16.70 49.30 -33.27
N LYS J 527 -16.25 49.60 -32.05
CA LYS J 527 -17.06 50.31 -31.07
C LYS J 527 -16.48 51.70 -30.85
N PHE J 528 -17.29 52.76 -31.18
CA PHE J 528 -16.95 54.17 -31.04
C PHE J 528 -15.79 54.69 -31.89
N ASN J 529 -15.24 53.87 -32.80
CA ASN J 529 -14.13 54.24 -33.68
C ASN J 529 -14.37 53.65 -35.08
N ASN J 530 -15.50 54.04 -35.70
CA ASN J 530 -15.97 53.57 -37.02
C ASN J 530 -15.75 54.61 -38.14
N THR J 531 -15.04 55.71 -37.83
CA THR J 531 -14.79 56.83 -38.73
C THR J 531 -13.92 56.52 -39.96
N THR J 532 -14.47 56.80 -41.14
CA THR J 532 -13.78 56.64 -42.43
C THR J 532 -13.73 58.01 -43.09
N ALA J 533 -12.60 58.32 -43.75
CA ALA J 533 -12.39 59.63 -44.38
C ALA J 533 -11.39 59.53 -45.52
N LYS J 534 -11.20 60.64 -46.27
CA LYS J 534 -10.20 60.68 -47.34
C LYS J 534 -8.97 61.34 -46.74
N ILE J 535 -8.01 60.49 -46.29
CA ILE J 535 -6.77 60.94 -45.65
C ILE J 535 -5.69 61.12 -46.70
N THR J 536 -5.15 62.35 -46.80
CA THR J 536 -4.11 62.70 -47.77
C THR J 536 -2.95 63.40 -47.10
N VAL J 537 -1.73 63.18 -47.61
CA VAL J 537 -0.50 63.80 -47.10
C VAL J 537 0.13 64.68 -48.19
N ASN J 538 0.46 65.94 -47.87
CA ASN J 538 1.15 66.86 -48.78
C ASN J 538 2.58 66.31 -48.94
N PRO J 539 3.07 65.99 -50.16
CA PRO J 539 4.41 65.37 -50.26
C PRO J 539 5.57 66.35 -50.06
N GLU J 540 5.26 67.65 -49.94
CA GLU J 540 6.24 68.70 -49.73
C GLU J 540 6.28 69.18 -48.26
N THR J 541 5.10 69.47 -47.65
CA THR J 541 4.99 69.92 -46.25
C THR J 541 4.84 68.79 -45.23
N PHE J 542 4.40 67.60 -45.69
CA PHE J 542 4.15 66.38 -44.88
C PHE J 542 2.95 66.49 -43.96
N GLU J 543 2.14 67.54 -44.16
CA GLU J 543 0.92 67.82 -43.41
C GLU J 543 -0.15 66.82 -43.80
N VAL J 544 -0.94 66.39 -42.79
CA VAL J 544 -2.03 65.43 -43.00
C VAL J 544 -3.35 66.16 -43.18
N PHE J 545 -4.12 65.72 -44.18
CA PHE J 545 -5.42 66.29 -44.49
C PHE J 545 -6.46 65.22 -44.45
N VAL J 546 -7.54 65.49 -43.71
CA VAL J 546 -8.72 64.63 -43.55
C VAL J 546 -9.86 65.35 -44.28
N ASN J 547 -10.23 64.82 -45.45
CA ASN J 547 -11.24 65.36 -46.35
C ASN J 547 -10.92 66.81 -46.77
N GLY J 548 -9.64 67.06 -47.04
CA GLY J 548 -9.16 68.37 -47.45
C GLY J 548 -8.89 69.38 -46.36
N LYS J 549 -9.34 69.09 -45.12
CA LYS J 549 -9.15 69.97 -43.95
C LYS J 549 -7.89 69.54 -43.21
N LEU J 550 -7.05 70.50 -42.79
CA LEU J 550 -5.80 70.21 -42.08
C LEU J 550 -6.01 69.44 -40.78
N CYS J 551 -5.32 68.30 -40.65
CA CYS J 551 -5.40 67.45 -39.46
C CYS J 551 -4.10 67.53 -38.65
N THR J 552 -4.17 68.28 -37.52
CA THR J 552 -3.02 68.51 -36.63
C THR J 552 -3.41 68.66 -35.17
N SER J 553 -2.38 68.66 -34.31
CA SER J 553 -2.43 68.85 -32.86
C SER J 553 -1.10 69.49 -32.39
N LYS J 554 -1.11 70.15 -31.22
CA LYS J 554 0.08 70.81 -30.68
C LYS J 554 0.82 69.83 -29.76
N PRO J 555 2.18 69.85 -29.69
CA PRO J 555 2.86 68.90 -28.78
C PRO J 555 2.68 69.26 -27.31
N ALA J 556 2.46 68.25 -26.45
CA ALA J 556 2.28 68.45 -25.03
C ALA J 556 3.60 68.77 -24.34
N THR J 557 3.58 69.68 -23.35
CA THR J 557 4.78 70.03 -22.58
C THR J 557 4.82 69.19 -21.32
N GLU J 558 3.62 68.75 -20.87
CA GLU J 558 3.42 67.84 -19.74
C GLU J 558 2.18 66.98 -19.94
N VAL J 559 2.25 65.74 -19.43
CA VAL J 559 1.18 64.77 -19.54
C VAL J 559 0.66 64.35 -18.18
N ALA J 560 -0.62 63.92 -18.14
CA ALA J 560 -1.30 63.38 -16.97
C ALA J 560 -0.79 61.94 -16.76
N LEU J 561 -1.10 61.34 -15.61
CA LEU J 561 -0.75 59.95 -15.27
C LEU J 561 0.73 59.65 -15.54
N ALA J 562 1.61 60.47 -14.96
CA ALA J 562 3.06 60.32 -15.16
C ALA J 562 3.85 60.70 -13.91
N SER J 563 4.33 61.93 -13.88
CA SER J 563 5.16 62.55 -12.86
C SER J 563 4.68 62.41 -11.41
N ARG J 564 3.36 62.40 -11.17
CA ARG J 564 2.79 62.29 -9.83
C ARG J 564 2.86 60.87 -9.23
N TYR J 565 2.92 59.85 -10.10
CA TYR J 565 2.80 58.44 -9.80
C TYR J 565 4.07 57.60 -9.79
N THR J 566 5.10 58.03 -10.54
CA THR J 566 6.33 57.27 -10.70
C THR J 566 7.55 57.86 -10.04
N PHE J 567 8.44 56.99 -9.54
CA PHE J 567 9.70 57.34 -8.88
C PHE J 567 10.78 57.73 -9.91
N PHE J 568 10.93 56.91 -10.99
CA PHE J 568 11.91 57.10 -12.06
C PHE J 568 11.28 57.14 -13.48
N FME K 1 2.97 52.69 -2.43
CN FME K 1 1.67 53.04 -2.48
O1 FME K 1 0.84 52.75 -1.61
CA FME K 1 3.92 53.04 -3.47
CB FME K 1 5.33 52.51 -3.12
CG FME K 1 6.07 53.31 -2.07
SD FME K 1 7.78 52.75 -1.91
CE FME K 1 8.55 53.75 -3.09
C FME K 1 3.54 52.49 -4.84
O FME K 1 3.71 53.19 -5.84
N LYS K 2 3.03 51.23 -4.88
CA LYS K 2 2.62 50.46 -6.06
C LYS K 2 3.80 50.31 -7.04
N LEU K 3 4.96 49.81 -6.55
CA LEU K 3 6.15 49.66 -7.37
C LEU K 3 6.07 48.56 -8.44
N THR K 4 6.15 49.02 -9.70
CA THR K 4 6.09 48.17 -10.90
C THR K 4 7.44 47.46 -11.03
N PRO K 5 7.50 46.24 -11.65
CA PRO K 5 8.79 45.54 -11.82
C PRO K 5 9.89 46.39 -12.50
N LYS K 6 9.49 47.31 -13.40
CA LYS K 6 10.41 48.21 -14.09
C LYS K 6 10.99 49.28 -13.13
N GLU K 7 10.18 49.74 -12.12
CA GLU K 7 10.63 50.70 -11.10
C GLU K 7 11.68 50.03 -10.19
N GLN K 8 11.48 48.72 -9.86
CA GLN K 8 12.40 47.92 -9.04
C GLN K 8 13.78 47.81 -9.71
N GLU K 9 13.80 47.69 -11.06
CA GLU K 9 15.02 47.61 -11.90
C GLU K 9 15.78 48.92 -11.80
N LYS K 10 15.07 50.05 -11.99
CA LYS K 10 15.63 51.41 -11.96
C LYS K 10 16.32 51.75 -10.64
N PHE K 11 15.81 51.22 -9.49
CA PHE K 11 16.44 51.43 -8.18
C PHE K 11 17.85 50.84 -8.15
N LEU K 12 18.00 49.62 -8.69
CA LEU K 12 19.30 48.93 -8.80
C LEU K 12 20.25 49.73 -9.67
N LEU K 13 19.77 50.16 -10.86
CA LEU K 13 20.55 50.99 -11.78
C LEU K 13 20.99 52.26 -11.08
N TYR K 14 20.05 52.95 -10.40
CA TYR K 14 20.36 54.18 -9.69
C TYR K 14 21.35 53.98 -8.55
N TYR K 15 21.20 52.88 -7.76
CA TYR K 15 22.16 52.60 -6.70
C TYR K 15 23.55 52.32 -7.25
N ALA K 16 23.64 51.54 -8.36
CA ALA K 16 24.89 51.25 -9.08
C ALA K 16 25.57 52.57 -9.50
N GLY K 17 24.77 53.53 -9.96
CA GLY K 17 25.23 54.85 -10.33
C GLY K 17 25.82 55.59 -9.14
N GLU K 18 25.15 55.47 -7.98
CA GLU K 18 25.61 56.09 -6.73
C GLU K 18 26.92 55.47 -6.24
N VAL K 19 27.08 54.13 -6.34
CA VAL K 19 28.33 53.44 -5.97
C VAL K 19 29.46 53.89 -6.89
N ALA K 20 29.20 53.98 -8.22
CA ALA K 20 30.16 54.45 -9.22
C ALA K 20 30.62 55.87 -8.91
N ARG K 21 29.68 56.76 -8.53
CA ARG K 21 29.98 58.13 -8.17
C ARG K 21 30.96 58.20 -7.01
N LYS K 22 30.72 57.35 -5.97
CA LYS K 22 31.54 57.24 -4.78
C LYS K 22 32.98 56.84 -5.15
N ARG K 23 33.12 55.81 -6.01
CA ARG K 23 34.41 55.29 -6.48
C ARG K 23 35.19 56.32 -7.31
N LYS K 24 34.49 57.13 -8.14
CA LYS K 24 35.10 58.21 -8.93
C LYS K 24 35.63 59.29 -7.96
N GLU K 25 34.85 59.61 -6.91
CA GLU K 25 35.23 60.58 -5.86
C GLU K 25 36.47 60.11 -5.12
N GLU K 26 36.65 58.77 -4.95
CA GLU K 26 37.81 58.12 -4.33
C GLU K 26 39.03 58.21 -5.27
N GLY K 27 38.79 58.61 -6.52
CA GLY K 27 39.84 58.75 -7.53
C GLY K 27 40.12 57.48 -8.30
N LEU K 28 39.15 56.56 -8.33
CA LEU K 28 39.34 55.32 -9.08
C LEU K 28 38.85 55.47 -10.51
N LYS K 29 39.58 54.86 -11.46
CA LYS K 29 39.18 54.81 -12.87
C LYS K 29 38.05 53.77 -12.97
N LEU K 30 36.87 54.22 -13.43
CA LEU K 30 35.69 53.39 -13.54
C LEU K 30 35.81 52.30 -14.62
N ASN K 31 35.21 51.12 -14.37
CA ASN K 31 35.21 50.00 -15.32
C ASN K 31 33.96 50.06 -16.21
N GLN K 32 33.75 49.07 -17.11
CA GLN K 32 32.58 49.05 -17.99
C GLN K 32 31.22 49.24 -17.25
N PRO K 33 30.79 48.35 -16.32
CA PRO K 33 29.48 48.57 -15.67
C PRO K 33 29.37 49.83 -14.81
N GLU K 34 30.47 50.24 -14.16
CA GLU K 34 30.50 51.44 -13.32
C GLU K 34 30.24 52.67 -14.18
N ALA K 35 30.95 52.78 -15.34
CA ALA K 35 30.83 53.88 -16.29
C ALA K 35 29.39 54.03 -16.84
N ILE K 36 28.76 52.91 -17.21
CA ILE K 36 27.38 52.87 -17.71
C ILE K 36 26.42 53.36 -16.63
N ALA K 37 26.55 52.86 -15.38
CA ALA K 37 25.70 53.25 -14.26
C ALA K 37 25.89 54.73 -13.88
N TYR K 38 27.13 55.23 -13.93
CA TYR K 38 27.45 56.62 -13.60
C TYR K 38 26.69 57.58 -14.55
N ILE K 39 26.73 57.27 -15.87
CA ILE K 39 26.06 58.10 -16.89
C ILE K 39 24.55 57.95 -16.78
N SER K 40 24.07 56.71 -16.57
CA SER K 40 22.64 56.41 -16.43
C SER K 40 21.99 57.21 -15.29
N ALA K 41 22.65 57.24 -14.11
CA ALA K 41 22.18 57.98 -12.94
C ALA K 41 22.09 59.48 -13.23
N HIS K 42 23.08 60.03 -14.00
CA HIS K 42 23.05 61.45 -14.36
C HIS K 42 21.79 61.75 -15.18
N ILE K 43 21.51 60.89 -16.21
CA ILE K 43 20.36 61.03 -17.09
C ILE K 43 19.06 60.97 -16.30
N MET K 44 18.97 60.01 -15.36
CA MET K 44 17.83 59.81 -14.48
C MET K 44 17.59 61.02 -13.57
N ASP K 45 18.69 61.67 -13.12
CA ASP K 45 18.63 62.85 -12.26
C ASP K 45 18.09 64.05 -12.99
N GLU K 46 18.65 64.34 -14.19
CA GLU K 46 18.27 65.46 -15.03
C GLU K 46 16.81 65.38 -15.50
N ALA K 47 16.32 64.14 -15.76
CA ALA K 47 14.95 63.87 -16.18
C ALA K 47 13.96 64.19 -15.06
N ARG K 48 14.35 63.91 -13.79
CA ARG K 48 13.50 64.16 -12.63
C ARG K 48 13.39 65.65 -12.38
N ARG K 49 14.48 66.37 -12.61
CA ARG K 49 14.53 67.83 -12.46
C ARG K 49 13.63 68.50 -13.50
N GLY K 50 13.35 67.79 -14.60
CA GLY K 50 12.48 68.15 -15.71
C GLY K 50 12.71 69.53 -16.28
N LYS K 51 13.98 69.91 -16.45
CA LYS K 51 14.36 71.19 -17.00
C LYS K 51 15.10 71.03 -18.33
N LYS K 52 15.59 69.81 -18.61
CA LYS K 52 16.30 69.55 -19.86
C LYS K 52 15.48 68.67 -20.81
N THR K 53 15.63 68.91 -22.13
CA THR K 53 14.95 68.12 -23.14
C THR K 53 15.78 66.87 -23.44
N VAL K 54 15.15 65.87 -24.11
CA VAL K 54 15.84 64.64 -24.52
C VAL K 54 16.99 65.08 -25.44
N ALA K 55 16.70 65.98 -26.42
CA ALA K 55 17.68 66.52 -27.36
C ALA K 55 18.92 67.10 -26.64
N GLN K 56 18.69 67.90 -25.56
CA GLN K 56 19.74 68.52 -24.74
C GLN K 56 20.63 67.46 -24.11
N LEU K 57 20.02 66.47 -23.45
CA LEU K 57 20.73 65.40 -22.75
C LEU K 57 21.57 64.51 -23.68
N MET K 58 21.03 64.19 -24.89
CA MET K 58 21.73 63.34 -25.86
C MET K 58 23.04 63.99 -26.27
N GLU K 59 23.03 65.32 -26.38
CA GLU K 59 24.19 66.15 -26.73
C GLU K 59 25.14 66.27 -25.52
N GLU K 60 24.60 66.62 -24.34
CA GLU K 60 25.33 66.80 -23.07
C GLU K 60 26.11 65.58 -22.62
N CYS K 61 25.60 64.38 -22.88
CA CYS K 61 26.25 63.15 -22.43
C CYS K 61 27.33 62.57 -23.33
N VAL K 62 27.61 63.19 -24.50
CA VAL K 62 28.69 62.69 -25.37
C VAL K 62 30.01 63.02 -24.65
N HIS K 63 30.85 61.99 -24.43
CA HIS K 63 32.10 62.07 -23.68
C HIS K 63 31.84 62.61 -22.26
N PHE K 64 30.74 62.13 -21.63
CA PHE K 64 30.39 62.53 -20.26
C PHE K 64 31.50 62.08 -19.32
N LEU K 65 32.06 60.88 -19.60
CA LEU K 65 33.24 60.37 -18.92
C LEU K 65 34.41 60.47 -19.90
N LYS K 66 35.53 61.01 -19.42
CA LYS K 66 36.72 61.18 -20.25
C LYS K 66 37.63 59.96 -20.18
N LYS K 67 38.48 59.75 -21.20
CA LYS K 67 39.35 58.59 -21.29
C LYS K 67 40.15 58.26 -20.05
N ASP K 68 40.59 59.29 -19.35
CA ASP K 68 41.39 59.13 -18.14
C ASP K 68 40.56 58.96 -16.86
N GLU K 69 39.23 59.08 -16.97
CA GLU K 69 38.28 58.94 -15.86
C GLU K 69 37.80 57.49 -15.76
N VAL K 70 38.09 56.70 -16.82
CA VAL K 70 37.73 55.28 -16.94
C VAL K 70 38.98 54.43 -17.22
N MET K 71 38.86 53.11 -17.03
CA MET K 71 39.91 52.14 -17.32
C MET K 71 40.16 52.06 -18.84
N PRO K 72 41.34 51.57 -19.32
CA PRO K 72 41.53 51.48 -20.77
C PRO K 72 40.56 50.51 -21.46
N GLY K 73 40.13 50.89 -22.67
CA GLY K 73 39.23 50.13 -23.51
C GLY K 73 37.75 50.26 -23.20
N VAL K 74 37.39 50.92 -22.07
CA VAL K 74 36.02 51.12 -21.58
C VAL K 74 35.15 51.89 -22.59
N GLY K 75 35.68 52.97 -23.15
CA GLY K 75 34.99 53.79 -24.14
C GLY K 75 34.59 53.02 -25.40
N ASN K 76 35.53 52.19 -25.93
CA ASN K 76 35.34 51.35 -27.14
C ASN K 76 34.33 50.23 -26.92
N MET K 77 34.25 49.76 -25.69
CA MET K 77 33.34 48.72 -25.19
C MET K 77 31.91 49.22 -25.11
N VAL K 78 31.71 50.54 -24.90
CA VAL K 78 30.43 51.22 -24.77
C VAL K 78 30.30 52.32 -25.86
N PRO K 79 30.00 51.93 -27.12
CA PRO K 79 29.90 52.93 -28.20
C PRO K 79 28.62 53.76 -28.16
N ASP K 80 27.61 53.22 -27.45
CA ASP K 80 26.28 53.82 -27.28
C ASP K 80 25.64 53.30 -25.99
N LEU K 81 24.77 54.14 -25.41
CA LEU K 81 24.07 53.92 -24.15
C LEU K 81 22.63 54.41 -24.28
N GLY K 82 21.71 53.65 -23.72
CA GLY K 82 20.30 53.97 -23.75
C GLY K 82 19.69 53.87 -22.38
N VAL K 83 18.95 54.89 -21.99
CA VAL K 83 18.29 54.93 -20.69
C VAL K 83 16.95 55.62 -20.76
N GLU K 84 15.90 54.88 -20.37
CA GLU K 84 14.53 55.37 -20.33
C GLU K 84 14.32 56.05 -18.99
N ALA K 85 13.79 57.27 -19.01
CA ALA K 85 13.51 58.01 -17.78
C ALA K 85 12.21 58.79 -17.88
N ASN K 86 11.53 59.01 -16.74
CA ASN K 86 10.29 59.79 -16.73
C ASN K 86 10.61 61.28 -16.69
N PHE K 87 10.10 61.99 -17.70
CA PHE K 87 10.18 63.43 -17.90
C PHE K 87 8.78 64.00 -17.59
N PRO K 88 8.58 65.34 -17.49
CA PRO K 88 7.22 65.86 -17.22
C PRO K 88 6.17 65.49 -18.27
N ASP K 89 6.63 65.20 -19.49
CA ASP K 89 5.84 64.76 -20.64
C ASP K 89 5.80 63.22 -20.79
N GLY K 90 6.26 62.49 -19.77
CA GLY K 90 6.25 61.02 -19.76
C GLY K 90 7.61 60.34 -19.92
N THR K 91 7.62 58.99 -19.97
CA THR K 91 8.86 58.22 -20.11
C THR K 91 9.38 58.36 -21.51
N LYS K 92 10.65 58.75 -21.64
CA LYS K 92 11.32 58.94 -22.92
C LYS K 92 12.68 58.25 -22.94
N LEU K 93 13.08 57.74 -24.11
CA LEU K 93 14.38 57.09 -24.24
C LEU K 93 15.49 58.08 -24.58
N VAL K 94 16.52 58.11 -23.73
CA VAL K 94 17.68 59.00 -23.93
C VAL K 94 18.78 58.15 -24.57
N THR K 95 19.12 58.43 -25.83
CA THR K 95 20.12 57.68 -26.59
C THR K 95 21.39 58.50 -26.74
N VAL K 96 22.49 58.00 -26.15
CA VAL K 96 23.79 58.68 -26.17
C VAL K 96 24.76 57.89 -27.03
N ASN K 97 25.34 58.56 -28.06
CA ASN K 97 26.33 57.96 -28.95
C ASN K 97 27.69 58.49 -28.48
N TRP K 98 28.58 57.56 -28.07
CA TRP K 98 29.90 57.83 -27.49
C TRP K 98 29.81 58.49 -26.11
N PRO K 99 29.14 57.82 -25.14
CA PRO K 99 29.02 58.41 -23.80
C PRO K 99 30.35 58.50 -23.04
N ILE K 100 31.25 57.54 -23.34
CA ILE K 100 32.58 57.46 -22.74
C ILE K 100 33.59 57.66 -23.86
N GLU K 101 34.52 58.62 -23.66
CA GLU K 101 35.59 58.96 -24.58
C GLU K 101 36.54 57.75 -24.76
N PRO K 102 36.77 57.30 -26.02
CA PRO K 102 37.66 56.13 -26.21
C PRO K 102 39.16 56.47 -26.18
N ASP K 103 39.97 55.42 -26.02
CA ASP K 103 41.43 55.47 -25.98
C ASP K 103 41.94 54.44 -27.02
N ASP K 104 43.26 54.21 -27.05
CA ASP K 104 43.97 53.31 -27.97
C ASP K 104 43.83 51.81 -27.71
N PHE K 105 43.33 51.43 -26.51
CA PHE K 105 43.07 50.03 -26.19
C PHE K 105 41.68 49.60 -26.68
N LYS K 106 41.61 48.42 -27.34
CA LYS K 106 40.34 47.86 -27.83
C LYS K 106 40.22 46.37 -27.53
N ALA K 107 39.30 46.02 -26.62
CA ALA K 107 39.00 44.62 -26.31
C ALA K 107 38.16 44.11 -27.49
N GLY K 108 38.44 42.91 -27.96
CA GLY K 108 37.73 42.32 -29.10
C GLY K 108 38.07 42.95 -30.43
N GLU K 109 39.30 43.49 -30.53
CA GLU K 109 39.88 44.19 -31.69
C GLU K 109 40.01 43.24 -32.86
N ILE K 110 39.58 43.66 -34.08
CA ILE K 110 39.73 42.84 -35.28
C ILE K 110 40.90 43.41 -36.11
N LYS K 111 41.92 42.59 -36.38
CA LYS K 111 43.08 42.97 -37.20
C LYS K 111 42.93 42.29 -38.55
N PHE K 112 42.82 43.08 -39.65
CA PHE K 112 42.60 42.56 -40.99
C PHE K 112 43.76 41.73 -41.55
N ALA K 113 43.43 40.76 -42.44
CA ALA K 113 44.42 39.92 -43.12
C ALA K 113 45.16 40.75 -44.16
N SER K 114 44.43 41.70 -44.79
CA SER K 114 44.87 42.60 -45.84
C SER K 114 44.04 43.89 -45.79
N ASP K 115 44.54 44.97 -46.43
CA ASP K 115 43.82 46.24 -46.47
C ASP K 115 43.13 46.46 -47.83
N LYS K 116 43.41 45.55 -48.78
CA LYS K 116 42.83 45.52 -50.12
C LYS K 116 41.32 45.30 -50.05
N ASP K 117 40.57 46.01 -50.92
CA ASP K 117 39.12 45.90 -51.05
C ASP K 117 38.68 44.49 -51.43
N ILE K 118 37.43 44.13 -51.06
CA ILE K 118 36.87 42.81 -51.34
C ILE K 118 36.03 42.90 -52.61
N GLU K 119 36.38 42.09 -53.62
CA GLU K 119 35.64 42.04 -54.88
C GLU K 119 34.42 41.14 -54.67
N LEU K 120 33.24 41.78 -54.48
CA LEU K 120 31.94 41.13 -54.29
C LEU K 120 31.40 40.80 -55.66
N ASN K 121 30.63 39.71 -55.78
CA ASN K 121 30.00 39.30 -57.04
C ASN K 121 31.00 39.19 -58.18
N ALA K 122 32.16 38.60 -57.86
CA ALA K 122 33.29 38.42 -58.76
C ALA K 122 32.92 37.60 -60.00
N GLY K 123 33.35 38.08 -61.16
CA GLY K 123 33.10 37.40 -62.43
C GLY K 123 31.75 37.61 -63.06
N LYS K 124 30.84 38.33 -62.38
CA LYS K 124 29.50 38.57 -62.92
C LYS K 124 29.57 39.75 -63.90
N GLU K 125 28.86 39.64 -65.03
CA GLU K 125 28.82 40.64 -66.09
C GLU K 125 27.96 41.84 -65.69
N ILE K 126 28.61 43.02 -65.61
CA ILE K 126 27.94 44.28 -65.24
C ILE K 126 27.20 44.88 -66.43
N THR K 127 25.95 45.34 -66.19
CA THR K 127 25.05 45.99 -67.14
C THR K 127 24.79 47.42 -66.60
N GLU K 128 25.26 48.46 -67.33
CA GLU K 128 25.00 49.84 -66.90
C GLU K 128 23.63 50.26 -67.40
N LEU K 129 22.83 50.86 -66.53
CA LEU K 129 21.46 51.24 -66.88
C LEU K 129 21.04 52.58 -66.28
N LYS K 130 20.49 53.48 -67.11
CA LYS K 130 20.01 54.78 -66.67
C LYS K 130 18.59 54.61 -66.11
N VAL K 131 18.37 55.02 -64.85
CA VAL K 131 17.06 54.93 -64.18
C VAL K 131 16.63 56.33 -63.69
N THR K 132 15.34 56.64 -63.81
CA THR K 132 14.77 57.91 -63.37
C THR K 132 13.53 57.66 -62.51
N ASN K 133 13.52 58.23 -61.29
CA ASN K 133 12.35 58.10 -60.43
C ASN K 133 11.39 59.23 -60.81
N LYS K 134 10.45 58.92 -61.72
CA LYS K 134 9.42 59.83 -62.23
C LYS K 134 8.29 60.05 -61.21
N GLY K 135 8.32 59.31 -60.10
CA GLY K 135 7.33 59.38 -59.03
C GLY K 135 7.51 60.58 -58.11
N PRO K 136 6.48 60.90 -57.28
CA PRO K 136 6.59 62.07 -56.38
C PRO K 136 7.34 61.82 -55.07
N LYS K 137 7.60 60.54 -54.77
CA LYS K 137 8.25 60.11 -53.52
C LYS K 137 9.50 59.33 -53.82
N SER K 138 10.53 59.49 -52.99
CA SER K 138 11.79 58.77 -53.15
C SER K 138 11.60 57.29 -52.82
N LEU K 139 12.46 56.43 -53.36
CA LEU K 139 12.42 54.99 -53.11
C LEU K 139 13.79 54.36 -53.07
N HIS K 140 13.89 53.19 -52.45
CA HIS K 140 15.13 52.41 -52.36
C HIS K 140 14.88 51.02 -52.95
N VAL K 141 15.92 50.37 -53.48
CA VAL K 141 15.82 49.01 -54.06
C VAL K 141 16.97 48.20 -53.47
N GLY K 142 16.63 47.05 -52.87
CA GLY K 142 17.59 46.16 -52.23
C GLY K 142 18.47 45.38 -53.18
N SER K 143 19.62 44.89 -52.66
CA SER K 143 20.65 44.11 -53.37
C SER K 143 20.14 42.88 -54.13
N HIS K 144 19.17 42.15 -53.55
CA HIS K 144 18.64 40.92 -54.14
C HIS K 144 17.23 40.98 -54.74
N PHE K 145 16.66 42.19 -54.83
CA PHE K 145 15.34 42.38 -55.43
C PHE K 145 15.49 42.26 -56.95
N HIS K 146 14.52 41.58 -57.64
CA HIS K 146 14.56 41.44 -59.10
C HIS K 146 14.29 42.82 -59.69
N PHE K 147 15.36 43.53 -60.13
CA PHE K 147 15.30 44.91 -60.60
C PHE K 147 14.18 45.21 -61.57
N PHE K 148 13.92 44.27 -62.46
CA PHE K 148 12.85 44.30 -63.45
C PHE K 148 11.46 44.59 -62.82
N GLU K 149 11.24 44.10 -61.58
CA GLU K 149 9.97 44.25 -60.84
C GLU K 149 9.87 45.49 -59.92
N ALA K 150 10.88 46.40 -59.95
CA ALA K 150 10.91 47.63 -59.12
C ALA K 150 9.71 48.54 -59.39
N ASN K 151 9.30 49.34 -58.37
CA ASN K 151 8.20 50.31 -58.40
C ASN K 151 8.01 50.92 -59.79
N ARG K 152 6.76 50.89 -60.31
CA ARG K 152 6.47 51.42 -61.65
C ARG K 152 6.81 52.91 -61.85
N ALA K 153 7.14 53.62 -60.72
CA ALA K 153 7.58 55.01 -60.67
C ALA K 153 8.93 55.16 -61.35
N LEU K 154 9.75 54.09 -61.30
CA LEU K 154 11.08 54.04 -61.92
C LEU K 154 10.99 53.85 -63.43
N GLU K 155 11.66 54.74 -64.17
CA GLU K 155 11.67 54.70 -65.62
C GLU K 155 13.06 54.24 -66.10
N PHE K 156 13.09 53.09 -66.79
CA PHE K 156 14.30 52.46 -67.34
C PHE K 156 13.93 51.40 -68.39
N ASP K 157 14.94 50.95 -69.18
CA ASP K 157 14.74 49.90 -70.19
C ASP K 157 14.63 48.58 -69.44
N ARG K 158 13.38 48.24 -69.04
CA ARG K 158 13.07 47.06 -68.23
C ARG K 158 13.60 45.75 -68.83
N GLU K 159 13.58 45.62 -70.18
CA GLU K 159 14.08 44.47 -70.92
C GLU K 159 15.54 44.16 -70.50
N LYS K 160 16.35 45.22 -70.35
CA LYS K 160 17.75 45.12 -69.95
C LYS K 160 17.97 44.74 -68.50
N ALA K 161 16.94 44.87 -67.65
CA ALA K 161 16.98 44.54 -66.21
C ALA K 161 16.38 43.15 -65.90
N TYR K 162 15.82 42.47 -66.92
CA TYR K 162 15.22 41.15 -66.80
C TYR K 162 16.24 40.11 -66.33
N GLY K 163 15.95 39.47 -65.21
CA GLY K 163 16.79 38.46 -64.57
C GLY K 163 18.06 38.98 -63.92
N LYS K 164 18.05 40.26 -63.51
CA LYS K 164 19.20 40.92 -62.91
C LYS K 164 18.87 41.59 -61.58
N ARG K 165 19.92 41.87 -60.79
CA ARG K 165 19.88 42.53 -59.48
C ARG K 165 21.04 43.53 -59.37
N LEU K 166 20.97 44.44 -58.38
CA LEU K 166 21.99 45.46 -58.18
C LEU K 166 23.34 44.88 -57.72
N ASP K 167 24.45 45.34 -58.35
CA ASP K 167 25.80 44.95 -57.97
C ASP K 167 26.23 45.88 -56.83
N ILE K 168 25.65 45.65 -55.64
CA ILE K 168 25.88 46.41 -54.41
C ILE K 168 26.05 45.43 -53.26
N PRO K 169 26.68 45.82 -52.10
CA PRO K 169 26.84 44.86 -50.99
C PRO K 169 25.52 44.24 -50.56
N SER K 170 25.56 42.93 -50.22
CA SER K 170 24.39 42.18 -49.78
C SER K 170 23.77 42.84 -48.55
N GLY K 171 22.47 43.14 -48.66
CA GLY K 171 21.74 43.82 -47.58
C GLY K 171 21.62 45.32 -47.77
N ASN K 172 22.47 45.92 -48.62
CA ASN K 172 22.39 47.36 -48.90
C ASN K 172 21.25 47.67 -49.86
N THR K 173 20.87 48.96 -49.93
CA THR K 173 19.82 49.45 -50.83
C THR K 173 20.35 50.64 -51.60
N LEU K 174 19.83 50.87 -52.81
CA LEU K 174 20.17 52.03 -53.61
C LEU K 174 18.99 52.98 -53.57
N ARG K 175 19.24 54.26 -53.24
CA ARG K 175 18.19 55.27 -53.18
C ARG K 175 18.07 56.01 -54.51
N ILE K 176 16.84 56.22 -55.00
CA ILE K 176 16.58 57.02 -56.19
C ILE K 176 15.51 58.02 -55.73
N GLY K 177 15.93 59.26 -55.49
CA GLY K 177 15.07 60.34 -55.00
C GLY K 177 14.01 60.72 -55.99
N ALA K 178 12.95 61.41 -55.51
CA ALA K 178 11.88 61.86 -56.40
C ALA K 178 12.47 62.82 -57.44
N GLY K 179 12.34 62.44 -58.73
CA GLY K 179 12.86 63.19 -59.86
C GLY K 179 14.31 62.92 -60.24
N GLU K 180 15.08 62.24 -59.34
CA GLU K 180 16.50 61.92 -59.52
C GLU K 180 16.76 60.89 -60.64
N THR K 181 17.88 61.08 -61.38
CA THR K 181 18.37 60.17 -62.41
C THR K 181 19.72 59.60 -61.95
N LYS K 182 19.89 58.28 -62.08
CA LYS K 182 21.09 57.56 -61.67
C LYS K 182 21.50 56.49 -62.69
N THR K 183 22.81 56.17 -62.72
CA THR K 183 23.30 55.06 -63.53
C THR K 183 23.51 53.91 -62.55
N VAL K 184 22.72 52.84 -62.71
CA VAL K 184 22.82 51.67 -61.87
C VAL K 184 23.68 50.59 -62.53
N HIS K 185 24.29 49.74 -61.72
CA HIS K 185 25.10 48.62 -62.20
C HIS K 185 24.39 47.35 -61.81
N LEU K 186 23.92 46.61 -62.82
CA LEU K 186 23.19 45.36 -62.63
C LEU K 186 24.01 44.14 -63.01
N ILE K 187 23.84 43.06 -62.25
CA ILE K 187 24.51 41.79 -62.48
C ILE K 187 23.46 40.68 -62.55
N PRO K 188 23.68 39.58 -63.29
CA PRO K 188 22.64 38.54 -63.34
C PRO K 188 22.47 37.83 -61.99
N ILE K 189 21.20 37.55 -61.61
CA ILE K 189 20.85 36.85 -60.36
C ILE K 189 21.57 35.50 -60.28
N GLY K 190 22.03 35.14 -59.08
CA GLY K 190 22.72 33.87 -58.84
C GLY K 190 21.82 32.65 -58.89
N GLY K 191 22.39 31.49 -58.60
CA GLY K 191 21.66 30.23 -58.58
C GLY K 191 20.95 29.93 -59.88
N SER K 192 19.75 29.33 -59.78
CA SER K 192 18.92 28.95 -60.94
C SER K 192 18.17 30.11 -61.59
N LYS K 193 18.12 31.28 -60.94
CA LYS K 193 17.34 32.45 -61.42
C LYS K 193 15.83 32.12 -61.39
N LYS K 194 15.38 31.36 -60.36
CA LYS K 194 13.98 31.02 -60.17
C LYS K 194 13.38 32.15 -59.37
N ILE K 195 12.83 33.15 -60.08
CA ILE K 195 12.27 34.34 -59.46
C ILE K 195 10.79 34.13 -59.13
N ILE K 196 10.49 33.88 -57.84
CA ILE K 196 9.11 33.69 -57.35
C ILE K 196 8.73 34.82 -56.38
N GLY K 197 7.64 35.52 -56.69
CA GLY K 197 7.12 36.58 -55.84
C GLY K 197 7.30 38.00 -56.35
N MET K 198 7.60 38.92 -55.40
CA MET K 198 7.77 40.38 -55.57
C MET K 198 6.53 41.04 -56.21
N ASN K 199 6.54 41.27 -57.52
CA ASN K 199 5.40 41.85 -58.22
C ASN K 199 4.69 40.83 -59.12
N GLY K 200 5.17 39.59 -59.06
CA GLY K 200 4.65 38.45 -59.81
C GLY K 200 4.69 38.59 -61.32
N LEU K 201 5.67 39.38 -61.83
CA LEU K 201 5.84 39.63 -63.26
C LEU K 201 6.49 38.43 -63.94
N LEU K 202 7.25 37.64 -63.16
CA LEU K 202 7.94 36.48 -63.69
C LEU K 202 7.45 35.14 -63.14
N ASN K 203 7.62 34.90 -61.81
CA ASN K 203 7.20 33.66 -61.14
C ASN K 203 7.64 32.38 -61.89
N GLY K 204 8.95 32.24 -62.04
CA GLY K 204 9.60 31.13 -62.73
C GLY K 204 11.03 31.44 -63.06
N ILE K 205 11.67 30.60 -63.89
CA ILE K 205 13.07 30.83 -64.29
C ILE K 205 13.16 32.02 -65.24
N ALA K 206 14.14 32.91 -65.03
CA ALA K 206 14.36 34.08 -65.88
C ALA K 206 15.19 33.68 -67.10
N ASP K 207 14.61 32.84 -67.98
CA ASP K 207 15.29 32.39 -69.21
C ASP K 207 14.77 33.18 -70.40
N ASP K 208 15.28 32.89 -71.61
CA ASP K 208 14.82 33.60 -72.80
C ASP K 208 13.38 33.23 -73.12
N LEU K 209 13.03 31.96 -72.86
CA LEU K 209 11.70 31.40 -73.10
C LEU K 209 10.58 32.14 -72.37
N HIS K 210 10.81 32.55 -71.10
CA HIS K 210 9.85 33.26 -70.24
C HIS K 210 9.79 34.76 -70.50
N LYS K 211 10.85 35.34 -71.12
CA LYS K 211 11.00 36.78 -71.37
C LYS K 211 9.83 37.53 -72.01
N GLN K 212 9.32 37.08 -73.18
CA GLN K 212 8.20 37.78 -73.83
C GLN K 212 6.96 37.88 -72.97
N LYS K 213 6.59 36.76 -72.33
CA LYS K 213 5.47 36.61 -71.39
C LYS K 213 5.64 37.65 -70.25
N ALA K 214 6.87 37.73 -69.66
CA ALA K 214 7.24 38.63 -68.56
C ALA K 214 7.12 40.10 -68.97
N LEU K 215 7.61 40.44 -70.18
CA LEU K 215 7.53 41.80 -70.72
C LEU K 215 6.07 42.19 -70.96
N GLU K 216 5.23 41.25 -71.40
CA GLU K 216 3.80 41.48 -71.63
C GLU K 216 3.08 41.75 -70.31
N LYS K 217 3.39 40.96 -69.25
CA LYS K 217 2.81 41.11 -67.91
C LYS K 217 3.24 42.47 -67.32
N ALA K 218 4.53 42.85 -67.51
CA ALA K 218 5.07 44.12 -67.03
C ALA K 218 4.36 45.30 -67.67
N LYS K 219 4.10 45.23 -69.00
CA LYS K 219 3.40 46.26 -69.76
C LYS K 219 1.94 46.35 -69.28
N HIS K 220 1.27 45.19 -69.17
CA HIS K 220 -0.11 45.07 -68.74
C HIS K 220 -0.32 45.61 -67.33
N HIS K 221 0.63 45.38 -66.42
CA HIS K 221 0.55 45.86 -65.04
C HIS K 221 1.09 47.29 -64.83
N GLY K 222 1.57 47.92 -65.90
CA GLY K 222 2.02 49.30 -65.86
C GLY K 222 3.47 49.58 -65.54
N PHE K 223 4.30 48.54 -65.47
CA PHE K 223 5.73 48.70 -65.19
C PHE K 223 6.44 49.22 -66.43
N ILE K 224 6.07 48.69 -67.61
CA ILE K 224 6.55 49.14 -68.93
C ILE K 224 5.43 50.01 -69.48
N LYS K 225 5.76 51.25 -69.81
CA LYS K 225 4.80 52.24 -70.33
C LYS K 225 4.69 52.13 -71.86
N MET L 1 31.52 44.12 -57.53
CA MET L 1 31.90 45.46 -57.06
C MET L 1 32.89 45.41 -55.90
N LYS L 2 33.82 46.39 -55.86
CA LYS L 2 34.85 46.45 -54.82
C LYS L 2 34.40 47.16 -53.55
N MET L 3 34.38 46.44 -52.41
CA MET L 3 33.96 46.95 -51.10
C MET L 3 35.17 47.18 -50.20
N LYS L 4 35.26 48.37 -49.56
CA LYS L 4 36.36 48.69 -48.65
C LYS L 4 36.38 47.69 -47.48
N ARG L 5 37.57 47.13 -47.17
CA ARG L 5 37.79 46.11 -46.14
C ARG L 5 37.15 46.43 -44.79
N GLN L 6 37.25 47.68 -44.33
CA GLN L 6 36.66 48.14 -43.08
C GLN L 6 35.14 48.03 -43.18
N GLU L 7 34.55 48.49 -44.31
CA GLU L 7 33.11 48.42 -44.54
C GLU L 7 32.59 46.99 -44.58
N TYR L 8 33.34 46.06 -45.23
CA TYR L 8 32.98 44.65 -45.29
C TYR L 8 32.88 44.13 -43.85
N VAL L 9 33.98 44.26 -43.08
CA VAL L 9 34.07 43.78 -41.69
C VAL L 9 32.95 44.36 -40.80
N ASN L 10 32.62 45.66 -40.94
CA ASN L 10 31.52 46.26 -40.18
C ASN L 10 30.19 45.58 -40.46
N THR L 11 29.91 45.33 -41.75
CA THR L 11 28.67 44.75 -42.24
C THR L 11 28.53 43.24 -41.96
N TYR L 12 29.59 42.45 -42.21
CA TYR L 12 29.50 41.00 -42.11
C TYR L 12 30.38 40.32 -41.08
N GLY L 13 31.25 41.06 -40.43
CA GLY L 13 32.18 40.45 -39.48
C GLY L 13 33.48 40.09 -40.16
N PRO L 14 34.44 39.48 -39.44
CA PRO L 14 35.74 39.18 -40.06
C PRO L 14 35.72 38.06 -41.08
N THR L 15 36.63 38.12 -42.06
CA THR L 15 36.78 37.08 -43.06
C THR L 15 38.15 36.38 -42.96
N THR L 16 38.46 35.44 -43.87
CA THR L 16 39.71 34.66 -43.89
C THR L 16 40.95 35.52 -43.69
N GLY L 17 41.75 35.12 -42.71
CA GLY L 17 42.99 35.81 -42.38
C GLY L 17 42.91 36.88 -41.31
N ASP L 18 41.69 37.35 -40.98
CA ASP L 18 41.50 38.36 -39.95
C ASP L 18 41.71 37.75 -38.58
N LYS L 19 42.24 38.56 -37.64
CA LYS L 19 42.57 38.15 -36.28
C LYS L 19 41.65 38.87 -35.30
N VAL L 20 41.05 38.11 -34.37
CA VAL L 20 40.15 38.66 -33.36
C VAL L 20 40.76 38.49 -31.98
N ARG L 21 40.85 39.61 -31.21
CA ARG L 21 41.36 39.57 -29.84
C ARG L 21 40.24 38.97 -28.96
N LEU L 22 40.55 37.94 -28.18
CA LEU L 22 39.56 37.35 -27.29
C LEU L 22 39.47 38.19 -26.02
N GLY L 23 38.38 38.94 -25.88
CA GLY L 23 38.17 39.84 -24.73
C GLY L 23 39.29 40.86 -24.60
N ASP L 24 39.81 41.02 -23.37
CA ASP L 24 40.94 41.91 -23.09
C ASP L 24 42.23 41.11 -22.87
N THR L 25 42.23 39.81 -23.33
CA THR L 25 43.40 38.92 -23.24
C THR L 25 44.36 39.21 -24.40
N ASP L 26 45.52 38.54 -24.42
CA ASP L 26 46.45 38.70 -25.52
C ASP L 26 46.36 37.51 -26.51
N LEU L 27 45.18 36.86 -26.55
CA LEU L 27 44.91 35.72 -27.40
C LEU L 27 44.21 36.16 -28.66
N TRP L 28 44.78 35.79 -29.82
CA TRP L 28 44.27 36.16 -31.15
C TRP L 28 43.78 34.97 -31.96
N ALA L 29 42.47 34.97 -32.27
CA ALA L 29 41.83 33.93 -33.08
C ALA L 29 41.85 34.37 -34.53
N GLU L 30 42.48 33.55 -35.42
CA GLU L 30 42.54 33.85 -36.86
C GLU L 30 41.47 33.07 -37.62
N VAL L 31 40.70 33.75 -38.50
CA VAL L 31 39.67 33.11 -39.33
C VAL L 31 40.41 32.19 -40.32
N GLU L 32 40.24 30.88 -40.14
CA GLU L 32 40.93 29.89 -40.96
C GLU L 32 40.36 29.73 -42.36
N HIS L 33 39.03 29.90 -42.49
CA HIS L 33 38.30 29.78 -43.74
C HIS L 33 36.98 30.49 -43.63
N ASP L 34 36.43 30.94 -44.76
CA ASP L 34 35.12 31.57 -44.85
C ASP L 34 34.32 30.79 -45.87
N TYR L 35 33.16 30.27 -45.45
CA TYR L 35 32.32 29.44 -46.30
C TYR L 35 31.37 30.21 -47.20
N THR L 36 31.46 31.57 -47.19
CA THR L 36 30.59 32.41 -48.01
C THR L 36 31.08 32.59 -49.43
N VAL L 37 30.21 33.20 -50.25
CA VAL L 37 30.45 33.67 -51.61
C VAL L 37 30.28 35.20 -51.48
N TYR L 38 31.38 35.96 -51.68
CA TYR L 38 31.34 37.42 -51.54
C TYR L 38 30.31 38.05 -52.46
N GLY L 39 29.32 38.69 -51.83
CA GLY L 39 28.22 39.36 -52.51
C GLY L 39 26.88 38.70 -52.23
N GLU L 40 26.94 37.43 -51.74
CA GLU L 40 25.79 36.58 -51.43
C GLU L 40 25.55 36.42 -49.91
N GLU L 41 26.28 37.17 -49.07
CA GLU L 41 26.18 37.10 -47.58
C GLU L 41 24.77 37.39 -47.09
N LEU L 42 24.26 36.63 -46.09
CA LEU L 42 22.92 36.92 -45.60
C LEU L 42 22.91 38.04 -44.56
N LYS L 43 22.03 39.04 -44.77
CA LYS L 43 21.82 40.15 -43.84
C LYS L 43 20.32 40.28 -43.60
N PHE L 44 19.91 40.41 -42.32
CA PHE L 44 18.49 40.56 -41.96
C PHE L 44 18.16 42.02 -41.67
N GLY L 45 17.02 42.46 -42.19
CA GLY L 45 16.55 43.83 -41.98
C GLY L 45 15.73 44.31 -43.13
N ALA L 46 15.21 45.55 -43.00
CA ALA L 46 14.41 46.22 -44.02
C ALA L 46 15.26 46.48 -45.27
N GLY L 47 14.82 45.97 -46.40
CA GLY L 47 15.53 46.11 -47.67
C GLY L 47 16.77 45.25 -47.77
N LYS L 48 16.96 44.34 -46.78
CA LYS L 48 18.13 43.47 -46.74
C LYS L 48 18.01 42.16 -47.55
N THR L 49 18.84 41.13 -47.23
CA THR L 49 18.88 39.87 -48.01
C THR L 49 17.73 38.91 -47.71
N ILE L 50 17.54 38.54 -46.43
CA ILE L 50 16.54 37.57 -45.99
C ILE L 50 15.11 38.12 -46.16
N ARG L 51 14.61 38.11 -47.42
CA ARG L 51 13.28 38.58 -47.81
C ARG L 51 12.65 37.65 -48.86
N GLU L 52 11.31 37.54 -48.82
CA GLU L 52 10.47 36.70 -49.68
C GLU L 52 10.94 36.69 -51.15
N GLY L 53 11.32 35.51 -51.62
CA GLY L 53 11.77 35.27 -52.99
C GLY L 53 13.15 35.76 -53.34
N MET L 54 13.88 36.31 -52.35
CA MET L 54 15.24 36.82 -52.50
C MET L 54 16.21 35.91 -51.73
N GLY L 55 16.64 36.32 -50.53
CA GLY L 55 17.50 35.50 -49.68
C GLY L 55 16.71 34.40 -48.99
N GLN L 56 15.41 34.64 -48.78
CA GLN L 56 14.46 33.72 -48.19
C GLN L 56 13.76 33.05 -49.36
N SER L 57 13.77 31.71 -49.41
CA SER L 57 13.16 30.94 -50.50
C SER L 57 11.64 30.93 -50.49
N ASN L 58 11.04 30.84 -51.69
CA ASN L 58 9.59 30.69 -51.84
C ASN L 58 9.30 29.25 -52.27
N SER L 59 10.39 28.49 -52.54
CA SER L 59 10.33 27.10 -52.93
C SER L 59 10.36 26.25 -51.66
N PRO L 60 9.33 25.41 -51.41
CA PRO L 60 9.36 24.55 -50.21
C PRO L 60 10.55 23.56 -50.26
N ASP L 61 11.16 23.28 -49.09
CA ASP L 61 12.29 22.35 -49.00
C ASP L 61 12.23 21.59 -47.71
N GLU L 62 12.62 20.31 -47.78
CA GLU L 62 12.63 19.39 -46.65
C GLU L 62 13.62 19.87 -45.57
N ASN L 63 14.64 20.65 -46.00
CA ASN L 63 15.67 21.21 -45.14
C ASN L 63 15.46 22.71 -44.82
N THR L 64 14.18 23.19 -44.76
CA THR L 64 13.95 24.58 -44.38
C THR L 64 14.32 24.71 -42.90
N LEU L 65 15.36 25.53 -42.61
CA LEU L 65 15.88 25.74 -41.27
C LEU L 65 14.86 26.41 -40.34
N ASP L 66 14.93 26.09 -39.03
CA ASP L 66 14.05 26.69 -38.04
C ASP L 66 14.69 28.02 -37.58
N LEU L 67 16.05 28.06 -37.61
CA LEU L 67 16.85 29.23 -37.25
C LEU L 67 18.12 29.27 -38.07
N VAL L 68 18.53 30.49 -38.43
CA VAL L 68 19.76 30.75 -39.14
C VAL L 68 20.59 31.76 -38.33
N ILE L 69 21.84 31.39 -38.02
CA ILE L 69 22.77 32.28 -37.34
C ILE L 69 23.69 32.74 -38.47
N THR L 70 23.43 33.93 -39.00
CA THR L 70 24.14 34.49 -40.14
C THR L 70 25.52 35.03 -39.78
N ASN L 71 26.53 34.73 -40.61
CA ASN L 71 27.91 35.23 -40.50
C ASN L 71 28.58 35.07 -39.12
N ALA L 72 28.46 33.86 -38.56
CA ALA L 72 29.06 33.51 -37.27
C ALA L 72 30.55 33.20 -37.37
N LEU L 73 31.32 33.55 -36.32
CA LEU L 73 32.71 33.15 -36.25
C LEU L 73 32.73 32.01 -35.23
N ILE L 74 32.80 30.75 -35.74
CA ILE L 74 32.85 29.56 -34.90
C ILE L 74 34.25 29.43 -34.29
N ILE L 75 34.31 29.19 -32.96
CA ILE L 75 35.52 28.88 -32.21
C ILE L 75 35.19 27.55 -31.54
N ASP L 76 35.85 26.47 -32.03
CA ASP L 76 35.63 25.09 -31.59
C ASP L 76 36.89 24.27 -31.84
N TYR L 77 37.01 23.08 -31.19
CA TYR L 77 38.15 22.21 -31.42
C TYR L 77 38.25 21.82 -32.93
N THR L 78 37.08 21.81 -33.62
CA THR L 78 36.93 21.49 -35.05
C THR L 78 37.52 22.57 -35.97
N GLY L 79 37.73 23.77 -35.43
CA GLY L 79 38.30 24.89 -36.16
C GLY L 79 37.77 26.25 -35.77
N ILE L 80 38.50 27.31 -36.19
CA ILE L 80 38.15 28.72 -36.00
C ILE L 80 37.90 29.25 -37.41
N TYR L 81 36.63 29.24 -37.83
CA TYR L 81 36.24 29.63 -39.18
C TYR L 81 34.96 30.47 -39.20
N LYS L 82 34.64 31.05 -40.36
CA LYS L 82 33.47 31.89 -40.61
C LYS L 82 32.44 31.11 -41.41
N ALA L 83 31.21 31.02 -40.90
CA ALA L 83 30.13 30.30 -41.56
C ALA L 83 28.75 30.70 -41.04
N ASP L 84 27.69 30.34 -41.78
CA ASP L 84 26.32 30.50 -41.36
C ASP L 84 26.01 29.16 -40.63
N ILE L 85 25.29 29.23 -39.50
CA ILE L 85 24.91 28.03 -38.74
C ILE L 85 23.40 27.86 -38.91
N GLY L 86 22.98 26.65 -39.29
CA GLY L 86 21.57 26.32 -39.46
C GLY L 86 21.05 25.35 -38.42
N ILE L 87 20.02 25.77 -37.68
CA ILE L 87 19.38 24.93 -36.68
C ILE L 87 18.02 24.44 -37.23
N LYS L 88 17.69 23.17 -36.96
CA LYS L 88 16.44 22.52 -37.34
C LYS L 88 16.19 21.38 -36.37
N ASN L 89 14.98 21.32 -35.81
CA ASN L 89 14.55 20.29 -34.84
C ASN L 89 15.45 20.23 -33.60
N GLY L 90 15.89 21.41 -33.15
CA GLY L 90 16.75 21.60 -31.98
C GLY L 90 18.13 21.00 -32.11
N LYS L 91 18.61 20.84 -33.35
CA LYS L 91 19.91 20.27 -33.67
C LYS L 91 20.63 21.13 -34.68
N ILE L 92 21.97 21.06 -34.73
CA ILE L 92 22.78 21.77 -35.72
C ILE L 92 22.57 21.02 -37.06
N HIS L 93 21.67 21.54 -37.90
CA HIS L 93 21.30 20.93 -39.18
C HIS L 93 22.41 21.02 -40.21
N GLY L 94 23.07 22.17 -40.25
CA GLY L 94 24.15 22.41 -41.20
C GLY L 94 25.00 23.60 -40.81
N ILE L 95 26.26 23.59 -41.28
CA ILE L 95 27.24 24.67 -41.10
C ILE L 95 27.82 24.91 -42.50
N GLY L 96 27.76 26.17 -42.97
CA GLY L 96 28.27 26.52 -44.28
C GLY L 96 27.72 27.83 -44.80
N LYS L 97 27.03 27.77 -45.95
CA LYS L 97 26.42 28.94 -46.58
C LYS L 97 24.92 28.74 -46.68
N ALA L 98 24.14 29.52 -45.92
CA ALA L 98 22.68 29.43 -45.93
C ALA L 98 22.08 30.41 -46.92
N GLY L 99 20.84 30.16 -47.33
CA GLY L 99 20.13 31.03 -48.26
C GLY L 99 19.17 30.37 -49.22
N ASN L 100 19.04 30.97 -50.42
CA ASN L 100 18.12 30.56 -51.47
C ASN L 100 18.82 30.20 -52.79
N LYS L 101 18.93 28.90 -53.10
CA LYS L 101 19.55 28.38 -54.32
C LYS L 101 18.85 28.87 -55.61
N ASP L 102 17.62 29.39 -55.45
CA ASP L 102 16.83 29.93 -56.56
C ASP L 102 17.43 31.27 -57.03
N MET L 103 18.01 32.05 -56.09
CA MET L 103 18.54 33.40 -56.35
C MET L 103 20.02 33.61 -55.99
N GLN L 104 20.64 32.61 -55.34
CA GLN L 104 22.01 32.76 -54.86
C GLN L 104 22.94 31.63 -55.26
N ASP L 105 24.22 31.98 -55.35
CA ASP L 105 25.28 31.04 -55.68
C ASP L 105 25.93 30.47 -54.41
N GLY L 106 26.38 29.23 -54.52
CA GLY L 106 27.11 28.51 -53.51
C GLY L 106 26.42 28.21 -52.20
N VAL L 107 25.07 28.02 -52.23
CA VAL L 107 24.27 27.69 -51.04
C VAL L 107 24.48 26.20 -50.71
N THR L 108 24.79 25.90 -49.43
CA THR L 108 24.94 24.53 -48.91
C THR L 108 23.55 23.88 -49.04
N PRO L 109 23.44 22.74 -49.76
CA PRO L 109 22.12 22.15 -50.06
C PRO L 109 21.09 21.96 -48.95
N HIS L 110 21.54 21.61 -47.74
CA HIS L 110 20.65 21.36 -46.61
C HIS L 110 20.58 22.59 -45.67
N MET L 111 20.85 23.79 -46.22
CA MET L 111 20.82 25.04 -45.46
C MET L 111 19.89 26.07 -46.09
N VAL L 112 18.62 25.66 -46.25
CA VAL L 112 17.55 26.45 -46.87
C VAL L 112 16.94 27.44 -45.88
N VAL L 113 17.01 28.73 -46.20
CA VAL L 113 16.39 29.80 -45.44
C VAL L 113 15.01 29.98 -46.13
N GLY L 114 13.94 29.72 -45.39
CA GLY L 114 12.61 29.81 -45.94
C GLY L 114 11.61 30.53 -45.06
N VAL L 115 10.31 30.37 -45.39
CA VAL L 115 9.22 31.01 -44.67
C VAL L 115 9.26 30.67 -43.16
N GLY L 116 9.53 29.42 -42.82
CA GLY L 116 9.61 29.00 -41.43
C GLY L 116 10.92 29.27 -40.71
N THR L 117 11.85 30.05 -41.31
CA THR L 117 13.17 30.33 -40.69
C THR L 117 13.20 31.61 -39.88
N GLU L 118 13.76 31.54 -38.66
CA GLU L 118 13.98 32.69 -37.79
C GLU L 118 15.41 33.16 -38.02
N ALA L 119 15.68 34.47 -37.91
CA ALA L 119 17.02 35.03 -38.13
C ALA L 119 17.66 35.53 -36.85
N LEU L 120 18.94 35.17 -36.67
CA LEU L 120 19.79 35.63 -35.59
C LEU L 120 21.07 36.11 -36.23
N ALA L 121 21.38 37.41 -36.08
CA ALA L 121 22.55 38.01 -36.70
C ALA L 121 23.79 37.71 -35.88
N GLY L 122 24.64 36.86 -36.44
CA GLY L 122 25.90 36.47 -35.80
C GLY L 122 27.10 37.23 -36.36
N GLU L 123 26.87 38.15 -37.32
CA GLU L 123 27.91 38.97 -37.94
C GLU L 123 28.68 39.74 -36.87
N GLY L 124 29.96 39.42 -36.72
CA GLY L 124 30.83 40.06 -35.74
C GLY L 124 30.80 39.49 -34.35
N MET L 125 30.10 38.34 -34.19
CA MET L 125 29.99 37.59 -32.93
C MET L 125 30.78 36.30 -33.00
N ILE L 126 31.16 35.78 -31.83
CA ILE L 126 31.83 34.49 -31.72
C ILE L 126 30.76 33.49 -31.24
N ILE L 127 30.63 32.34 -31.92
CA ILE L 127 29.70 31.28 -31.53
C ILE L 127 30.55 30.09 -31.07
N THR L 128 30.29 29.60 -29.85
CA THR L 128 30.98 28.44 -29.26
C THR L 128 29.93 27.47 -28.75
N ALA L 129 30.34 26.21 -28.50
CA ALA L 129 29.47 25.20 -27.89
C ALA L 129 29.24 25.61 -26.43
N GLY L 130 28.15 25.14 -25.85
CA GLY L 130 27.86 25.40 -24.44
C GLY L 130 28.81 24.58 -23.59
N GLY L 131 29.35 25.19 -22.55
CA GLY L 131 30.27 24.55 -21.63
C GLY L 131 29.64 23.47 -20.79
N ILE L 132 30.47 22.45 -20.44
CA ILE L 132 30.10 21.29 -19.62
C ILE L 132 30.93 21.30 -18.33
N ASP L 133 30.25 21.46 -17.20
CA ASP L 133 30.91 21.47 -15.90
C ASP L 133 30.75 20.07 -15.29
N SER L 134 31.84 19.30 -15.33
CA SER L 134 31.86 17.92 -14.84
C SER L 134 32.09 17.78 -13.33
N HIS L 135 32.16 18.90 -12.56
CA HIS L 135 32.39 18.84 -11.12
C HIS L 135 31.42 19.77 -10.38
N THR L 136 30.14 19.42 -10.41
CA THR L 136 29.10 20.21 -9.78
C THR L 136 28.59 19.59 -8.48
N HIS L 137 28.63 20.38 -7.40
CA HIS L 137 28.06 19.95 -6.14
C HIS L 137 26.65 20.52 -6.19
N PHE L 138 25.62 19.65 -6.31
CA PHE L 138 24.22 20.09 -6.35
C PHE L 138 23.81 20.48 -4.90
N LEU L 139 24.28 21.67 -4.53
CA LEU L 139 24.24 22.30 -3.23
C LEU L 139 23.17 23.39 -3.14
N SER L 140 22.94 24.11 -4.24
CA SER L 140 21.98 25.21 -4.29
C SER L 140 21.41 25.34 -5.71
N PRO L 141 20.07 25.43 -5.90
CA PRO L 141 19.54 25.61 -7.27
C PRO L 141 19.91 26.98 -7.89
N GLN L 142 20.48 27.88 -7.07
CA GLN L 142 20.88 29.23 -7.47
C GLN L 142 22.20 29.20 -8.27
N GLN L 143 22.84 28.01 -8.33
CA GLN L 143 24.09 27.82 -9.07
C GLN L 143 23.78 27.88 -10.55
N PHE L 144 22.61 27.33 -10.96
CA PHE L 144 22.16 27.25 -12.33
C PHE L 144 22.12 28.60 -13.09
N PRO L 145 21.42 29.68 -12.62
CA PRO L 145 21.48 30.96 -13.36
C PRO L 145 22.90 31.51 -13.48
N THR L 146 23.72 31.39 -12.40
CA THR L 146 25.13 31.80 -12.32
C THR L 146 25.94 31.08 -13.40
N ALA L 147 25.70 29.76 -13.55
CA ALA L 147 26.36 28.90 -14.52
C ALA L 147 25.99 29.31 -15.95
N LEU L 148 24.68 29.45 -16.25
CA LEU L 148 24.19 29.88 -17.57
C LEU L 148 24.74 31.23 -17.97
N ALA L 149 24.77 32.18 -17.01
CA ALA L 149 25.30 33.53 -17.19
C ALA L 149 26.80 33.53 -17.50
N ASN L 150 27.45 32.35 -17.42
CA ASN L 150 28.86 32.17 -17.70
C ASN L 150 29.14 31.15 -18.80
N GLY L 151 28.11 30.87 -19.61
CA GLY L 151 28.19 30.00 -20.79
C GLY L 151 28.18 28.50 -20.56
N VAL L 152 27.77 28.05 -19.36
CA VAL L 152 27.70 26.62 -19.02
C VAL L 152 26.26 26.15 -19.17
N THR L 153 26.06 25.09 -20.01
CA THR L 153 24.75 24.54 -20.33
C THR L 153 24.51 23.12 -19.78
N THR L 154 25.57 22.40 -19.39
CA THR L 154 25.49 21.04 -18.86
C THR L 154 26.27 20.93 -17.56
N MET L 155 25.68 20.23 -16.57
CA MET L 155 26.26 20.03 -15.26
C MET L 155 26.28 18.58 -14.75
N PHE L 156 27.49 18.00 -14.61
CA PHE L 156 27.64 16.67 -14.04
C PHE L 156 28.21 16.80 -12.64
N GLY L 157 27.73 15.96 -11.74
CA GLY L 157 28.12 15.97 -10.34
C GLY L 157 27.10 15.25 -9.49
N GLY L 158 26.95 15.69 -8.25
CA GLY L 158 26.01 15.08 -7.31
C GLY L 158 25.75 15.96 -6.11
N GLY L 159 24.82 15.53 -5.28
CA GLY L 159 24.42 16.26 -4.09
C GLY L 159 22.95 16.11 -3.76
N THR L 160 22.56 16.65 -2.62
CA THR L 160 21.21 16.55 -2.09
C THR L 160 20.71 17.90 -1.65
N GLY L 161 21.64 18.83 -1.52
CA GLY L 161 21.35 20.17 -1.05
C GLY L 161 22.35 20.61 0.01
N PRO L 162 22.01 21.62 0.80
CA PRO L 162 22.97 22.15 1.80
C PRO L 162 23.19 21.30 3.04
N VAL L 163 23.55 20.02 2.82
CA VAL L 163 23.87 19.02 3.84
C VAL L 163 25.38 18.73 3.73
N ASP L 164 26.03 18.40 4.87
CA ASP L 164 27.47 18.15 4.98
C ASP L 164 28.09 17.24 3.92
N GLY L 165 27.41 16.15 3.61
CA GLY L 165 27.86 15.18 2.63
C GLY L 165 28.13 15.80 1.28
N THR L 166 27.14 16.61 0.79
CA THR L 166 27.13 17.36 -0.47
C THR L 166 28.14 18.52 -0.44
N ASN L 167 28.19 19.26 0.69
CA ASN L 167 29.09 20.39 0.93
C ASN L 167 30.53 19.99 0.68
N ALA L 168 30.82 18.70 0.87
CA ALA L 168 32.10 18.01 0.72
C ALA L 168 32.28 17.26 -0.58
N THR L 169 31.30 16.41 -0.96
CA THR L 169 31.35 15.47 -2.11
C THR L 169 30.25 15.67 -3.21
N THR L 170 30.60 15.43 -4.51
CA THR L 170 29.66 15.47 -5.67
C THR L 170 28.94 14.10 -5.69
N ILE L 171 28.13 13.78 -4.65
CA ILE L 171 27.46 12.48 -4.48
C ILE L 171 25.98 12.60 -4.07
N THR L 172 25.10 11.97 -4.88
CA THR L 172 23.65 11.83 -4.65
C THR L 172 23.57 10.34 -4.31
N PRO L 173 23.59 9.96 -3.00
CA PRO L 173 23.69 8.53 -2.65
C PRO L 173 22.39 7.73 -2.54
N GLY L 174 22.41 6.49 -3.04
CA GLY L 174 21.29 5.57 -2.97
C GLY L 174 20.15 5.86 -3.93
N VAL L 175 19.26 4.87 -4.07
CA VAL L 175 18.10 4.91 -4.96
C VAL L 175 17.14 6.07 -4.70
N TRP L 176 16.64 6.21 -3.46
CA TRP L 176 15.69 7.26 -3.10
C TRP L 176 16.16 8.67 -3.40
N ASN L 177 17.42 8.99 -3.01
CA ASN L 177 17.98 10.31 -3.25
C ASN L 177 18.19 10.58 -4.73
N LEU L 178 18.59 9.55 -5.49
CA LEU L 178 18.79 9.70 -6.94
C LEU L 178 17.46 10.00 -7.63
N HIS L 179 16.39 9.26 -7.27
CA HIS L 179 15.04 9.46 -7.78
C HIS L 179 14.53 10.86 -7.49
N ARG L 180 14.69 11.32 -6.25
CA ARG L 180 14.29 12.64 -5.81
C ARG L 180 14.95 13.76 -6.60
N MET L 181 16.28 13.65 -6.79
CA MET L 181 17.05 14.66 -7.51
C MET L 181 16.75 14.71 -9.01
N LEU L 182 16.57 13.54 -9.65
CA LEU L 182 16.21 13.45 -11.06
C LEU L 182 14.85 14.11 -11.32
N ARG L 183 13.93 14.03 -10.34
CA ARG L 183 12.61 14.64 -10.38
C ARG L 183 12.73 16.15 -10.08
N ALA L 184 13.67 16.54 -9.19
CA ALA L 184 13.89 17.96 -8.85
C ALA L 184 14.43 18.69 -10.09
N ALA L 185 15.27 17.98 -10.89
CA ALA L 185 15.93 18.47 -12.10
C ALA L 185 14.96 19.02 -13.11
N GLU L 186 13.69 18.56 -13.12
CA GLU L 186 12.63 18.99 -14.04
C GLU L 186 12.46 20.52 -14.10
N GLU L 187 12.68 21.18 -12.95
CA GLU L 187 12.56 22.62 -12.75
C GLU L 187 13.45 23.47 -13.65
N TYR L 188 14.68 23.01 -13.87
CA TYR L 188 15.75 23.76 -14.49
C TYR L 188 15.89 23.74 -16.00
N GLY L 189 16.71 24.67 -16.48
CA GLY L 189 17.05 24.81 -17.89
C GLY L 189 18.33 24.06 -18.21
N MET L 190 19.16 23.84 -17.17
CA MET L 190 20.47 23.18 -17.19
C MET L 190 20.36 21.68 -17.49
N ASN L 191 21.27 21.14 -18.32
CA ASN L 191 21.32 19.69 -18.56
C ASN L 191 22.01 19.09 -17.33
N VAL L 192 21.49 17.97 -16.80
CA VAL L 192 22.09 17.36 -15.62
C VAL L 192 22.41 15.86 -15.79
N GLY L 193 23.32 15.38 -14.96
CA GLY L 193 23.74 14.00 -14.85
C GLY L 193 24.21 13.81 -13.42
N LEU L 194 23.72 12.78 -12.71
CA LEU L 194 24.05 12.59 -11.31
C LEU L 194 24.98 11.42 -11.03
N LEU L 195 25.83 11.62 -10.01
CA LEU L 195 26.78 10.60 -9.56
C LEU L 195 26.33 10.06 -8.22
N GLY L 196 26.49 8.75 -8.05
CA GLY L 196 26.20 8.07 -6.80
C GLY L 196 27.46 7.86 -5.99
N LYS L 197 27.32 7.38 -4.75
CA LYS L 197 28.44 7.06 -3.86
C LYS L 197 29.14 5.81 -4.37
N GLY L 198 30.36 6.01 -4.84
CA GLY L 198 31.19 4.94 -5.37
C GLY L 198 31.99 4.21 -4.31
N ASN L 199 32.09 4.82 -3.10
CA ASN L 199 32.83 4.34 -1.95
C ASN L 199 32.20 3.12 -1.27
N SER L 200 32.29 1.96 -1.91
CA SER L 200 31.72 0.69 -1.43
C SER L 200 32.64 -0.48 -1.74
N SER L 201 32.67 -1.46 -0.83
CA SER L 201 33.42 -2.68 -1.07
C SER L 201 32.43 -3.84 -1.31
N SER L 202 31.16 -3.50 -1.71
CA SER L 202 30.06 -4.42 -2.00
C SER L 202 29.36 -4.02 -3.29
N ARG L 203 29.18 -4.98 -4.22
CA ARG L 203 28.58 -4.83 -5.55
C ARG L 203 27.13 -4.32 -5.53
N ALA L 204 26.22 -4.99 -4.82
CA ALA L 204 24.79 -4.70 -4.73
C ALA L 204 24.45 -3.24 -4.60
N GLN L 205 25.05 -2.56 -3.59
CA GLN L 205 24.84 -1.14 -3.30
C GLN L 205 25.27 -0.20 -4.43
N LEU L 206 26.25 -0.63 -5.25
CA LEU L 206 26.74 0.16 -6.37
C LEU L 206 25.78 -0.02 -7.55
N VAL L 207 25.40 -1.27 -7.84
CA VAL L 207 24.48 -1.63 -8.92
C VAL L 207 23.12 -0.91 -8.80
N GLU L 208 22.52 -0.92 -7.58
CA GLU L 208 21.26 -0.26 -7.22
C GLU L 208 21.23 1.17 -7.73
N GLN L 209 22.37 1.88 -7.57
CA GLN L 209 22.56 3.29 -7.92
C GLN L 209 22.55 3.54 -9.41
N VAL L 210 23.26 2.69 -10.19
CA VAL L 210 23.28 2.78 -11.67
C VAL L 210 21.87 2.54 -12.21
N LYS L 211 21.18 1.54 -11.64
CA LYS L 211 19.81 1.19 -12.03
C LYS L 211 18.82 2.28 -11.66
N ALA L 212 19.17 3.12 -10.64
CA ALA L 212 18.35 4.25 -10.17
C ALA L 212 18.55 5.52 -11.05
N GLY L 213 19.47 5.44 -12.03
CA GLY L 213 19.69 6.52 -12.96
C GLY L 213 21.03 7.22 -12.96
N ALA L 214 21.94 6.87 -12.04
CA ALA L 214 23.27 7.51 -11.96
C ALA L 214 24.06 7.40 -13.25
N ILE L 215 24.75 8.48 -13.66
CA ILE L 215 25.60 8.49 -14.86
C ILE L 215 27.02 7.98 -14.55
N GLY L 216 27.25 7.65 -13.29
CA GLY L 216 28.52 7.16 -12.79
C GLY L 216 28.65 7.29 -11.29
N PHE L 217 29.88 7.10 -10.80
CA PHE L 217 30.16 7.15 -9.36
C PHE L 217 31.20 8.15 -8.99
N KCX L 218 31.03 8.76 -7.82
CA KCX L 218 32.08 9.60 -7.29
CB KCX L 218 31.57 11.01 -6.93
CG KCX L 218 32.53 11.81 -6.00
CD KCX L 218 33.80 12.24 -6.72
CE KCX L 218 34.67 13.16 -5.88
NZ KCX L 218 33.96 14.40 -5.56
C KCX L 218 32.74 8.86 -6.09
O KCX L 218 32.04 8.27 -5.26
CX KCX L 218 34.54 15.53 -5.20
OQ1 KCX L 218 35.80 15.61 -5.14
OQ2 KCX L 218 33.78 16.50 -4.95
N LEU L 219 34.09 8.81 -6.07
CA LEU L 219 34.87 8.23 -4.98
C LEU L 219 35.47 9.41 -4.25
N HIS L 220 35.04 9.65 -3.00
CA HIS L 220 35.52 10.78 -2.22
C HIS L 220 36.08 10.26 -0.91
N GLU L 221 37.27 10.77 -0.50
CA GLU L 221 37.97 10.35 0.73
C GLU L 221 37.17 10.51 2.02
N ASP L 222 36.14 11.37 2.02
CA ASP L 222 35.27 11.62 3.17
C ASP L 222 34.43 10.42 3.50
N TRP L 223 34.27 9.51 2.50
CA TRP L 223 33.60 8.23 2.61
C TRP L 223 34.62 7.10 2.53
N GLY L 224 35.91 7.44 2.44
CA GLY L 224 37.00 6.48 2.39
C GLY L 224 37.32 5.96 1.01
N THR L 225 38.30 6.58 0.30
CA THR L 225 38.72 6.16 -1.04
C THR L 225 39.90 5.19 -0.87
N THR L 226 39.60 3.99 -0.31
CA THR L 226 40.57 2.93 -0.06
C THR L 226 40.80 2.12 -1.33
N PRO L 227 41.92 1.35 -1.47
CA PRO L 227 42.10 0.52 -2.68
C PRO L 227 40.93 -0.46 -2.93
N SER L 228 40.31 -1.02 -1.85
CA SER L 228 39.16 -1.92 -1.96
C SER L 228 37.97 -1.25 -2.65
N ALA L 229 37.60 -0.01 -2.24
CA ALA L 229 36.50 0.76 -2.85
C ALA L 229 36.81 1.04 -4.33
N ILE L 230 38.02 1.58 -4.63
CA ILE L 230 38.48 1.88 -6.00
C ILE L 230 38.24 0.67 -6.90
N ASP L 231 38.70 -0.52 -6.50
CA ASP L 231 38.53 -1.73 -7.30
C ASP L 231 37.06 -2.07 -7.49
N HIS L 232 36.29 -2.16 -6.39
CA HIS L 232 34.87 -2.49 -6.46
C HIS L 232 34.07 -1.55 -7.30
N CYS L 233 34.31 -0.24 -7.14
CA CYS L 233 33.64 0.81 -7.89
C CYS L 233 33.90 0.71 -9.40
N LEU L 234 35.18 0.61 -9.80
CA LEU L 234 35.55 0.50 -11.20
C LEU L 234 35.00 -0.77 -11.83
N SER L 235 34.95 -1.88 -11.07
CA SER L 235 34.41 -3.16 -11.55
C SER L 235 32.96 -3.01 -12.03
N VAL L 236 32.12 -2.32 -11.22
CA VAL L 236 30.70 -2.06 -11.52
C VAL L 236 30.57 -1.07 -12.68
N ALA L 237 31.37 0.01 -12.68
CA ALA L 237 31.39 1.01 -13.75
C ALA L 237 31.69 0.36 -15.10
N ASP L 238 32.64 -0.58 -15.12
CA ASP L 238 33.05 -1.33 -16.30
C ASP L 238 31.90 -2.16 -16.84
N GLU L 239 31.11 -2.79 -15.94
CA GLU L 239 29.96 -3.61 -16.29
C GLU L 239 28.83 -2.77 -16.87
N TYR L 240 28.59 -1.58 -16.30
CA TYR L 240 27.47 -0.71 -16.65
C TYR L 240 27.75 0.50 -17.53
N ASP L 241 28.97 0.60 -18.10
CA ASP L 241 29.40 1.69 -18.98
C ASP L 241 29.09 3.08 -18.41
N VAL L 242 29.61 3.33 -17.21
CA VAL L 242 29.43 4.60 -16.52
C VAL L 242 30.79 5.15 -16.10
N GLN L 243 30.87 6.45 -15.85
CA GLN L 243 32.16 7.03 -15.49
C GLN L 243 32.42 7.05 -13.97
N VAL L 244 33.70 7.05 -13.59
CA VAL L 244 34.08 7.15 -12.18
C VAL L 244 34.93 8.43 -12.02
N CYS L 245 34.64 9.21 -10.96
CA CYS L 245 35.35 10.42 -10.59
C CYS L 245 35.98 10.17 -9.25
N ILE L 246 37.24 10.64 -9.06
CA ILE L 246 38.01 10.36 -7.86
C ILE L 246 38.64 11.57 -7.14
N HIS L 247 38.42 11.60 -5.82
CA HIS L 247 39.06 12.49 -4.86
C HIS L 247 39.79 11.50 -3.92
N THR L 248 41.11 11.35 -4.15
CA THR L 248 42.03 10.42 -3.49
C THR L 248 42.25 10.64 -1.96
N ASP L 249 42.93 9.65 -1.32
CA ASP L 249 43.30 9.58 0.11
C ASP L 249 44.44 10.54 0.52
N THR L 250 44.11 11.82 0.79
CA THR L 250 45.07 12.85 1.18
C THR L 250 46.01 12.42 2.27
N VAL L 251 45.47 11.81 3.33
CA VAL L 251 46.29 11.41 4.47
C VAL L 251 47.15 10.16 4.27
N ASN L 252 47.08 9.51 3.09
CA ASN L 252 47.88 8.31 2.74
C ASN L 252 47.70 7.17 3.74
N GLU L 253 46.48 7.09 4.32
CA GLU L 253 46.09 6.12 5.36
C GLU L 253 46.18 4.65 4.92
N ALA L 254 45.56 4.31 3.79
CA ALA L 254 45.52 2.95 3.25
C ALA L 254 46.63 2.67 2.22
N GLY L 255 47.33 3.72 1.79
CA GLY L 255 48.43 3.62 0.84
C GLY L 255 48.84 4.95 0.25
N TYR L 256 49.91 4.96 -0.54
CA TYR L 256 50.40 6.17 -1.24
C TYR L 256 49.77 6.27 -2.65
N VAL L 257 50.04 7.36 -3.40
CA VAL L 257 49.48 7.56 -4.74
C VAL L 257 49.61 6.33 -5.68
N ASP L 258 50.79 5.69 -5.68
CA ASP L 258 51.11 4.51 -6.50
C ASP L 258 50.20 3.31 -6.16
N ASP L 259 49.79 3.21 -4.88
CA ASP L 259 48.90 2.16 -4.37
C ASP L 259 47.47 2.34 -4.91
N THR L 260 47.05 3.59 -5.06
CA THR L 260 45.77 4.00 -5.61
C THR L 260 45.78 3.72 -7.10
N LEU L 261 46.85 4.15 -7.81
CA LEU L 261 47.03 3.93 -9.25
C LEU L 261 47.00 2.43 -9.58
N ARG L 262 47.66 1.60 -8.73
CA ARG L 262 47.70 0.15 -8.86
C ARG L 262 46.31 -0.44 -8.73
N ALA L 263 45.49 0.06 -7.76
CA ALA L 263 44.10 -0.38 -7.51
C ALA L 263 43.22 -0.14 -8.72
N MET L 264 43.41 1.03 -9.40
CA MET L 264 42.68 1.43 -10.60
C MET L 264 42.89 0.42 -11.73
N ASN L 265 44.12 -0.10 -11.85
CA ASN L 265 44.52 -1.10 -12.82
C ASN L 265 44.32 -0.71 -14.31
N GLY L 266 44.70 0.51 -14.65
CA GLY L 266 44.63 1.00 -16.03
C GLY L 266 43.23 1.27 -16.53
N ARG L 267 42.23 1.25 -15.61
CA ARG L 267 40.84 1.48 -15.96
C ARG L 267 40.55 2.98 -16.04
N ALA L 268 39.60 3.37 -16.90
CA ALA L 268 39.24 4.77 -17.12
C ALA L 268 38.66 5.37 -15.84
N ILE L 269 39.20 6.51 -15.43
CA ILE L 269 38.78 7.26 -14.23
C ILE L 269 39.04 8.73 -14.43
N HIS L 270 38.13 9.56 -13.95
CA HIS L 270 38.21 11.01 -14.03
C HIS L 270 38.81 11.52 -12.70
N ALA L 271 40.07 11.97 -12.75
CA ALA L 271 40.76 12.48 -11.55
C ALA L 271 40.44 13.96 -11.34
N TYR L 272 39.56 14.26 -10.36
CA TYR L 272 39.16 15.62 -10.01
C TYR L 272 40.31 16.35 -9.35
N HIS L 273 40.37 17.70 -9.54
CA HIS L 273 41.35 18.64 -8.94
C HIS L 273 42.74 18.02 -8.78
N ILE L 274 43.29 17.53 -9.91
CA ILE L 274 44.56 16.83 -10.01
C ILE L 274 45.76 17.54 -9.35
N GLU L 275 45.70 18.86 -9.21
CA GLU L 275 46.77 19.61 -8.56
C GLU L 275 46.87 19.20 -7.07
N GLY L 276 45.71 18.98 -6.42
CA GLY L 276 45.59 18.48 -5.05
C GLY L 276 45.25 19.39 -3.89
N ALA L 277 45.09 20.73 -4.10
CA ALA L 277 44.74 21.63 -2.99
C ALA L 277 43.32 21.33 -2.54
N GLY L 278 42.46 21.03 -3.52
CA GLY L 278 41.09 20.63 -3.31
C GLY L 278 40.95 19.25 -2.69
N GLY L 279 42.08 18.55 -2.50
CA GLY L 279 42.15 17.21 -1.92
C GLY L 279 42.84 16.16 -2.79
N GLY L 280 43.50 15.22 -2.12
CA GLY L 280 44.24 14.12 -2.75
C GLY L 280 45.60 13.91 -2.10
N HIS L 281 46.18 12.68 -2.26
CA HIS L 281 47.50 12.26 -1.71
C HIS L 281 48.49 13.40 -1.61
N SER L 282 48.89 13.76 -0.39
CA SER L 282 49.87 14.82 -0.20
C SER L 282 51.28 14.21 -0.12
N PRO L 283 52.27 14.70 -0.91
CA PRO L 283 52.22 15.84 -1.85
C PRO L 283 52.24 15.45 -3.34
N ASP L 284 52.04 14.16 -3.64
CA ASP L 284 52.20 13.61 -4.98
C ASP L 284 51.00 13.26 -5.83
N VAL L 285 49.80 13.77 -5.49
CA VAL L 285 48.59 13.47 -6.28
C VAL L 285 48.75 13.85 -7.78
N ILE L 286 49.36 15.03 -8.04
CA ILE L 286 49.63 15.57 -9.38
C ILE L 286 50.31 14.55 -10.28
N THR L 287 51.17 13.67 -9.72
CA THR L 287 51.90 12.62 -10.46
C THR L 287 51.01 11.71 -11.29
N MET L 288 49.70 11.63 -10.93
CA MET L 288 48.70 10.82 -11.64
C MET L 288 48.42 11.30 -13.05
N ALA L 289 48.52 12.62 -13.27
CA ALA L 289 48.26 13.29 -14.55
C ALA L 289 49.09 12.77 -15.73
N GLY L 290 50.23 12.17 -15.45
CA GLY L 290 51.10 11.62 -16.49
C GLY L 290 50.60 10.35 -17.13
N GLU L 291 49.80 9.57 -16.38
CA GLU L 291 49.23 8.29 -16.77
C GLU L 291 48.16 8.38 -17.85
N VAL L 292 48.20 7.43 -18.81
CA VAL L 292 47.30 7.37 -19.97
C VAL L 292 45.83 7.12 -19.63
N ASN L 293 45.56 6.27 -18.62
CA ASN L 293 44.21 5.90 -18.22
C ASN L 293 43.51 6.99 -17.43
N ILE L 294 44.30 7.85 -16.75
CA ILE L 294 43.84 8.97 -15.92
C ILE L 294 43.39 10.12 -16.81
N LEU L 295 42.10 10.48 -16.69
CA LEU L 295 41.46 11.60 -17.38
C LEU L 295 41.44 12.75 -16.35
N PRO L 296 42.41 13.71 -16.41
CA PRO L 296 42.47 14.77 -15.37
C PRO L 296 41.83 16.11 -15.67
N SER L 297 41.27 16.73 -14.62
CA SER L 297 40.65 18.06 -14.59
C SER L 297 41.19 18.88 -13.40
N SER L 298 41.08 20.21 -13.46
CA SER L 298 41.49 21.15 -12.42
C SER L 298 40.29 21.97 -12.03
N THR L 299 40.18 22.31 -10.74
CA THR L 299 39.07 23.13 -10.28
C THR L 299 39.48 24.60 -10.21
N THR L 300 38.52 25.50 -10.52
CA THR L 300 38.68 26.94 -10.58
C THR L 300 39.57 27.67 -9.56
N PRO L 301 39.59 27.39 -8.23
CA PRO L 301 40.37 28.26 -7.31
C PRO L 301 41.88 28.38 -7.47
N THR L 302 42.52 27.34 -8.04
CA THR L 302 43.97 27.31 -8.27
C THR L 302 44.40 27.80 -9.65
N ILE L 303 43.45 27.94 -10.59
CA ILE L 303 43.73 28.42 -11.95
C ILE L 303 43.09 29.78 -12.22
N PRO L 304 43.86 30.82 -12.65
CA PRO L 304 45.32 30.85 -12.83
C PRO L 304 46.03 31.04 -11.49
N TYR L 305 47.35 30.79 -11.45
CA TYR L 305 48.13 30.95 -10.23
C TYR L 305 48.38 32.43 -10.03
N THR L 306 47.85 32.99 -8.94
CA THR L 306 48.01 34.42 -8.61
C THR L 306 48.72 34.63 -7.27
N ILE L 307 49.08 35.88 -7.01
CA ILE L 307 49.76 36.33 -5.79
C ILE L 307 48.90 36.16 -4.51
N ASN L 308 47.59 35.92 -4.69
CA ASN L 308 46.63 35.69 -3.60
C ASN L 308 46.12 34.23 -3.51
N THR L 309 46.50 33.34 -4.46
CA THR L 309 46.04 31.95 -4.50
C THR L 309 46.35 31.16 -3.21
N VAL L 310 47.62 31.17 -2.76
CA VAL L 310 48.05 30.43 -1.56
C VAL L 310 47.42 30.96 -0.27
N ALA L 311 47.41 32.29 -0.08
CA ALA L 311 46.83 32.97 1.10
C ALA L 311 45.34 32.64 1.28
N GLU L 312 44.57 32.68 0.16
CA GLU L 312 43.13 32.40 0.10
C GLU L 312 42.85 30.95 0.50
N HIS L 313 43.69 30.00 0.06
CA HIS L 313 43.56 28.56 0.32
C HIS L 313 43.84 28.12 1.72
N LEU L 314 44.84 28.71 2.36
CA LEU L 314 45.26 28.38 3.72
C LEU L 314 44.21 28.76 4.77
N ASP L 315 42.97 29.08 4.34
CA ASP L 315 41.81 29.47 5.14
C ASP L 315 40.51 28.94 4.55
N MET L 316 40.39 28.93 3.19
CA MET L 316 39.26 28.41 2.40
C MET L 316 39.10 26.90 2.64
N LEU L 317 40.24 26.22 2.94
CA LEU L 317 40.30 24.80 3.27
C LEU L 317 39.70 24.58 4.68
N MET L 318 39.93 25.53 5.61
CA MET L 318 39.42 25.50 6.99
C MET L 318 37.89 25.71 7.16
N THR L 319 37.24 26.46 6.21
CA THR L 319 35.79 26.74 6.21
C THR L 319 35.02 25.56 5.59
N CYS L 320 35.58 24.97 4.50
CA CYS L 320 34.98 23.85 3.77
C CYS L 320 35.04 22.54 4.54
N HIS L 321 36.24 22.18 5.06
CA HIS L 321 36.48 20.95 5.82
C HIS L 321 36.19 21.05 7.32
N HIS L 322 35.91 22.28 7.82
CA HIS L 322 35.62 22.61 9.23
C HIS L 322 36.74 22.14 10.15
N LEU L 323 37.91 22.82 10.05
CA LEU L 323 39.10 22.47 10.82
C LEU L 323 39.33 23.39 12.01
N ASP L 324 39.96 22.86 13.07
CA ASP L 324 40.29 23.58 14.30
C ASP L 324 41.19 24.78 14.00
N LYS L 325 41.01 25.86 14.79
CA LYS L 325 41.83 27.07 14.67
C LYS L 325 43.25 26.85 15.24
N ARG L 326 43.46 25.69 15.94
CA ARG L 326 44.75 25.25 16.50
C ARG L 326 45.73 24.92 15.36
N ILE L 327 45.18 24.45 14.21
CA ILE L 327 45.89 24.12 12.97
C ILE L 327 46.26 25.45 12.28
N ARG L 328 47.58 25.75 12.18
CA ARG L 328 48.16 26.98 11.63
C ARG L 328 47.57 27.39 10.27
N PHE L 333 53.49 26.30 7.75
CA PHE L 333 52.51 25.23 7.56
C PHE L 333 52.98 24.23 6.46
N SER L 334 52.30 23.06 6.38
CA SER L 334 52.57 22.02 5.38
C SER L 334 52.11 22.52 4.00
N GLN L 335 50.84 23.00 3.88
CA GLN L 335 50.24 23.53 2.66
C GLN L 335 50.97 24.77 2.09
N SER L 336 51.68 25.52 2.97
CA SER L 336 52.47 26.70 2.61
C SER L 336 53.77 26.35 1.82
N ARG L 337 54.28 25.11 1.97
CA ARG L 337 55.47 24.59 1.28
C ARG L 337 55.08 23.69 0.08
N ILE L 338 54.08 22.79 0.29
CA ILE L 338 53.53 21.85 -0.72
C ILE L 338 52.80 22.58 -1.86
N ARG L 339 51.83 23.44 -1.49
CA ARG L 339 50.98 24.15 -2.44
C ARG L 339 51.63 25.03 -3.52
N PRO L 340 52.61 25.95 -3.26
CA PRO L 340 53.18 26.74 -4.36
C PRO L 340 53.71 25.93 -5.54
N GLY L 341 54.43 24.84 -5.26
CA GLY L 341 55.01 23.94 -6.24
C GLY L 341 54.04 23.33 -7.23
N SER L 342 52.90 22.80 -6.72
CA SER L 342 51.88 22.15 -7.55
C SER L 342 50.92 23.15 -8.21
N ILE L 343 50.58 24.27 -7.52
CA ILE L 343 49.72 25.31 -8.11
C ILE L 343 50.41 25.92 -9.32
N ALA L 344 51.73 26.20 -9.20
CA ALA L 344 52.52 26.76 -10.29
C ALA L 344 52.59 25.79 -11.45
N ALA L 345 52.90 24.50 -11.17
CA ALA L 345 53.01 23.44 -12.18
C ALA L 345 51.71 23.26 -12.95
N GLU L 346 50.57 23.26 -12.23
CA GLU L 346 49.21 23.11 -12.75
C GLU L 346 48.95 23.96 -13.99
N ASP L 347 49.32 25.27 -13.95
CA ASP L 347 49.15 26.21 -15.07
C ASP L 347 49.93 25.76 -16.28
N THR L 348 51.20 25.35 -16.09
CA THR L 348 52.05 24.89 -17.18
C THR L 348 51.54 23.60 -17.78
N LEU L 349 51.11 22.68 -16.91
CA LEU L 349 50.55 21.39 -17.32
C LEU L 349 49.31 21.57 -18.18
N HIS L 350 48.53 22.63 -17.94
CA HIS L 350 47.36 22.96 -18.74
C HIS L 350 47.81 23.39 -20.14
N ASP L 351 48.83 24.26 -20.20
CA ASP L 351 49.42 24.80 -21.43
C ASP L 351 50.05 23.70 -22.27
N MET L 352 50.61 22.68 -21.60
CA MET L 352 51.26 21.51 -22.21
C MET L 352 50.26 20.46 -22.69
N GLY L 353 49.00 20.60 -22.33
CA GLY L 353 47.95 19.64 -22.68
C GLY L 353 47.98 18.40 -21.82
N VAL L 354 48.58 18.48 -20.62
CA VAL L 354 48.67 17.37 -19.66
C VAL L 354 47.35 17.26 -18.87
N ILE L 355 46.80 18.41 -18.41
CA ILE L 355 45.50 18.43 -17.72
C ILE L 355 44.47 18.75 -18.82
N ALA L 356 43.53 17.83 -19.04
CA ALA L 356 42.56 17.90 -20.13
C ALA L 356 41.25 18.66 -19.90
N MET L 357 40.89 18.90 -18.64
CA MET L 357 39.61 19.55 -18.33
C MET L 357 39.70 20.59 -17.24
N THR L 358 38.69 21.47 -17.19
CA THR L 358 38.53 22.51 -16.17
C THR L 358 37.10 22.37 -15.66
N SER L 359 36.94 22.42 -14.33
CA SER L 359 35.66 22.26 -13.66
C SER L 359 35.53 23.30 -12.55
N SER L 360 34.39 23.31 -11.84
CA SER L 360 34.19 24.32 -10.83
C SER L 360 34.38 23.93 -9.40
N ASP L 361 33.88 22.78 -8.96
CA ASP L 361 33.90 22.41 -7.53
C ASP L 361 32.96 23.37 -6.74
N SER L 362 31.89 23.81 -7.43
CA SER L 362 30.85 24.75 -7.00
C SER L 362 30.45 24.74 -5.50
N GLN L 363 30.78 25.86 -4.79
CA GLN L 363 30.50 26.09 -3.36
C GLN L 363 31.08 25.02 -2.41
N ALA L 364 32.05 24.26 -2.92
CA ALA L 364 32.72 23.21 -2.18
C ALA L 364 34.25 23.24 -2.48
N MET L 365 34.84 24.47 -2.43
CA MET L 365 36.24 24.88 -2.74
C MET L 365 36.39 25.18 -4.24
N GLY L 366 35.50 26.03 -4.75
CA GLY L 366 35.45 26.42 -6.16
C GLY L 366 34.23 27.20 -6.58
N ARG L 367 34.38 28.01 -7.64
CA ARG L 367 33.33 28.92 -8.15
C ARG L 367 32.49 28.48 -9.36
N ALA L 368 31.14 28.47 -9.21
CA ALA L 368 30.12 28.07 -10.21
C ALA L 368 30.18 28.82 -11.58
N GLY L 369 30.23 30.15 -11.51
CA GLY L 369 30.30 30.98 -12.70
C GLY L 369 31.70 31.49 -12.96
N GLU L 370 32.71 30.60 -12.92
CA GLU L 370 34.12 30.95 -13.13
C GLU L 370 34.90 29.97 -14.03
N VAL L 371 34.31 28.82 -14.42
CA VAL L 371 34.96 27.82 -15.26
C VAL L 371 35.52 28.46 -16.54
N ILE L 372 34.63 29.11 -17.31
CA ILE L 372 35.01 29.75 -18.57
C ILE L 372 36.00 30.92 -18.40
N PRO L 373 35.72 31.96 -17.55
CA PRO L 373 36.72 33.05 -17.37
C PRO L 373 38.09 32.58 -16.94
N ARG L 374 38.15 31.73 -15.90
CA ARG L 374 39.41 31.19 -15.36
C ARG L 374 40.21 30.35 -16.34
N THR L 375 39.53 29.64 -17.28
CA THR L 375 40.23 28.89 -18.32
C THR L 375 40.99 29.88 -19.22
N TRP L 376 40.29 30.93 -19.70
CA TRP L 376 40.88 31.95 -20.55
C TRP L 376 41.90 32.85 -19.83
N GLN L 377 41.73 33.05 -18.52
CA GLN L 377 42.70 33.81 -17.72
C GLN L 377 44.04 33.06 -17.68
N THR L 378 43.98 31.70 -17.54
CA THR L 378 45.13 30.79 -17.52
C THR L 378 45.80 30.76 -18.90
N ALA L 379 44.98 30.65 -19.97
CA ALA L 379 45.46 30.64 -21.36
C ALA L 379 46.26 31.92 -21.61
N ASP L 380 45.67 33.08 -21.21
CA ASP L 380 46.26 34.40 -21.35
C ASP L 380 47.56 34.54 -20.54
N LYS L 381 47.54 34.10 -19.25
CA LYS L 381 48.66 34.13 -18.32
C LYS L 381 49.88 33.42 -18.92
N ASN L 382 49.67 32.17 -19.40
CA ASN L 382 50.71 31.34 -20.02
C ASN L 382 51.25 31.99 -21.29
N LYS L 383 50.35 32.51 -22.16
CA LYS L 383 50.75 33.25 -23.36
C LYS L 383 51.69 34.38 -22.97
N LYS L 384 51.29 35.16 -21.95
CA LYS L 384 52.07 36.27 -21.44
C LYS L 384 53.42 35.86 -20.82
N GLU L 385 53.48 34.69 -20.12
CA GLU L 385 54.73 34.21 -19.52
C GLU L 385 55.61 33.41 -20.49
N PHE L 386 55.08 32.34 -21.09
CA PHE L 386 55.80 31.43 -21.99
C PHE L 386 55.80 31.79 -23.47
N GLY L 387 55.01 32.79 -23.85
CA GLY L 387 54.93 33.22 -25.24
C GLY L 387 53.96 32.37 -26.05
N ARG L 388 53.82 32.72 -27.35
CA ARG L 388 52.97 32.00 -28.29
C ARG L 388 53.45 30.55 -28.36
N LEU L 389 52.53 29.60 -28.48
CA LEU L 389 52.94 28.20 -28.54
C LEU L 389 53.78 27.92 -29.77
N THR L 390 54.77 27.03 -29.62
CA THR L 390 55.66 26.58 -30.69
C THR L 390 54.84 25.83 -31.78
N GLU L 391 53.70 25.25 -31.35
CA GLU L 391 52.72 24.50 -32.13
C GLU L 391 51.96 25.37 -33.13
N GLU L 392 51.96 26.69 -32.93
CA GLU L 392 51.26 27.63 -33.80
C GLU L 392 51.85 27.74 -35.19
N LYS L 393 50.96 27.89 -36.17
CA LYS L 393 51.26 28.04 -37.59
C LYS L 393 50.63 29.38 -38.03
N GLY L 394 51.37 30.47 -37.88
CA GLY L 394 50.84 31.78 -38.25
C GLY L 394 50.71 32.74 -37.09
N ASP L 395 50.40 34.01 -37.39
CA ASP L 395 50.28 35.10 -36.41
C ASP L 395 48.93 35.02 -35.67
N ASN L 396 48.70 33.90 -34.98
CA ASN L 396 47.48 33.61 -34.23
C ASN L 396 47.80 32.69 -33.06
N ASP L 397 46.82 32.52 -32.16
CA ASP L 397 46.93 31.64 -31.00
C ASP L 397 45.90 30.52 -31.12
N ASN L 398 45.55 30.16 -32.38
CA ASN L 398 44.56 29.15 -32.73
C ASN L 398 44.72 27.82 -31.98
N PHE L 399 45.92 27.22 -32.06
CA PHE L 399 46.22 25.96 -31.40
C PHE L 399 45.97 26.05 -29.92
N ARG L 400 46.50 27.10 -29.24
CA ARG L 400 46.30 27.33 -27.81
C ARG L 400 44.81 27.50 -27.51
N ILE L 401 44.10 28.29 -28.33
CA ILE L 401 42.66 28.53 -28.16
C ILE L 401 41.89 27.19 -28.20
N LYS L 402 42.17 26.36 -29.23
CA LYS L 402 41.57 25.05 -29.42
C LYS L 402 41.90 24.12 -28.24
N ARG L 403 43.14 24.17 -27.71
CA ARG L 403 43.56 23.40 -26.54
C ARG L 403 42.73 23.79 -25.31
N TYR L 404 42.56 25.11 -25.07
CA TYR L 404 41.82 25.62 -23.94
C TYR L 404 40.30 25.45 -24.06
N ILE L 405 39.69 25.72 -25.23
CA ILE L 405 38.24 25.56 -25.39
C ILE L 405 37.80 24.11 -25.14
N SER L 406 38.63 23.13 -25.58
CA SER L 406 38.39 21.69 -25.40
C SER L 406 38.25 21.30 -23.94
N LYS L 407 38.92 22.03 -23.04
CA LYS L 407 38.92 21.75 -21.60
C LYS L 407 37.54 21.82 -20.95
N TYR L 408 36.65 22.69 -21.43
CA TYR L 408 35.30 22.84 -20.85
C TYR L 408 34.15 22.51 -21.79
N THR L 409 34.46 22.08 -23.03
CA THR L 409 33.45 21.73 -24.04
C THR L 409 33.53 20.24 -24.38
N ILE L 410 34.39 19.87 -25.36
CA ILE L 410 34.51 18.51 -25.85
C ILE L 410 35.11 17.45 -24.90
N ASN L 411 36.25 17.73 -24.24
CA ASN L 411 36.88 16.78 -23.31
C ASN L 411 35.97 16.35 -22.15
N PRO L 412 35.21 17.24 -21.44
CA PRO L 412 34.27 16.72 -20.43
C PRO L 412 33.20 15.81 -21.07
N ALA L 413 32.72 16.16 -22.29
CA ALA L 413 31.71 15.37 -23.01
C ALA L 413 32.22 13.96 -23.32
N ILE L 414 33.50 13.83 -23.74
CA ILE L 414 34.14 12.54 -24.05
C ILE L 414 34.22 11.69 -22.78
N THR L 415 34.71 12.31 -21.67
CA THR L 415 34.88 11.69 -20.36
C THR L 415 33.57 11.12 -19.86
N HIS L 416 32.46 11.87 -19.97
CA HIS L 416 31.17 11.45 -19.43
C HIS L 416 30.22 10.68 -20.35
N GLY L 417 30.66 10.39 -21.58
CA GLY L 417 29.93 9.61 -22.55
C GLY L 417 28.73 10.28 -23.18
N VAL L 418 28.83 11.60 -23.42
CA VAL L 418 27.77 12.42 -24.03
C VAL L 418 28.28 13.18 -25.28
N SER L 419 29.50 12.84 -25.75
CA SER L 419 30.17 13.45 -26.91
C SER L 419 29.38 13.34 -28.22
N GLU L 420 28.45 12.38 -28.31
CA GLU L 420 27.61 12.16 -29.49
C GLU L 420 26.45 13.15 -29.58
N TYR L 421 26.05 13.73 -28.42
CA TYR L 421 24.93 14.64 -28.31
C TYR L 421 25.34 16.09 -28.25
N ILE L 422 26.30 16.38 -27.37
CA ILE L 422 26.78 17.74 -27.05
C ILE L 422 28.33 17.84 -27.02
N GLY L 423 28.85 18.99 -26.63
CA GLY L 423 30.28 19.18 -26.53
C GLY L 423 30.96 20.02 -27.60
N SER L 424 30.41 20.07 -28.84
CA SER L 424 31.04 20.81 -29.93
C SER L 424 30.06 21.35 -30.98
N VAL L 425 30.51 22.32 -31.79
CA VAL L 425 29.71 22.93 -32.86
C VAL L 425 29.84 22.03 -34.11
N GLU L 426 29.07 20.95 -34.15
CA GLU L 426 29.13 19.98 -35.26
C GLU L 426 27.74 19.59 -35.75
N GLU L 427 27.59 19.34 -37.07
CA GLU L 427 26.33 18.93 -37.68
C GLU L 427 25.86 17.64 -37.03
N GLY L 428 24.56 17.58 -36.71
CA GLY L 428 23.93 16.43 -36.09
C GLY L 428 23.82 16.48 -34.59
N LYS L 429 24.64 17.35 -33.95
CA LYS L 429 24.63 17.51 -32.48
C LYS L 429 23.48 18.41 -32.04
N ILE L 430 23.11 18.33 -30.75
CA ILE L 430 22.09 19.18 -30.15
C ILE L 430 22.62 20.62 -30.17
N ALA L 431 21.74 21.58 -30.50
CA ALA L 431 22.06 23.00 -30.59
C ALA L 431 22.09 23.70 -29.22
N ASP L 432 23.13 23.37 -28.43
CA ASP L 432 23.49 23.98 -27.14
C ASP L 432 24.71 24.87 -27.50
N LEU L 433 24.44 26.16 -27.81
CA LEU L 433 25.44 27.13 -28.27
C LEU L 433 25.40 28.42 -27.46
N VAL L 434 26.53 29.14 -27.43
CA VAL L 434 26.65 30.43 -26.74
C VAL L 434 27.13 31.50 -27.73
N VAL L 435 26.45 32.65 -27.80
CA VAL L 435 26.82 33.77 -28.68
C VAL L 435 27.59 34.80 -27.83
N TRP L 436 28.81 35.17 -28.27
CA TRP L 436 29.66 36.11 -27.54
C TRP L 436 30.02 37.31 -28.39
N ASN L 437 30.07 38.49 -27.75
CA ASN L 437 30.57 39.69 -28.39
C ASN L 437 32.10 39.61 -28.13
N PRO L 438 32.96 39.67 -29.18
CA PRO L 438 34.43 39.55 -28.94
C PRO L 438 35.05 40.34 -27.79
N ALA L 439 34.54 41.57 -27.52
CA ALA L 439 35.04 42.41 -26.43
C ALA L 439 34.76 41.81 -25.06
N PHE L 440 33.80 40.88 -24.99
CA PHE L 440 33.35 40.22 -23.77
C PHE L 440 33.56 38.70 -23.79
N PHE L 441 34.29 38.20 -24.80
CA PHE L 441 34.53 36.76 -24.94
C PHE L 441 35.18 36.21 -23.67
N GLY L 442 34.61 35.11 -23.19
CA GLY L 442 35.09 34.39 -22.02
C GLY L 442 34.67 34.98 -20.70
N VAL L 443 34.09 36.20 -20.69
CA VAL L 443 33.68 36.84 -19.43
C VAL L 443 32.16 37.08 -19.31
N LYS L 444 31.53 37.64 -20.37
CA LYS L 444 30.11 37.95 -20.41
C LYS L 444 29.42 37.53 -21.73
N PRO L 445 28.66 36.39 -21.74
CA PRO L 445 27.98 35.96 -22.98
C PRO L 445 26.78 36.84 -23.32
N LYS L 446 26.33 36.80 -24.59
CA LYS L 446 25.18 37.59 -25.06
C LYS L 446 23.89 36.75 -25.00
N ILE L 447 23.91 35.58 -25.67
CA ILE L 447 22.79 34.67 -25.80
C ILE L 447 23.22 33.25 -25.52
N ILE L 448 22.37 32.52 -24.81
CA ILE L 448 22.51 31.10 -24.52
C ILE L 448 21.36 30.38 -25.25
N ILE L 449 21.70 29.54 -26.22
CA ILE L 449 20.80 28.68 -27.00
C ILE L 449 20.94 27.24 -26.47
N LYS L 450 19.81 26.60 -26.13
CA LYS L 450 19.76 25.21 -25.69
C LYS L 450 18.65 24.51 -26.44
N GLY L 451 18.99 23.44 -27.15
CA GLY L 451 18.04 22.69 -27.95
C GLY L 451 17.33 23.52 -29.01
N GLY L 452 18.11 24.41 -29.62
CA GLY L 452 17.66 25.30 -30.69
C GLY L 452 16.82 26.51 -30.30
N MET L 453 16.61 26.73 -28.99
CA MET L 453 15.84 27.86 -28.46
C MET L 453 16.70 28.71 -27.56
N VAL L 454 16.42 30.02 -27.49
CA VAL L 454 17.13 30.90 -26.57
C VAL L 454 16.52 30.64 -25.18
N VAL L 455 17.37 30.23 -24.22
CA VAL L 455 16.96 29.90 -22.86
C VAL L 455 17.34 30.98 -21.84
N PHE L 456 18.41 31.73 -22.11
CA PHE L 456 18.94 32.73 -21.20
C PHE L 456 19.69 33.76 -22.02
N SER L 457 19.60 35.04 -21.65
CA SER L 457 20.32 36.11 -22.36
C SER L 457 20.45 37.39 -21.52
N GLU L 458 21.36 38.29 -21.94
CA GLU L 458 21.50 39.62 -21.32
C GLU L 458 20.36 40.45 -21.90
N MET L 459 19.55 41.03 -21.01
CA MET L 459 18.35 41.77 -21.38
C MET L 459 18.22 43.09 -20.59
N GLY L 460 17.81 44.15 -21.28
CA GLY L 460 17.58 45.47 -20.69
C GLY L 460 16.16 45.64 -20.18
N ASP L 461 15.80 46.88 -19.77
CA ASP L 461 14.49 47.30 -19.23
C ASP L 461 13.28 46.62 -19.92
N SER L 462 12.44 45.90 -19.11
CA SER L 462 11.24 45.16 -19.57
C SER L 462 10.14 46.07 -20.13
N ASN L 463 10.08 47.34 -19.64
CA ASN L 463 9.13 48.35 -20.11
C ASN L 463 9.66 48.98 -21.39
N ALA L 464 10.98 49.31 -21.44
CA ALA L 464 11.72 49.96 -22.55
C ALA L 464 11.25 49.79 -23.98
N SER L 465 11.44 50.87 -24.81
CA SER L 465 11.08 50.93 -26.23
C SER L 465 11.94 50.03 -27.14
N VAL L 466 13.10 49.57 -26.65
CA VAL L 466 13.99 48.65 -27.35
C VAL L 466 14.60 47.63 -26.31
N PRO L 467 15.34 46.55 -26.67
CA PRO L 467 15.89 45.64 -25.63
C PRO L 467 17.25 46.07 -24.99
N THR L 468 17.84 47.21 -25.45
CA THR L 468 19.12 47.81 -25.03
C THR L 468 19.13 48.74 -23.76
N PRO L 469 18.04 49.49 -23.39
CA PRO L 469 18.12 50.37 -22.22
C PRO L 469 18.48 49.74 -20.89
N GLN L 470 19.15 50.52 -20.04
CA GLN L 470 19.61 50.10 -18.74
C GLN L 470 18.49 49.93 -17.70
N PRO L 471 18.62 49.01 -16.71
CA PRO L 471 19.75 48.11 -16.44
C PRO L 471 19.74 46.82 -17.26
N VAL L 472 20.85 46.55 -17.98
CA VAL L 472 21.01 45.33 -18.74
C VAL L 472 21.57 44.26 -17.80
N TYR L 473 20.80 43.19 -17.57
CA TYR L 473 21.22 42.06 -16.74
C TYR L 473 20.71 40.71 -17.29
N TYR L 474 21.28 39.59 -16.82
CA TYR L 474 20.91 38.25 -17.29
C TYR L 474 19.54 37.81 -16.82
N ARG L 475 18.70 37.35 -17.76
CA ARG L 475 17.32 36.92 -17.51
C ARG L 475 16.96 35.62 -18.25
N GLU L 476 16.03 34.83 -17.70
CA GLU L 476 15.55 33.59 -18.32
C GLU L 476 14.67 33.91 -19.50
N MET L 477 14.86 33.20 -20.61
CA MET L 477 14.09 33.39 -21.84
C MET L 477 13.07 32.25 -22.01
N PHE L 478 12.22 32.33 -23.05
CA PHE L 478 11.13 31.36 -23.31
C PHE L 478 11.50 29.88 -23.31
N GLY L 479 12.69 29.54 -23.77
CA GLY L 479 13.20 28.17 -23.83
C GLY L 479 13.39 27.52 -22.47
N HIS L 480 13.51 28.35 -21.42
CA HIS L 480 13.71 28.00 -20.01
C HIS L 480 12.36 27.82 -19.27
N HIS L 481 11.26 28.17 -19.94
CA HIS L 481 9.94 28.17 -19.33
C HIS L 481 8.93 27.18 -19.85
N GLY L 482 7.82 27.07 -19.11
CA GLY L 482 6.65 26.22 -19.39
C GLY L 482 7.02 24.79 -19.68
N LYS L 483 6.50 24.28 -20.79
CA LYS L 483 6.78 22.93 -21.24
C LYS L 483 7.90 22.94 -22.27
N ALA L 484 8.32 24.15 -22.72
CA ALA L 484 9.42 24.33 -23.67
C ALA L 484 10.76 23.93 -23.03
N LYS L 485 10.87 24.03 -21.68
CA LYS L 485 12.09 23.64 -20.97
C LYS L 485 12.28 22.12 -21.04
N PHE L 486 11.17 21.36 -21.15
CA PHE L 486 11.23 19.91 -21.29
C PHE L 486 11.73 19.53 -22.66
N ASP L 487 11.53 20.43 -23.63
CA ASP L 487 11.96 20.26 -25.01
C ASP L 487 13.43 20.66 -25.19
N THR L 488 13.93 21.63 -24.40
CA THR L 488 15.28 22.15 -24.53
C THR L 488 16.32 21.57 -23.54
N SER L 489 15.87 20.84 -22.50
CA SER L 489 16.77 20.30 -21.46
C SER L 489 16.86 18.77 -21.43
N ILE L 490 18.06 18.25 -21.09
CA ILE L 490 18.34 16.82 -21.02
C ILE L 490 18.76 16.40 -19.60
N THR L 491 18.21 15.27 -19.15
CA THR L 491 18.60 14.61 -17.90
C THR L 491 19.31 13.35 -18.39
N PHE L 492 20.63 13.28 -18.21
CA PHE L 492 21.38 12.11 -18.63
C PHE L 492 21.31 11.05 -17.53
N VAL L 493 21.22 9.77 -17.95
CA VAL L 493 21.12 8.59 -17.09
C VAL L 493 22.04 7.49 -17.62
N SER L 494 22.11 6.35 -16.91
CA SER L 494 22.90 5.20 -17.36
C SER L 494 22.09 4.48 -18.46
N LYS L 495 22.73 3.61 -19.25
CA LYS L 495 22.03 2.85 -20.28
C LYS L 495 21.00 1.93 -19.64
N VAL L 496 21.41 1.18 -18.59
CA VAL L 496 20.53 0.28 -17.84
C VAL L 496 19.24 0.99 -17.39
N ALA L 497 19.35 2.20 -16.77
CA ALA L 497 18.19 2.98 -16.33
C ALA L 497 17.35 3.40 -17.53
N TYR L 498 17.99 4.01 -18.55
CA TYR L 498 17.35 4.46 -19.78
C TYR L 498 16.52 3.36 -20.44
N GLU L 499 17.17 2.22 -20.71
CA GLU L 499 16.61 1.02 -21.33
C GLU L 499 15.50 0.42 -20.48
N ASN L 500 15.52 0.64 -19.15
CA ASN L 500 14.46 0.14 -18.27
C ASN L 500 13.35 1.15 -17.96
N GLY L 501 13.22 2.16 -18.82
CA GLY L 501 12.18 3.17 -18.76
C GLY L 501 12.16 4.09 -17.56
N ILE L 502 13.34 4.56 -17.13
CA ILE L 502 13.45 5.48 -15.99
C ILE L 502 12.60 6.74 -16.21
N LYS L 503 12.55 7.26 -17.47
CA LYS L 503 11.79 8.44 -17.87
C LYS L 503 10.32 8.29 -17.49
N GLU L 504 9.71 7.17 -17.89
CA GLU L 504 8.29 6.87 -17.67
C GLU L 504 8.05 6.59 -16.21
N LYS L 505 8.89 5.71 -15.63
CA LYS L 505 8.82 5.27 -14.24
C LYS L 505 8.91 6.41 -13.23
N LEU L 506 9.71 7.46 -13.52
CA LEU L 506 9.84 8.62 -12.64
C LEU L 506 9.00 9.81 -13.14
N GLY L 507 8.29 9.59 -14.26
CA GLY L 507 7.42 10.59 -14.86
C GLY L 507 8.12 11.86 -15.26
N LEU L 508 9.37 11.71 -15.75
CA LEU L 508 10.19 12.82 -16.20
C LEU L 508 9.68 13.24 -17.57
N GLU L 509 9.44 14.54 -17.73
CA GLU L 509 8.94 15.17 -18.94
C GLU L 509 10.06 15.68 -19.82
N ARG L 510 11.26 15.85 -19.22
CA ARG L 510 12.51 16.30 -19.85
C ARG L 510 13.01 15.27 -20.83
N LYS L 511 13.95 15.64 -21.71
CA LYS L 511 14.56 14.69 -22.64
C LYS L 511 15.50 13.80 -21.83
N VAL L 512 15.30 12.48 -21.89
CA VAL L 512 16.15 11.55 -21.13
C VAL L 512 17.06 10.80 -22.11
N LEU L 513 18.38 10.92 -21.93
CA LEU L 513 19.36 10.30 -22.82
C LEU L 513 20.41 9.50 -22.07
N PRO L 514 20.87 8.35 -22.59
CA PRO L 514 21.89 7.58 -21.86
C PRO L 514 23.34 7.98 -22.15
N VAL L 515 24.18 7.84 -21.13
CA VAL L 515 25.62 8.05 -21.28
C VAL L 515 26.18 6.73 -21.84
N LYS L 516 27.09 6.82 -22.81
CA LYS L 516 27.65 5.63 -23.43
C LYS L 516 29.09 5.89 -23.86
N ASN L 517 29.93 4.84 -23.81
CA ASN L 517 31.36 4.83 -24.17
C ASN L 517 32.23 5.64 -23.21
N CYS L 518 32.19 5.25 -21.93
CA CYS L 518 32.90 5.85 -20.79
C CYS L 518 34.13 5.04 -20.45
N ARG L 519 34.03 3.73 -20.62
CA ARG L 519 35.05 2.78 -20.17
C ARG L 519 36.31 2.71 -20.98
N ASN L 520 36.22 2.99 -22.30
CA ASN L 520 37.39 2.94 -23.14
C ASN L 520 37.88 4.29 -23.61
N VAL L 521 37.71 5.30 -22.76
CA VAL L 521 38.26 6.63 -23.03
C VAL L 521 39.55 6.79 -22.25
N THR L 522 40.65 6.98 -22.99
CA THR L 522 41.97 7.20 -22.42
C THR L 522 42.36 8.63 -22.80
N LYS L 523 43.60 9.01 -22.46
CA LYS L 523 44.15 10.31 -22.78
C LYS L 523 44.17 10.52 -24.31
N LYS L 524 44.41 9.45 -25.08
CA LYS L 524 44.48 9.44 -26.54
C LYS L 524 43.20 9.91 -27.21
N ASP L 525 42.06 9.70 -26.54
CA ASP L 525 40.73 10.05 -27.02
C ASP L 525 40.37 11.55 -26.94
N PHE L 526 41.08 12.34 -26.12
CA PHE L 526 40.82 13.77 -25.94
C PHE L 526 41.16 14.60 -27.16
N LYS L 527 40.73 15.87 -27.13
CA LYS L 527 41.00 16.80 -28.21
C LYS L 527 41.98 17.86 -27.71
N PHE L 528 43.17 17.92 -28.35
CA PHE L 528 44.26 18.88 -28.06
C PHE L 528 44.90 18.77 -26.66
N ASN L 529 44.54 17.77 -25.86
CA ASN L 529 45.10 17.57 -24.51
C ASN L 529 45.34 16.07 -24.30
N ASN L 530 46.18 15.47 -25.15
CA ASN L 530 46.51 14.03 -25.16
C ASN L 530 47.89 13.74 -24.57
N THR L 531 48.53 14.75 -23.96
CA THR L 531 49.88 14.68 -23.42
C THR L 531 50.07 13.77 -22.22
N THR L 532 51.00 12.82 -22.33
CA THR L 532 51.36 11.90 -21.26
C THR L 532 52.83 12.12 -20.97
N ALA L 533 53.22 12.06 -19.69
CA ALA L 533 54.59 12.29 -19.28
C ALA L 533 54.91 11.56 -17.96
N LYS L 534 56.19 11.60 -17.55
CA LYS L 534 56.57 11.02 -16.27
C LYS L 534 56.64 12.17 -15.28
N ILE L 535 55.53 12.35 -14.54
CA ILE L 535 55.39 13.42 -13.55
C ILE L 535 55.87 12.94 -12.17
N THR L 536 56.82 13.68 -11.59
CA THR L 536 57.47 13.41 -10.31
C THR L 536 57.45 14.62 -9.41
N VAL L 537 57.40 14.40 -8.09
CA VAL L 537 57.42 15.48 -7.09
C VAL L 537 58.59 15.23 -6.12
N ASN L 538 59.42 16.25 -5.87
CA ASN L 538 60.51 16.17 -4.89
C ASN L 538 59.83 16.14 -3.49
N PRO L 539 60.06 15.12 -2.63
CA PRO L 539 59.30 15.08 -1.35
C PRO L 539 59.79 16.07 -0.29
N GLU L 540 60.91 16.75 -0.59
CA GLU L 540 61.51 17.74 0.30
C GLU L 540 61.20 19.18 -0.15
N THR L 541 61.40 19.50 -1.45
CA THR L 541 61.14 20.85 -2.01
C THR L 541 59.70 21.05 -2.53
N PHE L 542 58.99 19.94 -2.83
CA PHE L 542 57.61 19.89 -3.37
C PHE L 542 57.48 20.37 -4.79
N GLU L 543 58.62 20.54 -5.46
CA GLU L 543 58.74 20.96 -6.85
C GLU L 543 58.26 19.83 -7.75
N VAL L 544 57.52 20.19 -8.79
CA VAL L 544 56.98 19.23 -9.73
C VAL L 544 57.91 19.11 -10.95
N PHE L 545 58.13 17.87 -11.41
CA PHE L 545 59.01 17.55 -12.54
C PHE L 545 58.32 16.75 -13.64
N VAL L 546 58.42 17.25 -14.87
CA VAL L 546 57.86 16.59 -16.04
C VAL L 546 59.02 16.06 -16.87
N ASN L 547 59.18 14.73 -16.84
CA ASN L 547 60.26 14.03 -17.53
C ASN L 547 61.62 14.54 -17.08
N GLY L 548 61.75 14.77 -15.76
CA GLY L 548 62.98 15.22 -15.14
C GLY L 548 63.24 16.71 -15.13
N LYS L 549 62.52 17.46 -15.99
CA LYS L 549 62.63 18.91 -16.15
C LYS L 549 61.61 19.59 -15.22
N LEU L 550 62.05 20.64 -14.50
CA LEU L 550 61.22 21.39 -13.56
C LEU L 550 59.96 21.99 -14.19
N CYS L 551 58.81 21.72 -13.59
CA CYS L 551 57.56 22.24 -14.10
C CYS L 551 57.04 23.33 -13.17
N THR L 552 57.14 24.59 -13.62
CA THR L 552 56.68 25.71 -12.79
C THR L 552 56.03 26.82 -13.62
N SER L 553 55.58 27.89 -12.96
CA SER L 553 55.02 29.13 -13.50
C SER L 553 55.11 30.22 -12.41
N LYS L 554 55.13 31.50 -12.82
CA LYS L 554 55.21 32.62 -11.90
C LYS L 554 53.78 33.08 -11.51
N PRO L 555 53.52 33.51 -10.26
CA PRO L 555 52.15 33.94 -9.93
C PRO L 555 51.78 35.28 -10.57
N ALA L 556 50.54 35.37 -11.10
CA ALA L 556 50.03 36.59 -11.73
C ALA L 556 49.72 37.67 -10.69
N THR L 557 50.03 38.95 -11.03
CA THR L 557 49.70 40.08 -10.13
C THR L 557 48.33 40.64 -10.53
N GLU L 558 47.95 40.45 -11.82
CA GLU L 558 46.67 40.81 -12.38
C GLU L 558 46.26 39.85 -13.50
N VAL L 559 44.93 39.64 -13.64
CA VAL L 559 44.38 38.73 -14.65
C VAL L 559 43.45 39.47 -15.59
N ALA L 560 43.30 38.92 -16.82
CA ALA L 560 42.41 39.44 -17.86
C ALA L 560 40.99 39.02 -17.49
N LEU L 561 39.98 39.54 -18.20
CA LEU L 561 38.56 39.19 -18.01
C LEU L 561 38.15 39.24 -16.52
N ALA L 562 38.41 40.37 -15.87
CA ALA L 562 38.13 40.55 -14.46
C ALA L 562 37.71 41.98 -14.16
N SER L 563 38.68 42.80 -13.71
CA SER L 563 38.57 44.20 -13.28
C SER L 563 37.80 45.14 -14.19
N ARG L 564 37.90 44.96 -15.52
CA ARG L 564 37.24 45.82 -16.50
C ARG L 564 35.73 45.57 -16.64
N TYR L 565 35.30 44.35 -16.32
CA TYR L 565 33.96 43.83 -16.54
C TYR L 565 33.03 43.73 -15.34
N THR L 566 33.57 43.60 -14.13
CA THR L 566 32.79 43.41 -12.92
C THR L 566 32.76 44.62 -11.97
N PHE L 567 31.60 44.82 -11.33
CA PHE L 567 31.35 45.88 -10.35
C PHE L 567 31.97 45.52 -8.98
N PHE L 568 31.72 44.27 -8.51
CA PHE L 568 32.19 43.73 -7.23
C PHE L 568 33.02 42.43 -7.32
FE FE M . -28.62 -13.85 25.81
FE FE N . -27.13 -16.15 23.71
FE FE O . 19.91 -33.28 10.79
FE FE P . 16.54 -32.68 10.77
FE FE Q . -25.36 -53.77 -10.67
FE FE R . -23.31 -51.62 -9.11
FE FE S . -10.56 36.53 13.18
FE FE T . -7.98 35.79 11.05
FE FE U . 6.60 47.24 -37.21
FE FE V . 6.51 45.90 -34.11
FE FE W . 37.01 17.00 -3.85
FE FE X . 34.37 18.73 -4.89
#